data_5FOO
#
_entry.id   5FOO
#
_cell.length_a   103.017
_cell.length_b   109.899
_cell.length_c   158.500
_cell.angle_alpha   90.00
_cell.angle_beta   92.02
_cell.angle_gamma   90.00
#
_symmetry.space_group_name_H-M   'P 1 21 1'
#
loop_
_entity.id
_entity.type
_entity.pdbx_description
1 polymer '6-PHOSPHO-BETA-D GLYCOSIDASE'
2 non-polymer 6-PHOSPHOCYCLOPHELLITOL
3 non-polymer 1,2-ETHANEDIOL
4 non-polymer 'PHOSPHATE ION'
5 non-polymer 'CHLORIDE ION'
6 non-polymer 2-AMINO-2-HYDROXYMETHYL-PROPANE-1,3-DIOL
7 water water
#
_entity_poly.entity_id   1
_entity_poly.type   'polypeptide(L)'
_entity_poly.pdbx_seq_one_letter_code
;MLAFPKEFWWGGATSGPQSEGRFAKQHRNLFDYWYEEEPDLFYDYVGPDTASDAYHQIESDLTLLASLGHNSYRTSIQWT
RLIDDFEQATINPDGLAYYNRVIDACLANGIRPVINLHHFDLPIALYQAYGGWESKHVVDLFVAFSKVCFEQFGDRVKDW
FVHNEPMVVVEGSYLMQFHYPAIVDGKKAVQVAYNLALATAKVIQAYRRGPAELSDGRIGTILNLTPAYPASQSEADMAA
AHFAELWNNDLFMEAAVHGKFPEELVAVLKKDGVLWQSTPEELALIAENRVDYLGLNFYHPKRVKAPDAIPVISPSWSPE
WYYDPYLMPGHRMNVDKGWEIYPEAVYDIAIKMRDHYDNIPWFLSENGVGISGEDRYRDETGQIQDDYRIQFLKEHLTYL
HKGIEAGSNCFGYHVWTPIDGWSWLNAYKNRYGLVENNIHTQVRRPKASAYWFKKVATHNRLISLEVMEEFGGSASHLSD
;
_entity_poly.pdbx_strand_id   A,B,C,D,E,F
#
# COMPACT_ATOMS: atom_id res chain seq x y z
N MET A 1 12.97 -8.31 -28.99
CA MET A 1 14.45 -8.49 -28.98
C MET A 1 15.05 -8.89 -27.61
N LEU A 2 14.55 -8.41 -26.46
CA LEU A 2 15.05 -8.89 -25.12
C LEU A 2 13.94 -9.69 -24.45
N ALA A 3 14.01 -11.00 -24.56
CA ALA A 3 12.96 -11.85 -24.07
C ALA A 3 13.21 -12.26 -22.57
N PHE A 4 12.15 -12.27 -21.76
CA PHE A 4 12.28 -12.60 -20.34
C PHE A 4 11.94 -14.06 -20.05
N PRO A 5 12.30 -14.57 -18.86
CA PRO A 5 12.00 -15.97 -18.56
C PRO A 5 10.53 -16.30 -18.60
N LYS A 6 10.20 -17.57 -18.76
CA LYS A 6 8.81 -17.94 -18.81
C LYS A 6 8.28 -17.77 -17.40
N GLU A 7 7.04 -17.35 -17.31
CA GLU A 7 6.33 -17.15 -16.05
C GLU A 7 6.92 -16.02 -15.16
N PHE A 8 7.68 -15.15 -15.79
CA PHE A 8 8.15 -13.91 -15.17
C PHE A 8 6.96 -13.11 -14.62
N TRP A 9 7.15 -12.59 -13.42
CA TRP A 9 6.10 -11.77 -12.81
C TRP A 9 6.16 -10.34 -13.38
N TRP A 10 5.00 -9.82 -13.80
CA TRP A 10 4.88 -8.50 -14.25
C TRP A 10 3.72 -7.85 -13.53
N GLY A 11 4.00 -6.70 -12.95
CA GLY A 11 2.94 -5.97 -12.25
C GLY A 11 3.55 -4.82 -11.51
N GLY A 12 2.87 -4.37 -10.48
CA GLY A 12 3.41 -3.32 -9.68
C GLY A 12 3.07 -3.52 -8.25
N ALA A 13 3.69 -2.66 -7.45
CA ALA A 13 3.67 -2.68 -6.04
C ALA A 13 3.07 -1.38 -5.44
N THR A 14 2.37 -1.57 -4.32
CA THR A 14 1.79 -0.57 -3.43
C THR A 14 1.82 -1.15 -2.00
N SER A 15 1.19 -0.44 -1.08
CA SER A 15 1.02 -0.90 0.29
C SER A 15 -0.38 -0.52 0.78
N GLY A 16 -0.86 -1.20 1.81
CA GLY A 16 -2.18 -0.88 2.42
C GLY A 16 -2.27 0.62 2.83
N PRO A 17 -1.28 1.12 3.56
CA PRO A 17 -1.35 2.50 4.02
C PRO A 17 -1.35 3.55 2.90
N GLN A 18 -0.65 3.28 1.79
CA GLN A 18 -0.50 4.26 0.76
C GLN A 18 -1.66 4.24 -0.23
N SER A 19 -2.47 3.16 -0.24
CA SER A 19 -3.51 3.03 -1.21
C SER A 19 -4.91 3.01 -0.62
N GLU A 20 -5.10 2.40 0.57
CA GLU A 20 -6.45 2.04 1.02
C GLU A 20 -7.33 3.19 1.43
N GLY A 21 -6.77 4.10 2.21
CA GLY A 21 -7.59 5.03 3.00
C GLY A 21 -7.90 4.40 4.35
N ARG A 22 -8.34 5.20 5.31
CA ARG A 22 -8.65 4.74 6.65
C ARG A 22 -10.11 4.32 6.82
N PHE A 23 -10.85 4.27 5.73
CA PHE A 23 -12.22 3.86 5.73
C PHE A 23 -12.33 2.58 6.47
N ALA A 24 -13.23 2.51 7.48
CA ALA A 24 -13.47 1.36 8.36
C ALA A 24 -12.25 0.69 9.03
N LYS A 25 -11.21 1.46 9.32
CA LYS A 25 -9.99 0.88 9.85
C LYS A 25 -9.99 1.17 11.30
N GLN A 26 -9.89 0.12 12.10
CA GLN A 26 -10.12 0.24 13.53
C GLN A 26 -9.04 1.06 14.23
N HIS A 27 -7.78 0.93 13.83
CA HIS A 27 -6.71 1.50 14.64
C HIS A 27 -5.92 2.40 13.77
N ARG A 28 -5.13 3.26 14.41
CA ARG A 28 -4.13 4.08 13.75
C ARG A 28 -2.76 3.43 13.67
N ASN A 29 -2.16 3.51 12.49
CA ASN A 29 -0.78 3.23 12.37
C ASN A 29 0.08 4.43 12.71
N LEU A 30 1.41 4.29 12.68
CA LEU A 30 2.27 5.43 13.03
C LEU A 30 2.00 6.60 12.15
N PHE A 31 1.90 6.38 10.84
CA PHE A 31 1.66 7.54 9.94
C PHE A 31 0.27 8.22 10.06
N ASP A 32 -0.78 7.43 10.31
CA ASP A 32 -2.09 7.95 10.55
C ASP A 32 -2.01 8.90 11.75
N TYR A 33 -1.33 8.45 12.80
CA TYR A 33 -1.19 9.22 14.04
C TYR A 33 -0.45 10.54 13.83
N TRP A 34 0.68 10.39 13.17
CA TRP A 34 1.51 11.51 12.79
C TRP A 34 0.79 12.58 11.99
N TYR A 35 0.03 12.17 10.99
CA TYR A 35 -0.79 13.11 10.27
C TYR A 35 -1.85 13.78 11.17
N GLU A 36 -2.46 13.05 12.08
CA GLU A 36 -3.44 13.66 13.01
C GLU A 36 -2.82 14.79 13.85
N GLU A 37 -1.57 14.58 14.26
CA GLU A 37 -0.86 15.51 15.15
C GLU A 37 -0.18 16.65 14.43
N GLU A 38 0.37 16.42 13.23
CA GLU A 38 1.19 17.45 12.51
C GLU A 38 0.96 17.47 11.02
N PRO A 39 -0.26 17.84 10.59
CA PRO A 39 -0.64 17.81 9.17
C PRO A 39 0.20 18.66 8.27
N ASP A 40 0.81 19.71 8.83
CA ASP A 40 1.54 20.62 7.95
C ASP A 40 2.93 20.06 7.58
N LEU A 41 3.36 18.95 8.19
CA LEU A 41 4.52 18.21 7.70
C LEU A 41 4.24 17.47 6.40
N PHE A 42 3.00 17.47 5.91
CA PHE A 42 2.61 16.65 4.77
C PHE A 42 2.28 17.53 3.63
N TYR A 43 2.91 17.26 2.49
CA TYR A 43 2.64 18.04 1.28
C TYR A 43 1.16 18.28 0.91
N ASP A 44 0.81 19.56 0.67
CA ASP A 44 -0.55 20.05 0.44
C ASP A 44 -1.54 19.64 1.53
N TYR A 45 -1.03 19.34 2.73
CA TYR A 45 -1.83 18.86 3.84
C TYR A 45 -2.62 17.55 3.59
N VAL A 46 -2.20 16.72 2.64
CA VAL A 46 -2.93 15.49 2.31
C VAL A 46 -2.40 14.37 3.22
N GLY A 47 -3.26 13.86 4.07
CA GLY A 47 -2.95 12.71 4.87
C GLY A 47 -3.49 11.46 4.21
N PRO A 48 -3.54 10.40 5.03
CA PRO A 48 -3.91 9.09 4.54
C PRO A 48 -5.34 8.70 4.78
N ASP A 49 -6.22 9.62 5.17
CA ASP A 49 -7.60 9.23 5.45
C ASP A 49 -8.35 8.61 4.24
N THR A 50 -8.01 9.09 3.05
CA THR A 50 -8.61 8.56 1.86
C THR A 50 -7.58 7.91 0.96
N ALA A 51 -6.36 8.46 0.90
CA ALA A 51 -5.29 8.02 0.07
C ALA A 51 -5.78 7.78 -1.36
N SER A 52 -5.60 6.58 -1.95
CA SER A 52 -6.09 6.39 -3.29
C SER A 52 -7.37 5.54 -3.31
N ASP A 53 -8.11 5.47 -2.21
CA ASP A 53 -9.46 4.93 -2.18
C ASP A 53 -9.54 3.43 -2.60
N ALA A 54 -8.45 2.70 -2.38
CA ALA A 54 -8.46 1.26 -2.65
C ALA A 54 -9.43 0.48 -1.73
N TYR A 55 -9.74 1.01 -0.54
CA TYR A 55 -10.79 0.40 0.24
C TYR A 55 -12.08 0.14 -0.63
N HIS A 56 -12.44 1.12 -1.45
CA HIS A 56 -13.61 1.04 -2.30
C HIS A 56 -13.28 0.49 -3.69
N GLN A 57 -12.15 0.83 -4.25
CA GLN A 57 -11.87 0.56 -5.67
C GLN A 57 -10.94 -0.61 -6.00
N ILE A 58 -10.55 -1.42 -5.04
CA ILE A 58 -9.66 -2.52 -5.32
C ILE A 58 -10.15 -3.42 -6.45
N GLU A 59 -11.42 -3.77 -6.45
CA GLU A 59 -11.95 -4.68 -7.49
C GLU A 59 -11.82 -4.03 -8.87
N SER A 60 -12.34 -2.80 -9.01
CA SER A 60 -12.23 -2.12 -10.33
C SER A 60 -10.77 -1.83 -10.72
N ASP A 61 -9.92 -1.50 -9.75
CA ASP A 61 -8.45 -1.35 -9.99
C ASP A 61 -7.83 -2.63 -10.54
N LEU A 62 -8.13 -3.78 -9.92
CA LEU A 62 -7.49 -5.04 -10.40
C LEU A 62 -8.01 -5.43 -11.80
N THR A 63 -9.27 -5.15 -12.06
CA THR A 63 -9.81 -5.32 -13.38
C THR A 63 -9.02 -4.45 -14.38
N LEU A 64 -8.77 -3.19 -14.05
CA LEU A 64 -7.96 -2.34 -14.92
C LEU A 64 -6.56 -2.82 -15.10
N LEU A 65 -5.91 -3.19 -14.00
CA LEU A 65 -4.53 -3.70 -14.08
C LEU A 65 -4.45 -5.02 -14.90
N ALA A 66 -5.45 -5.88 -14.78
CA ALA A 66 -5.51 -7.06 -15.62
C ALA A 66 -5.60 -6.67 -17.06
N SER A 67 -6.47 -5.69 -17.39
CA SER A 67 -6.58 -5.24 -18.79
C SER A 67 -5.27 -4.58 -19.28
N LEU A 68 -4.43 -4.09 -18.36
CA LEU A 68 -3.12 -3.53 -18.69
C LEU A 68 -1.95 -4.53 -18.58
N GLY A 69 -2.28 -5.84 -18.64
CA GLY A 69 -1.30 -6.92 -18.79
C GLY A 69 -0.62 -7.41 -17.50
N HIS A 70 -1.02 -6.90 -16.35
CA HIS A 70 -0.35 -7.28 -15.09
C HIS A 70 -0.72 -8.73 -14.77
N ASN A 71 0.24 -9.57 -14.43
CA ASN A 71 -0.07 -10.94 -13.92
C ASN A 71 0.13 -11.17 -12.42
N SER A 72 0.52 -10.10 -11.71
CA SER A 72 0.84 -10.14 -10.32
C SER A 72 0.64 -8.71 -9.72
N TYR A 73 0.39 -8.64 -8.41
CA TYR A 73 0.11 -7.37 -7.69
C TYR A 73 0.60 -7.56 -6.25
N ARG A 74 1.50 -6.68 -5.79
CA ARG A 74 1.95 -6.66 -4.40
C ARG A 74 1.34 -5.51 -3.64
N THR A 75 0.66 -5.84 -2.56
CA THR A 75 0.25 -4.87 -1.58
C THR A 75 0.57 -5.39 -0.14
N SER A 76 0.09 -4.70 0.86
CA SER A 76 0.30 -5.13 2.22
C SER A 76 -1.01 -5.20 2.94
N ILE A 77 -1.02 -6.09 3.93
CA ILE A 77 -2.12 -6.18 4.92
C ILE A 77 -1.67 -5.33 6.12
N GLN A 78 -2.57 -4.46 6.55
CA GLN A 78 -2.38 -3.59 7.74
C GLN A 78 -2.80 -4.28 8.97
N TRP A 79 -1.84 -4.50 9.88
CA TRP A 79 -2.07 -4.91 11.23
C TRP A 79 -3.20 -4.08 11.89
N THR A 80 -3.19 -2.78 11.62
CA THR A 80 -4.15 -1.86 12.18
C THR A 80 -5.57 -2.02 11.61
N ARG A 81 -5.73 -2.71 10.47
CA ARG A 81 -7.08 -3.05 9.92
C ARG A 81 -7.54 -4.44 10.29
N LEU A 82 -6.64 -5.42 10.22
CA LEU A 82 -7.04 -6.84 10.42
C LEU A 82 -7.32 -7.21 11.88
N ILE A 83 -6.59 -6.60 12.81
CA ILE A 83 -6.64 -7.02 14.18
C ILE A 83 -7.46 -6.10 15.07
N ASP A 84 -8.26 -6.70 15.94
CA ASP A 84 -9.10 -5.99 16.84
C ASP A 84 -8.29 -5.77 18.14
N ASP A 85 -8.02 -6.85 18.89
CA ASP A 85 -7.32 -6.74 20.15
C ASP A 85 -5.91 -7.25 19.80
N PHE A 86 -4.93 -6.37 19.88
CA PHE A 86 -3.55 -6.69 19.54
C PHE A 86 -2.92 -7.75 20.42
N GLU A 87 -3.28 -7.78 21.71
CA GLU A 87 -2.65 -8.68 22.68
C GLU A 87 -3.11 -10.10 22.39
N GLN A 88 -4.30 -10.30 21.87
CA GLN A 88 -4.86 -11.65 21.65
C GLN A 88 -4.92 -11.96 20.16
N ALA A 89 -4.49 -11.03 19.31
CA ALA A 89 -4.72 -11.10 17.88
C ALA A 89 -6.14 -11.60 17.49
N THR A 90 -7.19 -11.05 18.11
CA THR A 90 -8.53 -11.28 17.62
C THR A 90 -8.75 -10.48 16.34
N ILE A 91 -9.74 -10.91 15.58
CA ILE A 91 -9.97 -10.45 14.18
C ILE A 91 -11.02 -9.38 14.05
N ASN A 92 -10.70 -8.28 13.38
CA ASN A 92 -11.74 -7.29 13.07
C ASN A 92 -12.54 -7.86 11.89
N PRO A 93 -13.83 -8.07 12.07
CA PRO A 93 -14.57 -8.71 10.95
C PRO A 93 -14.58 -7.92 9.66
N ASP A 94 -14.63 -6.57 9.71
CA ASP A 94 -14.60 -5.81 8.44
C ASP A 94 -13.22 -5.87 7.75
N GLY A 95 -12.16 -5.90 8.52
CA GLY A 95 -10.82 -6.06 7.90
C GLY A 95 -10.62 -7.39 7.22
N LEU A 96 -11.10 -8.45 7.85
CA LEU A 96 -11.05 -9.78 7.26
C LEU A 96 -11.83 -9.79 5.94
N ALA A 97 -13.09 -9.35 5.96
CA ALA A 97 -13.90 -9.22 4.72
C ALA A 97 -13.18 -8.34 3.70
N TYR A 98 -12.46 -7.28 4.15
CA TYR A 98 -11.70 -6.41 3.21
C TYR A 98 -10.56 -7.17 2.50
N TYR A 99 -9.72 -7.88 3.23
CA TYR A 99 -8.57 -8.56 2.62
C TYR A 99 -9.05 -9.81 1.80
N ASN A 100 -10.19 -10.37 2.20
CA ASN A 100 -10.80 -11.41 1.37
C ASN A 100 -11.25 -10.82 0.00
N ARG A 101 -11.79 -9.59 0.00
CA ARG A 101 -12.16 -8.90 -1.27
C ARG A 101 -10.91 -8.70 -2.13
N VAL A 102 -9.82 -8.18 -1.55
CA VAL A 102 -8.60 -7.94 -2.28
C VAL A 102 -8.06 -9.24 -2.94
N ILE A 103 -7.91 -10.25 -2.13
CA ILE A 103 -7.35 -11.51 -2.64
C ILE A 103 -8.27 -12.19 -3.70
N ASP A 104 -9.58 -12.25 -3.40
CA ASP A 104 -10.51 -12.89 -4.36
C ASP A 104 -10.55 -12.14 -5.68
N ALA A 105 -10.49 -10.80 -5.64
CA ALA A 105 -10.48 -9.99 -6.86
C ALA A 105 -9.17 -10.23 -7.63
N CYS A 106 -8.07 -10.43 -6.93
CA CYS A 106 -6.84 -10.77 -7.61
C CYS A 106 -7.02 -12.04 -8.43
N LEU A 107 -7.43 -13.13 -7.77
CA LEU A 107 -7.57 -14.42 -8.45
C LEU A 107 -8.63 -14.35 -9.55
N ALA A 108 -9.77 -13.70 -9.32
CA ALA A 108 -10.79 -13.58 -10.36
C ALA A 108 -10.25 -12.88 -11.60
N ASN A 109 -9.25 -12.02 -11.45
CA ASN A 109 -8.64 -11.38 -12.61
C ASN A 109 -7.44 -12.06 -13.16
N GLY A 110 -7.09 -13.26 -12.67
CA GLY A 110 -5.83 -13.94 -13.03
C GLY A 110 -4.51 -13.27 -12.57
N ILE A 111 -4.59 -12.52 -11.48
CA ILE A 111 -3.45 -11.81 -10.89
C ILE A 111 -2.98 -12.59 -9.67
N ARG A 112 -1.74 -13.01 -9.69
CA ARG A 112 -1.11 -13.57 -8.51
C ARG A 112 -1.02 -12.51 -7.35
N PRO A 113 -1.68 -12.75 -6.22
CA PRO A 113 -1.59 -11.83 -5.11
C PRO A 113 -0.31 -12.04 -4.30
N VAL A 114 0.44 -10.97 -4.07
CA VAL A 114 1.74 -11.04 -3.39
C VAL A 114 1.61 -10.17 -2.15
N ILE A 115 1.72 -10.76 -0.98
CA ILE A 115 1.28 -10.02 0.24
C ILE A 115 2.40 -9.77 1.22
N ASN A 116 2.62 -8.49 1.51
CA ASN A 116 3.56 -8.03 2.51
C ASN A 116 2.82 -7.83 3.81
N LEU A 117 3.47 -8.10 4.95
CA LEU A 117 2.85 -7.89 6.24
C LEU A 117 3.13 -6.61 7.00
N HIS A 118 4.09 -5.83 6.56
CA HIS A 118 4.47 -4.61 7.31
C HIS A 118 5.11 -3.66 6.35
N HIS A 119 4.50 -2.49 6.19
CA HIS A 119 5.10 -1.44 5.36
C HIS A 119 4.97 -0.11 6.13
N PHE A 120 5.90 0.07 7.07
CA PHE A 120 6.06 1.26 7.90
C PHE A 120 4.82 1.56 8.74
N ASP A 121 4.05 0.53 9.11
CA ASP A 121 2.76 0.73 9.70
C ASP A 121 2.47 0.00 10.99
N LEU A 122 3.43 0.02 11.88
CA LEU A 122 3.21 -0.36 13.27
C LEU A 122 1.98 0.37 13.84
N PRO A 123 1.11 -0.33 14.57
CA PRO A 123 0.08 0.40 15.36
C PRO A 123 0.65 1.37 16.40
N ILE A 124 0.19 2.61 16.35
CA ILE A 124 0.57 3.60 17.41
C ILE A 124 0.31 3.05 18.81
N ALA A 125 -0.72 2.23 19.06
CA ALA A 125 -0.94 1.84 20.45
C ALA A 125 0.22 0.97 20.97
N LEU A 126 0.84 0.19 20.08
CA LEU A 126 2.01 -0.64 20.46
C LEU A 126 3.27 0.16 20.64
N TYR A 127 3.45 1.23 19.86
CA TYR A 127 4.51 2.17 20.15
C TYR A 127 4.33 2.81 21.53
N GLN A 128 3.14 3.33 21.80
CA GLN A 128 2.87 4.04 23.10
C GLN A 128 3.00 3.10 24.27
N ALA A 129 2.39 1.93 24.19
CA ALA A 129 2.48 0.97 25.26
C ALA A 129 3.86 0.34 25.51
N TYR A 130 4.64 0.06 24.46
CA TYR A 130 5.83 -0.74 24.66
C TYR A 130 7.10 -0.29 23.99
N GLY A 131 7.10 0.82 23.28
CA GLY A 131 8.25 1.18 22.49
C GLY A 131 8.26 0.53 21.09
N GLY A 132 7.16 -0.07 20.70
CA GLY A 132 7.07 -0.52 19.32
C GLY A 132 8.02 -1.65 19.01
N TRP A 133 8.74 -1.54 17.89
CA TRP A 133 9.73 -2.53 17.51
C TRP A 133 10.89 -2.64 18.52
N GLU A 134 10.97 -1.71 19.47
CA GLU A 134 11.98 -1.86 20.53
C GLU A 134 11.59 -3.00 21.41
N SER A 135 10.34 -3.47 21.37
CA SER A 135 9.93 -4.51 22.30
C SER A 135 9.81 -5.90 21.69
N LYS A 136 10.45 -6.89 22.34
CA LYS A 136 10.29 -8.28 21.91
C LYS A 136 8.90 -8.84 22.15
N HIS A 137 8.13 -8.22 23.05
CA HIS A 137 6.71 -8.58 23.20
C HIS A 137 5.91 -8.14 21.97
N VAL A 138 6.15 -6.92 21.51
CA VAL A 138 5.59 -6.46 20.25
C VAL A 138 5.89 -7.39 19.05
N VAL A 139 7.13 -7.86 18.98
CA VAL A 139 7.51 -8.85 17.98
C VAL A 139 6.64 -10.07 18.07
N ASP A 140 6.37 -10.53 19.27
CA ASP A 140 5.44 -11.68 19.45
C ASP A 140 4.04 -11.36 19.01
N LEU A 141 3.54 -10.15 19.27
CA LEU A 141 2.22 -9.78 18.80
C LEU A 141 2.16 -9.69 17.23
N PHE A 142 3.25 -9.25 16.61
CA PHE A 142 3.37 -9.25 15.15
C PHE A 142 3.26 -10.70 14.60
N VAL A 143 3.89 -11.63 15.27
CA VAL A 143 3.80 -13.05 14.91
C VAL A 143 2.39 -13.56 15.00
N ALA A 144 1.69 -13.21 16.05
CA ALA A 144 0.32 -13.63 16.17
C ALA A 144 -0.55 -13.05 15.06
N PHE A 145 -0.31 -11.77 14.70
CA PHE A 145 -0.95 -11.17 13.52
C PHE A 145 -0.64 -11.98 12.24
N SER A 146 0.61 -12.33 12.04
CA SER A 146 1.03 -13.07 10.83
C SER A 146 0.30 -14.42 10.74
N LYS A 147 0.16 -15.10 11.89
CA LYS A 147 -0.59 -16.35 11.95
C LYS A 147 -2.06 -16.19 11.54
N VAL A 148 -2.73 -15.13 12.00
CA VAL A 148 -4.09 -14.85 11.49
C VAL A 148 -4.04 -14.79 9.97
N CYS A 149 -3.12 -13.99 9.39
CA CYS A 149 -3.03 -13.84 7.94
C CYS A 149 -2.85 -15.19 7.22
N PHE A 150 -1.88 -15.97 7.66
CA PHE A 150 -1.65 -17.29 7.06
C PHE A 150 -2.90 -18.26 7.17
N GLU A 151 -3.53 -18.30 8.34
CA GLU A 151 -4.73 -19.12 8.54
C GLU A 151 -5.89 -18.66 7.68
N GLN A 152 -6.07 -17.35 7.53
CA GLN A 152 -7.25 -16.85 6.88
C GLN A 152 -7.10 -16.76 5.39
N PHE A 153 -5.89 -16.48 4.91
CA PHE A 153 -5.66 -16.19 3.53
C PHE A 153 -4.75 -17.14 2.82
N GLY A 154 -4.09 -18.02 3.55
CA GLY A 154 -3.03 -18.89 2.95
C GLY A 154 -3.44 -20.02 2.01
N ASP A 155 -4.75 -20.21 1.94
CA ASP A 155 -5.36 -21.15 1.00
C ASP A 155 -5.28 -20.56 -0.34
N ARG A 156 -5.31 -19.21 -0.41
CA ARG A 156 -5.29 -18.49 -1.71
C ARG A 156 -4.02 -17.70 -2.02
N VAL A 157 -3.43 -17.09 -0.99
CA VAL A 157 -2.13 -16.45 -1.14
C VAL A 157 -1.00 -17.46 -0.87
N LYS A 158 -0.13 -17.59 -1.86
CA LYS A 158 1.03 -18.45 -1.79
C LYS A 158 2.36 -17.71 -1.78
N ASP A 159 2.31 -16.38 -1.72
CA ASP A 159 3.49 -15.55 -1.88
C ASP A 159 3.47 -14.46 -0.83
N TRP A 160 4.32 -14.60 0.16
CA TRP A 160 4.26 -13.83 1.35
C TRP A 160 5.61 -13.11 1.61
N PHE A 161 5.55 -11.92 2.18
CA PHE A 161 6.71 -11.15 2.56
C PHE A 161 6.52 -10.55 3.93
N VAL A 162 7.55 -10.59 4.77
CA VAL A 162 7.35 -10.22 6.16
C VAL A 162 7.41 -8.66 6.34
N HIS A 163 8.44 -8.02 5.79
CA HIS A 163 8.57 -6.58 5.84
C HIS A 163 8.90 -6.02 4.46
N ASN A 164 8.54 -4.75 4.27
CA ASN A 164 9.17 -3.92 3.30
C ASN A 164 10.27 -3.08 3.96
N GLU A 165 11.48 -3.25 3.51
CA GLU A 165 12.64 -2.43 3.89
C GLU A 165 12.73 -2.11 5.37
N PRO A 166 13.00 -3.15 6.16
CA PRO A 166 13.12 -2.94 7.53
C PRO A 166 14.21 -1.94 7.94
N MET A 167 15.28 -1.81 7.17
CA MET A 167 16.31 -0.77 7.53
C MET A 167 15.77 0.66 7.36
N VAL A 168 14.80 0.86 6.47
CA VAL A 168 14.11 2.14 6.33
C VAL A 168 13.28 2.46 7.59
N VAL A 169 12.66 1.48 8.22
CA VAL A 169 12.00 1.69 9.50
C VAL A 169 13.02 2.08 10.61
N VAL A 170 14.14 1.36 10.68
CA VAL A 170 15.15 1.61 11.63
C VAL A 170 15.63 3.07 11.45
N GLU A 171 15.95 3.47 10.21
CA GLU A 171 16.48 4.78 9.92
C GLU A 171 15.44 5.85 10.11
N GLY A 172 14.26 5.65 9.52
CA GLY A 172 13.13 6.58 9.64
C GLY A 172 12.71 6.92 11.06
N SER A 173 12.51 5.89 11.87
CA SER A 173 12.02 6.05 13.21
C SER A 173 13.13 6.44 14.22
N TYR A 174 14.35 5.97 14.00
CA TYR A 174 15.35 6.07 15.05
C TYR A 174 16.68 6.77 14.70
N LEU A 175 16.88 7.25 13.46
CA LEU A 175 18.17 7.89 13.04
C LEU A 175 17.97 9.22 12.29
N MET A 176 17.07 9.25 11.31
CA MET A 176 17.04 10.32 10.31
C MET A 176 15.77 11.11 10.30
N GLN A 177 14.86 10.83 11.23
CA GLN A 177 13.66 11.66 11.44
C GLN A 177 12.62 11.73 10.32
N PHE A 178 12.31 10.64 9.66
CA PHE A 178 11.27 10.67 8.60
C PHE A 178 10.12 9.70 8.77
N HIS A 179 10.20 8.86 9.76
CA HIS A 179 9.00 8.21 10.33
C HIS A 179 8.87 8.64 11.78
N TYR A 180 7.64 8.64 12.22
CA TYR A 180 7.31 8.71 13.63
C TYR A 180 7.85 7.57 14.51
N PRO A 181 8.68 7.93 15.53
CA PRO A 181 8.46 8.94 16.55
C PRO A 181 9.53 9.96 16.16
N ALA A 182 10.27 9.74 15.07
CA ALA A 182 11.27 10.62 14.55
C ALA A 182 12.28 11.09 15.60
N ILE A 183 12.83 10.17 16.35
CA ILE A 183 13.83 10.46 17.37
C ILE A 183 15.17 9.99 16.86
N VAL A 184 16.22 10.42 17.57
CA VAL A 184 17.57 10.15 17.14
C VAL A 184 18.14 9.34 18.26
N ASP A 185 18.21 8.01 18.11
CA ASP A 185 18.76 7.18 19.18
C ASP A 185 19.36 5.87 18.64
N GLY A 186 20.67 5.88 18.43
CA GLY A 186 21.39 4.78 17.76
C GLY A 186 21.28 3.46 18.52
N LYS A 187 21.32 3.52 19.84
CA LYS A 187 21.24 2.31 20.64
C LYS A 187 19.91 1.61 20.39
N LYS A 188 18.86 2.42 20.33
CA LYS A 188 17.55 1.93 19.99
C LYS A 188 17.44 1.45 18.54
N ALA A 189 17.99 2.22 17.63
CA ALA A 189 18.01 1.82 16.24
C ALA A 189 18.58 0.40 16.06
N VAL A 190 19.71 0.13 16.70
CA VAL A 190 20.41 -1.12 16.55
C VAL A 190 19.55 -2.26 17.14
N GLN A 191 18.91 -2.01 18.26
CA GLN A 191 18.09 -3.04 18.87
C GLN A 191 16.85 -3.29 17.95
N VAL A 192 16.22 -2.22 17.47
CA VAL A 192 15.13 -2.33 16.49
C VAL A 192 15.52 -3.17 15.28
N ALA A 193 16.73 -2.96 14.73
CA ALA A 193 17.21 -3.75 13.61
C ALA A 193 17.28 -5.24 13.97
N TYR A 194 17.87 -5.58 15.13
CA TYR A 194 17.88 -6.98 15.56
C TYR A 194 16.42 -7.50 15.70
N ASN A 195 15.54 -6.69 16.27
CA ASN A 195 14.19 -7.14 16.56
C ASN A 195 13.40 -7.38 15.28
N LEU A 196 13.63 -6.55 14.25
CA LEU A 196 13.00 -6.76 12.93
C LEU A 196 13.45 -8.04 12.22
N ALA A 197 14.75 -8.32 12.34
CA ALA A 197 15.34 -9.55 11.80
C ALA A 197 14.83 -10.81 12.52
N LEU A 198 14.75 -10.74 13.84
CA LEU A 198 14.19 -11.77 14.67
C LEU A 198 12.70 -11.98 14.36
N ALA A 199 11.96 -10.90 14.19
CA ALA A 199 10.57 -10.99 13.72
C ALA A 199 10.42 -11.68 12.37
N THR A 200 11.34 -11.43 11.47
CA THR A 200 11.36 -12.08 10.17
C THR A 200 11.42 -13.62 10.34
N ALA A 201 12.36 -14.05 11.18
CA ALA A 201 12.58 -15.49 11.43
C ALA A 201 11.42 -16.14 12.18
N LYS A 202 10.83 -15.44 13.15
CA LYS A 202 9.67 -15.92 13.82
C LYS A 202 8.41 -16.02 12.96
N VAL A 203 8.24 -15.08 12.05
CA VAL A 203 7.08 -15.12 11.15
C VAL A 203 7.27 -16.29 10.18
N ILE A 204 8.49 -16.45 9.71
CA ILE A 204 8.83 -17.58 8.85
C ILE A 204 8.59 -18.89 9.53
N GLN A 205 8.98 -19.01 10.80
CA GLN A 205 8.69 -20.22 11.53
C GLN A 205 7.19 -20.43 11.55
N ALA A 206 6.41 -19.39 11.85
CA ALA A 206 4.98 -19.52 12.04
C ALA A 206 4.32 -19.95 10.73
N TYR A 207 4.85 -19.46 9.59
CA TYR A 207 4.27 -19.76 8.32
C TYR A 207 4.43 -21.27 8.08
N ARG A 208 5.64 -21.77 8.35
CA ARG A 208 6.01 -23.15 8.02
C ARG A 208 5.38 -24.23 8.92
N ARG A 209 5.01 -23.83 10.13
CA ARG A 209 4.19 -24.63 10.98
C ARG A 209 2.71 -24.64 10.65
N GLY A 210 2.21 -23.81 9.74
CA GLY A 210 0.77 -23.85 9.47
C GLY A 210 0.35 -25.16 8.76
N PRO A 211 -0.96 -25.42 8.73
CA PRO A 211 -1.46 -26.62 8.05
C PRO A 211 -0.86 -26.73 6.67
N ALA A 212 -0.65 -27.94 6.19
CA ALA A 212 0.06 -28.12 4.93
C ALA A 212 -0.58 -27.41 3.72
N GLU A 213 -1.89 -27.40 3.63
CA GLU A 213 -2.58 -26.70 2.57
C GLU A 213 -2.48 -25.11 2.63
N LEU A 214 -2.03 -24.59 3.77
CA LEU A 214 -1.84 -23.13 4.01
C LEU A 214 -0.36 -22.75 4.04
N SER A 215 0.51 -23.74 3.92
CA SER A 215 1.93 -23.53 4.14
C SER A 215 2.72 -24.06 3.01
N ASP A 216 2.11 -24.20 1.83
CA ASP A 216 2.80 -24.78 0.64
C ASP A 216 3.38 -23.75 -0.31
N GLY A 217 3.30 -22.46 0.03
CA GLY A 217 3.81 -21.41 -0.84
C GLY A 217 5.19 -20.93 -0.38
N ARG A 218 5.56 -19.67 -0.66
CA ARG A 218 6.88 -19.21 -0.32
C ARG A 218 6.81 -17.96 0.52
N ILE A 219 7.82 -17.75 1.38
CA ILE A 219 7.88 -16.63 2.27
C ILE A 219 9.24 -16.05 2.27
N GLY A 220 9.29 -14.72 2.19
CA GLY A 220 10.53 -14.01 2.15
C GLY A 220 10.41 -12.68 2.83
N THR A 221 11.31 -11.79 2.45
CA THR A 221 11.26 -10.40 2.95
C THR A 221 11.68 -9.50 1.80
N ILE A 222 11.44 -8.19 1.92
CA ILE A 222 11.78 -7.24 0.87
C ILE A 222 12.86 -6.31 1.41
N LEU A 223 14.00 -6.37 0.77
CA LEU A 223 15.21 -5.72 1.25
C LEU A 223 15.78 -4.81 0.17
N ASN A 224 16.84 -4.04 0.53
CA ASN A 224 17.66 -3.23 -0.43
C ASN A 224 19.02 -3.89 -0.59
N LEU A 225 19.44 -4.03 -1.82
CA LEU A 225 20.81 -4.45 -2.03
C LEU A 225 21.53 -3.34 -2.85
N THR A 226 21.02 -2.12 -2.79
CA THR A 226 21.64 -0.97 -3.50
C THR A 226 23.14 -0.86 -3.15
N PRO A 227 24.07 -0.92 -4.12
CA PRO A 227 25.43 -0.78 -3.77
C PRO A 227 25.74 0.61 -3.14
N ALA A 228 26.70 0.65 -2.23
CA ALA A 228 27.23 1.93 -1.67
C ALA A 228 28.53 2.19 -2.44
N TYR A 229 28.42 2.88 -3.58
CA TYR A 229 29.57 3.02 -4.48
C TYR A 229 30.58 3.98 -3.82
N PRO A 230 31.88 3.58 -3.69
CA PRO A 230 32.86 4.46 -3.07
C PRO A 230 33.14 5.67 -3.92
N ALA A 231 33.35 6.83 -3.32
CA ALA A 231 33.73 8.01 -4.10
C ALA A 231 35.02 7.86 -4.95
N SER A 232 35.97 7.10 -4.46
CA SER A 232 37.26 6.84 -5.16
C SER A 232 37.75 5.52 -4.65
N GLN A 233 38.90 5.09 -5.18
CA GLN A 233 39.56 3.85 -4.74
C GLN A 233 40.54 4.07 -3.64
N SER A 234 40.63 5.27 -3.05
CA SER A 234 41.44 5.43 -1.82
C SER A 234 41.04 4.41 -0.80
N GLU A 235 41.95 4.10 0.09
CA GLU A 235 41.68 3.23 1.23
C GLU A 235 40.51 3.70 2.11
N ALA A 236 40.51 4.99 2.41
CA ALA A 236 39.51 5.69 3.22
C ALA A 236 38.10 5.61 2.64
N ASP A 237 37.98 5.89 1.35
CA ASP A 237 36.68 5.87 0.67
C ASP A 237 36.16 4.42 0.55
N MET A 238 37.07 3.48 0.32
CA MET A 238 36.73 2.05 0.27
C MET A 238 36.31 1.56 1.61
N ALA A 239 36.93 2.02 2.67
CA ALA A 239 36.53 1.52 3.96
C ALA A 239 35.16 2.15 4.31
N ALA A 240 34.92 3.41 3.94
CA ALA A 240 33.59 3.99 4.06
C ALA A 240 32.46 3.17 3.37
N ALA A 241 32.67 2.79 2.11
CA ALA A 241 31.71 1.96 1.30
C ALA A 241 31.51 0.60 1.92
N HIS A 242 32.62 0.06 2.39
CA HIS A 242 32.62 -1.22 3.05
C HIS A 242 31.71 -1.17 4.26
N PHE A 243 31.88 -0.17 5.12
CA PHE A 243 31.02 -0.14 6.30
C PHE A 243 29.60 0.19 5.90
N ALA A 244 29.39 1.09 4.94
CA ALA A 244 28.05 1.42 4.56
C ALA A 244 27.27 0.19 4.01
N GLU A 245 28.00 -0.73 3.38
CA GLU A 245 27.39 -1.99 2.90
C GLU A 245 27.09 -2.87 4.05
N LEU A 246 28.04 -2.99 4.99
CA LEU A 246 27.80 -3.86 6.15
C LEU A 246 26.49 -3.58 6.86
N TRP A 247 26.24 -2.28 7.12
CA TRP A 247 25.05 -1.80 7.76
C TRP A 247 23.84 -1.81 6.84
N ASN A 248 23.88 -1.09 5.73
CA ASN A 248 22.68 -0.86 4.93
C ASN A 248 22.20 -2.10 4.16
N ASN A 249 23.12 -3.02 3.86
CA ASN A 249 22.81 -4.20 3.07
C ASN A 249 22.99 -5.50 3.87
N ASP A 250 24.19 -5.73 4.39
CA ASP A 250 24.55 -7.03 4.94
C ASP A 250 23.77 -7.47 6.15
N LEU A 251 23.45 -6.54 7.06
CA LEU A 251 22.77 -6.89 8.32
C LEU A 251 21.52 -7.73 7.95
N PHE A 252 20.62 -7.16 7.18
CA PHE A 252 19.35 -7.86 6.93
C PHE A 252 19.50 -9.00 5.89
N MET A 253 20.38 -8.84 4.90
CA MET A 253 20.60 -9.89 3.89
C MET A 253 21.20 -11.15 4.48
N GLU A 254 22.23 -11.00 5.32
CA GLU A 254 22.90 -12.11 5.95
C GLU A 254 21.92 -12.81 6.84
N ALA A 255 21.16 -12.07 7.64
CA ALA A 255 20.15 -12.69 8.48
C ALA A 255 19.01 -13.39 7.69
N ALA A 256 18.49 -12.75 6.64
CA ALA A 256 17.42 -13.35 5.82
C ALA A 256 17.84 -14.66 5.11
N VAL A 257 19.01 -14.65 4.46
CA VAL A 257 19.42 -15.67 3.56
C VAL A 257 20.28 -16.72 4.27
N HIS A 258 21.27 -16.32 5.07
CA HIS A 258 22.17 -17.21 5.75
C HIS A 258 21.86 -17.36 7.18
N GLY A 259 20.88 -16.66 7.74
CA GLY A 259 20.48 -16.94 9.14
C GLY A 259 21.56 -16.57 10.18
N LYS A 260 22.43 -15.60 9.84
CA LYS A 260 23.50 -15.12 10.73
C LYS A 260 23.64 -13.62 10.56
N PHE A 261 24.15 -12.92 11.57
CA PHE A 261 24.52 -11.52 11.36
C PHE A 261 25.96 -11.45 10.87
N PRO A 262 26.35 -10.42 10.13
CA PRO A 262 27.75 -10.37 9.70
C PRO A 262 28.70 -10.05 10.86
N GLU A 263 29.74 -10.86 11.00
CA GLU A 263 30.64 -10.86 12.16
C GLU A 263 31.36 -9.52 12.30
N GLU A 264 31.77 -8.98 11.16
CA GLU A 264 32.46 -7.71 11.17
C GLU A 264 31.57 -6.58 11.69
N LEU A 265 30.26 -6.64 11.36
CA LEU A 265 29.35 -5.62 11.81
C LEU A 265 29.15 -5.71 13.31
N VAL A 266 28.87 -6.92 13.78
CA VAL A 266 28.85 -7.22 15.17
C VAL A 266 30.06 -6.68 15.95
N ALA A 267 31.29 -6.91 15.50
CA ALA A 267 32.49 -6.34 16.20
C ALA A 267 32.45 -4.79 16.24
N VAL A 268 32.01 -4.12 15.17
CA VAL A 268 31.89 -2.66 15.24
C VAL A 268 30.87 -2.22 16.29
N LEU A 269 29.71 -2.85 16.27
CA LEU A 269 28.62 -2.43 17.17
C LEU A 269 29.03 -2.62 18.62
N LYS A 270 29.72 -3.72 18.90
CA LYS A 270 30.22 -4.07 20.23
C LYS A 270 31.31 -3.10 20.71
N LYS A 271 32.24 -2.79 19.82
CA LYS A 271 33.26 -1.81 20.12
C LYS A 271 32.64 -0.46 20.40
N ASP A 272 31.57 -0.11 19.70
CA ASP A 272 30.98 1.18 19.90
C ASP A 272 29.98 1.16 21.03
N GLY A 273 29.83 0.06 21.74
CA GLY A 273 28.87 0.01 22.85
C GLY A 273 27.39 -0.03 22.52
N VAL A 274 27.00 -0.40 21.30
CA VAL A 274 25.59 -0.34 20.92
C VAL A 274 25.01 -1.65 20.41
N LEU A 275 25.75 -2.74 20.57
CA LEU A 275 25.27 -4.05 20.16
C LEU A 275 23.91 -4.42 20.81
N TRP A 276 23.02 -4.98 19.99
CA TRP A 276 21.71 -5.46 20.40
C TRP A 276 21.84 -6.48 21.50
N GLN A 277 20.78 -6.61 22.24
CA GLN A 277 20.59 -7.73 23.16
C GLN A 277 20.01 -8.95 22.41
N SER A 278 20.66 -10.09 22.47
CA SER A 278 20.13 -11.28 21.89
C SER A 278 20.15 -12.42 22.89
N THR A 279 19.51 -13.54 22.61
CA THR A 279 19.70 -14.79 23.36
C THR A 279 20.15 -15.89 22.43
N PRO A 280 20.82 -16.93 22.98
CA PRO A 280 21.17 -18.05 22.11
C PRO A 280 19.97 -18.72 21.39
N GLU A 281 18.79 -18.75 22.02
CA GLU A 281 17.57 -19.36 21.43
C GLU A 281 17.08 -18.55 20.22
N GLU A 282 17.16 -17.24 20.35
CA GLU A 282 16.79 -16.31 19.27
C GLU A 282 17.74 -16.45 18.15
N LEU A 283 19.04 -16.51 18.43
CA LEU A 283 20.00 -16.70 17.36
C LEU A 283 19.85 -18.03 16.55
N ALA A 284 19.47 -19.08 17.25
CA ALA A 284 19.20 -20.39 16.62
C ALA A 284 17.89 -20.34 15.82
N LEU A 285 16.87 -19.62 16.31
CA LEU A 285 15.61 -19.41 15.53
C LEU A 285 15.95 -18.72 14.22
N ILE A 286 16.83 -17.71 14.25
CA ILE A 286 17.23 -16.98 13.05
C ILE A 286 18.01 -17.89 12.09
N ALA A 287 18.90 -18.72 12.62
CA ALA A 287 19.68 -19.62 11.80
C ALA A 287 18.77 -20.69 11.12
N GLU A 288 17.68 -21.02 11.79
CA GLU A 288 16.81 -22.08 11.32
C GLU A 288 15.61 -21.64 10.46
N ASN A 289 15.40 -20.33 10.30
CA ASN A 289 14.17 -19.79 9.69
C ASN A 289 14.55 -18.65 8.79
N ARG A 290 14.99 -19.05 7.59
CA ARG A 290 15.52 -18.14 6.57
C ARG A 290 14.56 -18.10 5.33
N VAL A 291 14.73 -17.11 4.48
CA VAL A 291 13.77 -16.85 3.42
C VAL A 291 13.80 -17.92 2.32
N ASP A 292 12.70 -18.13 1.62
CA ASP A 292 12.67 -18.97 0.33
C ASP A 292 13.15 -18.13 -0.83
N TYR A 293 12.89 -16.84 -0.74
CA TYR A 293 13.17 -15.92 -1.81
C TYR A 293 13.14 -14.46 -1.29
N LEU A 294 13.55 -13.53 -2.12
CA LEU A 294 13.61 -12.11 -1.73
C LEU A 294 12.93 -11.24 -2.71
N GLY A 295 12.39 -10.15 -2.19
CA GLY A 295 12.21 -8.99 -3.02
C GLY A 295 13.33 -8.03 -2.76
N LEU A 296 13.83 -7.45 -3.83
CA LEU A 296 14.88 -6.46 -3.76
C LEU A 296 14.39 -5.19 -4.39
N ASN A 297 14.43 -4.09 -3.62
CA ASN A 297 13.96 -2.78 -4.07
C ASN A 297 15.12 -1.98 -4.61
N PHE A 298 14.88 -1.34 -5.74
CA PHE A 298 15.83 -0.38 -6.29
C PHE A 298 15.18 0.80 -6.99
N TYR A 299 15.45 2.00 -6.50
CA TYR A 299 14.91 3.22 -7.15
C TYR A 299 15.84 4.45 -7.12
N HIS A 300 16.94 4.39 -6.38
CA HIS A 300 18.10 5.18 -6.74
C HIS A 300 19.37 4.67 -6.15
N PRO A 301 20.50 4.98 -6.80
CA PRO A 301 21.79 4.54 -6.26
C PRO A 301 22.22 5.36 -5.05
N LYS A 302 23.19 4.87 -4.32
CA LYS A 302 23.78 5.53 -3.15
C LYS A 302 25.28 5.58 -3.46
N ARG A 303 25.93 6.72 -3.20
CA ARG A 303 27.38 6.80 -3.13
C ARG A 303 27.85 7.40 -1.80
N VAL A 304 29.03 6.98 -1.36
CA VAL A 304 29.55 7.45 -0.09
C VAL A 304 31.05 7.76 -0.19
N LYS A 305 31.53 8.53 0.79
CA LYS A 305 32.97 8.83 0.95
C LYS A 305 33.32 8.75 2.44
N ALA A 306 34.62 8.71 2.73
CA ALA A 306 35.15 8.85 4.07
C ALA A 306 34.55 10.10 4.71
N PRO A 307 34.21 10.01 5.99
CA PRO A 307 33.61 11.17 6.65
C PRO A 307 34.47 12.48 6.57
N ASP A 308 33.84 13.57 6.18
CA ASP A 308 34.44 14.88 6.11
C ASP A 308 34.88 15.41 7.51
N ALA A 309 34.17 14.98 8.55
CA ALA A 309 34.43 15.37 9.91
C ALA A 309 34.32 14.19 10.85
N ILE A 310 35.22 14.11 11.81
CA ILE A 310 35.22 13.12 12.89
C ILE A 310 34.91 13.87 14.23
N PRO A 311 33.66 13.78 14.75
CA PRO A 311 33.28 14.52 15.94
C PRO A 311 33.97 13.97 17.20
N VAL A 312 34.40 14.84 18.09
CA VAL A 312 34.99 14.37 19.34
C VAL A 312 33.93 13.65 20.21
N ILE A 313 32.64 14.03 20.09
CA ILE A 313 31.55 13.27 20.68
C ILE A 313 30.37 13.32 19.75
N SER A 314 29.58 12.27 19.70
CA SER A 314 28.35 12.35 18.93
C SER A 314 27.14 12.29 19.90
N PRO A 315 25.99 12.95 19.50
CA PRO A 315 24.74 12.90 20.31
C PRO A 315 24.21 11.45 20.53
N SER A 316 24.48 10.57 19.58
CA SER A 316 23.96 9.22 19.54
C SER A 316 24.83 8.43 18.51
N TRP A 317 24.96 7.12 18.64
CA TRP A 317 25.53 6.30 17.58
C TRP A 317 24.76 6.46 16.26
N SER A 318 25.51 6.46 15.16
CA SER A 318 24.96 6.46 13.82
C SER A 318 25.93 5.71 12.90
N PRO A 319 25.41 4.98 11.87
CA PRO A 319 26.28 4.36 10.87
C PRO A 319 27.10 5.38 10.10
N GLU A 320 26.56 6.60 10.01
CA GLU A 320 27.22 7.75 9.39
C GLU A 320 28.41 8.35 10.12
N TRP A 321 28.76 7.78 11.26
CA TRP A 321 30.08 7.99 11.83
C TRP A 321 31.14 7.52 10.86
N TYR A 322 30.87 6.52 10.02
CA TYR A 322 31.91 5.91 9.19
C TYR A 322 31.85 6.29 7.71
N TYR A 323 30.88 7.13 7.30
CA TYR A 323 30.79 7.54 5.91
C TYR A 323 29.86 8.73 5.81
N ASP A 324 30.02 9.51 4.74
CA ASP A 324 29.14 10.57 4.34
C ASP A 324 28.58 10.22 2.96
N PRO A 325 27.40 10.75 2.64
CA PRO A 325 26.90 10.71 1.28
C PRO A 325 27.84 11.40 0.33
N TYR A 326 27.99 10.91 -0.90
CA TYR A 326 28.84 11.58 -1.86
C TYR A 326 28.04 11.84 -3.12
N LEU A 327 28.22 13.03 -3.71
CA LEU A 327 27.64 13.34 -5.01
C LEU A 327 28.75 13.33 -6.06
N MET A 328 28.50 12.59 -7.14
CA MET A 328 29.48 12.34 -8.18
C MET A 328 29.28 13.46 -9.24
N PRO A 329 30.30 14.30 -9.46
CA PRO A 329 30.18 15.24 -10.56
C PRO A 329 29.83 14.58 -11.90
N GLY A 330 28.87 15.12 -12.65
CA GLY A 330 28.46 14.51 -13.91
C GLY A 330 27.35 13.43 -13.75
N HIS A 331 26.78 13.23 -12.56
CA HIS A 331 25.74 12.16 -12.42
C HIS A 331 24.49 12.57 -13.17
N ARG A 332 23.71 11.58 -13.59
CA ARG A 332 22.42 11.87 -14.25
C ARG A 332 21.42 12.02 -13.13
N MET A 333 20.45 12.92 -13.26
CA MET A 333 19.60 13.26 -12.12
C MET A 333 18.12 13.50 -12.53
N ASN A 334 17.25 13.16 -11.58
CA ASN A 334 15.84 13.50 -11.64
C ASN A 334 15.73 14.80 -10.80
N VAL A 335 15.50 15.91 -11.49
CA VAL A 335 15.52 17.25 -10.79
C VAL A 335 14.42 17.41 -9.75
N ASP A 336 13.17 17.00 -10.03
CA ASP A 336 12.03 17.08 -9.03
C ASP A 336 12.33 16.40 -7.72
N LYS A 337 13.08 15.33 -7.78
CA LYS A 337 13.29 14.51 -6.63
C LYS A 337 14.67 14.70 -5.97
N GLY A 338 15.64 15.29 -6.68
CA GLY A 338 17.03 15.34 -6.23
C GLY A 338 17.70 13.99 -6.17
N TRP A 339 17.28 13.03 -7.01
CA TRP A 339 17.88 11.71 -7.02
C TRP A 339 18.66 11.42 -8.28
N GLU A 340 19.84 10.84 -8.08
CA GLU A 340 20.63 10.29 -9.21
C GLU A 340 19.82 9.14 -9.89
N ILE A 341 19.96 9.06 -11.20
CA ILE A 341 19.49 7.96 -12.00
C ILE A 341 20.75 7.20 -12.51
N TYR A 342 20.83 5.91 -12.11
CA TYR A 342 21.94 5.02 -12.47
C TYR A 342 21.43 3.53 -12.60
N PRO A 343 20.75 3.20 -13.71
CA PRO A 343 20.16 1.84 -13.91
C PRO A 343 21.13 0.65 -13.91
N GLU A 344 22.40 0.92 -14.10
CA GLU A 344 23.43 -0.09 -14.08
C GLU A 344 23.49 -0.73 -12.76
N ALA A 345 23.09 -0.01 -11.73
CA ALA A 345 23.07 -0.62 -10.40
C ALA A 345 22.20 -1.89 -10.34
N VAL A 346 21.17 -1.97 -11.17
CA VAL A 346 20.34 -3.20 -11.22
C VAL A 346 21.13 -4.43 -11.59
N TYR A 347 22.04 -4.29 -12.55
CA TYR A 347 22.93 -5.37 -12.94
C TYR A 347 23.83 -5.71 -11.78
N ASP A 348 24.42 -4.69 -11.15
CA ASP A 348 25.27 -4.97 -9.98
C ASP A 348 24.56 -5.73 -8.87
N ILE A 349 23.31 -5.38 -8.59
CA ILE A 349 22.49 -6.12 -7.62
C ILE A 349 22.34 -7.61 -8.10
N ALA A 350 22.10 -7.78 -9.38
CA ALA A 350 21.84 -9.11 -9.94
C ALA A 350 23.07 -9.99 -9.81
N ILE A 351 24.25 -9.40 -10.04
CA ILE A 351 25.52 -10.11 -9.93
C ILE A 351 25.82 -10.44 -8.46
N LYS A 352 25.44 -9.54 -7.56
CA LYS A 352 25.65 -9.77 -6.14
C LYS A 352 24.83 -10.96 -5.69
N MET A 353 23.57 -11.04 -6.12
CA MET A 353 22.68 -12.16 -5.77
C MET A 353 23.29 -13.48 -6.28
N ARG A 354 23.75 -13.42 -7.51
CA ARG A 354 24.38 -14.57 -8.17
C ARG A 354 25.58 -15.11 -7.39
N ASP A 355 26.46 -14.22 -6.90
CA ASP A 355 27.80 -14.61 -6.45
C ASP A 355 27.94 -14.63 -4.99
N HIS A 356 27.05 -13.96 -4.26
CA HIS A 356 27.20 -13.86 -2.82
C HIS A 356 26.01 -14.38 -2.05
N TYR A 357 24.89 -14.63 -2.72
CA TYR A 357 23.74 -15.08 -1.95
C TYR A 357 23.13 -16.33 -2.53
N ASP A 358 24.05 -17.20 -3.03
CA ASP A 358 23.78 -18.57 -3.48
C ASP A 358 22.81 -18.57 -4.65
N ASN A 359 22.80 -17.47 -5.40
CA ASN A 359 21.77 -17.28 -6.40
C ASN A 359 20.35 -17.73 -6.02
N ILE A 360 19.93 -17.55 -4.76
CA ILE A 360 18.56 -17.84 -4.46
C ILE A 360 17.52 -17.01 -5.30
N PRO A 361 16.26 -17.45 -5.32
CA PRO A 361 15.34 -16.65 -6.13
C PRO A 361 15.06 -15.26 -5.57
N TRP A 362 14.94 -14.29 -6.48
CA TRP A 362 14.59 -12.91 -6.08
C TRP A 362 13.88 -12.22 -7.22
N PHE A 363 13.08 -11.22 -6.92
CA PHE A 363 12.55 -10.30 -7.93
C PHE A 363 12.73 -8.80 -7.58
N LEU A 364 12.73 -7.96 -8.59
CA LEU A 364 12.91 -6.54 -8.38
C LEU A 364 11.57 -6.01 -8.01
N SER A 365 11.39 -5.77 -6.73
CA SER A 365 10.07 -5.64 -6.11
C SER A 365 9.55 -4.22 -6.05
N GLU A 366 10.39 -3.24 -6.38
CA GLU A 366 9.94 -1.84 -6.37
C GLU A 366 10.91 -1.05 -7.24
N ASN A 367 10.47 -0.61 -8.39
CA ASN A 367 11.35 0.16 -9.26
C ASN A 367 10.44 1.12 -9.93
N GLY A 368 10.73 2.42 -9.83
CA GLY A 368 9.94 3.46 -10.47
C GLY A 368 10.57 4.81 -10.29
N VAL A 369 9.91 5.78 -10.88
CA VAL A 369 10.36 7.18 -10.89
C VAL A 369 9.17 8.10 -10.65
N GLY A 370 9.40 9.08 -9.78
CA GLY A 370 8.38 9.96 -9.27
C GLY A 370 8.65 11.39 -9.75
N ILE A 371 7.61 12.08 -10.22
CA ILE A 371 7.70 13.41 -10.88
C ILE A 371 6.52 14.21 -10.40
N SER A 372 6.70 15.50 -10.14
CA SER A 372 5.59 16.42 -9.86
C SER A 372 5.00 17.09 -11.14
N GLY A 373 3.87 17.75 -10.98
CA GLY A 373 3.31 18.55 -12.06
C GLY A 373 3.08 17.79 -13.37
N GLU A 374 2.58 16.56 -13.27
CA GLU A 374 2.44 15.77 -14.49
C GLU A 374 1.34 16.29 -15.39
N ASP A 375 0.49 17.20 -14.88
CA ASP A 375 -0.41 18.00 -15.74
C ASP A 375 0.24 18.60 -16.91
N ARG A 376 1.44 19.07 -16.70
CA ARG A 376 2.16 19.66 -17.78
C ARG A 376 2.36 18.76 -18.98
N TYR A 377 2.33 17.42 -18.84
CA TYR A 377 2.60 16.50 -19.93
C TYR A 377 1.37 15.88 -20.55
N ARG A 378 0.18 16.36 -20.24
CA ARG A 378 -0.98 15.80 -20.93
C ARG A 378 -0.97 16.26 -22.39
N ASP A 379 -1.37 15.39 -23.30
CA ASP A 379 -1.55 15.73 -24.71
C ASP A 379 -3.02 16.14 -25.01
N GLU A 380 -3.34 16.32 -26.32
CA GLU A 380 -4.71 16.66 -26.83
C GLU A 380 -5.77 15.79 -26.17
N THR A 381 -5.49 14.51 -26.00
CA THR A 381 -6.51 13.60 -25.48
C THR A 381 -6.70 13.65 -23.99
N GLY A 382 -5.85 14.34 -23.24
CA GLY A 382 -5.89 14.33 -21.77
C GLY A 382 -5.03 13.28 -21.04
N GLN A 383 -4.49 12.32 -21.79
CA GLN A 383 -3.59 11.32 -21.26
C GLN A 383 -2.24 11.93 -20.97
N ILE A 384 -1.71 11.67 -19.79
CA ILE A 384 -0.35 12.01 -19.44
C ILE A 384 0.65 11.26 -20.32
N GLN A 385 1.51 11.99 -21.05
CA GLN A 385 2.56 11.41 -21.89
C GLN A 385 3.82 11.35 -21.13
N ASP A 386 3.93 10.32 -20.30
CA ASP A 386 5.08 10.18 -19.40
C ASP A 386 6.20 9.41 -20.03
N ASP A 387 6.75 9.93 -21.13
CA ASP A 387 7.88 9.23 -21.78
C ASP A 387 9.14 9.17 -20.93
N TYR A 388 9.35 10.16 -20.05
CA TYR A 388 10.40 10.03 -19.02
C TYR A 388 10.26 8.72 -18.20
N ARG A 389 9.03 8.29 -17.88
CA ARG A 389 8.82 7.07 -17.05
C ARG A 389 9.07 5.78 -17.87
N ILE A 390 8.55 5.76 -19.10
CA ILE A 390 8.88 4.71 -20.09
C ILE A 390 10.37 4.53 -20.25
N GLN A 391 11.07 5.63 -20.51
CA GLN A 391 12.49 5.58 -20.62
C GLN A 391 13.15 5.04 -19.34
N PHE A 392 12.82 5.60 -18.18
CA PHE A 392 13.40 5.11 -16.93
C PHE A 392 13.14 3.59 -16.77
N LEU A 393 11.89 3.18 -16.88
CA LEU A 393 11.56 1.72 -16.68
C LEU A 393 12.32 0.86 -17.68
N LYS A 394 12.34 1.30 -18.93
CA LYS A 394 13.02 0.59 -20.03
C LYS A 394 14.48 0.39 -19.73
N GLU A 395 15.19 1.45 -19.35
CA GLU A 395 16.61 1.27 -18.96
C GLU A 395 16.85 0.31 -17.81
N HIS A 396 16.02 0.36 -16.78
CA HIS A 396 16.28 -0.45 -15.57
C HIS A 396 16.05 -1.94 -15.93
N LEU A 397 14.96 -2.13 -16.67
CA LEU A 397 14.60 -3.44 -17.24
C LEU A 397 15.65 -3.98 -18.16
N THR A 398 16.34 -3.11 -18.91
CA THR A 398 17.40 -3.55 -19.80
C THR A 398 18.53 -4.12 -18.96
N TYR A 399 18.82 -3.47 -17.84
CA TYR A 399 19.90 -4.00 -17.03
C TYR A 399 19.48 -5.22 -16.22
N LEU A 400 18.20 -5.34 -15.87
CA LEU A 400 17.68 -6.57 -15.24
C LEU A 400 17.83 -7.73 -16.23
N HIS A 401 17.51 -7.50 -17.47
CA HIS A 401 17.69 -8.54 -18.52
C HIS A 401 19.15 -8.99 -18.66
N LYS A 402 20.05 -8.02 -18.69
CA LYS A 402 21.48 -8.28 -18.66
C LYS A 402 21.85 -9.16 -17.48
N GLY A 403 21.33 -8.89 -16.31
CA GLY A 403 21.62 -9.73 -15.13
C GLY A 403 21.07 -11.16 -15.22
N ILE A 404 19.83 -11.30 -15.70
CA ILE A 404 19.27 -12.64 -15.98
C ILE A 404 20.12 -13.39 -17.03
N GLU A 405 20.56 -12.72 -18.09
CA GLU A 405 21.40 -13.38 -19.11
C GLU A 405 22.75 -13.84 -18.52
N ALA A 406 23.23 -13.13 -17.51
CA ALA A 406 24.48 -13.47 -16.86
C ALA A 406 24.28 -14.53 -15.82
N GLY A 407 23.07 -15.02 -15.63
CA GLY A 407 22.86 -16.12 -14.70
C GLY A 407 22.13 -15.75 -13.39
N SER A 408 21.80 -14.46 -13.15
CA SER A 408 21.09 -14.14 -11.92
C SER A 408 19.66 -14.73 -11.91
N ASN A 409 19.29 -15.32 -10.78
CA ASN A 409 18.02 -15.97 -10.64
C ASN A 409 16.87 -14.99 -10.25
N CYS A 410 16.56 -14.09 -11.15
CA CYS A 410 15.46 -13.14 -11.04
C CYS A 410 14.16 -13.63 -11.70
N PHE A 411 13.04 -13.58 -11.01
CA PHE A 411 11.81 -14.19 -11.53
C PHE A 411 10.74 -13.14 -11.72
N GLY A 412 11.05 -11.85 -11.54
CA GLY A 412 9.98 -10.83 -11.73
C GLY A 412 10.35 -9.36 -11.60
N TYR A 413 9.41 -8.48 -11.98
CA TYR A 413 9.61 -7.03 -11.97
C TYR A 413 8.30 -6.35 -11.64
N HIS A 414 8.30 -5.59 -10.58
CA HIS A 414 7.15 -4.86 -10.13
C HIS A 414 7.51 -3.31 -10.18
N VAL A 415 6.71 -2.57 -10.91
CA VAL A 415 6.80 -1.14 -10.99
C VAL A 415 6.18 -0.53 -9.69
N TRP A 416 6.94 0.37 -9.06
CA TRP A 416 6.36 1.29 -8.11
C TRP A 416 5.80 2.56 -8.81
N THR A 417 4.57 2.49 -9.25
CA THR A 417 3.41 2.01 -8.51
C THR A 417 2.30 1.91 -9.59
N PRO A 418 1.38 0.94 -9.48
CA PRO A 418 0.37 0.90 -10.53
C PRO A 418 -0.48 2.18 -10.71
N ILE A 419 -0.99 2.67 -9.60
CA ILE A 419 -1.83 3.83 -9.55
C ILE A 419 -1.25 4.81 -8.53
N ASP A 420 -1.16 6.09 -8.88
CA ASP A 420 -0.63 7.14 -8.02
C ASP A 420 -1.09 6.89 -6.62
N GLY A 421 -0.16 6.93 -5.67
CA GLY A 421 -0.52 6.77 -4.26
C GLY A 421 0.10 7.79 -3.30
N TRP A 422 -0.21 7.63 -2.04
CA TRP A 422 0.20 8.57 -1.00
C TRP A 422 1.57 8.19 -0.53
N SER A 423 2.61 9.02 -0.80
CA SER A 423 3.98 8.69 -0.34
C SER A 423 4.39 9.41 0.98
N TRP A 424 3.72 9.11 2.06
CA TRP A 424 4.24 9.41 3.36
C TRP A 424 4.27 10.99 3.48
N LEU A 425 5.38 11.54 3.99
CA LEU A 425 5.51 13.00 4.12
C LEU A 425 5.32 13.72 2.79
N ASN A 426 5.72 13.12 1.68
CA ASN A 426 5.47 13.77 0.39
C ASN A 426 4.12 13.60 -0.22
N ALA A 427 3.27 12.80 0.43
CA ALA A 427 1.89 12.64 -0.04
C ALA A 427 1.89 12.49 -1.56
N TYR A 428 1.21 13.35 -2.31
CA TYR A 428 1.07 13.25 -3.77
C TYR A 428 1.90 14.27 -4.49
N LYS A 429 2.88 14.87 -3.82
CA LYS A 429 3.81 15.76 -4.52
C LYS A 429 4.39 15.12 -5.79
N ASN A 430 4.95 13.94 -5.64
CA ASN A 430 5.54 13.25 -6.76
C ASN A 430 4.74 11.99 -7.09
N ARG A 431 4.37 11.86 -8.37
CA ARG A 431 3.51 10.78 -8.89
C ARG A 431 4.41 9.74 -9.50
N TYR A 432 4.22 8.49 -9.09
CA TYR A 432 4.92 7.31 -9.61
C TYR A 432 4.06 6.36 -10.51
N GLY A 433 2.78 6.63 -10.68
CA GLY A 433 1.88 5.66 -11.27
C GLY A 433 2.11 5.44 -12.74
N LEU A 434 1.82 4.21 -13.16
CA LEU A 434 1.51 3.99 -14.58
C LEU A 434 0.12 4.58 -14.90
N VAL A 435 -0.71 4.70 -13.89
CA VAL A 435 -2.07 5.16 -14.01
C VAL A 435 -2.24 6.32 -13.03
N GLU A 436 -2.77 7.42 -13.57
CA GLU A 436 -2.97 8.66 -12.83
C GLU A 436 -4.14 8.47 -11.90
N ASN A 437 -4.08 9.07 -10.74
CA ASN A 437 -5.23 9.19 -9.88
C ASN A 437 -5.52 10.67 -9.65
N ASN A 438 -6.77 11.07 -9.83
CA ASN A 438 -7.16 12.42 -9.40
C ASN A 438 -7.45 12.32 -7.92
N ILE A 439 -6.72 13.04 -7.09
CA ILE A 439 -6.90 12.85 -5.69
C ILE A 439 -8.12 13.51 -5.08
N HIS A 440 -8.89 14.26 -5.86
CA HIS A 440 -10.11 14.80 -5.33
C HIS A 440 -11.28 13.90 -5.71
N THR A 441 -11.30 13.34 -6.91
CA THR A 441 -12.43 12.51 -7.38
C THR A 441 -12.16 11.00 -7.33
N GLN A 442 -10.91 10.61 -7.05
CA GLN A 442 -10.44 9.23 -7.12
C GLN A 442 -10.70 8.51 -8.46
N VAL A 443 -10.85 9.30 -9.51
CA VAL A 443 -10.92 8.75 -10.86
C VAL A 443 -9.53 8.44 -11.39
N ARG A 444 -9.40 7.24 -11.97
CA ARG A 444 -8.13 6.81 -12.57
C ARG A 444 -8.07 7.11 -14.07
N ARG A 445 -6.88 7.33 -14.58
CA ARG A 445 -6.67 7.45 -15.98
C ARG A 445 -5.30 6.95 -16.35
N PRO A 446 -5.22 5.86 -17.14
CA PRO A 446 -3.91 5.32 -17.57
C PRO A 446 -3.04 6.35 -18.21
N LYS A 447 -1.74 6.30 -17.93
CA LYS A 447 -0.76 7.17 -18.59
C LYS A 447 -0.19 6.39 -19.75
N ALA A 448 0.54 7.08 -20.62
CA ALA A 448 1.24 6.38 -21.69
C ALA A 448 2.09 5.20 -21.21
N SER A 449 2.67 5.30 -20.02
CA SER A 449 3.55 4.23 -19.57
C SER A 449 2.75 2.97 -19.27
N ALA A 450 1.47 3.09 -18.93
CA ALA A 450 0.64 1.92 -18.70
C ALA A 450 0.49 1.06 -19.97
N TYR A 451 0.31 1.70 -21.13
CA TYR A 451 0.19 1.01 -22.42
C TYR A 451 1.53 0.49 -22.87
N TRP A 452 2.61 1.16 -22.53
CA TRP A 452 3.91 0.63 -22.86
C TRP A 452 4.20 -0.64 -22.03
N PHE A 453 3.88 -0.60 -20.74
CA PHE A 453 4.24 -1.70 -19.88
C PHE A 453 3.33 -2.89 -20.20
N LYS A 454 2.09 -2.62 -20.61
CA LYS A 454 1.15 -3.64 -21.06
C LYS A 454 1.73 -4.51 -22.16
N LYS A 455 2.34 -3.86 -23.14
CA LYS A 455 3.03 -4.50 -24.21
C LYS A 455 4.17 -5.39 -23.74
N VAL A 456 5.05 -4.83 -22.93
CA VAL A 456 6.14 -5.57 -22.34
C VAL A 456 5.66 -6.82 -21.54
N ALA A 457 4.67 -6.68 -20.70
CA ALA A 457 4.21 -7.76 -19.88
C ALA A 457 3.54 -8.82 -20.75
N THR A 458 2.74 -8.41 -21.72
CA THR A 458 1.96 -9.33 -22.57
C THR A 458 2.87 -10.06 -23.50
N HIS A 459 3.81 -9.39 -24.13
CA HIS A 459 4.74 -10.09 -25.04
C HIS A 459 5.93 -10.72 -24.33
N ASN A 460 6.07 -10.45 -23.03
CA ASN A 460 7.19 -10.96 -22.24
C ASN A 460 8.52 -10.57 -22.79
N ARG A 461 8.64 -9.32 -23.24
CA ARG A 461 9.87 -8.81 -23.84
C ARG A 461 9.88 -7.27 -24.02
N LEU A 462 11.07 -6.74 -24.23
CA LEU A 462 11.31 -5.33 -24.56
C LEU A 462 11.84 -5.13 -26.01
N ILE A 463 11.65 -3.89 -26.53
CA ILE A 463 12.27 -3.29 -27.79
C ILE A 463 11.79 -4.11 -28.95
N MET B 1 -19.74 -32.75 2.24
CA MET B 1 -19.31 -33.77 1.25
C MET B 1 -18.09 -33.34 0.44
N LEU B 2 -17.04 -34.15 0.53
CA LEU B 2 -15.93 -34.10 -0.40
C LEU B 2 -16.14 -35.17 -1.49
N ALA B 3 -16.45 -34.72 -2.71
CA ALA B 3 -16.74 -35.57 -3.86
C ALA B 3 -15.47 -35.76 -4.65
N PHE B 4 -15.20 -36.97 -5.10
CA PHE B 4 -13.99 -37.28 -5.87
C PHE B 4 -14.28 -37.23 -7.35
N PRO B 5 -13.22 -37.17 -8.21
CA PRO B 5 -13.39 -37.18 -9.64
C PRO B 5 -14.22 -38.40 -10.13
N LYS B 6 -14.88 -38.24 -11.27
CA LYS B 6 -15.58 -39.36 -11.94
C LYS B 6 -14.56 -40.40 -12.33
N GLU B 7 -14.96 -41.65 -12.21
CA GLU B 7 -14.07 -42.76 -12.57
C GLU B 7 -12.83 -42.99 -11.63
N PHE B 8 -12.76 -42.31 -10.51
CA PHE B 8 -11.74 -42.53 -9.50
C PHE B 8 -11.61 -44.02 -9.16
N TRP B 9 -10.38 -44.51 -9.10
CA TRP B 9 -10.14 -45.89 -8.65
C TRP B 9 -10.35 -45.98 -7.16
N TRP B 10 -11.14 -46.96 -6.77
CA TRP B 10 -11.36 -47.31 -5.36
C TRP B 10 -11.06 -48.78 -5.21
N GLY B 11 -10.09 -49.08 -4.37
CA GLY B 11 -9.82 -50.47 -4.08
C GLY B 11 -8.68 -50.62 -3.14
N GLY B 12 -8.01 -51.75 -3.27
CA GLY B 12 -6.84 -51.97 -2.49
C GLY B 12 -5.79 -52.72 -3.21
N ALA B 13 -4.63 -52.78 -2.53
CA ALA B 13 -3.41 -53.36 -3.06
C ALA B 13 -2.93 -54.49 -2.24
N THR B 14 -2.33 -55.43 -2.91
CA THR B 14 -1.64 -56.52 -2.27
C THR B 14 -0.46 -56.92 -3.19
N SER B 15 0.16 -58.07 -2.92
CA SER B 15 1.22 -58.57 -3.84
C SER B 15 1.11 -60.05 -3.88
N GLY B 16 1.69 -60.69 -4.88
CA GLY B 16 1.59 -62.16 -4.95
C GLY B 16 2.24 -62.86 -3.75
N PRO B 17 3.45 -62.44 -3.39
CA PRO B 17 4.24 -63.07 -2.31
C PRO B 17 3.56 -62.98 -0.98
N GLN B 18 2.83 -61.90 -0.77
CA GLN B 18 2.20 -61.69 0.52
C GLN B 18 0.77 -62.30 0.64
N SER B 19 0.15 -62.66 -0.50
CA SER B 19 -1.28 -63.07 -0.52
C SER B 19 -1.49 -64.54 -0.95
N GLU B 20 -0.70 -65.01 -1.89
CA GLU B 20 -0.99 -66.31 -2.56
C GLU B 20 -0.75 -67.57 -1.77
N GLY B 21 0.42 -67.63 -1.12
CA GLY B 21 0.99 -68.86 -0.57
C GLY B 21 1.84 -69.48 -1.65
N ARG B 22 2.65 -70.43 -1.23
CA ARG B 22 3.57 -71.10 -2.16
C ARG B 22 2.94 -72.34 -2.86
N PHE B 23 1.66 -72.57 -2.66
CA PHE B 23 0.96 -73.68 -3.27
C PHE B 23 1.27 -73.74 -4.76
N ALA B 24 1.67 -74.92 -5.23
CA ALA B 24 1.93 -75.13 -6.64
C ALA B 24 2.97 -74.22 -7.30
N LYS B 25 3.78 -73.49 -6.51
CA LYS B 25 4.66 -72.48 -7.06
C LYS B 25 6.03 -73.09 -7.32
N GLN B 26 6.46 -73.04 -8.58
CA GLN B 26 7.64 -73.75 -9.00
C GLN B 26 8.92 -73.33 -8.27
N HIS B 27 9.19 -72.03 -8.22
CA HIS B 27 10.44 -71.52 -7.65
C HIS B 27 10.28 -70.76 -6.34
N ARG B 28 11.42 -70.57 -5.65
CA ARG B 28 11.51 -69.71 -4.46
C ARG B 28 11.91 -68.27 -4.82
N ASN B 29 11.19 -67.28 -4.27
CA ASN B 29 11.70 -65.94 -4.31
C ASN B 29 12.64 -65.71 -3.12
N LEU B 30 13.28 -64.54 -3.08
CA LEU B 30 14.20 -64.26 -2.01
C LEU B 30 13.62 -64.50 -0.64
N PHE B 31 12.37 -64.09 -0.44
CA PHE B 31 11.72 -64.19 0.87
C PHE B 31 11.37 -65.65 1.23
N ASP B 32 10.87 -66.41 0.27
CA ASP B 32 10.66 -67.86 0.45
C ASP B 32 11.92 -68.52 0.95
N TYR B 33 13.05 -68.15 0.33
CA TYR B 33 14.37 -68.70 0.68
C TYR B 33 14.76 -68.31 2.08
N TRP B 34 14.64 -67.02 2.36
CA TRP B 34 15.03 -66.55 3.66
C TRP B 34 14.26 -67.23 4.75
N TYR B 35 12.97 -67.48 4.51
CA TYR B 35 12.17 -68.14 5.52
C TYR B 35 12.60 -69.63 5.69
N GLU B 36 13.01 -70.31 4.62
CA GLU B 36 13.47 -71.71 4.74
C GLU B 36 14.73 -71.77 5.59
N GLU B 37 15.61 -70.78 5.38
CA GLU B 37 16.87 -70.68 6.12
C GLU B 37 16.73 -70.16 7.54
N GLU B 38 15.81 -69.21 7.83
CA GLU B 38 15.84 -68.54 9.12
C GLU B 38 14.45 -68.16 9.63
N PRO B 39 13.65 -69.15 9.97
CA PRO B 39 12.28 -68.87 10.38
C PRO B 39 12.10 -68.02 11.60
N ASP B 40 13.07 -68.11 12.51
CA ASP B 40 13.06 -67.39 13.80
C ASP B 40 13.12 -65.86 13.59
N LEU B 41 13.48 -65.41 12.38
CA LEU B 41 13.40 -64.00 11.97
C LEU B 41 12.00 -63.45 11.68
N PHE B 42 10.99 -64.34 11.63
CA PHE B 42 9.65 -64.03 11.18
C PHE B 42 8.74 -64.18 12.36
N TYR B 43 7.83 -63.24 12.53
CA TYR B 43 7.11 -63.17 13.77
C TYR B 43 6.18 -64.40 13.85
N ASP B 44 6.24 -65.03 15.02
CA ASP B 44 5.56 -66.25 15.34
C ASP B 44 5.92 -67.39 14.40
N TYR B 45 7.06 -67.31 13.74
CA TYR B 45 7.54 -68.32 12.84
C TYR B 45 6.68 -68.47 11.59
N VAL B 46 5.80 -67.52 11.32
CA VAL B 46 4.90 -67.65 10.18
C VAL B 46 5.59 -67.19 8.90
N GLY B 47 5.78 -68.11 7.96
CA GLY B 47 6.36 -67.76 6.68
C GLY B 47 5.34 -67.56 5.54
N PRO B 48 5.83 -67.60 4.29
CA PRO B 48 4.99 -67.36 3.12
C PRO B 48 4.30 -68.59 2.50
N ASP B 49 4.47 -69.75 3.11
CA ASP B 49 4.05 -70.99 2.51
C ASP B 49 2.55 -71.06 2.25
N THR B 50 1.76 -70.59 3.20
CA THR B 50 0.33 -70.45 2.99
C THR B 50 -0.13 -68.99 2.83
N ALA B 51 0.49 -68.07 3.57
CA ALA B 51 0.11 -66.63 3.55
C ALA B 51 -1.39 -66.47 3.76
N SER B 52 -2.10 -65.74 2.89
CA SER B 52 -3.54 -65.64 3.10
C SER B 52 -4.30 -66.45 2.05
N ASP B 53 -3.65 -67.46 1.51
CA ASP B 53 -4.35 -68.49 0.69
C ASP B 53 -5.04 -67.97 -0.57
N ALA B 54 -4.54 -66.87 -1.15
CA ALA B 54 -5.16 -66.36 -2.37
C ALA B 54 -4.99 -67.34 -3.53
N TYR B 55 -4.04 -68.29 -3.44
CA TYR B 55 -3.97 -69.37 -4.39
C TYR B 55 -5.33 -70.04 -4.52
N HIS B 56 -6.03 -70.31 -3.41
CA HIS B 56 -7.31 -71.00 -3.51
C HIS B 56 -8.45 -70.00 -3.54
N GLN B 57 -8.30 -68.90 -2.81
CA GLN B 57 -9.40 -68.04 -2.54
C GLN B 57 -9.50 -66.82 -3.39
N ILE B 58 -8.62 -66.63 -4.36
CA ILE B 58 -8.69 -65.37 -5.13
C ILE B 58 -10.12 -65.03 -5.70
N GLU B 59 -10.83 -66.02 -6.25
CA GLU B 59 -12.16 -65.75 -6.86
C GLU B 59 -13.21 -65.27 -5.83
N SER B 60 -13.33 -65.99 -4.73
CA SER B 60 -14.30 -65.63 -3.66
C SER B 60 -13.84 -64.30 -3.03
N ASP B 61 -12.50 -64.07 -2.88
CA ASP B 61 -12.04 -62.74 -2.37
C ASP B 61 -12.51 -61.60 -3.26
N LEU B 62 -12.32 -61.74 -4.57
CA LEU B 62 -12.71 -60.66 -5.49
C LEU B 62 -14.26 -60.42 -5.53
N THR B 63 -15.02 -61.48 -5.44
CA THR B 63 -16.51 -61.38 -5.24
C THR B 63 -16.82 -60.60 -3.96
N LEU B 64 -16.16 -60.94 -2.86
CA LEU B 64 -16.32 -60.14 -1.61
C LEU B 64 -15.87 -58.67 -1.77
N LEU B 65 -14.73 -58.41 -2.42
CA LEU B 65 -14.27 -57.03 -2.61
C LEU B 65 -15.22 -56.24 -3.51
N ALA B 66 -15.76 -56.87 -4.57
CA ALA B 66 -16.78 -56.12 -5.37
C ALA B 66 -18.03 -55.84 -4.54
N SER B 67 -18.40 -56.73 -3.64
CA SER B 67 -19.57 -56.44 -2.85
C SER B 67 -19.24 -55.39 -1.78
N LEU B 68 -17.93 -55.14 -1.51
CA LEU B 68 -17.50 -54.05 -0.61
C LEU B 68 -17.14 -52.76 -1.32
N GLY B 69 -17.61 -52.66 -2.57
CA GLY B 69 -17.60 -51.45 -3.35
C GLY B 69 -16.31 -51.25 -4.13
N HIS B 70 -15.42 -52.23 -4.21
CA HIS B 70 -14.13 -51.93 -4.86
C HIS B 70 -14.33 -52.00 -6.37
N ASN B 71 -13.73 -51.08 -7.12
CA ASN B 71 -13.80 -51.09 -8.59
C ASN B 71 -12.48 -51.43 -9.28
N SER B 72 -11.50 -51.83 -8.46
CA SER B 72 -10.14 -52.01 -8.87
C SER B 72 -9.43 -52.81 -7.80
N TYR B 73 -8.41 -53.53 -8.23
CA TYR B 73 -7.60 -54.36 -7.35
C TYR B 73 -6.21 -54.41 -7.94
N ARG B 74 -5.22 -54.13 -7.10
CA ARG B 74 -3.80 -54.27 -7.55
C ARG B 74 -3.12 -55.42 -6.89
N THR B 75 -2.44 -56.26 -7.68
CA THR B 75 -1.61 -57.35 -7.11
C THR B 75 -0.40 -57.50 -7.98
N SER B 76 0.39 -58.53 -7.74
CA SER B 76 1.56 -58.73 -8.59
C SER B 76 1.57 -60.15 -9.18
N ILE B 77 2.16 -60.23 -10.36
CA ILE B 77 2.45 -61.55 -10.95
C ILE B 77 3.85 -61.97 -10.48
N GLN B 78 3.98 -63.13 -9.83
CA GLN B 78 5.30 -63.56 -9.39
C GLN B 78 6.04 -64.24 -10.52
N TRP B 79 7.21 -63.71 -10.83
CA TRP B 79 8.22 -64.34 -11.70
C TRP B 79 8.43 -65.78 -11.33
N THR B 80 8.52 -66.07 -10.04
CA THR B 80 8.75 -67.38 -9.53
C THR B 80 7.57 -68.36 -9.69
N ARG B 81 6.38 -67.89 -10.08
CA ARG B 81 5.25 -68.75 -10.35
C ARG B 81 5.04 -68.93 -11.85
N LEU B 82 5.18 -67.86 -12.60
CA LEU B 82 4.77 -67.89 -13.98
C LEU B 82 5.81 -68.60 -14.87
N ILE B 83 7.08 -68.45 -14.53
CA ILE B 83 8.17 -68.87 -15.39
C ILE B 83 8.74 -70.20 -14.92
N ASP B 84 8.91 -71.08 -15.91
CA ASP B 84 9.50 -72.40 -15.69
C ASP B 84 11.02 -72.24 -15.75
N ASP B 85 11.53 -72.01 -16.96
CA ASP B 85 12.96 -71.87 -17.21
C ASP B 85 13.28 -70.40 -17.27
N PHE B 86 13.95 -69.89 -16.25
CA PHE B 86 14.25 -68.39 -16.26
C PHE B 86 15.05 -67.89 -17.43
N GLU B 87 15.96 -68.68 -17.97
CA GLU B 87 16.81 -68.22 -19.15
C GLU B 87 16.03 -68.07 -20.42
N GLN B 88 15.06 -68.94 -20.64
CA GLN B 88 14.20 -68.80 -21.83
C GLN B 88 12.88 -68.13 -21.59
N ALA B 89 12.47 -67.97 -20.34
CA ALA B 89 11.12 -67.44 -20.07
C ALA B 89 10.08 -68.37 -20.69
N THR B 90 10.20 -69.67 -20.40
CA THR B 90 9.15 -70.59 -20.72
C THR B 90 8.14 -70.54 -19.59
N ILE B 91 6.94 -71.02 -19.90
CA ILE B 91 5.80 -70.84 -19.06
C ILE B 91 5.48 -72.05 -18.25
N ASN B 92 5.23 -71.88 -16.96
CA ASN B 92 4.71 -72.94 -16.09
C ASN B 92 3.20 -72.90 -16.31
N PRO B 93 2.63 -74.02 -16.82
CA PRO B 93 1.21 -73.96 -17.25
C PRO B 93 0.27 -73.81 -16.08
N ASP B 94 0.63 -74.33 -14.91
CA ASP B 94 -0.17 -74.07 -13.72
C ASP B 94 -0.19 -72.55 -13.37
N GLY B 95 0.99 -71.92 -13.37
CA GLY B 95 1.13 -70.50 -13.03
C GLY B 95 0.33 -69.68 -14.01
N LEU B 96 0.41 -70.02 -15.32
CA LEU B 96 -0.38 -69.30 -16.31
C LEU B 96 -1.87 -69.43 -16.02
N ALA B 97 -2.35 -70.60 -15.66
CA ALA B 97 -3.75 -70.77 -15.45
C ALA B 97 -4.23 -70.02 -14.17
N TYR B 98 -3.39 -70.02 -13.16
CA TYR B 98 -3.67 -69.28 -11.92
C TYR B 98 -3.81 -67.78 -12.21
N TYR B 99 -2.83 -67.19 -12.88
CA TYR B 99 -3.00 -65.74 -13.25
C TYR B 99 -4.19 -65.45 -14.19
N ASN B 100 -4.57 -66.41 -15.07
CA ASN B 100 -5.79 -66.16 -15.86
C ASN B 100 -7.00 -66.25 -14.97
N ARG B 101 -7.01 -67.10 -13.96
CA ARG B 101 -8.11 -67.16 -13.00
C ARG B 101 -8.21 -65.79 -12.23
N VAL B 102 -7.07 -65.19 -11.86
CA VAL B 102 -7.07 -63.88 -11.17
C VAL B 102 -7.67 -62.79 -12.01
N ILE B 103 -7.15 -62.66 -13.22
CA ILE B 103 -7.61 -61.65 -14.13
C ILE B 103 -9.08 -61.80 -14.57
N ASP B 104 -9.50 -63.04 -14.90
CA ASP B 104 -10.85 -63.24 -15.37
C ASP B 104 -11.79 -63.01 -14.19
N ALA B 105 -11.38 -63.36 -12.97
CA ALA B 105 -12.25 -63.15 -11.80
C ALA B 105 -12.41 -61.63 -11.53
N CYS B 106 -11.39 -60.82 -11.83
CA CYS B 106 -11.54 -59.38 -11.68
C CYS B 106 -12.61 -58.88 -12.63
N LEU B 107 -12.46 -59.24 -13.91
CA LEU B 107 -13.39 -58.72 -14.91
C LEU B 107 -14.79 -59.26 -14.67
N ALA B 108 -14.94 -60.52 -14.24
CA ALA B 108 -16.25 -61.08 -13.99
C ALA B 108 -16.95 -60.32 -12.85
N ASN B 109 -16.19 -59.71 -11.91
CA ASN B 109 -16.79 -58.95 -10.80
C ASN B 109 -16.84 -57.47 -11.04
N GLY B 110 -16.54 -56.99 -12.25
CA GLY B 110 -16.47 -55.56 -12.50
C GLY B 110 -15.27 -54.88 -11.86
N ILE B 111 -14.20 -55.60 -11.57
CA ILE B 111 -13.03 -55.01 -10.94
C ILE B 111 -11.95 -54.88 -11.99
N ARG B 112 -11.47 -53.67 -12.21
CA ARG B 112 -10.28 -53.43 -12.98
C ARG B 112 -8.98 -54.06 -12.39
N PRO B 113 -8.32 -54.97 -13.15
CA PRO B 113 -7.13 -55.66 -12.67
C PRO B 113 -5.98 -54.75 -12.87
N VAL B 114 -5.16 -54.55 -11.85
CA VAL B 114 -4.06 -53.62 -11.98
C VAL B 114 -2.87 -54.49 -11.59
N ILE B 115 -1.89 -54.66 -12.49
CA ILE B 115 -0.85 -55.64 -12.27
C ILE B 115 0.55 -55.06 -12.19
N ASN B 116 1.25 -55.41 -11.11
CA ASN B 116 2.66 -55.09 -10.93
C ASN B 116 3.44 -56.38 -11.25
N LEU B 117 4.64 -56.23 -11.79
CA LEU B 117 5.50 -57.33 -12.20
C LEU B 117 6.53 -57.74 -11.21
N HIS B 118 6.80 -56.91 -10.20
CA HIS B 118 7.91 -57.17 -9.30
C HIS B 118 7.65 -56.55 -7.92
N HIS B 119 7.57 -57.37 -6.89
CA HIS B 119 7.29 -56.89 -5.52
C HIS B 119 8.21 -57.64 -4.55
N PHE B 120 9.48 -57.20 -4.56
CA PHE B 120 10.55 -57.69 -3.64
C PHE B 120 10.75 -59.19 -3.78
N ASP B 121 10.46 -59.72 -4.97
CA ASP B 121 10.38 -61.20 -5.15
C ASP B 121 11.23 -61.74 -6.31
N LEU B 122 12.41 -61.15 -6.51
CA LEU B 122 13.44 -61.78 -7.36
C LEU B 122 13.58 -63.33 -7.04
N PRO B 123 13.59 -64.15 -8.09
CA PRO B 123 13.94 -65.58 -7.87
C PRO B 123 15.35 -65.73 -7.26
N ILE B 124 15.42 -66.53 -6.22
CA ILE B 124 16.66 -66.81 -5.52
C ILE B 124 17.71 -67.45 -6.41
N ALA B 125 17.28 -68.24 -7.39
CA ALA B 125 18.19 -68.92 -8.29
C ALA B 125 18.94 -67.85 -9.02
N LEU B 126 18.29 -66.75 -9.38
CA LEU B 126 18.97 -65.72 -10.17
C LEU B 126 19.91 -64.87 -9.38
N TYR B 127 19.63 -64.78 -8.07
CA TYR B 127 20.58 -64.22 -7.15
C TYR B 127 21.86 -65.12 -7.01
N GLN B 128 21.63 -66.39 -6.71
CA GLN B 128 22.71 -67.36 -6.49
C GLN B 128 23.56 -67.42 -7.76
N ALA B 129 22.96 -67.44 -8.92
CA ALA B 129 23.74 -67.58 -10.15
C ALA B 129 24.46 -66.32 -10.55
N TYR B 130 23.80 -65.18 -10.50
CA TYR B 130 24.29 -63.96 -11.14
C TYR B 130 24.40 -62.74 -10.26
N GLY B 131 24.13 -62.84 -8.96
CA GLY B 131 23.97 -61.67 -8.10
C GLY B 131 22.68 -60.84 -8.26
N GLY B 132 21.66 -61.43 -8.90
CA GLY B 132 20.33 -60.80 -8.97
C GLY B 132 20.28 -59.52 -9.78
N TRP B 133 19.74 -58.46 -9.18
CA TRP B 133 19.60 -57.18 -9.88
C TRP B 133 20.96 -56.49 -10.18
N GLU B 134 22.05 -57.01 -9.59
CA GLU B 134 23.44 -56.60 -9.94
C GLU B 134 23.77 -56.92 -11.38
N SER B 135 23.07 -57.87 -11.99
CA SER B 135 23.38 -58.31 -13.35
C SER B 135 22.42 -57.80 -14.42
N LYS B 136 22.98 -57.15 -15.43
CA LYS B 136 22.20 -56.70 -16.53
C LYS B 136 21.66 -57.88 -17.36
N HIS B 137 22.19 -59.08 -17.14
CA HIS B 137 21.60 -60.28 -17.75
C HIS B 137 20.21 -60.55 -17.06
N VAL B 138 20.18 -60.51 -15.74
CA VAL B 138 18.93 -60.69 -14.98
C VAL B 138 17.92 -59.67 -15.47
N VAL B 139 18.35 -58.43 -15.75
CA VAL B 139 17.45 -57.44 -16.34
C VAL B 139 16.79 -57.90 -17.63
N ASP B 140 17.57 -58.49 -18.56
CA ASP B 140 16.96 -59.03 -19.80
C ASP B 140 16.05 -60.22 -19.55
N LEU B 141 16.41 -61.09 -18.60
CA LEU B 141 15.50 -62.15 -18.19
C LEU B 141 14.15 -61.57 -17.62
N PHE B 142 14.24 -60.46 -16.87
CA PHE B 142 13.02 -59.82 -16.27
C PHE B 142 12.19 -59.30 -17.44
N VAL B 143 12.87 -58.73 -18.44
CA VAL B 143 12.15 -58.20 -19.60
C VAL B 143 11.46 -59.34 -20.36
N ALA B 144 12.15 -60.43 -20.55
CA ALA B 144 11.57 -61.60 -21.24
C ALA B 144 10.24 -62.06 -20.45
N PHE B 145 10.35 -62.24 -19.12
CA PHE B 145 9.18 -62.49 -18.20
C PHE B 145 8.06 -61.50 -18.52
N SER B 146 8.42 -60.23 -18.61
CA SER B 146 7.41 -59.20 -18.73
C SER B 146 6.67 -59.34 -20.06
N LYS B 147 7.39 -59.64 -21.12
CA LYS B 147 6.75 -59.88 -22.43
C LYS B 147 5.82 -61.05 -22.41
N VAL B 148 6.16 -62.12 -21.72
CA VAL B 148 5.17 -63.23 -21.51
C VAL B 148 3.89 -62.68 -20.87
N CYS B 149 4.05 -61.87 -19.82
CA CYS B 149 2.89 -61.28 -19.12
C CYS B 149 2.07 -60.50 -20.10
N PHE B 150 2.72 -59.65 -20.93
CA PHE B 150 1.93 -58.80 -21.84
C PHE B 150 1.26 -59.67 -22.91
N GLU B 151 1.97 -60.68 -23.41
CA GLU B 151 1.41 -61.60 -24.44
C GLU B 151 0.25 -62.42 -23.89
N GLN B 152 0.36 -62.92 -22.68
CA GLN B 152 -0.73 -63.78 -22.13
C GLN B 152 -1.88 -63.03 -21.49
N PHE B 153 -1.62 -61.82 -21.00
CA PHE B 153 -2.67 -61.13 -20.19
C PHE B 153 -3.04 -59.77 -20.68
N GLY B 154 -2.25 -59.18 -21.56
CA GLY B 154 -2.49 -57.83 -22.08
C GLY B 154 -3.72 -57.58 -22.91
N ASP B 155 -4.37 -58.65 -23.34
CA ASP B 155 -5.71 -58.56 -23.94
C ASP B 155 -6.75 -58.13 -22.91
N ARG B 156 -6.56 -58.55 -21.64
CA ARG B 156 -7.52 -58.22 -20.54
C ARG B 156 -7.02 -57.17 -19.52
N VAL B 157 -5.72 -57.21 -19.19
CA VAL B 157 -5.07 -56.17 -18.34
C VAL B 157 -4.59 -54.97 -19.19
N LYS B 158 -5.04 -53.77 -18.84
CA LYS B 158 -4.64 -52.54 -19.49
C LYS B 158 -3.90 -51.58 -18.54
N ASP B 159 -3.54 -52.08 -17.36
CA ASP B 159 -2.93 -51.27 -16.30
C ASP B 159 -1.80 -52.05 -15.67
N TRP B 160 -0.59 -51.70 -16.11
CA TRP B 160 0.64 -52.37 -15.76
C TRP B 160 1.61 -51.45 -15.03
N PHE B 161 2.31 -52.02 -14.06
CA PHE B 161 3.34 -51.32 -13.34
C PHE B 161 4.55 -52.20 -13.28
N VAL B 162 5.73 -51.64 -13.53
CA VAL B 162 6.90 -52.50 -13.60
C VAL B 162 7.41 -52.97 -12.25
N HIS B 163 7.67 -52.07 -11.31
CA HIS B 163 8.13 -52.49 -9.98
C HIS B 163 7.26 -51.84 -8.93
N ASN B 164 7.21 -52.45 -7.76
CA ASN B 164 6.77 -51.76 -6.53
C ASN B 164 8.01 -51.28 -5.74
N GLU B 165 8.22 -49.98 -5.73
CA GLU B 165 9.30 -49.34 -4.87
C GLU B 165 10.69 -49.89 -5.03
N PRO B 166 11.24 -49.70 -6.21
CA PRO B 166 12.58 -50.21 -6.49
C PRO B 166 13.69 -49.73 -5.51
N MET B 167 13.53 -48.57 -4.87
CA MET B 167 14.50 -48.11 -3.89
C MET B 167 14.42 -48.93 -2.64
N VAL B 168 13.23 -49.44 -2.29
CA VAL B 168 13.12 -50.30 -1.13
C VAL B 168 13.86 -51.62 -1.38
N VAL B 169 13.86 -52.10 -2.61
CA VAL B 169 14.70 -53.27 -2.98
C VAL B 169 16.20 -52.96 -2.78
N VAL B 170 16.61 -51.84 -3.35
CA VAL B 170 18.01 -51.37 -3.21
C VAL B 170 18.38 -51.36 -1.76
N GLU B 171 17.54 -50.73 -0.96
CA GLU B 171 17.91 -50.52 0.45
C GLU B 171 17.86 -51.76 1.27
N GLY B 172 16.78 -52.52 1.07
CA GLY B 172 16.60 -53.69 1.87
C GLY B 172 17.72 -54.69 1.62
N SER B 173 18.07 -54.89 0.33
CA SER B 173 19.02 -55.94 -0.11
C SER B 173 20.54 -55.55 0.09
N TYR B 174 20.84 -54.27 -0.03
CA TYR B 174 22.19 -53.81 -0.13
C TYR B 174 22.61 -52.67 0.83
N LEU B 175 21.71 -52.17 1.70
CA LEU B 175 22.14 -51.12 2.67
C LEU B 175 21.63 -51.39 4.06
N MET B 176 20.36 -51.72 4.25
CA MET B 176 19.81 -51.70 5.61
C MET B 176 19.33 -53.06 6.10
N GLN B 177 19.65 -54.13 5.38
CA GLN B 177 19.52 -55.48 5.96
C GLN B 177 18.10 -55.88 6.29
N PHE B 178 17.13 -55.56 5.45
CA PHE B 178 15.74 -56.07 5.64
C PHE B 178 15.12 -56.87 4.52
N HIS B 179 15.82 -56.99 3.41
CA HIS B 179 15.56 -57.96 2.36
C HIS B 179 16.80 -58.83 2.25
N TYR B 180 16.57 -60.13 2.03
CA TYR B 180 17.65 -61.01 1.64
C TYR B 180 18.35 -60.55 0.33
N PRO B 181 19.69 -60.37 0.41
CA PRO B 181 20.78 -61.21 0.97
C PRO B 181 21.22 -60.45 2.28
N ALA B 182 20.59 -59.29 2.55
CA ALA B 182 20.81 -58.49 3.73
C ALA B 182 22.29 -58.08 3.88
N ILE B 183 22.94 -57.69 2.79
CA ILE B 183 24.32 -57.27 2.88
C ILE B 183 24.43 -55.75 2.81
N VAL B 184 25.61 -55.26 3.18
CA VAL B 184 25.89 -53.84 3.20
C VAL B 184 26.95 -53.53 2.16
N ASP B 185 26.57 -52.93 1.04
CA ASP B 185 27.46 -52.75 -0.10
C ASP B 185 26.91 -51.67 -1.01
N GLY B 186 27.38 -50.44 -0.75
CA GLY B 186 26.91 -49.24 -1.43
C GLY B 186 27.09 -49.22 -2.90
N LYS B 187 28.26 -49.67 -3.33
CA LYS B 187 28.60 -49.73 -4.74
C LYS B 187 27.64 -50.63 -5.50
N LYS B 188 27.40 -51.82 -4.94
CA LYS B 188 26.35 -52.72 -5.50
C LYS B 188 24.94 -52.06 -5.47
N ALA B 189 24.64 -51.44 -4.33
CA ALA B 189 23.37 -50.74 -4.17
C ALA B 189 23.17 -49.76 -5.26
N VAL B 190 24.22 -49.03 -5.63
CA VAL B 190 24.05 -48.03 -6.70
C VAL B 190 23.85 -48.62 -8.09
N GLN B 191 24.57 -49.71 -8.37
CA GLN B 191 24.44 -50.34 -9.67
C GLN B 191 23.04 -50.99 -9.74
N VAL B 192 22.63 -51.60 -8.64
CA VAL B 192 21.25 -52.15 -8.55
C VAL B 192 20.19 -51.07 -8.81
N ALA B 193 20.37 -49.88 -8.23
CA ALA B 193 19.44 -48.79 -8.53
C ALA B 193 19.34 -48.51 -10.02
N TYR B 194 20.51 -48.34 -10.66
CA TYR B 194 20.56 -48.09 -12.11
C TYR B 194 19.88 -49.21 -12.90
N ASN B 195 20.21 -50.43 -12.50
CA ASN B 195 19.75 -51.62 -13.21
C ASN B 195 18.20 -51.69 -13.11
N LEU B 196 17.67 -51.41 -11.92
CA LEU B 196 16.21 -51.36 -11.74
C LEU B 196 15.61 -50.32 -12.59
N ALA B 197 16.22 -49.13 -12.64
CA ALA B 197 15.69 -48.08 -13.52
C ALA B 197 15.78 -48.40 -15.02
N LEU B 198 16.86 -49.01 -15.40
CA LEU B 198 16.99 -49.48 -16.76
C LEU B 198 15.95 -50.56 -17.09
N ALA B 199 15.77 -51.52 -16.19
CA ALA B 199 14.70 -52.53 -16.29
C ALA B 199 13.32 -51.91 -16.56
N THR B 200 13.02 -50.76 -15.93
CA THR B 200 11.73 -50.08 -16.16
C THR B 200 11.55 -49.62 -17.60
N ALA B 201 12.59 -48.97 -18.09
CA ALA B 201 12.59 -48.44 -19.48
C ALA B 201 12.50 -49.56 -20.55
N LYS B 202 13.27 -50.62 -20.33
CA LYS B 202 13.25 -51.86 -21.17
C LYS B 202 11.91 -52.61 -21.13
N VAL B 203 11.28 -52.70 -19.94
CA VAL B 203 9.96 -53.31 -19.93
C VAL B 203 8.98 -52.43 -20.65
N ILE B 204 9.10 -51.11 -20.46
CA ILE B 204 8.15 -50.19 -21.10
C ILE B 204 8.31 -50.25 -22.64
N GLN B 205 9.56 -50.38 -23.10
CA GLN B 205 9.87 -50.54 -24.55
C GLN B 205 9.20 -51.84 -25.03
N ALA B 206 9.40 -52.90 -24.28
CA ALA B 206 8.74 -54.16 -24.63
C ALA B 206 7.22 -54.05 -24.69
N TYR B 207 6.61 -53.38 -23.71
CA TYR B 207 5.19 -53.18 -23.75
C TYR B 207 4.70 -52.53 -25.06
N ARG B 208 5.35 -51.43 -25.41
CA ARG B 208 4.91 -50.54 -26.47
C ARG B 208 5.18 -51.15 -27.89
N ARG B 209 6.16 -52.05 -27.98
CA ARG B 209 6.40 -52.83 -29.22
C ARG B 209 5.43 -53.94 -29.40
N GLY B 210 4.54 -54.23 -28.45
CA GLY B 210 3.64 -55.36 -28.62
C GLY B 210 2.61 -55.00 -29.71
N PRO B 211 1.89 -55.99 -30.20
CA PRO B 211 0.81 -55.66 -31.13
C PRO B 211 -0.32 -54.80 -30.52
N ALA B 212 -1.04 -54.09 -31.39
CA ALA B 212 -2.08 -53.11 -31.00
C ALA B 212 -2.97 -53.52 -29.83
N GLU B 213 -3.45 -54.74 -29.86
CA GLU B 213 -4.48 -55.16 -28.91
C GLU B 213 -3.93 -55.55 -27.54
N LEU B 214 -2.59 -55.72 -27.47
CA LEU B 214 -1.83 -56.00 -26.24
C LEU B 214 -1.05 -54.80 -25.67
N SER B 215 -0.96 -53.71 -26.42
CA SER B 215 -0.16 -52.54 -26.03
C SER B 215 -0.99 -51.31 -26.03
N ASP B 216 -2.31 -51.43 -26.01
CA ASP B 216 -3.15 -50.24 -25.99
C ASP B 216 -3.53 -49.84 -24.55
N GLY B 217 -2.87 -50.36 -23.52
CA GLY B 217 -3.19 -49.94 -22.15
C GLY B 217 -2.23 -48.85 -21.71
N ARG B 218 -1.95 -48.79 -20.42
CA ARG B 218 -0.98 -47.88 -19.85
C ARG B 218 0.04 -48.62 -19.02
N ILE B 219 1.26 -48.10 -19.02
CA ILE B 219 2.32 -48.74 -18.23
C ILE B 219 3.08 -47.71 -17.42
N GLY B 220 3.31 -48.04 -16.15
CA GLY B 220 4.15 -47.21 -15.35
C GLY B 220 4.97 -47.95 -14.35
N THR B 221 5.24 -47.27 -13.23
CA THR B 221 5.89 -47.87 -12.12
C THR B 221 5.37 -47.24 -10.78
N ILE B 222 5.67 -47.92 -9.70
CA ILE B 222 5.16 -47.54 -8.38
C ILE B 222 6.31 -47.04 -7.52
N LEU B 223 6.30 -45.72 -7.25
CA LEU B 223 7.43 -45.08 -6.57
C LEU B 223 6.91 -44.43 -5.28
N ASN B 224 7.74 -43.55 -4.75
CA ASN B 224 7.49 -42.87 -3.48
C ASN B 224 7.99 -41.41 -3.62
N LEU B 225 7.09 -40.46 -3.37
CA LEU B 225 7.44 -39.07 -3.31
C LEU B 225 7.33 -38.55 -1.85
N THR B 226 7.37 -39.44 -0.85
CA THR B 226 7.34 -39.09 0.59
C THR B 226 8.45 -38.03 0.84
N PRO B 227 8.08 -36.82 1.30
CA PRO B 227 9.11 -35.85 1.50
C PRO B 227 10.05 -36.28 2.62
N ALA B 228 11.27 -35.77 2.58
CA ALA B 228 12.22 -35.92 3.66
C ALA B 228 12.18 -34.57 4.40
N TYR B 229 11.33 -34.50 5.41
CA TYR B 229 11.10 -33.22 6.09
C TYR B 229 12.36 -32.87 6.92
N PRO B 230 12.94 -31.69 6.71
CA PRO B 230 14.12 -31.37 7.55
C PRO B 230 13.73 -31.12 9.03
N ALA B 231 14.63 -31.37 9.96
CA ALA B 231 14.35 -31.13 11.37
C ALA B 231 14.19 -29.68 11.62
N SER B 232 14.90 -28.82 10.88
CA SER B 232 14.81 -27.40 11.02
C SER B 232 15.12 -26.90 9.63
N GLN B 233 14.97 -25.62 9.34
CA GLN B 233 15.43 -25.20 8.03
C GLN B 233 16.74 -24.42 8.09
N SER B 234 17.61 -24.84 9.02
CA SER B 234 19.03 -24.47 8.96
C SER B 234 19.59 -24.89 7.63
N GLU B 235 20.73 -24.28 7.27
CA GLU B 235 21.37 -24.65 6.01
C GLU B 235 21.80 -26.08 6.02
N ALA B 236 22.36 -26.51 7.15
CA ALA B 236 22.83 -27.89 7.25
C ALA B 236 21.64 -28.91 7.13
N ASP B 237 20.53 -28.66 7.84
CA ASP B 237 19.34 -29.56 7.76
C ASP B 237 18.73 -29.59 6.34
N MET B 238 18.72 -28.46 5.66
CA MET B 238 18.18 -28.37 4.34
C MET B 238 19.02 -29.13 3.36
N ALA B 239 20.33 -29.08 3.54
CA ALA B 239 21.21 -29.80 2.65
C ALA B 239 21.04 -31.32 2.84
N ALA B 240 20.84 -31.73 4.08
CA ALA B 240 20.57 -33.10 4.43
C ALA B 240 19.25 -33.59 3.71
N ALA B 241 18.16 -32.81 3.85
CA ALA B 241 16.86 -33.17 3.24
C ALA B 241 16.92 -33.18 1.74
N HIS B 242 17.70 -32.26 1.20
CA HIS B 242 17.86 -32.15 -0.24
C HIS B 242 18.55 -33.37 -0.81
N PHE B 243 19.58 -33.86 -0.13
CA PHE B 243 20.21 -35.07 -0.62
C PHE B 243 19.32 -36.29 -0.31
N ALA B 244 18.71 -36.35 0.87
CA ALA B 244 17.78 -37.47 1.15
C ALA B 244 16.73 -37.66 -0.01
N GLU B 245 16.23 -36.55 -0.54
CA GLU B 245 15.27 -36.54 -1.65
C GLU B 245 15.88 -36.80 -3.01
N LEU B 246 17.05 -36.23 -3.27
CA LEU B 246 17.83 -36.60 -4.48
C LEU B 246 17.93 -38.10 -4.62
N TRP B 247 18.29 -38.77 -3.55
CA TRP B 247 18.48 -40.23 -3.56
C TRP B 247 17.17 -41.02 -3.49
N ASN B 248 16.40 -40.78 -2.43
CA ASN B 248 15.23 -41.60 -2.14
C ASN B 248 14.09 -41.35 -3.07
N ASN B 249 13.95 -40.14 -3.61
CA ASN B 249 12.84 -39.84 -4.45
C ASN B 249 13.19 -39.63 -5.88
N ASP B 250 14.22 -38.83 -6.14
CA ASP B 250 14.40 -38.22 -7.47
C ASP B 250 15.06 -39.21 -8.47
N LEU B 251 15.90 -40.09 -7.99
CA LEU B 251 16.60 -41.00 -8.89
C LEU B 251 15.58 -41.70 -9.77
N PHE B 252 14.60 -42.37 -9.15
CA PHE B 252 13.63 -43.13 -9.94
C PHE B 252 12.57 -42.28 -10.55
N MET B 253 12.14 -41.23 -9.86
CA MET B 253 11.10 -40.36 -10.44
C MET B 253 11.59 -39.65 -11.71
N GLU B 254 12.78 -39.06 -11.67
CA GLU B 254 13.30 -38.37 -12.87
C GLU B 254 13.57 -39.35 -14.00
N ALA B 255 14.13 -40.52 -13.70
CA ALA B 255 14.25 -41.58 -14.75
C ALA B 255 12.89 -41.97 -15.37
N ALA B 256 11.89 -42.21 -14.51
CA ALA B 256 10.55 -42.64 -14.94
C ALA B 256 9.83 -41.59 -15.69
N VAL B 257 9.79 -40.38 -15.15
CA VAL B 257 9.00 -39.32 -15.76
C VAL B 257 9.73 -38.48 -16.85
N HIS B 258 10.97 -38.12 -16.60
CA HIS B 258 11.71 -37.25 -17.54
C HIS B 258 12.73 -38.00 -18.37
N GLY B 259 13.03 -39.26 -18.06
CA GLY B 259 13.93 -40.08 -18.88
C GLY B 259 15.39 -39.77 -18.69
N LYS B 260 15.72 -39.25 -17.52
CA LYS B 260 17.11 -38.88 -17.19
C LYS B 260 17.30 -38.97 -15.70
N PHE B 261 18.52 -39.22 -15.29
CA PHE B 261 18.90 -39.26 -13.90
C PHE B 261 19.16 -37.83 -13.43
N PRO B 262 18.97 -37.56 -12.13
CA PRO B 262 19.24 -36.21 -11.68
C PRO B 262 20.76 -35.90 -11.76
N GLU B 263 21.11 -34.88 -12.51
CA GLU B 263 22.52 -34.51 -12.70
C GLU B 263 23.19 -34.27 -11.39
N GLU B 264 22.45 -33.65 -10.47
CA GLU B 264 23.11 -33.39 -9.18
C GLU B 264 23.50 -34.69 -8.43
N LEU B 265 22.67 -35.73 -8.58
CA LEU B 265 22.93 -36.95 -7.89
C LEU B 265 24.12 -37.66 -8.56
N VAL B 266 24.13 -37.67 -9.90
CA VAL B 266 25.21 -38.31 -10.67
C VAL B 266 26.59 -37.72 -10.28
N ALA B 267 26.64 -36.40 -10.20
CA ALA B 267 27.83 -35.70 -9.65
C ALA B 267 28.30 -36.17 -8.27
N VAL B 268 27.37 -36.36 -7.36
CA VAL B 268 27.76 -36.78 -5.99
C VAL B 268 28.25 -38.22 -5.98
N LEU B 269 27.59 -39.06 -6.77
CA LEU B 269 28.02 -40.44 -6.90
C LEU B 269 29.40 -40.50 -7.64
N LYS B 270 29.59 -39.70 -8.71
CA LYS B 270 30.92 -39.53 -9.39
C LYS B 270 31.99 -39.15 -8.32
N LYS B 271 31.75 -38.08 -7.61
CA LYS B 271 32.66 -37.65 -6.54
C LYS B 271 33.00 -38.74 -5.54
N ASP B 272 32.04 -39.59 -5.17
CA ASP B 272 32.28 -40.59 -4.11
C ASP B 272 32.79 -41.90 -4.69
N GLY B 273 32.91 -41.98 -6.01
CA GLY B 273 33.40 -43.16 -6.74
C GLY B 273 32.49 -44.37 -6.69
N VAL B 274 31.17 -44.16 -6.68
CA VAL B 274 30.21 -45.28 -6.69
C VAL B 274 29.25 -45.21 -7.86
N LEU B 275 29.52 -44.34 -8.83
CA LEU B 275 28.64 -44.16 -9.91
C LEU B 275 28.43 -45.50 -10.62
N TRP B 276 27.18 -45.72 -10.99
CA TRP B 276 26.82 -46.89 -11.77
C TRP B 276 27.58 -46.96 -13.08
N GLN B 277 27.67 -48.18 -13.60
CA GLN B 277 28.14 -48.42 -14.94
C GLN B 277 27.00 -48.38 -15.96
N SER B 278 27.08 -47.41 -16.85
CA SER B 278 26.10 -47.19 -17.90
C SER B 278 26.69 -47.25 -19.31
N THR B 279 25.82 -47.01 -20.29
CA THR B 279 26.09 -47.13 -21.72
C THR B 279 25.29 -46.01 -22.35
N PRO B 280 25.79 -45.42 -23.43
CA PRO B 280 24.97 -44.41 -24.11
C PRO B 280 23.69 -44.93 -24.72
N GLU B 281 23.74 -46.15 -25.28
CA GLU B 281 22.58 -46.83 -25.80
C GLU B 281 21.51 -46.97 -24.70
N GLU B 282 21.91 -47.35 -23.48
CA GLU B 282 21.02 -47.60 -22.35
C GLU B 282 20.38 -46.31 -21.83
N LEU B 283 21.17 -45.25 -21.77
CA LEU B 283 20.65 -43.94 -21.36
C LEU B 283 19.70 -43.37 -22.39
N ALA B 284 19.99 -43.52 -23.68
CA ALA B 284 19.02 -43.14 -24.70
C ALA B 284 17.72 -43.98 -24.59
N LEU B 285 17.88 -45.25 -24.20
CA LEU B 285 16.72 -46.18 -24.05
C LEU B 285 15.82 -45.71 -22.84
N ILE B 286 16.46 -45.32 -21.74
CA ILE B 286 15.79 -44.65 -20.61
C ILE B 286 15.16 -43.35 -21.03
N ALA B 287 15.86 -42.52 -21.78
CA ALA B 287 15.24 -41.26 -22.29
C ALA B 287 14.02 -41.40 -23.21
N GLU B 288 13.95 -42.50 -23.95
CA GLU B 288 12.85 -42.75 -24.88
C GLU B 288 11.67 -43.51 -24.26
N ASN B 289 11.91 -44.20 -23.13
CA ASN B 289 10.89 -45.04 -22.50
C ASN B 289 10.42 -44.61 -21.10
N ARG B 290 9.56 -43.61 -21.13
CA ARG B 290 9.02 -42.95 -19.96
C ARG B 290 7.62 -43.49 -19.62
N VAL B 291 7.17 -43.34 -18.37
CA VAL B 291 5.88 -43.94 -17.94
C VAL B 291 4.67 -43.26 -18.48
N ASP B 292 3.52 -43.93 -18.52
CA ASP B 292 2.29 -43.21 -18.85
C ASP B 292 1.72 -42.55 -17.61
N TYR B 293 1.99 -43.19 -16.49
CA TYR B 293 1.39 -42.80 -15.23
C TYR B 293 2.20 -43.41 -14.05
N LEU B 294 1.87 -43.03 -12.85
CA LEU B 294 2.57 -43.51 -11.69
C LEU B 294 1.59 -43.97 -10.62
N GLY B 295 2.03 -44.96 -9.89
CA GLY B 295 1.52 -45.20 -8.53
C GLY B 295 2.47 -44.56 -7.53
N LEU B 296 1.94 -43.85 -6.55
CA LEU B 296 2.78 -43.35 -5.43
C LEU B 296 2.28 -43.90 -4.14
N ASN B 297 3.18 -44.59 -3.47
CA ASN B 297 2.99 -45.12 -2.13
C ASN B 297 3.22 -44.14 -1.02
N PHE B 298 2.29 -44.14 -0.06
CA PHE B 298 2.44 -43.39 1.16
C PHE B 298 1.85 -44.07 2.38
N TYR B 299 2.71 -44.45 3.33
CA TYR B 299 2.33 -45.15 4.55
C TYR B 299 3.16 -44.70 5.79
N HIS B 300 4.25 -43.93 5.59
CA HIS B 300 4.76 -43.11 6.70
C HIS B 300 5.79 -42.05 6.35
N PRO B 301 5.62 -40.90 6.96
CA PRO B 301 6.43 -39.75 6.65
C PRO B 301 7.84 -40.00 7.12
N LYS B 302 8.77 -39.24 6.57
CA LYS B 302 10.15 -39.29 6.99
C LYS B 302 10.63 -37.89 7.25
N ARG B 303 11.54 -37.83 8.19
CA ARG B 303 12.19 -36.62 8.67
C ARG B 303 13.69 -36.91 8.75
N VAL B 304 14.49 -35.93 8.37
CA VAL B 304 15.93 -36.10 8.41
C VAL B 304 16.59 -34.85 8.99
N LYS B 305 17.84 -35.00 9.42
CA LYS B 305 18.64 -33.89 9.92
C LYS B 305 20.02 -34.04 9.41
N ALA B 306 20.78 -32.91 9.48
CA ALA B 306 22.23 -32.97 9.17
C ALA B 306 22.91 -34.07 10.00
N PRO B 307 23.83 -34.80 9.41
CA PRO B 307 24.44 -35.93 10.17
C PRO B 307 25.10 -35.51 11.46
N ASP B 308 24.83 -36.19 12.55
CA ASP B 308 25.59 -36.00 13.79
C ASP B 308 27.13 -36.17 13.65
N ALA B 309 27.54 -37.14 12.86
CA ALA B 309 28.93 -37.57 12.70
C ALA B 309 29.15 -37.61 11.21
N ILE B 310 30.31 -37.15 10.76
CA ILE B 310 30.78 -37.27 9.38
C ILE B 310 31.98 -38.21 9.39
N PRO B 311 31.79 -39.46 8.92
CA PRO B 311 32.88 -40.40 9.15
C PRO B 311 34.03 -40.05 8.23
N VAL B 312 35.29 -40.20 8.65
CA VAL B 312 36.37 -39.91 7.69
C VAL B 312 36.61 -41.13 6.86
N ILE B 313 36.44 -42.32 7.40
CA ILE B 313 36.52 -43.53 6.60
C ILE B 313 35.17 -44.26 6.68
N SER B 314 34.68 -44.74 5.54
CA SER B 314 33.51 -45.60 5.57
C SER B 314 33.77 -46.91 4.82
N PRO B 315 33.39 -48.05 5.41
CA PRO B 315 33.52 -49.32 4.70
C PRO B 315 32.68 -49.37 3.35
N SER B 316 31.48 -48.80 3.35
CA SER B 316 30.57 -48.96 2.23
C SER B 316 29.94 -47.60 2.08
N TRP B 317 29.74 -47.16 0.84
CA TRP B 317 28.94 -45.95 0.58
C TRP B 317 27.48 -46.07 1.12
N SER B 318 26.98 -44.99 1.73
CA SER B 318 25.56 -44.91 2.17
C SER B 318 24.99 -43.53 1.93
N PRO B 319 23.71 -43.46 1.47
CA PRO B 319 23.13 -42.14 1.34
C PRO B 319 23.11 -41.43 2.67
N GLU B 320 23.13 -42.22 3.75
CA GLU B 320 23.22 -41.70 5.12
C GLU B 320 24.56 -41.14 5.55
N TRP B 321 25.55 -41.10 4.65
CA TRP B 321 26.67 -40.18 4.81
C TRP B 321 26.13 -38.76 4.86
N TYR B 322 25.00 -38.46 4.24
CA TYR B 322 24.59 -37.07 4.08
C TYR B 322 23.42 -36.59 4.95
N TYR B 323 22.89 -37.46 5.80
CA TYR B 323 21.72 -37.18 6.61
C TYR B 323 21.55 -38.29 7.60
N ASP B 324 20.97 -37.98 8.74
CA ASP B 324 20.50 -38.94 9.69
C ASP B 324 18.96 -38.84 9.73
N PRO B 325 18.27 -39.95 10.09
CA PRO B 325 16.89 -39.99 10.57
C PRO B 325 16.71 -39.06 11.71
N TYR B 326 15.54 -38.43 11.77
CA TYR B 326 15.14 -37.53 12.85
C TYR B 326 13.72 -37.82 13.32
N LEU B 327 13.54 -37.80 14.62
CA LEU B 327 12.27 -37.99 15.24
C LEU B 327 11.82 -36.67 15.82
N MET B 328 10.61 -36.26 15.47
CA MET B 328 10.05 -35.00 15.97
C MET B 328 9.37 -35.17 17.32
N PRO B 329 9.78 -34.37 18.30
CA PRO B 329 9.09 -34.42 19.59
C PRO B 329 7.65 -34.09 19.42
N GLY B 330 6.77 -34.88 20.03
CA GLY B 330 5.35 -34.57 19.97
C GLY B 330 4.70 -35.18 18.71
N HIS B 331 5.38 -36.03 17.99
CA HIS B 331 4.75 -36.69 16.84
C HIS B 331 3.58 -37.64 17.21
N ARG B 332 2.68 -37.83 16.25
CA ARG B 332 1.73 -38.98 16.31
C ARG B 332 2.42 -40.26 15.87
N MET B 333 2.07 -41.39 16.47
CA MET B 333 2.82 -42.58 16.33
C MET B 333 1.93 -43.82 16.33
N ASN B 334 2.25 -44.72 15.41
CA ASN B 334 1.80 -46.07 15.39
C ASN B 334 2.87 -46.86 16.14
N VAL B 335 2.55 -47.19 17.37
CA VAL B 335 3.46 -47.84 18.30
C VAL B 335 3.82 -49.21 17.87
N ASP B 336 2.85 -49.99 17.43
CA ASP B 336 3.15 -51.34 16.89
C ASP B 336 4.23 -51.35 15.83
N LYS B 337 4.24 -50.33 14.94
CA LYS B 337 5.22 -50.22 13.86
C LYS B 337 6.44 -49.35 14.21
N GLY B 338 6.31 -48.39 15.14
CA GLY B 338 7.37 -47.40 15.34
C GLY B 338 7.38 -46.40 14.18
N TRP B 339 6.23 -46.21 13.55
CA TRP B 339 6.07 -45.29 12.47
C TRP B 339 5.23 -44.08 12.84
N GLU B 340 5.77 -42.91 12.55
CA GLU B 340 5.01 -41.68 12.63
C GLU B 340 3.78 -41.65 11.74
N ILE B 341 2.72 -40.98 12.20
CA ILE B 341 1.51 -40.71 11.43
C ILE B 341 1.47 -39.23 11.08
N TYR B 342 1.37 -38.90 9.79
CA TYR B 342 1.38 -37.50 9.36
C TYR B 342 0.70 -37.44 8.02
N PRO B 343 -0.61 -37.51 8.04
CA PRO B 343 -1.39 -37.51 6.79
C PRO B 343 -1.29 -36.28 5.87
N GLU B 344 -0.88 -35.12 6.41
CA GLU B 344 -0.62 -33.95 5.61
C GLU B 344 0.42 -34.19 4.49
N ALA B 345 1.33 -35.15 4.70
CA ALA B 345 2.27 -35.46 3.64
C ALA B 345 1.60 -35.84 2.29
N VAL B 346 0.38 -36.37 2.33
CA VAL B 346 -0.39 -36.67 1.14
C VAL B 346 -0.64 -35.43 0.31
N TYR B 347 -0.97 -34.30 0.97
CA TYR B 347 -1.14 -33.09 0.28
C TYR B 347 0.20 -32.64 -0.35
N ASP B 348 1.32 -32.73 0.39
CA ASP B 348 2.61 -32.33 -0.19
C ASP B 348 3.01 -33.21 -1.38
N ILE B 349 2.69 -34.52 -1.30
CA ILE B 349 2.90 -35.38 -2.44
C ILE B 349 2.12 -34.85 -3.66
N ALA B 350 0.84 -34.56 -3.48
CA ALA B 350 0.00 -34.11 -4.58
C ALA B 350 0.53 -32.84 -5.25
N ILE B 351 1.04 -31.93 -4.43
CA ILE B 351 1.52 -30.65 -4.90
C ILE B 351 2.84 -30.84 -5.63
N LYS B 352 3.74 -31.67 -5.08
CA LYS B 352 4.93 -32.09 -5.78
C LYS B 352 4.66 -32.68 -7.19
N MET B 353 3.71 -33.60 -7.31
CA MET B 353 3.26 -34.08 -8.66
C MET B 353 2.81 -32.92 -9.59
N ARG B 354 1.97 -32.06 -9.04
CA ARG B 354 1.42 -30.92 -9.77
C ARG B 354 2.49 -29.97 -10.31
N ASP B 355 3.47 -29.64 -9.47
CA ASP B 355 4.43 -28.58 -9.75
C ASP B 355 5.78 -29.01 -10.35
N HIS B 356 6.22 -30.26 -10.22
CA HIS B 356 7.56 -30.71 -10.60
C HIS B 356 7.57 -31.95 -11.50
N TYR B 357 6.42 -32.60 -11.68
CA TYR B 357 6.37 -33.81 -12.50
C TYR B 357 5.29 -33.73 -13.51
N ASP B 358 5.06 -32.50 -13.99
CA ASP B 358 4.25 -32.15 -15.14
C ASP B 358 2.80 -32.42 -14.91
N ASN B 359 2.48 -32.56 -13.64
CA ASN B 359 1.17 -33.02 -13.28
C ASN B 359 0.67 -34.25 -14.08
N ILE B 360 1.55 -35.19 -14.42
CA ILE B 360 1.07 -36.42 -15.06
C ILE B 360 0.12 -37.27 -14.18
N PRO B 361 -0.62 -38.21 -14.79
CA PRO B 361 -1.58 -38.91 -13.98
C PRO B 361 -0.86 -39.78 -12.96
N TRP B 362 -1.39 -39.83 -11.73
CA TRP B 362 -0.91 -40.68 -10.68
C TRP B 362 -2.05 -41.12 -9.80
N PHE B 363 -1.86 -42.22 -9.07
CA PHE B 363 -2.80 -42.59 -8.00
C PHE B 363 -2.02 -42.95 -6.76
N LEU B 364 -2.67 -42.80 -5.63
CA LEU B 364 -2.11 -43.21 -4.35
C LEU B 364 -2.32 -44.69 -4.24
N SER B 365 -1.23 -45.46 -4.38
CA SER B 365 -1.28 -46.88 -4.70
C SER B 365 -1.09 -47.80 -3.50
N GLU B 366 -0.75 -47.20 -2.35
CA GLU B 366 -0.58 -47.95 -1.11
C GLU B 366 -0.72 -47.01 0.05
N ASN B 367 -1.79 -47.18 0.83
CA ASN B 367 -2.01 -46.38 2.02
C ASN B 367 -2.79 -47.20 3.01
N GLY B 368 -2.24 -47.41 4.20
CA GLY B 368 -2.86 -48.16 5.26
C GLY B 368 -2.06 -48.12 6.56
N VAL B 369 -2.64 -48.73 7.59
CA VAL B 369 -2.11 -48.70 8.91
C VAL B 369 -2.19 -50.10 9.47
N GLY B 370 -1.09 -50.57 10.00
CA GLY B 370 -1.02 -51.91 10.58
C GLY B 370 -0.96 -51.92 12.06
N ILE B 371 -1.80 -52.79 12.67
CA ILE B 371 -2.13 -52.80 14.09
C ILE B 371 -2.16 -54.26 14.58
N SER B 372 -1.58 -54.52 15.75
CA SER B 372 -1.61 -55.84 16.41
C SER B 372 -2.78 -55.94 17.38
N GLY B 373 -3.09 -57.19 17.74
CA GLY B 373 -4.08 -57.50 18.76
C GLY B 373 -5.43 -56.96 18.43
N GLU B 374 -5.88 -57.17 17.19
CA GLU B 374 -7.18 -56.63 16.79
C GLU B 374 -8.35 -57.40 17.35
N ASP B 375 -8.08 -58.61 17.84
CA ASP B 375 -8.94 -59.30 18.82
C ASP B 375 -9.59 -58.38 19.83
N ARG B 376 -8.79 -57.50 20.38
CA ARG B 376 -9.27 -56.60 21.44
C ARG B 376 -10.42 -55.72 21.03
N TYR B 377 -10.67 -55.50 19.72
CA TYR B 377 -11.66 -54.54 19.29
C TYR B 377 -12.85 -55.21 18.68
N ARG B 378 -12.91 -56.50 18.80
CA ARG B 378 -14.09 -57.24 18.34
C ARG B 378 -15.44 -56.80 19.05
N ASP B 379 -16.51 -56.46 18.33
CA ASP B 379 -17.76 -56.20 19.04
C ASP B 379 -18.47 -57.54 19.39
N GLU B 380 -19.74 -57.46 19.76
CA GLU B 380 -20.53 -58.61 20.23
C GLU B 380 -20.87 -59.51 19.04
N THR B 381 -20.97 -58.92 17.85
CA THR B 381 -21.20 -59.68 16.65
C THR B 381 -19.97 -60.45 16.18
N GLY B 382 -18.80 -60.28 16.82
CA GLY B 382 -17.53 -60.84 16.35
C GLY B 382 -16.71 -60.00 15.28
N GLN B 383 -17.26 -58.87 14.83
CA GLN B 383 -16.59 -58.02 13.84
C GLN B 383 -15.61 -57.07 14.54
N ILE B 384 -14.36 -57.04 14.06
CA ILE B 384 -13.36 -56.04 14.56
C ILE B 384 -13.81 -54.61 14.25
N GLN B 385 -13.89 -53.78 15.29
CA GLN B 385 -14.29 -52.39 15.18
C GLN B 385 -13.04 -51.56 15.08
N ASP B 386 -12.47 -51.53 13.90
CA ASP B 386 -11.20 -50.84 13.66
C ASP B 386 -11.46 -49.37 13.32
N ASP B 387 -11.98 -48.61 14.29
CA ASP B 387 -12.27 -47.17 14.11
C ASP B 387 -11.00 -46.39 13.91
N TYR B 388 -9.94 -46.82 14.58
CA TYR B 388 -8.59 -46.29 14.32
C TYR B 388 -8.21 -46.33 12.82
N ARG B 389 -8.56 -47.43 12.14
CA ARG B 389 -8.30 -47.58 10.68
C ARG B 389 -9.20 -46.67 9.85
N ILE B 390 -10.46 -46.60 10.20
CA ILE B 390 -11.33 -45.67 9.56
C ILE B 390 -10.81 -44.24 9.62
N GLN B 391 -10.42 -43.79 10.79
CA GLN B 391 -9.93 -42.40 11.00
C GLN B 391 -8.62 -42.16 10.24
N PHE B 392 -7.71 -43.14 10.29
CA PHE B 392 -6.46 -43.07 9.51
C PHE B 392 -6.70 -42.85 8.01
N LEU B 393 -7.50 -43.74 7.42
CA LEU B 393 -7.75 -43.71 5.99
C LEU B 393 -8.53 -42.46 5.66
N LYS B 394 -9.51 -42.08 6.50
CA LYS B 394 -10.27 -40.88 6.26
C LYS B 394 -9.42 -39.59 6.22
N GLU B 395 -8.50 -39.50 7.15
CA GLU B 395 -7.64 -38.33 7.18
C GLU B 395 -6.71 -38.27 5.95
N HIS B 396 -6.10 -39.39 5.58
CA HIS B 396 -5.19 -39.38 4.41
C HIS B 396 -5.98 -39.03 3.13
N LEU B 397 -7.19 -39.59 3.06
CA LEU B 397 -8.07 -39.37 1.91
C LEU B 397 -8.57 -37.94 1.82
N THR B 398 -8.81 -37.31 2.98
CA THR B 398 -9.11 -35.90 3.06
C THR B 398 -7.98 -35.07 2.52
N TYR B 399 -6.73 -35.37 2.86
CA TYR B 399 -5.58 -34.58 2.31
C TYR B 399 -5.42 -34.91 0.84
N LEU B 400 -5.78 -36.15 0.45
CA LEU B 400 -5.77 -36.46 -0.97
C LEU B 400 -6.79 -35.61 -1.72
N HIS B 401 -7.96 -35.43 -1.12
CA HIS B 401 -9.01 -34.55 -1.71
C HIS B 401 -8.56 -33.09 -1.84
N LYS B 402 -7.92 -32.56 -0.80
CA LYS B 402 -7.37 -31.20 -0.90
C LYS B 402 -6.38 -31.07 -2.02
N GLY B 403 -5.54 -32.07 -2.20
CA GLY B 403 -4.59 -32.01 -3.33
C GLY B 403 -5.21 -32.01 -4.71
N ILE B 404 -6.26 -32.83 -4.86
CA ILE B 404 -7.03 -32.86 -6.10
C ILE B 404 -7.73 -31.53 -6.36
N GLU B 405 -8.37 -31.00 -5.34
CA GLU B 405 -8.97 -29.71 -5.39
C GLU B 405 -7.95 -28.61 -5.78
N ALA B 406 -6.68 -28.73 -5.35
CA ALA B 406 -5.66 -27.74 -5.73
C ALA B 406 -5.08 -28.03 -7.11
N GLY B 407 -5.57 -29.04 -7.79
CA GLY B 407 -5.22 -29.26 -9.15
C GLY B 407 -4.34 -30.46 -9.43
N SER B 408 -3.98 -31.27 -8.43
CA SER B 408 -3.16 -32.46 -8.68
C SER B 408 -3.92 -33.51 -9.50
N ASN B 409 -3.27 -34.09 -10.45
CA ASN B 409 -3.93 -35.07 -11.38
C ASN B 409 -3.99 -36.50 -10.84
N CYS B 410 -4.71 -36.66 -9.73
CA CYS B 410 -4.81 -37.95 -9.06
C CYS B 410 -6.08 -38.65 -9.53
N PHE B 411 -5.98 -39.91 -9.93
CA PHE B 411 -7.14 -40.69 -10.47
C PHE B 411 -7.49 -41.84 -9.57
N GLY B 412 -6.91 -41.92 -8.36
CA GLY B 412 -7.36 -43.05 -7.51
C GLY B 412 -6.69 -43.28 -6.17
N TYR B 413 -7.24 -44.24 -5.42
CA TYR B 413 -6.76 -44.49 -4.09
C TYR B 413 -6.92 -45.95 -3.75
N HIS B 414 -5.82 -46.57 -3.40
CA HIS B 414 -5.82 -47.95 -2.98
C HIS B 414 -5.33 -48.16 -1.55
N VAL B 415 -6.16 -48.83 -0.79
CA VAL B 415 -5.85 -49.24 0.61
C VAL B 415 -4.91 -50.38 0.64
N TRP B 416 -3.86 -50.27 1.44
CA TRP B 416 -3.04 -51.37 1.84
C TRP B 416 -3.57 -51.99 3.12
N THR B 417 -4.56 -52.84 2.98
CA THR B 417 -4.58 -54.01 2.10
C THR B 417 -6.05 -54.54 2.15
N PRO B 418 -6.57 -55.14 1.06
CA PRO B 418 -7.96 -55.59 1.23
C PRO B 418 -8.16 -56.62 2.31
N ILE B 419 -7.32 -57.65 2.32
CA ILE B 419 -7.41 -58.72 3.26
C ILE B 419 -6.08 -58.85 3.97
N ASP B 420 -6.10 -59.03 5.28
CA ASP B 420 -4.86 -59.19 6.02
C ASP B 420 -3.92 -60.12 5.27
N GLY B 421 -2.65 -59.71 5.15
CA GLY B 421 -1.65 -60.49 4.46
C GLY B 421 -0.34 -60.56 5.16
N TRP B 422 0.56 -61.35 4.58
CA TRP B 422 1.85 -61.63 5.15
C TRP B 422 2.82 -60.45 4.91
N SER B 423 3.14 -59.76 6.00
CA SER B 423 3.91 -58.54 6.02
C SER B 423 5.40 -58.85 6.27
N TRP B 424 5.99 -59.68 5.40
CA TRP B 424 7.41 -59.90 5.34
C TRP B 424 7.93 -60.42 6.69
N LEU B 425 8.98 -59.80 7.27
CA LEU B 425 9.52 -60.27 8.53
C LEU B 425 8.52 -60.16 9.65
N ASN B 426 7.62 -59.16 9.57
CA ASN B 426 6.58 -59.01 10.59
C ASN B 426 5.38 -59.97 10.45
N ALA B 427 5.32 -60.73 9.35
CA ALA B 427 4.26 -61.75 9.14
C ALA B 427 2.89 -61.18 9.53
N TYR B 428 2.22 -61.79 10.49
CA TYR B 428 0.88 -61.32 10.87
C TYR B 428 0.80 -60.61 12.19
N LYS B 429 1.94 -60.08 12.64
CA LYS B 429 2.03 -59.29 13.89
C LYS B 429 1.09 -58.11 13.78
N ASN B 430 1.25 -57.36 12.71
CA ASN B 430 0.44 -56.19 12.48
C ASN B 430 -0.46 -56.48 11.26
N ARG B 431 -1.72 -56.18 11.41
CA ARG B 431 -2.74 -56.47 10.41
C ARG B 431 -3.06 -55.20 9.72
N TYR B 432 -3.18 -55.22 8.39
CA TYR B 432 -3.54 -54.02 7.63
C TYR B 432 -4.86 -54.05 7.00
N GLY B 433 -5.50 -55.21 7.03
CA GLY B 433 -6.73 -55.35 6.22
C GLY B 433 -7.94 -54.48 6.55
N LEU B 434 -8.75 -54.21 5.53
CA LEU B 434 -10.14 -53.84 5.64
C LEU B 434 -10.97 -55.10 6.07
N VAL B 435 -10.46 -56.27 5.72
CA VAL B 435 -11.04 -57.62 5.99
C VAL B 435 -10.05 -58.48 6.75
N GLU B 436 -10.47 -58.95 7.91
CA GLU B 436 -9.68 -59.84 8.69
C GLU B 436 -9.49 -61.14 8.00
N ASN B 437 -8.33 -61.72 8.23
CA ASN B 437 -8.09 -63.09 7.85
C ASN B 437 -7.64 -63.85 9.05
N ASN B 438 -8.31 -64.95 9.32
CA ASN B 438 -7.89 -65.88 10.37
C ASN B 438 -6.80 -66.72 9.75
N ILE B 439 -5.58 -66.62 10.27
CA ILE B 439 -4.44 -67.30 9.61
C ILE B 439 -4.41 -68.81 9.87
N HIS B 440 -5.36 -69.29 10.65
CA HIS B 440 -5.57 -70.71 10.88
C HIS B 440 -6.56 -71.30 9.91
N THR B 441 -7.74 -70.69 9.84
CA THR B 441 -8.86 -71.19 9.05
C THR B 441 -8.94 -70.59 7.69
N GLN B 442 -8.28 -69.44 7.51
CA GLN B 442 -8.31 -68.72 6.27
C GLN B 442 -9.67 -68.21 5.96
N VAL B 443 -10.49 -68.05 7.01
CA VAL B 443 -11.79 -67.44 6.88
C VAL B 443 -11.65 -65.92 7.01
N ARG B 444 -12.25 -65.24 6.07
CA ARG B 444 -12.25 -63.83 5.99
C ARG B 444 -13.47 -63.28 6.68
N ARG B 445 -13.27 -62.16 7.36
CA ARG B 445 -14.36 -61.47 8.08
C ARG B 445 -14.19 -59.94 7.89
N PRO B 446 -15.07 -59.29 7.11
CA PRO B 446 -14.92 -57.85 6.97
C PRO B 446 -14.89 -57.09 8.33
N LYS B 447 -14.06 -56.04 8.40
CA LYS B 447 -14.02 -55.20 9.58
C LYS B 447 -14.91 -54.03 9.32
N ALA B 448 -15.10 -53.21 10.35
CA ALA B 448 -15.85 -51.99 10.21
C ALA B 448 -15.30 -51.13 9.11
N SER B 449 -13.98 -51.03 9.01
CA SER B 449 -13.37 -50.25 7.91
C SER B 449 -13.85 -50.68 6.54
N ALA B 450 -14.08 -51.96 6.31
CA ALA B 450 -14.55 -52.44 4.97
C ALA B 450 -15.89 -51.84 4.60
N TYR B 451 -16.81 -51.70 5.59
CA TYR B 451 -18.16 -51.12 5.32
C TYR B 451 -18.09 -49.65 5.29
N TRP B 452 -17.22 -49.06 6.10
CA TRP B 452 -16.98 -47.63 5.87
C TRP B 452 -16.41 -47.37 4.46
N PHE B 453 -15.39 -48.14 4.04
CA PHE B 453 -14.80 -47.86 2.69
C PHE B 453 -15.78 -48.14 1.54
N LYS B 454 -16.59 -49.16 1.72
CA LYS B 454 -17.69 -49.43 0.74
C LYS B 454 -18.58 -48.21 0.45
N LYS B 455 -18.97 -47.54 1.50
CA LYS B 455 -19.83 -46.35 1.41
C LYS B 455 -19.14 -45.24 0.66
N VAL B 456 -17.87 -45.00 1.00
CA VAL B 456 -17.04 -44.02 0.29
C VAL B 456 -16.93 -44.35 -1.21
N ALA B 457 -16.57 -45.57 -1.51
CA ALA B 457 -16.39 -45.96 -2.94
C ALA B 457 -17.74 -45.96 -3.67
N THR B 458 -18.81 -46.40 -3.01
CA THR B 458 -20.16 -46.40 -3.63
C THR B 458 -20.64 -44.97 -4.02
N HIS B 459 -20.53 -44.01 -3.09
CA HIS B 459 -21.02 -42.65 -3.33
C HIS B 459 -19.98 -41.71 -3.94
N ASN B 460 -18.80 -42.26 -4.22
CA ASN B 460 -17.65 -41.48 -4.68
C ASN B 460 -17.33 -40.22 -3.85
N ARG B 461 -17.42 -40.33 -2.54
CA ARG B 461 -17.34 -39.15 -1.69
C ARG B 461 -17.05 -39.48 -0.24
N LEU B 462 -16.40 -38.55 0.47
CA LEU B 462 -16.29 -38.61 1.95
C LEU B 462 -17.24 -37.61 2.62
N ILE B 463 -17.72 -37.96 3.81
CA ILE B 463 -18.29 -36.99 4.78
C ILE B 463 -17.28 -36.61 5.88
N MET C 1 -47.06 17.87 27.38
CA MET C 1 -47.30 17.16 26.06
C MET C 1 -47.85 17.94 24.82
N LEU C 2 -47.09 17.90 23.73
CA LEU C 2 -47.27 18.76 22.59
C LEU C 2 -47.40 17.84 21.38
N ALA C 3 -48.61 17.66 20.90
CA ALA C 3 -48.93 16.72 19.83
C ALA C 3 -48.87 17.53 18.53
N PHE C 4 -48.36 16.94 17.46
CA PHE C 4 -48.09 17.70 16.26
C PHE C 4 -49.10 17.35 15.16
N PRO C 5 -49.20 18.18 14.12
CA PRO C 5 -50.17 17.75 13.10
C PRO C 5 -49.97 16.33 12.56
N LYS C 6 -51.06 15.77 12.08
CA LYS C 6 -51.09 14.49 11.42
C LYS C 6 -50.23 14.57 10.10
N GLU C 7 -49.40 13.55 9.87
CA GLU C 7 -48.52 13.48 8.70
C GLU C 7 -47.38 14.53 8.75
N PHE C 8 -47.02 15.03 9.94
CA PHE C 8 -45.88 15.94 10.10
C PHE C 8 -44.58 15.32 9.59
N TRP C 9 -43.84 16.03 8.73
CA TRP C 9 -42.53 15.59 8.27
C TRP C 9 -41.56 15.61 9.46
N TRP C 10 -40.94 14.45 9.76
CA TRP C 10 -39.87 14.40 10.74
C TRP C 10 -38.63 13.84 10.08
N GLY C 11 -37.50 14.47 10.34
CA GLY C 11 -36.27 13.99 9.82
C GLY C 11 -35.21 15.04 9.85
N GLY C 12 -34.32 14.96 8.86
CA GLY C 12 -33.28 15.93 8.77
C GLY C 12 -32.82 16.33 7.40
N ALA C 13 -31.97 17.38 7.41
CA ALA C 13 -31.45 17.94 6.13
C ALA C 13 -29.93 17.90 6.03
N THR C 14 -29.48 17.71 4.81
CA THR C 14 -28.11 17.82 4.38
C THR C 14 -28.06 18.40 2.95
N SER C 15 -26.91 18.32 2.28
CA SER C 15 -26.78 18.75 0.88
C SER C 15 -25.79 17.85 0.22
N GLY C 16 -25.80 17.78 -1.10
CA GLY C 16 -24.83 17.00 -1.85
C GLY C 16 -23.40 17.37 -1.54
N PRO C 17 -23.10 18.68 -1.63
CA PRO C 17 -21.72 19.07 -1.41
C PRO C 17 -21.19 18.74 -0.06
N GLN C 18 -22.03 18.79 0.96
CA GLN C 18 -21.55 18.61 2.31
C GLN C 18 -21.54 17.12 2.73
N SER C 19 -22.29 16.25 2.01
CA SER C 19 -22.45 14.83 2.39
C SER C 19 -21.70 13.82 1.50
N GLU C 20 -21.72 14.04 0.19
CA GLU C 20 -21.34 13.03 -0.78
C GLU C 20 -19.87 12.63 -0.79
N GLY C 21 -19.01 13.64 -0.75
CA GLY C 21 -17.66 13.50 -1.29
C GLY C 21 -17.68 13.81 -2.80
N ARG C 22 -16.52 14.18 -3.33
CA ARG C 22 -16.30 14.34 -4.75
C ARG C 22 -16.05 13.04 -5.54
N PHE C 23 -16.03 11.90 -4.87
CA PHE C 23 -15.96 10.58 -5.55
C PHE C 23 -16.71 10.59 -6.84
N ALA C 24 -15.97 10.31 -7.93
CA ALA C 24 -16.54 10.16 -9.29
C ALA C 24 -17.23 11.41 -9.90
N LYS C 25 -17.12 12.59 -9.30
CA LYS C 25 -17.92 13.72 -9.74
C LYS C 25 -17.19 14.42 -10.87
N GLN C 26 -17.88 14.66 -11.98
CA GLN C 26 -17.21 15.09 -13.20
C GLN C 26 -16.69 16.57 -13.12
N HIS C 27 -17.44 17.45 -12.50
CA HIS C 27 -17.14 18.88 -12.43
C HIS C 27 -16.88 19.36 -10.99
N ARG C 28 -16.20 20.47 -10.90
CA ARG C 28 -16.05 21.22 -9.66
C ARG C 28 -17.12 22.28 -9.46
N ASN C 29 -17.69 22.28 -8.29
CA ASN C 29 -18.45 23.43 -7.83
C ASN C 29 -17.50 24.53 -7.28
N LEU C 30 -18.08 25.64 -6.92
CA LEU C 30 -17.28 26.73 -6.35
C LEU C 30 -16.46 26.33 -5.16
N PHE C 31 -17.04 25.55 -4.23
CA PHE C 31 -16.26 25.13 -3.05
C PHE C 31 -15.18 24.11 -3.36
N ASP C 32 -15.43 23.23 -4.32
CA ASP C 32 -14.46 22.21 -4.72
C ASP C 32 -13.21 22.96 -5.22
N TYR C 33 -13.46 23.99 -6.03
CA TYR C 33 -12.40 24.79 -6.64
C TYR C 33 -11.67 25.59 -5.60
N TRP C 34 -12.42 26.12 -4.63
CA TRP C 34 -11.82 26.93 -3.60
C TRP C 34 -10.82 26.15 -2.78
N TYR C 35 -11.24 24.94 -2.39
CA TYR C 35 -10.41 24.04 -1.66
C TYR C 35 -9.17 23.59 -2.45
N GLU C 36 -9.29 23.43 -3.78
CA GLU C 36 -8.10 23.14 -4.64
C GLU C 36 -7.13 24.29 -4.59
N GLU C 37 -7.65 25.53 -4.50
CA GLU C 37 -6.80 26.74 -4.53
C GLU C 37 -6.22 27.13 -3.15
N GLU C 38 -6.99 27.01 -2.07
CA GLU C 38 -6.61 27.57 -0.81
C GLU C 38 -7.02 26.63 0.28
N PRO C 39 -6.40 25.43 0.35
CA PRO C 39 -6.81 24.46 1.35
C PRO C 39 -6.67 24.98 2.80
N ASP C 40 -5.88 26.02 2.99
CA ASP C 40 -5.63 26.48 4.33
C ASP C 40 -6.72 27.45 4.83
N LEU C 41 -7.69 27.78 4.01
CA LEU C 41 -8.88 28.45 4.49
C LEU C 41 -9.83 27.52 5.23
N PHE C 42 -9.60 26.20 5.19
CA PHE C 42 -10.59 25.24 5.62
C PHE C 42 -10.09 24.58 6.90
N TYR C 43 -10.96 24.43 7.89
CA TYR C 43 -10.47 23.95 9.18
C TYR C 43 -9.82 22.57 9.08
N ASP C 44 -8.66 22.46 9.72
CA ASP C 44 -7.82 21.24 9.63
C ASP C 44 -7.54 20.83 8.18
N TYR C 45 -7.57 21.75 7.24
CA TYR C 45 -7.38 21.40 5.79
C TYR C 45 -8.34 20.32 5.24
N VAL C 46 -9.52 20.15 5.84
CA VAL C 46 -10.48 19.18 5.34
C VAL C 46 -11.39 19.89 4.34
N GLY C 47 -11.35 19.42 3.09
CA GLY C 47 -12.17 19.94 2.01
C GLY C 47 -13.32 19.03 1.75
N PRO C 48 -13.98 19.22 0.61
CA PRO C 48 -15.16 18.40 0.34
C PRO C 48 -14.85 17.12 -0.40
N ASP C 49 -13.59 16.75 -0.57
CA ASP C 49 -13.18 15.58 -1.40
C ASP C 49 -13.77 14.25 -0.93
N THR C 50 -13.82 14.07 0.37
CA THR C 50 -14.47 12.93 0.95
C THR C 50 -15.74 13.30 1.72
N ALA C 51 -15.69 14.40 2.48
CA ALA C 51 -16.86 14.84 3.22
C ALA C 51 -17.32 13.63 4.07
N SER C 52 -18.60 13.32 4.08
CA SER C 52 -19.11 12.25 4.89
C SER C 52 -19.42 11.00 4.12
N ASP C 53 -18.79 10.83 2.94
CA ASP C 53 -18.81 9.57 2.21
C ASP C 53 -20.23 9.05 1.84
N ALA C 54 -21.18 9.95 1.64
CA ALA C 54 -22.50 9.52 1.25
C ALA C 54 -22.55 9.00 -0.20
N TYR C 55 -21.53 9.32 -1.00
CA TYR C 55 -21.41 8.70 -2.30
C TYR C 55 -21.45 7.15 -2.15
N HIS C 56 -20.73 6.63 -1.14
CA HIS C 56 -20.69 5.21 -0.80
C HIS C 56 -21.75 4.78 0.17
N GLN C 57 -22.13 5.59 1.14
CA GLN C 57 -22.92 5.10 2.23
C GLN C 57 -24.39 5.48 2.24
N ILE C 58 -24.88 6.12 1.20
CA ILE C 58 -26.26 6.68 1.30
C ILE C 58 -27.33 5.62 1.66
N GLU C 59 -27.23 4.44 1.02
CA GLU C 59 -28.20 3.34 1.25
C GLU C 59 -28.23 2.93 2.69
N SER C 60 -27.06 2.69 3.29
CA SER C 60 -26.94 2.29 4.71
C SER C 60 -27.28 3.45 5.64
N ASP C 61 -27.01 4.69 5.22
CA ASP C 61 -27.39 5.83 6.06
C ASP C 61 -28.88 5.87 6.14
N LEU C 62 -29.54 5.66 5.00
CA LEU C 62 -30.98 5.79 4.95
C LEU C 62 -31.67 4.66 5.74
N THR C 63 -31.09 3.46 5.71
CA THR C 63 -31.55 2.36 6.61
C THR C 63 -31.37 2.75 8.03
N LEU C 64 -30.19 3.27 8.39
CA LEU C 64 -30.06 3.73 9.77
C LEU C 64 -31.11 4.78 10.14
N LEU C 65 -31.37 5.72 9.22
CA LEU C 65 -32.27 6.86 9.58
C LEU C 65 -33.75 6.41 9.72
N ALA C 66 -34.19 5.50 8.85
CA ALA C 66 -35.53 4.88 9.01
C ALA C 66 -35.62 4.23 10.36
N SER C 67 -34.58 3.51 10.76
CA SER C 67 -34.58 2.86 12.06
C SER C 67 -34.53 3.87 13.19
N LEU C 68 -34.12 5.10 12.91
CA LEU C 68 -34.21 6.16 13.90
C LEU C 68 -35.49 7.05 13.79
N GLY C 69 -36.52 6.52 13.13
CA GLY C 69 -37.81 7.15 13.07
C GLY C 69 -38.04 8.25 12.02
N HIS C 70 -37.13 8.46 11.08
CA HIS C 70 -37.24 9.59 10.14
C HIS C 70 -38.18 9.16 9.06
N ASN C 71 -39.16 10.00 8.70
CA ASN C 71 -40.06 9.69 7.57
C ASN C 71 -39.70 10.48 6.33
N SER C 72 -38.65 11.30 6.44
CA SER C 72 -38.28 12.19 5.36
C SER C 72 -36.83 12.62 5.47
N TYR C 73 -36.28 12.96 4.29
CA TYR C 73 -34.88 13.30 4.18
C TYR C 73 -34.70 14.39 3.11
N ARG C 74 -34.11 15.51 3.49
CA ARG C 74 -33.78 16.55 2.49
C ARG C 74 -32.29 16.53 2.18
N THR C 75 -31.99 16.34 0.90
CA THR C 75 -30.63 16.56 0.41
C THR C 75 -30.67 17.32 -0.94
N SER C 76 -29.54 17.40 -1.66
CA SER C 76 -29.52 18.14 -2.91
C SER C 76 -28.84 17.38 -4.00
N ILE C 77 -29.29 17.64 -5.24
CA ILE C 77 -28.76 17.09 -6.45
C ILE C 77 -27.77 18.13 -6.92
N GLN C 78 -26.53 17.72 -7.17
CA GLN C 78 -25.49 18.63 -7.58
C GLN C 78 -25.46 18.67 -9.10
N TRP C 79 -25.52 19.88 -9.62
CA TRP C 79 -25.43 20.19 -11.00
C TRP C 79 -24.12 19.70 -11.56
N THR C 80 -23.04 19.84 -10.77
CA THR C 80 -21.74 19.32 -11.10
C THR C 80 -21.60 17.79 -11.10
N ARG C 81 -22.54 17.06 -10.53
CA ARG C 81 -22.56 15.59 -10.65
C ARG C 81 -23.47 15.10 -11.82
N LEU C 82 -24.63 15.67 -11.98
CA LEU C 82 -25.65 15.07 -12.85
C LEU C 82 -25.39 15.41 -14.32
N ILE C 83 -24.83 16.59 -14.59
CA ILE C 83 -24.71 17.08 -15.96
C ILE C 83 -23.32 16.96 -16.52
N ASP C 84 -23.30 16.39 -17.72
CA ASP C 84 -22.09 16.22 -18.50
C ASP C 84 -21.82 17.56 -19.19
N ASP C 85 -22.56 17.90 -20.25
CA ASP C 85 -22.39 19.21 -20.95
C ASP C 85 -23.38 20.24 -20.42
N PHE C 86 -22.89 21.29 -19.76
CA PHE C 86 -23.75 22.31 -19.15
C PHE C 86 -24.57 23.07 -20.18
N GLU C 87 -23.95 23.33 -21.34
CA GLU C 87 -24.61 24.12 -22.42
C GLU C 87 -25.81 23.38 -22.99
N GLN C 88 -25.73 22.06 -23.12
CA GLN C 88 -26.84 21.23 -23.62
C GLN C 88 -27.61 20.53 -22.55
N ALA C 89 -27.08 20.45 -21.32
CA ALA C 89 -27.70 19.66 -20.25
C ALA C 89 -27.77 18.14 -20.54
N THR C 90 -26.72 17.60 -21.11
CA THR C 90 -26.60 16.17 -21.27
C THR C 90 -26.24 15.58 -19.93
N ILE C 91 -26.59 14.31 -19.78
CA ILE C 91 -26.54 13.60 -18.52
C ILE C 91 -25.25 12.80 -18.36
N ASN C 92 -24.62 12.89 -17.19
CA ASN C 92 -23.52 12.00 -16.86
C ASN C 92 -24.16 10.72 -16.29
N PRO C 93 -23.91 9.60 -16.95
CA PRO C 93 -24.70 8.40 -16.59
C PRO C 93 -24.41 7.85 -15.15
N ASP C 94 -23.20 7.96 -14.66
CA ASP C 94 -22.88 7.57 -13.25
C ASP C 94 -23.51 8.51 -12.24
N GLY C 95 -23.52 9.81 -12.54
CA GLY C 95 -24.34 10.76 -11.75
C GLY C 95 -25.83 10.40 -11.71
N LEU C 96 -26.38 10.09 -12.87
CA LEU C 96 -27.78 9.68 -12.97
C LEU C 96 -28.04 8.49 -12.07
N ALA C 97 -27.17 7.47 -12.18
CA ALA C 97 -27.33 6.24 -11.37
C ALA C 97 -27.14 6.50 -9.87
N TYR C 98 -26.19 7.37 -9.48
CA TYR C 98 -26.10 7.74 -8.05
C TYR C 98 -27.42 8.33 -7.52
N TYR C 99 -27.98 9.33 -8.21
CA TYR C 99 -29.19 9.95 -7.63
C TYR C 99 -30.41 9.00 -7.69
N ASN C 100 -30.49 8.16 -8.71
CA ASN C 100 -31.42 7.02 -8.64
C ASN C 100 -31.20 6.09 -7.43
N ARG C 101 -29.95 5.77 -7.07
CA ARG C 101 -29.71 4.99 -5.82
C ARG C 101 -30.22 5.80 -4.60
N VAL C 102 -29.98 7.11 -4.56
CA VAL C 102 -30.42 7.88 -3.41
C VAL C 102 -31.93 7.86 -3.27
N ILE C 103 -32.60 8.19 -4.36
CA ILE C 103 -34.08 8.24 -4.36
C ILE C 103 -34.71 6.82 -4.11
N ASP C 104 -34.21 5.80 -4.79
CA ASP C 104 -34.80 4.44 -4.57
C ASP C 104 -34.55 3.99 -3.09
N ALA C 105 -33.40 4.37 -2.51
CA ALA C 105 -33.15 4.04 -1.10
C ALA C 105 -34.07 4.79 -0.14
N CYS C 106 -34.40 6.05 -0.44
CA CYS C 106 -35.41 6.69 0.39
C CYS C 106 -36.71 5.86 0.34
N LEU C 107 -37.18 5.55 -0.86
CA LEU C 107 -38.53 4.96 -0.99
C LEU C 107 -38.52 3.54 -0.43
N ALA C 108 -37.50 2.74 -0.75
CA ALA C 108 -37.36 1.39 -0.17
C ALA C 108 -37.32 1.45 1.36
N ASN C 109 -36.96 2.58 1.97
CA ASN C 109 -36.92 2.64 3.47
C ASN C 109 -38.06 3.36 4.11
N GLY C 110 -39.12 3.64 3.37
CA GLY C 110 -40.28 4.39 3.90
C GLY C 110 -39.98 5.87 4.17
N ILE C 111 -39.02 6.42 3.43
CA ILE C 111 -38.60 7.82 3.63
C ILE C 111 -38.98 8.66 2.42
N ARG C 112 -39.81 9.65 2.62
CA ARG C 112 -40.10 10.62 1.57
C ARG C 112 -38.80 11.40 1.19
N PRO C 113 -38.34 11.33 -0.07
CA PRO C 113 -37.18 12.12 -0.52
C PRO C 113 -37.60 13.59 -0.82
N VAL C 114 -36.84 14.52 -0.24
CA VAL C 114 -37.02 15.98 -0.42
C VAL C 114 -35.75 16.52 -1.12
N ILE C 115 -35.87 17.04 -2.33
CA ILE C 115 -34.71 17.31 -3.15
C ILE C 115 -34.65 18.82 -3.40
N ASN C 116 -33.49 19.37 -3.03
CA ASN C 116 -33.12 20.71 -3.35
C ASN C 116 -32.23 20.62 -4.59
N LEU C 117 -32.33 21.60 -5.50
CA LEU C 117 -31.52 21.66 -6.72
C LEU C 117 -30.24 22.48 -6.61
N HIS C 118 -30.07 23.30 -5.59
CA HIS C 118 -28.86 24.20 -5.51
C HIS C 118 -28.58 24.54 -4.08
N HIS C 119 -27.39 24.17 -3.63
CA HIS C 119 -26.96 24.45 -2.25
C HIS C 119 -25.50 24.93 -2.31
N PHE C 120 -25.37 26.20 -2.64
CA PHE C 120 -24.11 26.92 -2.71
C PHE C 120 -23.08 26.31 -3.66
N ASP C 121 -23.54 25.63 -4.69
CA ASP C 121 -22.69 24.74 -5.49
C ASP C 121 -22.77 25.00 -7.00
N LEU C 122 -22.89 26.25 -7.40
CA LEU C 122 -22.66 26.57 -8.82
C LEU C 122 -21.39 25.92 -9.41
N PRO C 123 -21.45 25.47 -10.66
CA PRO C 123 -20.23 25.03 -11.36
C PRO C 123 -19.22 26.13 -11.54
N ILE C 124 -17.97 25.86 -11.20
CA ILE C 124 -16.88 26.83 -11.33
C ILE C 124 -16.77 27.19 -12.81
N ALA C 125 -16.98 26.22 -13.71
CA ALA C 125 -16.92 26.54 -15.15
C ALA C 125 -17.86 27.66 -15.56
N LEU C 126 -19.04 27.70 -14.98
CA LEU C 126 -20.01 28.69 -15.37
C LEU C 126 -19.70 30.05 -14.75
N TYR C 127 -19.04 30.05 -13.59
CA TYR C 127 -18.55 31.31 -13.02
C TYR C 127 -17.50 31.90 -13.99
N GLN C 128 -16.52 31.09 -14.34
CA GLN C 128 -15.43 31.45 -15.22
C GLN C 128 -15.94 31.97 -16.57
N ALA C 129 -16.86 31.29 -17.19
CA ALA C 129 -17.22 31.60 -18.58
C ALA C 129 -18.19 32.78 -18.63
N TYR C 130 -19.11 32.90 -17.65
CA TYR C 130 -20.14 33.87 -17.73
C TYR C 130 -20.36 34.76 -16.53
N GLY C 131 -19.57 34.66 -15.47
CA GLY C 131 -19.91 35.34 -14.18
C GLY C 131 -20.99 34.66 -13.36
N GLY C 132 -21.22 33.37 -13.62
CA GLY C 132 -22.05 32.55 -12.71
C GLY C 132 -23.49 33.03 -12.61
N TRP C 133 -24.01 33.25 -11.40
CA TRP C 133 -25.38 33.72 -11.30
C TRP C 133 -25.56 35.18 -11.79
N GLU C 134 -24.50 35.88 -12.18
CA GLU C 134 -24.64 37.23 -12.77
C GLU C 134 -25.27 37.12 -14.18
N SER C 135 -25.21 35.94 -14.78
CA SER C 135 -25.60 35.73 -16.16
C SER C 135 -26.96 35.07 -16.27
N LYS C 136 -27.88 35.73 -17.00
CA LYS C 136 -29.18 35.13 -17.27
C LYS C 136 -29.08 33.89 -18.19
N HIS C 137 -28.01 33.76 -18.95
CA HIS C 137 -27.77 32.54 -19.68
C HIS C 137 -27.52 31.38 -18.74
N VAL C 138 -26.70 31.62 -17.70
CA VAL C 138 -26.53 30.62 -16.61
C VAL C 138 -27.86 30.25 -15.96
N VAL C 139 -28.74 31.21 -15.71
CA VAL C 139 -30.10 30.88 -15.29
C VAL C 139 -30.83 29.92 -16.24
N ASP C 140 -30.77 30.14 -17.56
CA ASP C 140 -31.39 29.16 -18.50
C ASP C 140 -30.71 27.78 -18.43
N LEU C 141 -29.38 27.70 -18.26
CA LEU C 141 -28.74 26.40 -18.11
C LEU C 141 -29.13 25.68 -16.81
N PHE C 142 -29.39 26.46 -15.74
CA PHE C 142 -29.88 25.93 -14.48
C PHE C 142 -31.30 25.40 -14.67
N VAL C 143 -32.11 26.11 -15.46
CA VAL C 143 -33.43 25.63 -15.78
C VAL C 143 -33.36 24.32 -16.55
N ALA C 144 -32.45 24.20 -17.51
CA ALA C 144 -32.36 22.97 -18.27
C ALA C 144 -31.96 21.80 -17.36
N PHE C 145 -31.11 22.05 -16.35
CA PHE C 145 -30.72 21.05 -15.35
C PHE C 145 -31.90 20.57 -14.52
N SER C 146 -32.68 21.52 -14.03
CA SER C 146 -33.86 21.22 -13.31
C SER C 146 -34.83 20.33 -14.16
N LYS C 147 -34.93 20.56 -15.47
CA LYS C 147 -35.82 19.77 -16.36
C LYS C 147 -35.33 18.32 -16.41
N VAL C 148 -34.04 18.13 -16.54
CA VAL C 148 -33.43 16.84 -16.43
C VAL C 148 -33.80 16.15 -15.12
N CYS C 149 -33.63 16.87 -14.01
CA CYS C 149 -34.06 16.33 -12.72
C CYS C 149 -35.52 15.87 -12.71
N PHE C 150 -36.42 16.67 -13.30
CA PHE C 150 -37.86 16.38 -13.22
C PHE C 150 -38.29 15.19 -14.10
N GLU C 151 -37.68 15.08 -15.27
CA GLU C 151 -37.89 13.99 -16.19
C GLU C 151 -37.24 12.66 -15.70
N GLN C 152 -36.08 12.75 -15.08
CA GLN C 152 -35.40 11.58 -14.53
C GLN C 152 -35.94 11.13 -13.21
N PHE C 153 -36.31 12.03 -12.31
CA PHE C 153 -36.65 11.61 -10.95
C PHE C 153 -38.03 11.89 -10.55
N GLY C 154 -38.79 12.58 -11.39
CA GLY C 154 -40.09 13.17 -10.95
C GLY C 154 -41.25 12.17 -10.82
N ASP C 155 -41.08 11.00 -11.44
CA ASP C 155 -41.92 9.82 -11.12
C ASP C 155 -41.90 9.45 -9.62
N ARG C 156 -40.75 9.59 -8.98
CA ARG C 156 -40.57 9.18 -7.57
C ARG C 156 -40.47 10.33 -6.59
N VAL C 157 -39.83 11.43 -6.99
CA VAL C 157 -39.71 12.58 -6.08
C VAL C 157 -40.88 13.49 -6.41
N LYS C 158 -41.65 13.86 -5.39
CA LYS C 158 -42.81 14.71 -5.51
C LYS C 158 -42.68 15.99 -4.66
N ASP C 159 -41.48 16.24 -4.17
CA ASP C 159 -41.19 17.31 -3.21
C ASP C 159 -39.87 18.00 -3.62
N TRP C 160 -40.02 19.19 -4.24
CA TRP C 160 -38.91 19.88 -4.94
C TRP C 160 -38.68 21.24 -4.37
N PHE C 161 -37.40 21.61 -4.28
CA PHE C 161 -37.03 22.94 -3.77
C PHE C 161 -35.94 23.46 -4.70
N VAL C 162 -36.10 24.71 -5.16
CA VAL C 162 -35.17 25.23 -6.20
C VAL C 162 -33.78 25.59 -5.59
N HIS C 163 -33.77 26.33 -4.50
CA HIS C 163 -32.54 26.78 -3.87
C HIS C 163 -32.63 26.56 -2.41
N ASN C 164 -31.47 26.39 -1.80
CA ASN C 164 -31.31 26.65 -0.37
C ASN C 164 -30.75 28.09 -0.10
N GLU C 165 -31.54 28.93 0.56
CA GLU C 165 -31.15 30.28 0.98
C GLU C 165 -30.31 31.06 -0.06
N PRO C 166 -30.95 31.47 -1.16
CA PRO C 166 -30.29 32.26 -2.21
C PRO C 166 -29.66 33.52 -1.67
N MET C 167 -30.19 34.09 -0.60
CA MET C 167 -29.56 35.27 0.00
C MET C 167 -28.20 35.01 0.56
N VAL C 168 -27.94 33.78 1.00
CA VAL C 168 -26.61 33.41 1.53
C VAL C 168 -25.62 33.28 0.36
N VAL C 169 -26.11 32.89 -0.81
CA VAL C 169 -25.27 32.88 -2.07
C VAL C 169 -24.89 34.34 -2.44
N VAL C 170 -25.87 35.22 -2.37
CA VAL C 170 -25.72 36.64 -2.66
C VAL C 170 -24.65 37.16 -1.76
N GLU C 171 -24.85 36.98 -0.46
CA GLU C 171 -23.98 37.56 0.57
C GLU C 171 -22.64 36.92 0.58
N GLY C 172 -22.60 35.60 0.47
CA GLY C 172 -21.28 34.93 0.52
C GLY C 172 -20.39 35.24 -0.66
N SER C 173 -20.98 35.25 -1.85
CA SER C 173 -20.16 35.38 -3.06
C SER C 173 -19.83 36.86 -3.34
N TYR C 174 -20.72 37.74 -2.94
CA TYR C 174 -20.71 39.09 -3.45
C TYR C 174 -20.63 40.27 -2.39
N LEU C 175 -20.65 39.95 -1.08
CA LEU C 175 -20.64 40.97 -0.05
C LEU C 175 -19.77 40.70 1.13
N MET C 176 -19.76 39.48 1.68
CA MET C 176 -19.16 39.20 3.00
C MET C 176 -18.08 38.11 2.93
N GLN C 177 -17.72 37.67 1.74
CA GLN C 177 -16.45 36.96 1.53
C GLN C 177 -16.42 35.61 2.20
N PHE C 178 -17.54 34.88 2.15
CA PHE C 178 -17.48 33.50 2.69
C PHE C 178 -17.88 32.41 1.70
N HIS C 179 -18.25 32.79 0.48
CA HIS C 179 -18.31 31.85 -0.65
C HIS C 179 -17.39 32.41 -1.76
N TYR C 180 -16.88 31.51 -2.58
CA TYR C 180 -16.08 31.87 -3.74
C TYR C 180 -16.97 32.54 -4.78
N PRO C 181 -16.58 33.76 -5.20
CA PRO C 181 -15.24 34.20 -5.55
C PRO C 181 -14.84 35.18 -4.39
N ALA C 182 -15.67 35.29 -3.33
CA ALA C 182 -15.36 36.15 -2.19
C ALA C 182 -15.02 37.59 -2.63
N ILE C 183 -15.83 38.13 -3.51
CA ILE C 183 -15.66 39.55 -3.90
C ILE C 183 -16.65 40.45 -3.21
N VAL C 184 -16.35 41.72 -3.22
CA VAL C 184 -17.22 42.72 -2.59
C VAL C 184 -17.69 43.64 -3.73
N ASP C 185 -18.91 43.41 -4.19
CA ASP C 185 -19.51 44.19 -5.25
C ASP C 185 -21.03 44.13 -5.16
N GLY C 186 -21.57 45.17 -4.53
CA GLY C 186 -22.95 45.31 -4.28
C GLY C 186 -23.78 45.34 -5.54
N LYS C 187 -23.31 46.02 -6.59
CA LYS C 187 -24.17 46.08 -7.78
C LYS C 187 -24.37 44.65 -8.32
N LYS C 188 -23.29 43.89 -8.34
CA LYS C 188 -23.34 42.47 -8.73
C LYS C 188 -24.23 41.64 -7.77
N ALA C 189 -24.12 41.87 -6.47
CA ALA C 189 -24.95 41.18 -5.51
C ALA C 189 -26.39 41.35 -5.81
N VAL C 190 -26.78 42.56 -6.14
CA VAL C 190 -28.18 42.87 -6.32
C VAL C 190 -28.74 42.18 -7.59
N GLN C 191 -27.93 42.13 -8.67
CA GLN C 191 -28.33 41.49 -9.91
C GLN C 191 -28.43 39.98 -9.62
N VAL C 192 -27.45 39.45 -8.88
CA VAL C 192 -27.44 38.04 -8.47
C VAL C 192 -28.73 37.68 -7.68
N ALA C 193 -29.17 38.56 -6.76
CA ALA C 193 -30.38 38.31 -6.00
C ALA C 193 -31.61 38.20 -6.93
N TYR C 194 -31.71 39.18 -7.84
CA TYR C 194 -32.75 39.14 -8.86
C TYR C 194 -32.70 37.86 -9.69
N ASN C 195 -31.51 37.50 -10.14
CA ASN C 195 -31.39 36.38 -11.05
C ASN C 195 -31.76 35.00 -10.36
N LEU C 196 -31.49 34.91 -9.06
CA LEU C 196 -31.86 33.71 -8.30
C LEU C 196 -33.40 33.67 -8.08
N ALA C 197 -34.05 34.81 -7.87
CA ALA C 197 -35.54 34.84 -7.78
C ALA C 197 -36.18 34.50 -9.12
N LEU C 198 -35.59 35.01 -10.21
CA LEU C 198 -36.08 34.67 -11.58
C LEU C 198 -35.85 33.21 -11.83
N ALA C 199 -34.67 32.69 -11.51
CA ALA C 199 -34.36 31.26 -11.63
C ALA C 199 -35.40 30.34 -10.95
N THR C 200 -35.82 30.73 -9.77
CA THR C 200 -36.84 30.05 -9.06
C THR C 200 -38.17 30.00 -9.84
N ALA C 201 -38.63 31.15 -10.35
CA ALA C 201 -39.87 31.19 -11.05
C ALA C 201 -39.78 30.38 -12.34
N LYS C 202 -38.63 30.40 -13.00
CA LYS C 202 -38.48 29.70 -14.23
C LYS C 202 -38.36 28.19 -14.05
N VAL C 203 -37.83 27.74 -12.91
CA VAL C 203 -37.70 26.32 -12.66
C VAL C 203 -39.09 25.83 -12.30
N ILE C 204 -39.85 26.61 -11.56
CA ILE C 204 -41.21 26.28 -11.24
C ILE C 204 -42.11 26.18 -12.48
N GLN C 205 -42.01 27.13 -13.39
CA GLN C 205 -42.66 27.00 -14.68
C GLN C 205 -42.25 25.72 -15.42
N ALA C 206 -40.94 25.42 -15.44
CA ALA C 206 -40.50 24.18 -16.11
C ALA C 206 -41.05 22.90 -15.45
N TYR C 207 -41.25 22.92 -14.13
CA TYR C 207 -41.87 21.82 -13.39
C TYR C 207 -43.35 21.59 -13.78
N ARG C 208 -44.10 22.69 -13.84
CA ARG C 208 -45.50 22.61 -14.05
C ARG C 208 -45.85 22.33 -15.49
N ARG C 209 -44.90 22.53 -16.37
CA ARG C 209 -45.07 22.14 -17.76
C ARG C 209 -44.75 20.72 -18.11
N GLY C 210 -44.23 19.92 -17.18
CA GLY C 210 -43.88 18.57 -17.53
C GLY C 210 -45.12 17.69 -17.68
N PRO C 211 -44.95 16.49 -18.29
CA PRO C 211 -46.00 15.45 -18.28
C PRO C 211 -46.70 15.37 -16.92
N ALA C 212 -47.99 15.04 -16.89
CA ALA C 212 -48.82 15.06 -15.65
C ALA C 212 -48.31 14.25 -14.48
N GLU C 213 -47.85 13.05 -14.79
CA GLU C 213 -47.35 12.10 -13.78
C GLU C 213 -45.91 12.44 -13.28
N LEU C 214 -45.21 13.37 -13.93
CA LEU C 214 -43.93 13.91 -13.44
C LEU C 214 -44.10 15.28 -12.76
N SER C 215 -45.29 15.88 -12.86
CA SER C 215 -45.54 17.29 -12.48
C SER C 215 -46.62 17.40 -11.45
N ASP C 216 -46.93 16.28 -10.84
CA ASP C 216 -48.10 16.21 -9.94
C ASP C 216 -47.73 16.41 -8.49
N GLY C 217 -46.47 16.73 -8.17
CA GLY C 217 -46.06 16.93 -6.75
C GLY C 217 -46.09 18.40 -6.41
N ARG C 218 -45.20 18.86 -5.51
CA ARG C 218 -45.16 20.22 -5.01
C ARG C 218 -43.73 20.82 -5.20
N ILE C 219 -43.62 22.13 -5.48
CA ILE C 219 -42.32 22.75 -5.75
C ILE C 219 -42.32 24.07 -5.06
N GLY C 220 -41.17 24.34 -4.44
CA GLY C 220 -41.02 25.44 -3.53
C GLY C 220 -39.59 25.96 -3.56
N THR C 221 -39.24 26.69 -2.54
CA THR C 221 -37.86 27.09 -2.35
C THR C 221 -37.61 27.23 -0.85
N ILE C 222 -36.34 27.29 -0.46
CA ILE C 222 -35.96 27.31 0.96
C ILE C 222 -35.40 28.71 1.33
N LEU C 223 -36.09 29.44 2.21
CA LEU C 223 -35.81 30.83 2.45
C LEU C 223 -35.62 31.03 3.92
N ASN C 224 -35.54 32.28 4.33
CA ASN C 224 -35.34 32.60 5.74
C ASN C 224 -36.28 33.70 6.09
N LEU C 225 -36.86 33.63 7.29
CA LEU C 225 -37.75 34.65 7.81
C LEU C 225 -37.35 35.06 9.20
N THR C 226 -36.09 34.81 9.56
CA THR C 226 -35.54 35.23 10.86
C THR C 226 -35.75 36.71 11.12
N PRO C 227 -36.35 37.08 12.27
CA PRO C 227 -36.43 38.54 12.50
C PRO C 227 -35.11 39.29 12.59
N ALA C 228 -35.15 40.57 12.24
CA ALA C 228 -34.08 41.46 12.62
C ALA C 228 -34.65 42.33 13.73
N TYR C 229 -34.38 41.94 14.97
CA TYR C 229 -34.90 42.59 16.15
C TYR C 229 -34.17 43.88 16.33
N PRO C 230 -34.90 44.99 16.47
CA PRO C 230 -34.23 46.28 16.64
C PRO C 230 -33.61 46.38 18.00
N ALA C 231 -32.55 47.15 18.14
CA ALA C 231 -31.91 47.27 19.40
C ALA C 231 -32.78 48.01 20.40
N SER C 232 -33.59 48.98 19.93
CA SER C 232 -34.45 49.83 20.79
C SER C 232 -35.64 50.26 19.97
N GLN C 233 -36.58 50.97 20.57
CA GLN C 233 -37.77 51.50 19.83
C GLN C 233 -37.53 52.90 19.16
N SER C 234 -36.29 53.44 19.22
CA SER C 234 -35.93 54.68 18.51
C SER C 234 -36.23 54.48 17.04
N GLU C 235 -36.69 55.52 16.38
CA GLU C 235 -36.91 55.48 14.97
C GLU C 235 -35.66 55.01 14.22
N ALA C 236 -34.47 55.45 14.63
CA ALA C 236 -33.28 55.09 13.93
C ALA C 236 -33.07 53.56 13.96
N ASP C 237 -33.33 52.94 15.12
CA ASP C 237 -33.12 51.49 15.22
C ASP C 237 -34.24 50.75 14.50
N MET C 238 -35.46 51.26 14.59
CA MET C 238 -36.59 50.60 13.90
C MET C 238 -36.46 50.70 12.37
N ALA C 239 -35.91 51.80 11.90
CA ALA C 239 -35.73 52.01 10.44
C ALA C 239 -34.68 51.02 9.99
N ALA C 240 -33.61 50.87 10.77
CA ALA C 240 -32.60 49.84 10.51
C ALA C 240 -33.13 48.39 10.40
N ALA C 241 -34.06 48.03 11.32
CA ALA C 241 -34.60 46.69 11.36
C ALA C 241 -35.51 46.47 10.19
N HIS C 242 -36.27 47.52 9.90
CA HIS C 242 -37.20 47.46 8.82
C HIS C 242 -36.39 47.23 7.49
N PHE C 243 -35.34 47.97 7.31
CA PHE C 243 -34.56 47.73 6.08
C PHE C 243 -33.87 46.39 6.10
N ALA C 244 -33.37 45.97 7.26
CA ALA C 244 -32.72 44.67 7.34
C ALA C 244 -33.67 43.52 6.93
N GLU C 245 -34.93 43.65 7.27
CA GLU C 245 -35.90 42.65 6.88
C GLU C 245 -36.34 42.78 5.43
N LEU C 246 -36.56 44.02 4.98
CA LEU C 246 -36.83 44.25 3.55
C LEU C 246 -35.87 43.52 2.64
N TRP C 247 -34.61 43.70 2.89
CA TRP C 247 -33.53 43.00 2.12
C TRP C 247 -33.36 41.51 2.44
N ASN C 248 -33.07 41.20 3.72
CA ASN C 248 -32.74 39.82 4.12
C ASN C 248 -33.88 38.86 3.95
N ASN C 249 -35.11 39.31 4.14
CA ASN C 249 -36.29 38.42 4.13
C ASN C 249 -37.26 38.64 2.94
N ASP C 250 -37.70 39.88 2.79
CA ASP C 250 -38.82 40.20 1.95
C ASP C 250 -38.51 40.06 0.50
N LEU C 251 -37.27 40.36 0.07
CA LEU C 251 -36.98 40.30 -1.36
C LEU C 251 -37.38 38.94 -1.90
N PHE C 252 -36.83 37.89 -1.31
CA PHE C 252 -37.09 36.55 -1.81
C PHE C 252 -38.49 36.00 -1.43
N MET C 253 -38.98 36.35 -0.25
CA MET C 253 -40.27 35.86 0.24
C MET C 253 -41.45 36.46 -0.57
N GLU C 254 -41.42 37.78 -0.79
CA GLU C 254 -42.40 38.40 -1.71
C GLU C 254 -42.38 37.84 -3.12
N ALA C 255 -41.20 37.62 -3.66
CA ALA C 255 -41.14 37.06 -4.96
C ALA C 255 -41.76 35.64 -4.98
N ALA C 256 -41.35 34.80 -4.02
CA ALA C 256 -41.85 33.38 -3.99
C ALA C 256 -43.37 33.21 -3.75
N VAL C 257 -43.91 33.93 -2.80
CA VAL C 257 -45.28 33.79 -2.35
C VAL C 257 -46.27 34.76 -3.06
N HIS C 258 -45.86 36.02 -3.25
CA HIS C 258 -46.71 37.05 -3.83
C HIS C 258 -46.40 37.37 -5.29
N GLY C 259 -45.35 36.77 -5.86
CA GLY C 259 -44.92 37.01 -7.23
C GLY C 259 -44.53 38.42 -7.63
N LYS C 260 -44.05 39.20 -6.67
CA LYS C 260 -43.72 40.64 -6.84
C LYS C 260 -42.52 40.90 -5.92
N PHE C 261 -41.61 41.78 -6.34
CA PHE C 261 -40.61 42.35 -5.40
C PHE C 261 -41.20 43.41 -4.50
N PRO C 262 -40.63 43.61 -3.27
CA PRO C 262 -41.17 44.65 -2.36
C PRO C 262 -40.91 46.04 -2.88
N GLU C 263 -41.96 46.84 -3.07
CA GLU C 263 -41.88 48.14 -3.76
C GLU C 263 -40.94 49.08 -3.05
N GLU C 264 -40.99 49.07 -1.74
CA GLU C 264 -40.10 49.93 -0.99
C GLU C 264 -38.63 49.55 -1.14
N LEU C 265 -38.29 48.25 -1.27
CA LEU C 265 -36.90 47.87 -1.48
C LEU C 265 -36.41 48.34 -2.85
N VAL C 266 -37.25 48.07 -3.87
CA VAL C 266 -37.02 48.53 -5.25
C VAL C 266 -36.68 50.05 -5.30
N ALA C 267 -37.42 50.87 -4.58
CA ALA C 267 -37.13 52.35 -4.54
C ALA C 267 -35.85 52.64 -3.79
N VAL C 268 -35.51 51.88 -2.74
CA VAL C 268 -34.17 52.09 -2.14
C VAL C 268 -33.02 51.78 -3.13
N LEU C 269 -33.10 50.64 -3.77
CA LEU C 269 -32.08 50.24 -4.75
C LEU C 269 -32.00 51.17 -6.01
N LYS C 270 -33.15 51.64 -6.51
CA LYS C 270 -33.22 52.68 -7.56
C LYS C 270 -32.45 53.92 -7.04
N LYS C 271 -32.86 54.43 -5.88
CA LYS C 271 -32.22 55.62 -5.31
C LYS C 271 -30.72 55.42 -5.16
N ASP C 272 -30.27 54.22 -4.79
CA ASP C 272 -28.81 54.05 -4.57
C ASP C 272 -28.06 53.68 -5.85
N GLY C 273 -28.74 53.63 -7.00
CA GLY C 273 -28.14 53.29 -8.30
C GLY C 273 -27.73 51.83 -8.49
N VAL C 274 -28.37 50.89 -7.78
CA VAL C 274 -27.94 49.49 -7.87
C VAL C 274 -29.09 48.58 -8.25
N LEU C 275 -30.20 49.13 -8.70
CA LEU C 275 -31.35 48.31 -9.05
C LEU C 275 -30.96 47.31 -10.11
N TRP C 276 -31.51 46.11 -9.99
CA TRP C 276 -31.28 45.02 -10.94
C TRP C 276 -31.88 45.38 -12.31
N GLN C 277 -31.41 44.69 -13.35
CA GLN C 277 -32.06 44.75 -14.69
C GLN C 277 -33.11 43.65 -14.80
N SER C 278 -34.33 44.04 -15.11
CA SER C 278 -35.46 43.14 -15.22
C SER C 278 -36.15 43.48 -16.54
N THR C 279 -36.91 42.57 -17.13
CA THR C 279 -37.73 42.83 -18.33
C THR C 279 -39.16 42.54 -17.95
N PRO C 280 -40.16 43.12 -18.68
CA PRO C 280 -41.57 42.84 -18.33
C PRO C 280 -41.96 41.36 -18.37
N GLU C 281 -41.34 40.59 -19.26
CA GLU C 281 -41.56 39.14 -19.43
C GLU C 281 -41.10 38.41 -18.15
N GLU C 282 -39.85 38.66 -17.73
CA GLU C 282 -39.32 38.13 -16.45
C GLU C 282 -40.21 38.42 -15.26
N LEU C 283 -40.62 39.66 -15.10
CA LEU C 283 -41.54 39.97 -14.05
C LEU C 283 -42.91 39.26 -14.15
N ALA C 284 -43.39 39.00 -15.37
CA ALA C 284 -44.64 38.27 -15.52
C ALA C 284 -44.38 36.78 -15.26
N LEU C 285 -43.18 36.29 -15.54
CA LEU C 285 -42.84 34.91 -15.23
C LEU C 285 -42.96 34.72 -13.69
N ILE C 286 -42.34 35.65 -12.95
CA ILE C 286 -42.33 35.64 -11.49
C ILE C 286 -43.73 35.80 -10.90
N ALA C 287 -44.57 36.61 -11.56
CA ALA C 287 -45.95 36.79 -11.12
C ALA C 287 -46.79 35.53 -11.30
N GLU C 288 -46.50 34.78 -12.33
CA GLU C 288 -47.34 33.64 -12.72
C GLU C 288 -46.84 32.31 -12.17
N ASN C 289 -45.67 32.29 -11.51
CA ASN C 289 -45.07 31.07 -10.96
C ASN C 289 -44.61 31.14 -9.48
N ARG C 290 -45.59 31.16 -8.60
CA ARG C 290 -45.39 31.26 -7.18
C ARG C 290 -45.23 29.86 -6.60
N VAL C 291 -44.63 29.80 -5.40
CA VAL C 291 -44.32 28.46 -4.80
C VAL C 291 -45.60 27.73 -4.39
N ASP C 292 -45.57 26.40 -4.41
CA ASP C 292 -46.58 25.60 -3.61
C ASP C 292 -46.41 25.75 -2.13
N TYR C 293 -45.16 25.82 -1.66
CA TYR C 293 -44.87 25.81 -0.22
C TYR C 293 -43.39 26.22 0.00
N LEU C 294 -43.02 26.47 1.23
CA LEU C 294 -41.66 26.94 1.58
C LEU C 294 -41.02 26.07 2.61
N GLY C 295 -39.74 25.84 2.47
CA GLY C 295 -38.87 25.66 3.68
C GLY C 295 -38.36 27.00 4.25
N LEU C 296 -38.43 27.17 5.55
CA LEU C 296 -37.86 28.28 6.25
C LEU C 296 -36.77 27.74 7.20
N ASN C 297 -35.55 28.23 7.04
CA ASN C 297 -34.39 27.81 7.83
C ASN C 297 -34.29 28.70 9.04
N PHE C 298 -33.92 28.15 10.20
CA PHE C 298 -33.70 28.95 11.39
C PHE C 298 -32.60 28.32 12.25
N TYR C 299 -31.52 29.03 12.41
CA TYR C 299 -30.37 28.54 13.15
C TYR C 299 -29.66 29.61 13.93
N HIS C 300 -29.88 30.90 13.62
CA HIS C 300 -29.57 31.93 14.60
C HIS C 300 -30.31 33.24 14.41
N PRO C 301 -30.73 33.84 15.50
CA PRO C 301 -31.48 35.10 15.45
C PRO C 301 -30.55 36.24 15.10
N LYS C 302 -31.11 37.34 14.63
CA LYS C 302 -30.35 38.54 14.27
C LYS C 302 -30.95 39.73 15.02
N ARG C 303 -30.07 40.62 15.47
CA ARG C 303 -30.39 41.93 16.00
C ARG C 303 -29.62 43.02 15.31
N VAL C 304 -30.25 44.18 15.12
CA VAL C 304 -29.59 45.32 14.48
C VAL C 304 -29.90 46.63 15.16
N LYS C 305 -29.11 47.65 14.84
CA LYS C 305 -29.33 49.04 15.23
C LYS C 305 -28.93 49.97 14.08
N ALA C 306 -29.24 51.27 14.25
CA ALA C 306 -28.85 52.33 13.34
C ALA C 306 -27.37 52.28 13.17
N PRO C 307 -26.88 52.58 11.95
CA PRO C 307 -25.44 52.57 11.71
C PRO C 307 -24.66 53.38 12.77
N ASP C 308 -23.62 52.80 13.35
CA ASP C 308 -22.76 53.55 14.30
C ASP C 308 -21.88 54.67 13.63
N ALA C 309 -21.55 54.48 12.37
CA ALA C 309 -20.80 55.50 11.62
C ALA C 309 -21.41 55.61 10.24
N ILE C 310 -21.71 56.83 9.80
CA ILE C 310 -22.24 57.06 8.49
C ILE C 310 -21.00 57.49 7.66
N PRO C 311 -20.57 56.62 6.72
CA PRO C 311 -19.31 56.88 5.98
C PRO C 311 -19.50 57.96 4.92
N VAL C 312 -18.51 58.77 4.65
CA VAL C 312 -18.62 59.73 3.57
C VAL C 312 -18.79 59.02 2.22
N ILE C 313 -18.04 57.93 2.02
CA ILE C 313 -18.13 57.18 0.78
C ILE C 313 -17.97 55.71 1.07
N SER C 314 -18.71 54.90 0.31
CA SER C 314 -18.46 53.45 0.24
C SER C 314 -18.33 53.08 -1.22
N PRO C 315 -17.20 52.47 -1.59
CA PRO C 315 -16.97 52.06 -2.95
C PRO C 315 -17.96 50.94 -3.43
N SER C 316 -18.50 50.14 -2.52
CA SER C 316 -19.50 49.10 -2.88
C SER C 316 -20.77 49.21 -2.06
N TRP C 317 -21.92 49.06 -2.69
CA TRP C 317 -23.18 49.08 -2.04
C TRP C 317 -23.28 47.85 -1.12
N SER C 318 -23.97 48.04 -0.03
CA SER C 318 -24.22 47.02 0.93
C SER C 318 -25.53 47.31 1.62
N PRO C 319 -26.29 46.25 1.92
CA PRO C 319 -27.44 46.48 2.81
C PRO C 319 -26.99 47.01 4.20
N GLU C 320 -25.77 46.78 4.62
CA GLU C 320 -25.28 47.35 5.89
C GLU C 320 -24.96 48.83 5.83
N TRP C 321 -25.22 49.48 4.70
CA TRP C 321 -25.31 50.96 4.71
C TRP C 321 -26.39 51.38 5.74
N TYR C 322 -27.43 50.57 5.96
CA TYR C 322 -28.62 50.99 6.71
C TYR C 322 -28.73 50.37 8.09
N TYR C 323 -27.76 49.56 8.50
CA TYR C 323 -27.87 48.86 9.80
C TYR C 323 -26.55 48.23 10.16
N ASP C 324 -26.26 48.17 11.46
CA ASP C 324 -25.16 47.42 12.03
C ASP C 324 -25.71 46.24 12.89
N PRO C 325 -24.95 45.17 12.96
CA PRO C 325 -25.24 44.16 13.97
C PRO C 325 -25.24 44.74 15.37
N TYR C 326 -26.06 44.14 16.21
CA TYR C 326 -26.24 44.56 17.59
C TYR C 326 -26.17 43.31 18.47
N LEU C 327 -25.47 43.44 19.58
CA LEU C 327 -25.35 42.33 20.50
C LEU C 327 -25.95 42.75 21.83
N MET C 328 -26.94 41.98 22.26
CA MET C 328 -27.64 42.22 23.54
C MET C 328 -26.81 41.69 24.72
N PRO C 329 -26.44 42.56 25.70
CA PRO C 329 -25.93 42.08 27.00
C PRO C 329 -26.81 40.99 27.64
N GLY C 330 -26.19 39.91 28.12
CA GLY C 330 -26.91 38.84 28.79
C GLY C 330 -27.45 37.75 27.89
N HIS C 331 -27.11 37.83 26.60
CA HIS C 331 -27.59 36.87 25.60
C HIS C 331 -27.11 35.42 25.85
N ARG C 332 -27.86 34.45 25.36
CA ARG C 332 -27.42 33.08 25.29
C ARG C 332 -26.59 32.94 24.00
N MET C 333 -25.47 32.22 24.12
CA MET C 333 -24.42 32.17 23.13
C MET C 333 -23.94 30.75 22.86
N ASN C 334 -23.87 30.39 21.58
CA ASN C 334 -23.14 29.23 21.12
C ASN C 334 -21.74 29.74 20.88
N VAL C 335 -20.86 29.55 21.87
CA VAL C 335 -19.53 30.17 21.79
C VAL C 335 -18.71 29.55 20.63
N ASP C 336 -18.90 28.29 20.31
CA ASP C 336 -18.22 27.70 19.13
C ASP C 336 -18.51 28.39 17.84
N LYS C 337 -19.74 28.85 17.67
CA LYS C 337 -20.12 29.60 16.47
C LYS C 337 -20.11 31.11 16.59
N GLY C 338 -20.07 31.66 17.78
CA GLY C 338 -20.32 33.10 17.92
C GLY C 338 -21.78 33.48 17.58
N TRP C 339 -22.72 32.56 17.67
CA TRP C 339 -24.11 32.81 17.36
C TRP C 339 -24.92 32.87 18.63
N GLU C 340 -25.83 33.86 18.72
CA GLU C 340 -26.85 33.90 19.77
C GLU C 340 -27.85 32.72 19.68
N ILE C 341 -28.36 32.28 20.83
CA ILE C 341 -29.42 31.31 20.87
C ILE C 341 -30.67 32.07 21.35
N TYR C 342 -31.76 31.90 20.64
CA TYR C 342 -33.00 32.62 20.96
C TYR C 342 -34.12 31.92 20.24
N PRO C 343 -34.56 30.78 20.79
CA PRO C 343 -35.56 29.94 20.12
C PRO C 343 -36.99 30.56 19.93
N GLU C 344 -37.34 31.58 20.68
CA GLU C 344 -38.61 32.34 20.50
C GLU C 344 -38.78 32.85 19.03
N ALA C 345 -37.65 33.13 18.36
CA ALA C 345 -37.71 33.53 16.95
C ALA C 345 -38.55 32.61 16.12
N VAL C 346 -38.53 31.31 16.47
CA VAL C 346 -39.32 30.30 15.76
C VAL C 346 -40.83 30.65 15.76
N TYR C 347 -41.28 31.13 16.90
CA TYR C 347 -42.67 31.53 17.04
C TYR C 347 -42.92 32.80 16.16
N ASP C 348 -42.01 33.78 16.24
CA ASP C 348 -42.16 35.03 15.41
C ASP C 348 -42.21 34.68 13.95
N ILE C 349 -41.42 33.67 13.56
CA ILE C 349 -41.44 33.26 12.19
C ILE C 349 -42.79 32.62 11.78
N ALA C 350 -43.29 31.74 12.63
CA ALA C 350 -44.58 31.09 12.41
C ALA C 350 -45.76 32.10 12.25
N ILE C 351 -45.73 33.13 13.06
CA ILE C 351 -46.73 34.21 13.05
C ILE C 351 -46.59 35.06 11.78
N LYS C 352 -45.35 35.36 11.43
CA LYS C 352 -45.12 36.09 10.18
C LYS C 352 -45.71 35.35 9.00
N MET C 353 -45.53 34.03 8.91
CA MET C 353 -46.16 33.24 7.84
C MET C 353 -47.70 33.33 7.89
N ARG C 354 -48.24 33.21 9.09
CA ARG C 354 -49.67 33.23 9.30
C ARG C 354 -50.25 34.53 8.78
N ASP C 355 -49.65 35.65 9.18
CA ASP C 355 -50.26 36.96 8.98
C ASP C 355 -49.77 37.73 7.77
N HIS C 356 -48.63 37.39 7.18
CA HIS C 356 -48.05 38.16 6.08
C HIS C 356 -47.74 37.36 4.85
N TYR C 357 -47.74 36.03 4.95
CA TYR C 357 -47.56 35.18 3.77
C TYR C 357 -48.71 34.23 3.49
N ASP C 358 -49.94 34.72 3.80
CA ASP C 358 -51.22 34.07 3.42
C ASP C 358 -51.38 32.66 4.03
N ASN C 359 -50.67 32.46 5.15
CA ASN C 359 -50.53 31.18 5.80
C ASN C 359 -50.33 30.05 4.87
N ILE C 360 -49.47 30.21 3.90
CA ILE C 360 -49.29 29.10 2.96
C ILE C 360 -48.50 27.98 3.68
N PRO C 361 -48.51 26.76 3.12
CA PRO C 361 -47.78 25.65 3.80
C PRO C 361 -46.26 25.86 3.83
N TRP C 362 -45.70 25.76 5.02
CA TRP C 362 -44.28 25.78 5.22
C TRP C 362 -43.80 24.74 6.23
N PHE C 363 -42.52 24.36 6.13
CA PHE C 363 -41.86 23.54 7.20
C PHE C 363 -40.55 24.14 7.64
N LEU C 364 -40.21 23.95 8.91
CA LEU C 364 -38.93 24.43 9.43
C LEU C 364 -37.87 23.48 8.90
N SER C 365 -37.17 23.92 7.86
CA SER C 365 -36.37 23.05 7.03
C SER C 365 -34.90 22.86 7.40
N GLU C 366 -34.45 23.58 8.40
CA GLU C 366 -33.08 23.50 8.92
C GLU C 366 -33.08 24.08 10.30
N ASN C 367 -32.73 23.26 11.28
CA ASN C 367 -32.61 23.74 12.68
C ASN C 367 -31.71 22.78 13.40
N GLY C 368 -30.71 23.34 14.05
CA GLY C 368 -29.62 22.52 14.52
C GLY C 368 -28.65 23.37 15.23
N VAL C 369 -27.75 22.74 15.98
CA VAL C 369 -26.73 23.45 16.74
C VAL C 369 -25.38 22.76 16.55
N GLY C 370 -24.35 23.57 16.36
CA GLY C 370 -23.00 23.08 15.98
C GLY C 370 -22.02 23.30 17.12
N ILE C 371 -21.32 22.22 17.54
CA ILE C 371 -20.52 22.20 18.74
C ILE C 371 -19.25 21.41 18.45
N SER C 372 -18.13 21.94 18.93
CA SER C 372 -16.80 21.27 18.72
C SER C 372 -16.46 20.33 19.89
N GLY C 373 -15.43 19.52 19.72
CA GLY C 373 -14.88 18.67 20.81
C GLY C 373 -15.92 17.76 21.47
N GLU C 374 -16.78 17.13 20.67
CA GLU C 374 -17.84 16.30 21.22
C GLU C 374 -17.35 14.97 21.85
N ASP C 375 -16.10 14.61 21.55
CA ASP C 375 -15.41 13.51 22.23
C ASP C 375 -15.48 13.64 23.76
N ARG C 376 -15.49 14.89 24.23
CA ARG C 376 -15.62 15.18 25.66
C ARG C 376 -16.93 14.75 26.31
N TYR C 377 -17.99 14.45 25.57
CA TYR C 377 -19.29 14.06 26.17
C TYR C 377 -19.60 12.63 25.80
N ARG C 378 -18.59 11.90 25.34
CA ARG C 378 -18.71 10.47 25.15
C ARG C 378 -18.87 9.77 26.53
N ASP C 379 -19.85 8.89 26.66
CA ASP C 379 -19.94 8.03 27.82
C ASP C 379 -19.19 6.69 27.61
N GLU C 380 -19.16 5.90 28.66
CA GLU C 380 -18.52 4.60 28.67
C GLU C 380 -19.03 3.67 27.59
N THR C 381 -20.28 3.77 27.16
CA THR C 381 -20.69 2.94 26.02
C THR C 381 -20.06 3.42 24.71
N GLY C 382 -19.34 4.53 24.68
CA GLY C 382 -18.87 5.08 23.39
C GLY C 382 -19.84 6.05 22.67
N GLN C 383 -21.01 6.31 23.26
CA GLN C 383 -22.02 7.17 22.63
C GLN C 383 -21.89 8.62 23.10
N ILE C 384 -21.92 9.59 22.18
CA ILE C 384 -21.88 11.02 22.59
C ILE C 384 -23.21 11.37 23.30
N GLN C 385 -23.10 11.97 24.49
CA GLN C 385 -24.28 12.34 25.27
C GLN C 385 -24.53 13.80 24.99
N ASP C 386 -25.14 14.09 23.82
CA ASP C 386 -25.26 15.50 23.37
C ASP C 386 -26.58 16.10 23.99
N ASP C 387 -26.61 16.20 25.33
CA ASP C 387 -27.71 16.76 26.10
C ASP C 387 -28.04 18.17 25.59
N TYR C 388 -27.03 19.04 25.51
CA TYR C 388 -27.14 20.37 24.84
C TYR C 388 -27.95 20.34 23.50
N ARG C 389 -27.79 19.31 22.69
CA ARG C 389 -28.42 19.29 21.37
C ARG C 389 -29.87 18.89 21.58
N ILE C 390 -30.09 17.94 22.50
CA ILE C 390 -31.44 17.58 22.86
C ILE C 390 -32.14 18.85 23.32
N GLN C 391 -31.54 19.59 24.23
CA GLN C 391 -32.20 20.74 24.81
C GLN C 391 -32.50 21.85 23.77
N PHE C 392 -31.50 22.14 22.92
CA PHE C 392 -31.61 23.13 21.86
C PHE C 392 -32.78 22.75 20.94
N LEU C 393 -32.80 21.52 20.48
CA LEU C 393 -33.79 21.12 19.56
C LEU C 393 -35.20 21.13 20.17
N LYS C 394 -35.32 20.70 21.42
CA LYS C 394 -36.60 20.69 22.09
C LYS C 394 -37.19 22.13 22.33
N GLU C 395 -36.39 23.06 22.78
CA GLU C 395 -36.79 24.44 22.84
C GLU C 395 -37.31 25.09 21.51
N HIS C 396 -36.62 24.82 20.41
CA HIS C 396 -37.02 25.35 19.12
C HIS C 396 -38.33 24.70 18.66
N LEU C 397 -38.44 23.40 18.89
CA LEU C 397 -39.62 22.63 18.58
C LEU C 397 -40.80 23.07 19.46
N THR C 398 -40.53 23.47 20.70
CA THR C 398 -41.56 23.95 21.58
C THR C 398 -42.20 25.26 21.03
N TYR C 399 -41.34 26.18 20.62
CA TYR C 399 -41.84 27.40 20.02
C TYR C 399 -42.45 27.16 18.67
N LEU C 400 -41.97 26.17 17.93
CA LEU C 400 -42.62 25.77 16.67
C LEU C 400 -44.08 25.32 16.94
N HIS C 401 -44.23 24.57 18.03
CA HIS C 401 -45.53 24.09 18.48
C HIS C 401 -46.46 25.26 18.90
N LYS C 402 -45.98 26.16 19.70
CA LYS C 402 -46.74 27.38 19.95
C LYS C 402 -47.26 28.07 18.65
N GLY C 403 -46.44 28.04 17.60
CA GLY C 403 -46.83 28.69 16.34
C GLY C 403 -47.91 27.96 15.63
N ILE C 404 -47.79 26.63 15.64
CA ILE C 404 -48.82 25.80 15.03
C ILE C 404 -50.17 25.94 15.75
N GLU C 405 -50.09 26.07 17.07
CA GLU C 405 -51.27 26.18 17.97
C GLU C 405 -51.95 27.48 17.68
N ALA C 406 -51.17 28.53 17.39
CA ALA C 406 -51.73 29.83 17.04
C ALA C 406 -52.19 29.89 15.58
N GLY C 407 -52.09 28.80 14.84
CA GLY C 407 -52.77 28.67 13.52
C GLY C 407 -51.80 28.74 12.33
N SER C 408 -50.48 28.80 12.58
CA SER C 408 -49.52 28.79 11.47
C SER C 408 -49.48 27.44 10.81
N ASN C 409 -49.52 27.46 9.49
CA ASN C 409 -49.67 26.27 8.69
C ASN C 409 -48.32 25.55 8.42
N CYS C 410 -47.69 25.09 9.50
CA CYS C 410 -46.42 24.39 9.43
C CYS C 410 -46.65 22.89 9.35
N PHE C 411 -46.06 22.22 8.36
CA PHE C 411 -46.22 20.77 8.16
C PHE C 411 -44.95 19.91 8.45
N GLY C 412 -43.88 20.49 8.99
CA GLY C 412 -42.71 19.68 9.29
C GLY C 412 -41.54 20.31 9.98
N TYR C 413 -40.53 19.47 10.28
CA TYR C 413 -39.36 19.87 11.01
C TYR C 413 -38.18 18.96 10.66
N HIS C 414 -37.10 19.59 10.18
CA HIS C 414 -35.87 18.89 9.74
C HIS C 414 -34.69 19.42 10.55
N VAL C 415 -34.03 18.49 11.20
CA VAL C 415 -32.83 18.78 11.99
C VAL C 415 -31.67 18.91 11.01
N TRP C 416 -30.87 19.94 11.24
CA TRP C 416 -29.59 20.09 10.60
C TRP C 416 -28.50 19.51 11.55
N THR C 417 -28.28 18.21 11.46
CA THR C 417 -28.05 17.43 10.25
C THR C 417 -28.18 15.95 10.74
N PRO C 418 -28.70 15.01 9.92
CA PRO C 418 -28.75 13.58 10.40
C PRO C 418 -27.42 13.03 10.89
N ILE C 419 -26.42 13.14 10.03
CA ILE C 419 -25.07 12.65 10.32
C ILE C 419 -24.07 13.80 10.08
N ASP C 420 -23.12 14.05 11.02
CA ASP C 420 -22.08 15.11 10.92
C ASP C 420 -21.59 15.25 9.48
N GLY C 421 -21.52 16.49 8.99
CA GLY C 421 -21.14 16.71 7.62
C GLY C 421 -20.23 17.88 7.55
N TRP C 422 -19.72 18.05 6.35
CA TRP C 422 -18.71 19.09 6.10
C TRP C 422 -19.37 20.51 6.06
N SER C 423 -19.06 21.34 7.03
CA SER C 423 -19.66 22.64 7.22
C SER C 423 -18.80 23.77 6.55
N TRP C 424 -18.55 23.61 5.25
CA TRP C 424 -17.94 24.66 4.40
C TRP C 424 -16.55 25.04 4.92
N LEU C 425 -16.22 26.34 5.07
CA LEU C 425 -14.90 26.69 5.53
C LEU C 425 -14.59 26.10 6.90
N ASN C 426 -15.61 25.95 7.73
CA ASN C 426 -15.45 25.34 9.06
C ASN C 426 -15.29 23.81 9.06
N ALA C 427 -15.50 23.17 7.92
CA ALA C 427 -15.22 21.76 7.76
C ALA C 427 -15.82 20.98 8.94
N TYR C 428 -15.03 20.22 9.70
CA TYR C 428 -15.61 19.41 10.79
C TYR C 428 -15.31 19.96 12.17
N LYS C 429 -14.97 21.23 12.25
CA LYS C 429 -14.71 21.85 13.50
C LYS C 429 -15.94 21.79 14.44
N ASN C 430 -17.09 22.21 13.96
CA ASN C 430 -18.35 22.14 14.70
C ASN C 430 -19.19 21.04 14.13
N ARG C 431 -19.70 20.15 14.98
CA ARG C 431 -20.53 19.04 14.59
C ARG C 431 -22.01 19.37 14.88
N TYR C 432 -22.88 19.02 13.96
CA TYR C 432 -24.31 19.22 14.05
C TYR C 432 -25.12 17.92 14.07
N GLY C 433 -24.45 16.78 13.98
CA GLY C 433 -25.19 15.55 13.66
C GLY C 433 -26.04 15.05 14.82
N LEU C 434 -27.17 14.42 14.46
CA LEU C 434 -27.88 13.50 15.38
C LEU C 434 -27.04 12.23 15.57
N VAL C 435 -26.26 11.91 14.55
CA VAL C 435 -25.42 10.76 14.44
C VAL C 435 -23.98 11.21 14.17
N GLU C 436 -23.08 10.75 15.03
CA GLU C 436 -21.65 11.06 14.88
C GLU C 436 -21.10 10.44 13.59
N ASN C 437 -20.27 11.17 12.85
CA ASN C 437 -19.43 10.57 11.83
C ASN C 437 -17.98 10.72 12.24
N ASN C 438 -17.23 9.63 12.17
CA ASN C 438 -15.77 9.69 12.34
C ASN C 438 -15.20 10.00 10.99
N ILE C 439 -14.50 11.09 10.88
CA ILE C 439 -14.02 11.56 9.58
C ILE C 439 -12.81 10.81 9.03
N HIS C 440 -12.23 9.94 9.86
CA HIS C 440 -11.14 9.08 9.42
C HIS C 440 -11.68 7.75 8.87
N THR C 441 -12.52 7.09 9.68
CA THR C 441 -13.11 5.81 9.29
C THR C 441 -14.44 5.84 8.53
N GLN C 442 -15.15 6.98 8.63
CA GLN C 442 -16.48 7.15 8.08
C GLN C 442 -17.50 6.22 8.72
N VAL C 443 -17.25 5.82 9.98
CA VAL C 443 -18.22 4.98 10.71
C VAL C 443 -19.19 5.92 11.42
N ARG C 444 -20.49 5.61 11.29
CA ARG C 444 -21.51 6.38 11.95
C ARG C 444 -21.76 5.84 13.38
N ARG C 445 -22.05 6.75 14.32
CA ARG C 445 -22.44 6.34 15.66
C ARG C 445 -23.51 7.23 16.25
N PRO C 446 -24.71 6.66 16.47
CA PRO C 446 -25.79 7.52 17.00
C PRO C 446 -25.53 8.21 18.32
N LYS C 447 -25.87 9.50 18.42
CA LYS C 447 -25.63 10.22 19.66
C LYS C 447 -26.94 10.13 20.47
N ALA C 448 -26.96 10.65 21.69
CA ALA C 448 -28.19 10.57 22.47
C ALA C 448 -29.31 11.28 21.75
N SER C 449 -28.99 12.40 21.05
CA SER C 449 -30.06 13.15 20.37
C SER C 449 -30.78 12.28 19.35
N ALA C 450 -30.07 11.35 18.73
CA ALA C 450 -30.68 10.55 17.71
C ALA C 450 -31.86 9.74 18.28
N TYR C 451 -31.71 9.31 19.55
CA TYR C 451 -32.69 8.39 20.18
C TYR C 451 -33.77 9.22 20.76
N TRP C 452 -33.40 10.36 21.34
CA TRP C 452 -34.41 11.34 21.71
C TRP C 452 -35.37 11.68 20.53
N PHE C 453 -34.79 12.02 19.39
CA PHE C 453 -35.56 12.52 18.25
C PHE C 453 -36.35 11.39 17.64
N LYS C 454 -35.80 10.19 17.66
CA LYS C 454 -36.59 9.00 17.32
C LYS C 454 -37.97 8.93 18.04
N LYS C 455 -38.01 9.19 19.34
CA LYS C 455 -39.27 9.03 20.06
C LYS C 455 -40.24 10.16 19.64
N VAL C 456 -39.69 11.38 19.46
CA VAL C 456 -40.48 12.52 19.04
C VAL C 456 -41.07 12.20 17.67
N ALA C 457 -40.24 11.76 16.72
CA ALA C 457 -40.79 11.45 15.37
C ALA C 457 -41.77 10.26 15.35
N THR C 458 -41.42 9.20 16.05
CA THR C 458 -42.26 7.97 16.14
C THR C 458 -43.67 8.24 16.78
N HIS C 459 -43.72 8.95 17.90
CA HIS C 459 -44.99 9.25 18.59
C HIS C 459 -45.63 10.63 18.29
N ASN C 460 -45.01 11.42 17.38
CA ASN C 460 -45.53 12.71 16.91
C ASN C 460 -45.83 13.67 18.05
N ARG C 461 -44.92 13.69 19.04
CA ARG C 461 -45.08 14.54 20.21
C ARG C 461 -43.79 14.83 20.92
N LEU C 462 -43.82 15.95 21.60
CA LEU C 462 -42.77 16.41 22.51
C LEU C 462 -43.35 16.30 23.90
N ILE C 463 -42.55 15.92 24.90
CA ILE C 463 -43.00 15.86 26.29
C ILE C 463 -42.66 17.07 27.15
N MET D 1 -30.33 80.44 -3.34
CA MET D 1 -29.01 81.09 -3.73
C MET D 1 -28.31 81.64 -2.52
N LEU D 2 -27.09 81.18 -2.23
CA LEU D 2 -26.31 81.69 -1.06
C LEU D 2 -25.22 82.55 -1.65
N ALA D 3 -25.40 83.86 -1.64
CA ALA D 3 -24.46 84.80 -2.21
C ALA D 3 -23.36 85.07 -1.18
N PHE D 4 -22.10 85.17 -1.63
CA PHE D 4 -20.94 85.33 -0.70
C PHE D 4 -20.47 86.75 -0.80
N PRO D 5 -19.76 87.28 0.22
CA PRO D 5 -19.31 88.65 0.14
C PRO D 5 -18.52 88.83 -1.08
N LYS D 6 -18.60 89.98 -1.73
CA LYS D 6 -17.86 90.12 -2.99
C LYS D 6 -16.37 90.38 -2.73
N GLU D 7 -15.56 90.10 -3.74
CA GLU D 7 -14.10 90.00 -3.53
C GLU D 7 -13.68 88.80 -2.65
N PHE D 8 -14.57 87.89 -2.30
CA PHE D 8 -14.25 86.76 -1.44
C PHE D 8 -13.08 86.00 -2.11
N TRP D 9 -12.16 85.53 -1.29
CA TRP D 9 -11.08 84.70 -1.83
C TRP D 9 -11.66 83.30 -2.15
N TRP D 10 -11.37 82.82 -3.35
CA TRP D 10 -11.68 81.49 -3.77
C TRP D 10 -10.42 80.88 -4.35
N GLY D 11 -10.12 79.68 -3.85
CA GLY D 11 -9.00 78.89 -4.34
C GLY D 11 -8.65 77.85 -3.36
N GLY D 12 -7.39 77.41 -3.43
CA GLY D 12 -6.93 76.43 -2.49
C GLY D 12 -5.54 76.62 -1.95
N ALA D 13 -5.24 75.75 -0.99
CA ALA D 13 -4.01 75.76 -0.26
C ALA D 13 -3.23 74.47 -0.47
N THR D 14 -1.92 74.68 -0.50
CA THR D 14 -0.92 73.64 -0.38
C THR D 14 0.27 74.19 0.46
N SER D 15 1.42 73.53 0.37
CA SER D 15 2.65 73.91 1.09
C SER D 15 3.82 73.51 0.18
N GLY D 16 4.93 74.21 0.31
CA GLY D 16 6.14 73.89 -0.44
C GLY D 16 6.62 72.43 -0.27
N PRO D 17 6.77 71.95 0.98
CA PRO D 17 7.18 70.55 1.30
C PRO D 17 6.30 69.45 0.65
N GLN D 18 4.99 69.73 0.57
CA GLN D 18 4.02 68.77 0.10
C GLN D 18 3.81 68.85 -1.38
N SER D 19 4.19 69.96 -2.02
CA SER D 19 3.98 70.07 -3.48
C SER D 19 5.21 70.08 -4.36
N GLU D 20 6.33 70.66 -3.89
CA GLU D 20 7.42 70.97 -4.83
C GLU D 20 8.20 69.75 -5.33
N GLY D 21 8.52 68.84 -4.43
CA GLY D 21 9.63 67.91 -4.64
C GLY D 21 10.89 68.60 -4.10
N ARG D 22 11.92 67.78 -3.84
CA ARG D 22 13.23 68.24 -3.42
C ARG D 22 14.18 68.63 -4.53
N PHE D 23 13.73 68.60 -5.78
CA PHE D 23 14.49 69.09 -6.94
C PHE D 23 15.20 70.42 -6.65
N ALA D 24 16.52 70.41 -6.79
CA ALA D 24 17.39 71.54 -6.64
C ALA D 24 17.42 72.14 -5.26
N LYS D 25 16.95 71.44 -4.23
CA LYS D 25 16.75 72.06 -2.94
C LYS D 25 17.95 71.80 -2.07
N GLN D 26 18.63 72.86 -1.70
CA GLN D 26 19.88 72.77 -0.97
C GLN D 26 19.83 71.94 0.33
N HIS D 27 18.86 72.19 1.20
CA HIS D 27 18.88 71.62 2.55
C HIS D 27 17.71 70.70 2.74
N ARG D 28 17.80 69.88 3.78
CA ARG D 28 16.72 69.02 4.18
C ARG D 28 15.93 69.65 5.33
N ASN D 29 14.61 69.60 5.20
CA ASN D 29 13.72 69.90 6.29
C ASN D 29 13.51 68.62 7.09
N LEU D 30 12.79 68.72 8.22
CA LEU D 30 12.60 67.63 9.13
C LEU D 30 12.01 66.36 8.46
N PHE D 31 11.06 66.54 7.54
CA PHE D 31 10.40 65.41 6.90
C PHE D 31 11.29 64.76 5.85
N ASP D 32 12.05 65.57 5.15
CA ASP D 32 13.01 65.10 4.18
C ASP D 32 14.02 64.14 4.90
N TYR D 33 14.52 64.58 6.05
CA TYR D 33 15.39 63.77 6.88
C TYR D 33 14.71 62.50 7.37
N TRP D 34 13.54 62.63 7.95
CA TRP D 34 12.74 61.49 8.42
C TRP D 34 12.55 60.43 7.37
N TYR D 35 12.28 60.84 6.14
CA TYR D 35 12.12 59.90 5.06
C TYR D 35 13.44 59.21 4.63
N GLU D 36 14.55 59.95 4.61
CA GLU D 36 15.87 59.35 4.39
C GLU D 36 16.17 58.27 5.45
N GLU D 37 15.75 58.48 6.69
CA GLU D 37 16.08 57.59 7.76
C GLU D 37 15.12 56.42 7.85
N GLU D 38 13.82 56.69 7.70
CA GLU D 38 12.79 55.67 7.87
C GLU D 38 11.72 55.65 6.78
N PRO D 39 12.10 55.31 5.54
CA PRO D 39 11.12 55.32 4.45
C PRO D 39 9.90 54.44 4.69
N ASP D 40 10.05 53.39 5.50
CA ASP D 40 8.91 52.49 5.70
C ASP D 40 7.78 53.06 6.60
N LEU D 41 7.99 54.24 7.17
CA LEU D 41 6.92 54.93 7.93
C LEU D 41 5.99 55.70 6.99
N PHE D 42 6.32 55.72 5.70
CA PHE D 42 5.62 56.50 4.72
C PHE D 42 4.87 55.55 3.77
N TYR D 43 3.61 55.90 3.52
CA TYR D 43 2.73 55.02 2.79
C TYR D 43 3.25 54.76 1.37
N ASP D 44 3.33 53.45 1.05
CA ASP D 44 3.87 52.94 -0.20
C ASP D 44 5.34 53.36 -0.39
N TYR D 45 6.01 53.70 0.70
CA TYR D 45 7.37 54.20 0.67
C TYR D 45 7.57 55.50 -0.13
N VAL D 46 6.53 56.31 -0.28
CA VAL D 46 6.62 57.49 -1.10
C VAL D 46 7.01 58.68 -0.23
N GLY D 47 8.13 59.28 -0.56
CA GLY D 47 8.65 60.40 0.22
C GLY D 47 8.40 61.71 -0.51
N PRO D 48 9.09 62.77 -0.03
CA PRO D 48 8.94 64.11 -0.56
C PRO D 48 9.85 64.46 -1.72
N ASP D 49 10.69 63.51 -2.19
CA ASP D 49 11.70 63.81 -3.22
C ASP D 49 11.12 64.39 -4.50
N THR D 50 10.03 63.81 -5.01
CA THR D 50 9.33 64.35 -6.17
C THR D 50 8.01 65.04 -5.76
N ALA D 51 7.35 64.50 -4.74
CA ALA D 51 6.04 64.96 -4.32
C ALA D 51 5.11 65.12 -5.57
N SER D 52 4.44 66.26 -5.72
CA SER D 52 3.65 66.50 -6.91
C SER D 52 4.31 67.46 -7.90
N ASP D 53 5.65 67.62 -7.83
CA ASP D 53 6.42 68.11 -8.92
C ASP D 53 6.11 69.59 -9.26
N ALA D 54 5.64 70.35 -8.29
CA ALA D 54 5.43 71.79 -8.49
C ALA D 54 6.74 72.56 -8.76
N TYR D 55 7.90 71.98 -8.41
CA TYR D 55 9.15 72.54 -8.85
C TYR D 55 9.13 72.75 -10.33
N HIS D 56 8.60 71.78 -11.09
CA HIS D 56 8.58 71.93 -12.53
C HIS D 56 7.25 72.46 -13.05
N GLN D 57 6.13 72.23 -12.35
CA GLN D 57 4.81 72.43 -12.95
C GLN D 57 4.04 73.62 -12.37
N ILE D 58 4.69 74.41 -11.51
CA ILE D 58 3.97 75.50 -10.90
C ILE D 58 3.31 76.44 -11.94
N GLU D 59 3.99 76.78 -13.04
CA GLU D 59 3.38 77.67 -14.03
C GLU D 59 2.18 77.04 -14.69
N SER D 60 2.31 75.81 -15.19
CA SER D 60 1.16 75.20 -15.82
C SER D 60 0.08 74.90 -14.77
N ASP D 61 0.42 74.66 -13.50
CA ASP D 61 -0.64 74.48 -12.51
C ASP D 61 -1.49 75.73 -12.36
N LEU D 62 -0.82 76.89 -12.28
CA LEU D 62 -1.54 78.13 -11.98
C LEU D 62 -2.44 78.52 -13.17
N THR D 63 -1.95 78.33 -14.39
CA THR D 63 -2.80 78.41 -15.57
C THR D 63 -4.04 77.55 -15.44
N LEU D 64 -3.87 76.28 -15.07
CA LEU D 64 -5.02 75.42 -14.94
C LEU D 64 -5.97 75.94 -13.85
N LEU D 65 -5.42 76.31 -12.70
CA LEU D 65 -6.25 76.75 -11.58
C LEU D 65 -7.04 78.02 -11.93
N ALA D 66 -6.40 78.96 -12.65
CA ALA D 66 -7.11 80.17 -13.04
C ALA D 66 -8.26 79.74 -13.98
N SER D 67 -8.02 78.82 -14.91
CA SER D 67 -9.10 78.31 -15.76
C SER D 67 -10.17 77.60 -14.92
N LEU D 68 -9.88 77.20 -13.68
CA LEU D 68 -10.90 76.60 -12.83
C LEU D 68 -11.50 77.60 -11.86
N GLY D 69 -11.34 78.89 -12.16
CA GLY D 69 -11.97 79.95 -11.39
C GLY D 69 -11.24 80.36 -10.13
N HIS D 70 -10.01 79.93 -9.91
CA HIS D 70 -9.38 80.27 -8.62
C HIS D 70 -8.89 81.70 -8.73
N ASN D 71 -9.18 82.51 -7.73
CA ASN D 71 -8.63 83.91 -7.71
C ASN D 71 -7.47 84.11 -6.72
N SER D 72 -7.04 83.03 -6.09
CA SER D 72 -6.08 83.13 -5.02
C SER D 72 -5.47 81.76 -4.82
N TYR D 73 -4.26 81.70 -4.28
CA TYR D 73 -3.56 80.41 -4.04
C TYR D 73 -2.62 80.60 -2.88
N ARG D 74 -2.67 79.70 -1.91
CA ARG D 74 -1.79 79.74 -0.75
C ARG D 74 -0.82 78.57 -0.85
N THR D 75 0.47 78.85 -0.69
CA THR D 75 1.49 77.83 -0.60
C THR D 75 2.48 78.39 0.41
N SER D 76 3.62 77.70 0.57
CA SER D 76 4.65 78.13 1.48
C SER D 76 6.02 78.22 0.79
N ILE D 77 6.83 79.13 1.34
CA ILE D 77 8.26 79.29 0.97
C ILE D 77 9.04 78.48 1.97
N GLN D 78 9.85 77.53 1.45
CA GLN D 78 10.67 76.69 2.30
C GLN D 78 12.01 77.43 2.71
N TRP D 79 12.21 77.53 4.00
CA TRP D 79 13.47 77.99 4.59
C TRP D 79 14.61 77.16 4.04
N THR D 80 14.38 75.84 3.86
CA THR D 80 15.37 74.93 3.33
C THR D 80 15.72 75.11 1.88
N ARG D 81 14.87 75.82 1.12
CA ARG D 81 15.15 76.10 -0.31
C ARG D 81 15.75 77.50 -0.54
N LEU D 82 15.23 78.49 0.16
CA LEU D 82 15.60 79.88 -0.16
C LEU D 82 16.97 80.26 0.47
N ILE D 83 17.26 79.74 1.65
CA ILE D 83 18.41 80.16 2.41
C ILE D 83 19.60 79.21 2.20
N ASP D 84 20.72 79.82 1.86
CA ASP D 84 21.99 79.09 1.74
C ASP D 84 22.59 78.93 3.14
N ASP D 85 23.15 80.01 3.72
CA ASP D 85 23.72 79.96 5.10
C ASP D 85 22.74 80.50 6.10
N PHE D 86 22.23 79.59 6.95
CA PHE D 86 21.18 79.88 7.91
C PHE D 86 21.63 80.94 8.95
N GLU D 87 22.90 80.94 9.35
CA GLU D 87 23.38 81.87 10.37
C GLU D 87 23.31 83.30 9.85
N GLN D 88 23.57 83.47 8.55
CA GLN D 88 23.61 84.76 7.88
C GLN D 88 22.37 85.10 7.07
N ALA D 89 21.45 84.15 6.86
CA ALA D 89 20.34 84.38 5.93
C ALA D 89 20.79 84.89 4.59
N THR D 90 21.78 84.26 4.01
CA THR D 90 22.17 84.54 2.64
C THR D 90 21.34 83.65 1.75
N ILE D 91 21.27 84.06 0.49
CA ILE D 91 20.27 83.55 -0.40
C ILE D 91 20.77 82.50 -1.38
N ASN D 92 20.09 81.36 -1.46
CA ASN D 92 20.29 80.42 -2.56
C ASN D 92 19.68 80.97 -3.86
N PRO D 93 20.49 81.23 -4.89
CA PRO D 93 19.93 81.89 -6.07
C PRO D 93 18.93 81.08 -6.84
N ASP D 94 19.10 79.75 -6.94
CA ASP D 94 18.05 78.92 -7.59
C ASP D 94 16.73 79.00 -6.80
N GLY D 95 16.79 78.91 -5.48
CA GLY D 95 15.65 79.02 -4.61
C GLY D 95 14.92 80.34 -4.79
N LEU D 96 15.70 81.43 -4.77
CA LEU D 96 15.18 82.77 -5.12
C LEU D 96 14.41 82.78 -6.45
N ALA D 97 15.02 82.19 -7.48
CA ALA D 97 14.44 82.23 -8.81
C ALA D 97 13.16 81.42 -8.83
N TYR D 98 13.14 80.30 -8.10
CA TYR D 98 11.95 79.47 -8.11
C TYR D 98 10.79 80.23 -7.46
N TYR D 99 10.98 80.83 -6.30
CA TYR D 99 9.88 81.49 -5.68
C TYR D 99 9.41 82.71 -6.47
N ASN D 100 10.34 83.41 -7.14
CA ASN D 100 9.94 84.39 -8.19
C ASN D 100 9.10 83.79 -9.30
N ARG D 101 9.46 82.61 -9.84
CA ARG D 101 8.63 82.02 -10.85
C ARG D 101 7.21 81.74 -10.26
N VAL D 102 7.14 81.25 -9.02
CA VAL D 102 5.87 80.92 -8.38
C VAL D 102 5.01 82.21 -8.26
N ILE D 103 5.62 83.28 -7.77
CA ILE D 103 4.90 84.58 -7.55
C ILE D 103 4.45 85.23 -8.88
N ASP D 104 5.34 85.32 -9.85
CA ASP D 104 5.01 85.93 -11.14
C ASP D 104 3.95 85.13 -11.91
N ALA D 105 3.95 83.83 -11.73
CA ALA D 105 2.95 83.00 -12.34
C ALA D 105 1.53 83.19 -11.73
N CYS D 106 1.47 83.41 -10.43
CA CYS D 106 0.26 83.79 -9.76
C CYS D 106 -0.29 85.06 -10.39
N LEU D 107 0.51 86.11 -10.41
CA LEU D 107 0.04 87.41 -10.90
C LEU D 107 -0.19 87.37 -12.38
N ALA D 108 0.65 86.70 -13.15
CA ALA D 108 0.34 86.62 -14.56
C ALA D 108 -0.96 85.89 -14.88
N ASN D 109 -1.49 85.05 -13.99
CA ASN D 109 -2.81 84.42 -14.19
C ASN D 109 -3.95 85.02 -13.39
N GLY D 110 -3.75 86.21 -12.82
CA GLY D 110 -4.82 86.86 -12.09
C GLY D 110 -5.07 86.20 -10.76
N ILE D 111 -4.05 85.55 -10.20
CA ILE D 111 -4.26 84.82 -8.93
C ILE D 111 -3.53 85.52 -7.82
N ARG D 112 -4.19 85.82 -6.72
CA ARG D 112 -3.49 86.47 -5.64
C ARG D 112 -2.52 85.46 -4.93
N PRO D 113 -1.22 85.76 -4.90
CA PRO D 113 -0.24 84.94 -4.13
C PRO D 113 -0.41 85.09 -2.64
N VAL D 114 -0.64 84.00 -1.95
CA VAL D 114 -0.79 84.04 -0.49
C VAL D 114 0.37 83.16 0.09
N ILE D 115 1.27 83.76 0.88
CA ILE D 115 2.54 83.06 1.29
C ILE D 115 2.64 82.84 2.78
N ASN D 116 2.71 81.54 3.14
CA ASN D 116 3.09 81.07 4.44
C ASN D 116 4.61 80.81 4.49
N LEU D 117 5.23 81.15 5.63
CA LEU D 117 6.69 81.02 5.81
C LEU D 117 7.15 79.71 6.52
N HIS D 118 6.24 78.99 7.20
CA HIS D 118 6.61 77.77 7.94
C HIS D 118 5.46 76.74 7.88
N HIS D 119 5.72 75.58 7.29
CA HIS D 119 4.72 74.49 7.24
C HIS D 119 5.37 73.14 7.62
N PHE D 120 5.55 72.95 8.94
CA PHE D 120 6.17 71.75 9.47
C PHE D 120 7.57 71.45 8.86
N ASP D 121 8.31 72.45 8.45
CA ASP D 121 9.51 72.23 7.65
C ASP D 121 10.77 72.97 8.18
N LEU D 122 10.94 72.98 9.49
CA LEU D 122 12.22 73.37 10.09
C LEU D 122 13.40 72.60 9.43
N PRO D 123 14.52 73.29 9.11
CA PRO D 123 15.78 72.63 8.63
C PRO D 123 16.32 71.68 9.66
N ILE D 124 16.60 70.45 9.24
CA ILE D 124 17.17 69.46 10.18
C ILE D 124 18.48 70.01 10.77
N ALA D 125 19.27 70.77 10.02
CA ALA D 125 20.53 71.27 10.56
C ALA D 125 20.29 72.06 11.82
N LEU D 126 19.20 72.81 11.88
CA LEU D 126 18.91 73.65 13.05
C LEU D 126 18.40 72.88 14.22
N TYR D 127 17.65 71.82 13.93
CA TYR D 127 17.23 70.88 14.95
C TYR D 127 18.51 70.28 15.50
N GLN D 128 19.42 69.86 14.61
CA GLN D 128 20.65 69.18 15.04
C GLN D 128 21.53 70.11 15.86
N ALA D 129 21.74 71.35 15.38
CA ALA D 129 22.65 72.24 16.08
C ALA D 129 22.07 72.78 17.37
N TYR D 130 20.79 73.15 17.42
CA TYR D 130 20.29 73.90 18.58
C TYR D 130 19.07 73.36 19.25
N GLY D 131 18.50 72.28 18.77
CA GLY D 131 17.21 71.80 19.28
C GLY D 131 16.02 72.47 18.57
N GLY D 132 16.29 73.05 17.39
CA GLY D 132 15.28 73.75 16.57
C GLY D 132 14.44 74.79 17.30
N TRP D 133 13.13 74.58 17.32
CA TRP D 133 12.20 75.59 17.87
C TRP D 133 12.32 75.76 19.37
N GLU D 134 13.05 74.84 20.01
CA GLU D 134 13.47 74.99 21.44
C GLU D 134 14.40 76.18 21.64
N SER D 135 15.05 76.69 20.60
CA SER D 135 16.12 77.69 20.76
C SER D 135 15.63 79.05 20.26
N LYS D 136 15.80 80.05 21.09
CA LYS D 136 15.45 81.44 20.75
C LYS D 136 16.42 81.97 19.74
N HIS D 137 17.59 81.34 19.62
CA HIS D 137 18.49 81.68 18.50
C HIS D 137 17.92 81.27 17.12
N VAL D 138 17.35 80.07 17.06
CA VAL D 138 16.63 79.56 15.86
C VAL D 138 15.46 80.48 15.47
N VAL D 139 14.70 80.94 16.47
CA VAL D 139 13.71 81.99 16.30
C VAL D 139 14.29 83.19 15.53
N ASP D 140 15.46 83.70 15.94
CA ASP D 140 16.07 84.87 15.24
C ASP D 140 16.47 84.57 13.82
N LEU D 141 17.00 83.37 13.58
CA LEU D 141 17.39 82.98 12.19
C LEU D 141 16.15 82.85 11.26
N PHE D 142 15.05 82.36 11.86
CA PHE D 142 13.72 82.38 11.23
C PHE D 142 13.27 83.80 10.90
N VAL D 143 13.33 84.72 11.87
CA VAL D 143 13.18 86.15 11.55
C VAL D 143 14.01 86.60 10.37
N ALA D 144 15.31 86.29 10.37
CA ALA D 144 16.17 86.76 9.26
C ALA D 144 15.68 86.17 7.95
N PHE D 145 15.34 84.87 7.97
CA PHE D 145 14.70 84.27 6.80
C PHE D 145 13.46 85.08 6.33
N SER D 146 12.56 85.37 7.26
CA SER D 146 11.34 86.12 6.91
C SER D 146 11.70 87.43 6.26
N LYS D 147 12.71 88.11 6.82
CA LYS D 147 13.19 89.39 6.20
C LYS D 147 13.61 89.29 4.75
N VAL D 148 14.27 88.19 4.37
CA VAL D 148 14.66 88.02 2.96
C VAL D 148 13.42 87.90 2.08
N CYS D 149 12.47 87.12 2.54
CA CYS D 149 11.22 86.91 1.83
C CYS D 149 10.50 88.29 1.63
N PHE D 150 10.38 89.08 2.70
CA PHE D 150 9.74 90.41 2.56
C PHE D 150 10.50 91.31 1.62
N GLU D 151 11.83 91.27 1.74
CA GLU D 151 12.69 92.07 0.83
C GLU D 151 12.65 91.64 -0.61
N GLN D 152 12.69 90.33 -0.87
CA GLN D 152 12.70 89.82 -2.25
C GLN D 152 11.34 89.76 -2.97
N PHE D 153 10.29 89.50 -2.21
CA PHE D 153 8.96 89.19 -2.75
C PHE D 153 7.83 90.16 -2.30
N GLY D 154 8.10 90.97 -1.29
CA GLY D 154 7.13 91.88 -0.77
C GLY D 154 6.59 92.92 -1.74
N ASP D 155 7.30 93.14 -2.84
CA ASP D 155 6.85 94.06 -3.85
C ASP D 155 5.65 93.51 -4.62
N ARG D 156 5.51 92.20 -4.68
CA ARG D 156 4.38 91.56 -5.37
C ARG D 156 3.45 90.84 -4.39
N VAL D 157 4.02 90.20 -3.37
CA VAL D 157 3.20 89.46 -2.43
C VAL D 157 2.77 90.46 -1.39
N LYS D 158 1.48 90.49 -1.10
CA LYS D 158 0.84 91.44 -0.17
C LYS D 158 0.05 90.68 0.92
N ASP D 159 0.15 89.34 0.95
CA ASP D 159 -0.56 88.58 1.98
C ASP D 159 0.37 87.58 2.56
N TRP D 160 0.74 87.74 3.81
CA TRP D 160 1.76 86.88 4.42
C TRP D 160 1.17 86.22 5.62
N PHE D 161 1.57 84.97 5.88
CA PHE D 161 1.28 84.24 7.11
C PHE D 161 2.57 83.67 7.68
N VAL D 162 2.71 83.69 9.00
CA VAL D 162 3.98 83.29 9.61
C VAL D 162 4.08 81.76 9.73
N HIS D 163 3.13 81.11 10.41
CA HIS D 163 3.17 79.62 10.51
C HIS D 163 1.87 79.06 10.03
N ASN D 164 1.91 77.80 9.60
CA ASN D 164 0.72 76.99 9.50
C ASN D 164 0.65 76.12 10.75
N GLU D 165 -0.39 76.37 11.57
CA GLU D 165 -0.74 75.59 12.77
C GLU D 165 0.41 75.24 13.72
N PRO D 166 0.98 76.27 14.38
CA PRO D 166 2.14 76.05 15.27
C PRO D 166 1.86 75.04 16.37
N MET D 167 0.62 74.92 16.82
CA MET D 167 0.29 73.88 17.76
C MET D 167 0.49 72.48 17.21
N VAL D 168 0.36 72.31 15.90
CA VAL D 168 0.54 70.98 15.29
C VAL D 168 2.03 70.63 15.30
N VAL D 169 2.90 71.65 15.23
CA VAL D 169 4.35 71.46 15.36
C VAL D 169 4.68 71.04 16.80
N VAL D 170 4.09 71.72 17.75
CA VAL D 170 4.28 71.38 19.14
C VAL D 170 3.89 69.91 19.43
N GLU D 171 2.69 69.55 19.03
CA GLU D 171 2.12 68.24 19.29
C GLU D 171 2.78 67.14 18.48
N GLY D 172 3.05 67.42 17.21
CA GLY D 172 3.71 66.46 16.35
C GLY D 172 5.11 66.12 16.84
N SER D 173 5.90 67.16 17.07
CA SER D 173 7.33 67.06 17.35
C SER D 173 7.63 66.65 18.83
N TYR D 174 6.81 67.11 19.79
CA TYR D 174 7.11 66.90 21.21
C TYR D 174 6.05 66.28 22.03
N LEU D 175 4.88 65.93 21.49
CA LEU D 175 3.88 65.19 22.31
C LEU D 175 3.37 63.89 21.74
N MET D 176 2.95 63.84 20.49
CA MET D 176 2.16 62.68 19.98
C MET D 176 2.87 61.92 18.84
N GLN D 177 4.14 62.21 18.59
CA GLN D 177 5.00 61.37 17.71
C GLN D 177 4.58 61.31 16.24
N PHE D 178 4.16 62.43 15.65
CA PHE D 178 3.88 62.43 14.18
C PHE D 178 4.69 63.39 13.34
N HIS D 179 5.59 64.15 13.99
CA HIS D 179 6.59 64.91 13.28
C HIS D 179 7.92 64.48 13.88
N TYR D 180 8.95 64.47 13.08
CA TYR D 180 10.28 64.29 13.59
C TYR D 180 10.78 65.39 14.53
N PRO D 181 11.18 65.00 15.76
CA PRO D 181 12.13 63.98 16.22
C PRO D 181 11.19 62.97 16.92
N ALA D 182 9.91 63.29 16.98
CA ALA D 182 8.87 62.40 17.45
C ALA D 182 9.18 61.96 18.85
N ILE D 183 9.54 62.91 19.71
CA ILE D 183 9.81 62.60 21.09
C ILE D 183 8.60 63.00 21.94
N VAL D 184 8.59 62.58 23.20
CA VAL D 184 7.53 62.90 24.14
C VAL D 184 8.18 63.68 25.28
N ASP D 185 8.08 64.99 25.27
CA ASP D 185 8.67 65.83 26.31
C ASP D 185 7.83 67.13 26.44
N GLY D 186 6.87 67.09 27.38
CA GLY D 186 5.96 68.22 27.64
C GLY D 186 6.58 69.54 28.02
N LYS D 187 7.73 69.48 28.72
CA LYS D 187 8.47 70.69 29.08
C LYS D 187 8.97 71.39 27.80
N LYS D 188 9.56 70.61 26.90
CA LYS D 188 10.02 71.14 25.64
C LYS D 188 8.81 71.62 24.81
N ALA D 189 7.72 70.86 24.79
CA ALA D 189 6.51 71.22 24.05
C ALA D 189 6.05 72.63 24.38
N VAL D 190 6.07 72.91 25.68
CA VAL D 190 5.59 74.17 26.17
C VAL D 190 6.51 75.31 25.76
N GLN D 191 7.80 75.12 25.93
CA GLN D 191 8.76 76.17 25.55
C GLN D 191 8.68 76.42 24.03
N VAL D 192 8.47 75.32 23.29
CA VAL D 192 8.38 75.42 21.84
C VAL D 192 7.10 76.22 21.44
N ALA D 193 5.95 75.96 22.10
CA ALA D 193 4.74 76.78 21.90
C ALA D 193 5.01 78.29 22.08
N TYR D 194 5.64 78.67 23.21
CA TYR D 194 6.02 80.05 23.48
C TYR D 194 6.92 80.62 22.39
N ASN D 195 7.97 79.88 22.07
CA ASN D 195 8.91 80.26 21.06
C ASN D 195 8.27 80.51 19.74
N LEU D 196 7.26 79.67 19.41
CA LEU D 196 6.54 79.83 18.14
C LEU D 196 5.67 81.10 18.17
N ALA D 197 4.99 81.34 19.29
CA ALA D 197 4.23 82.56 19.45
C ALA D 197 5.11 83.81 19.38
N LEU D 198 6.28 83.77 20.04
CA LEU D 198 7.22 84.87 20.00
C LEU D 198 7.68 85.08 18.59
N ALA D 199 7.96 83.98 17.88
CA ALA D 199 8.47 84.09 16.51
C ALA D 199 7.44 84.79 15.65
N THR D 200 6.16 84.58 15.96
CA THR D 200 5.06 85.19 15.15
C THR D 200 5.16 86.71 15.31
N ALA D 201 5.23 87.14 16.56
CA ALA D 201 5.27 88.58 16.88
C ALA D 201 6.53 89.25 16.30
N LYS D 202 7.69 88.57 16.36
CA LYS D 202 8.93 89.14 15.82
C LYS D 202 8.92 89.22 14.30
N VAL D 203 8.25 88.28 13.64
CA VAL D 203 8.15 88.38 12.18
C VAL D 203 7.20 89.50 11.77
N ILE D 204 6.13 89.69 12.52
CA ILE D 204 5.18 90.79 12.20
C ILE D 204 5.91 92.15 12.34
N GLN D 205 6.66 92.29 13.42
CA GLN D 205 7.51 93.47 13.64
C GLN D 205 8.45 93.62 12.49
N ALA D 206 9.17 92.55 12.13
CA ALA D 206 10.05 92.67 10.95
C ALA D 206 9.33 93.13 9.69
N TYR D 207 8.15 92.55 9.45
CA TYR D 207 7.42 92.93 8.28
C TYR D 207 7.07 94.46 8.26
N ARG D 208 6.55 94.92 9.40
CA ARG D 208 6.14 96.32 9.60
C ARG D 208 7.30 97.34 9.62
N ARG D 209 8.54 96.87 9.70
CA ARG D 209 9.75 97.69 9.49
C ARG D 209 10.30 97.81 8.10
N GLY D 210 9.81 97.07 7.13
CA GLY D 210 10.40 97.21 5.81
C GLY D 210 10.01 98.51 5.12
N PRO D 211 10.65 98.83 3.99
CA PRO D 211 10.24 99.99 3.18
C PRO D 211 8.75 99.94 2.89
N ALA D 212 8.12 101.10 2.73
CA ALA D 212 6.67 101.19 2.51
C ALA D 212 6.18 100.41 1.27
N GLU D 213 6.94 100.43 0.18
CA GLU D 213 6.56 99.65 -1.02
C GLU D 213 6.59 98.08 -0.81
N LEU D 214 7.28 97.59 0.20
CA LEU D 214 7.37 96.14 0.49
C LEU D 214 6.56 95.72 1.72
N SER D 215 6.04 96.70 2.47
CA SER D 215 5.36 96.44 3.73
C SER D 215 3.93 96.96 3.71
N ASP D 216 3.36 97.19 2.52
CA ASP D 216 2.02 97.78 2.44
C ASP D 216 0.90 96.75 2.32
N GLY D 217 1.12 95.49 2.76
CA GLY D 217 0.10 94.43 2.66
C GLY D 217 -0.28 94.01 4.03
N ARG D 218 -0.73 92.76 4.19
CA ARG D 218 -1.07 92.30 5.54
C ARG D 218 -0.28 91.05 5.93
N ILE D 219 -0.17 90.85 7.25
CA ILE D 219 0.56 89.73 7.80
C ILE D 219 -0.26 89.19 8.93
N GLY D 220 -0.41 87.86 8.94
CA GLY D 220 -1.08 87.19 10.03
C GLY D 220 -0.41 85.84 10.30
N THR D 221 -1.19 84.93 10.85
CA THR D 221 -0.80 83.57 11.02
C THR D 221 -2.03 82.64 10.87
N ILE D 222 -1.77 81.36 10.72
CA ILE D 222 -2.83 80.38 10.42
C ILE D 222 -2.97 79.51 11.62
N LEU D 223 -4.14 79.55 12.27
CA LEU D 223 -4.37 78.86 13.51
C LEU D 223 -5.60 77.95 13.41
N ASN D 224 -6.03 77.40 14.54
CA ASN D 224 -7.18 76.56 14.62
C ASN D 224 -8.10 77.01 15.74
N LEU D 225 -9.39 77.15 15.42
CA LEU D 225 -10.42 77.47 16.43
C LEU D 225 -11.49 76.36 16.55
N THR D 226 -11.14 75.15 16.13
CA THR D 226 -12.04 74.02 16.19
C THR D 226 -12.53 73.87 17.62
N PRO D 227 -13.84 73.89 17.86
CA PRO D 227 -14.33 73.65 19.23
C PRO D 227 -13.89 72.28 19.78
N ALA D 228 -13.69 72.19 21.09
CA ALA D 228 -13.56 70.90 21.72
C ALA D 228 -14.88 70.61 22.34
N TYR D 229 -15.78 69.91 21.64
CA TYR D 229 -17.13 69.69 22.17
C TYR D 229 -17.12 68.69 23.33
N PRO D 230 -17.73 69.08 24.46
CA PRO D 230 -17.74 68.16 25.59
C PRO D 230 -18.59 66.92 25.29
N ALA D 231 -18.23 65.75 25.80
CA ALA D 231 -19.04 64.53 25.68
C ALA D 231 -20.44 64.73 26.26
N SER D 232 -20.54 65.43 27.38
CA SER D 232 -21.84 65.70 28.01
C SER D 232 -21.70 67.04 28.71
N GLN D 233 -22.74 67.45 29.44
CA GLN D 233 -22.74 68.71 30.18
C GLN D 233 -22.35 68.57 31.68
N SER D 234 -21.81 67.41 32.07
CA SER D 234 -21.35 67.20 33.44
C SER D 234 -20.21 68.20 33.71
N GLU D 235 -19.99 68.58 34.96
CA GLU D 235 -18.92 69.56 35.23
C GLU D 235 -17.55 68.92 34.89
N ALA D 236 -17.40 67.60 35.11
CA ALA D 236 -16.21 66.87 34.64
C ALA D 236 -15.96 67.02 33.10
N ASP D 237 -17.00 66.86 32.29
CA ASP D 237 -16.85 66.92 30.84
C ASP D 237 -16.65 68.36 30.39
N MET D 238 -17.27 69.33 31.03
CA MET D 238 -17.09 70.73 30.67
C MET D 238 -15.68 71.21 30.95
N ALA D 239 -15.10 70.79 32.07
CA ALA D 239 -13.75 71.26 32.49
C ALA D 239 -12.68 70.73 31.51
N ALA D 240 -12.91 69.51 31.07
CA ALA D 240 -12.05 68.91 30.07
C ALA D 240 -12.06 69.70 28.77
N ALA D 241 -13.25 69.97 28.26
CA ALA D 241 -13.45 70.79 27.04
C ALA D 241 -12.86 72.16 27.24
N HIS D 242 -13.08 72.75 28.41
CA HIS D 242 -12.52 74.09 28.69
C HIS D 242 -11.00 74.08 28.60
N PHE D 243 -10.39 73.05 29.18
CA PHE D 243 -8.92 72.99 29.18
C PHE D 243 -8.41 72.63 27.78
N ALA D 244 -9.10 71.71 27.10
CA ALA D 244 -8.76 71.42 25.70
C ALA D 244 -8.73 72.70 24.87
N GLU D 245 -9.69 73.60 25.07
CA GLU D 245 -9.66 74.87 24.31
C GLU D 245 -8.56 75.82 24.75
N LEU D 246 -8.36 75.95 26.05
CA LEU D 246 -7.32 76.83 26.59
C LEU D 246 -6.02 76.59 25.90
N TRP D 247 -5.64 75.30 25.87
CA TRP D 247 -4.41 74.83 25.23
C TRP D 247 -4.46 74.84 23.71
N ASN D 248 -5.42 74.08 23.14
CA ASN D 248 -5.40 73.84 21.71
C ASN D 248 -5.70 75.08 20.91
N ASN D 249 -6.58 75.95 21.42
CA ASN D 249 -7.05 77.16 20.72
C ASN D 249 -6.56 78.50 21.31
N ASP D 250 -6.69 78.71 22.61
CA ASP D 250 -6.52 80.08 23.22
C ASP D 250 -5.08 80.51 23.26
N LEU D 251 -4.16 79.55 23.48
CA LEU D 251 -2.74 79.90 23.58
C LEU D 251 -2.24 80.76 22.46
N PHE D 252 -2.31 80.26 21.23
CA PHE D 252 -1.87 81.01 20.07
C PHE D 252 -2.87 82.11 19.60
N MET D 253 -4.16 81.86 19.77
CA MET D 253 -5.19 82.86 19.39
C MET D 253 -5.08 84.16 20.24
N GLU D 254 -5.07 84.04 21.57
CA GLU D 254 -4.92 85.19 22.47
C GLU D 254 -3.58 85.89 22.19
N ALA D 255 -2.49 85.16 21.97
CA ALA D 255 -1.21 85.80 21.59
C ALA D 255 -1.25 86.55 20.25
N ALA D 256 -1.85 85.92 19.26
CA ALA D 256 -1.86 86.53 17.92
C ALA D 256 -2.76 87.76 17.84
N VAL D 257 -3.92 87.69 18.52
CA VAL D 257 -5.00 88.70 18.37
C VAL D 257 -4.92 89.77 19.49
N HIS D 258 -4.79 89.32 20.72
CA HIS D 258 -4.75 90.22 21.88
C HIS D 258 -3.35 90.47 22.46
N GLY D 259 -2.32 89.86 21.88
CA GLY D 259 -0.94 90.09 22.31
C GLY D 259 -0.59 89.64 23.72
N LYS D 260 -1.38 88.72 24.29
CA LYS D 260 -1.11 88.14 25.60
C LYS D 260 -1.49 86.67 25.65
N PHE D 261 -0.89 85.91 26.59
CA PHE D 261 -1.20 84.52 26.77
C PHE D 261 -2.37 84.34 27.69
N PRO D 262 -3.20 83.33 27.49
CA PRO D 262 -4.29 83.21 28.46
C PRO D 262 -3.86 82.97 29.93
N GLU D 263 -4.12 83.93 30.82
CA GLU D 263 -3.68 83.78 32.23
C GLU D 263 -4.24 82.51 32.94
N GLU D 264 -5.40 82.03 32.55
CA GLU D 264 -5.82 80.73 33.08
C GLU D 264 -4.88 79.61 32.59
N LEU D 265 -4.33 79.71 31.38
CA LEU D 265 -3.41 78.67 30.92
C LEU D 265 -2.06 78.73 31.66
N VAL D 266 -1.53 79.95 31.78
CA VAL D 266 -0.30 80.25 32.48
C VAL D 266 -0.35 79.66 33.92
N ALA D 267 -1.44 79.90 34.66
CA ALA D 267 -1.58 79.28 36.01
C ALA D 267 -1.46 77.73 35.99
N VAL D 268 -2.09 77.08 35.02
CA VAL D 268 -2.04 75.62 34.96
C VAL D 268 -0.64 75.17 34.63
N LEU D 269 -0.02 75.81 33.65
CA LEU D 269 1.33 75.48 33.25
C LEU D 269 2.36 75.68 34.40
N LYS D 270 2.23 76.79 35.12
CA LYS D 270 3.09 77.04 36.27
C LYS D 270 2.85 76.00 37.36
N LYS D 271 1.59 75.79 37.73
CA LYS D 271 1.25 74.78 38.76
C LYS D 271 1.83 73.40 38.46
N ASP D 272 1.80 72.98 37.19
CA ASP D 272 2.38 71.71 36.75
C ASP D 272 3.90 71.74 36.56
N GLY D 273 4.53 72.89 36.80
CA GLY D 273 5.96 73.04 36.69
C GLY D 273 6.50 73.01 35.28
N VAL D 274 5.74 73.46 34.30
CA VAL D 274 6.16 73.36 32.90
C VAL D 274 6.05 74.67 32.14
N LEU D 275 5.84 75.77 32.83
CA LEU D 275 5.76 77.05 32.19
C LEU D 275 7.03 77.37 31.45
N TRP D 276 6.88 77.99 30.29
CA TRP D 276 8.02 78.47 29.51
C TRP D 276 8.85 79.51 30.25
N GLN D 277 10.02 79.85 29.71
CA GLN D 277 10.79 81.01 30.15
C GLN D 277 10.55 82.11 29.17
N SER D 278 10.10 83.25 29.72
CA SER D 278 9.87 84.49 29.01
C SER D 278 10.80 85.56 29.53
N THR D 279 10.74 86.74 28.93
CA THR D 279 11.51 87.96 29.24
C THR D 279 10.47 89.06 29.17
N PRO D 280 10.51 90.04 30.10
CA PRO D 280 9.54 91.13 29.88
C PRO D 280 9.64 91.81 28.51
N GLU D 281 10.82 91.94 27.92
CA GLU D 281 10.94 92.46 26.51
C GLU D 281 10.18 91.63 25.47
N GLU D 282 10.20 90.31 25.64
CA GLU D 282 9.62 89.39 24.65
C GLU D 282 8.12 89.48 24.71
N LEU D 283 7.59 89.46 25.91
CA LEU D 283 6.17 89.65 26.18
C LEU D 283 5.65 90.99 25.72
N ALA D 284 6.47 92.03 25.83
CA ALA D 284 6.04 93.34 25.37
C ALA D 284 6.05 93.36 23.83
N LEU D 285 7.01 92.65 23.25
CA LEU D 285 7.08 92.48 21.78
C LEU D 285 5.77 91.80 21.20
N ILE D 286 5.33 90.79 21.91
CA ILE D 286 4.10 90.07 21.61
C ILE D 286 2.89 91.03 21.79
N ALA D 287 2.83 91.79 22.89
CA ALA D 287 1.72 92.73 23.12
C ALA D 287 1.60 93.78 21.99
N GLU D 288 2.74 94.17 21.44
CA GLU D 288 2.79 95.15 20.40
C GLU D 288 2.65 94.62 18.99
N ASN D 289 2.79 93.32 18.71
CA ASN D 289 2.81 92.89 17.29
C ASN D 289 1.75 91.79 17.07
N ARG D 290 0.54 92.28 16.84
CA ARG D 290 -0.61 91.44 16.74
C ARG D 290 -0.91 91.33 15.26
N VAL D 291 -1.66 90.29 14.92
CA VAL D 291 -1.91 89.99 13.51
C VAL D 291 -2.77 91.08 12.81
N ASP D 292 -2.55 91.32 11.53
CA ASP D 292 -3.60 92.06 10.72
C ASP D 292 -4.88 91.24 10.52
N TYR D 293 -4.75 89.92 10.40
CA TYR D 293 -5.83 89.00 10.04
C TYR D 293 -5.37 87.57 10.33
N LEU D 294 -6.30 86.63 10.21
CA LEU D 294 -6.03 85.20 10.45
C LEU D 294 -6.49 84.29 9.35
N GLY D 295 -5.75 83.17 9.16
CA GLY D 295 -6.32 81.98 8.48
C GLY D 295 -6.73 81.07 9.61
N LEU D 296 -7.93 80.54 9.53
CA LEU D 296 -8.31 79.48 10.42
C LEU D 296 -8.50 78.21 9.58
N ASN D 297 -7.94 77.11 10.07
CA ASN D 297 -8.06 75.81 9.41
C ASN D 297 -9.21 75.01 10.01
N PHE D 298 -9.99 74.31 9.16
CA PHE D 298 -10.96 73.33 9.69
C PHE D 298 -11.07 72.10 8.77
N TYR D 299 -10.78 70.93 9.35
CA TYR D 299 -10.83 69.67 8.61
C TYR D 299 -11.34 68.51 9.45
N HIS D 300 -11.36 68.65 10.77
CA HIS D 300 -12.17 67.83 11.61
C HIS D 300 -12.47 68.33 13.01
N PRO D 301 -13.69 68.08 13.45
CA PRO D 301 -14.13 68.43 14.78
C PRO D 301 -13.48 67.60 15.82
N LYS D 302 -13.47 68.12 17.02
CA LYS D 302 -12.87 67.45 18.18
C LYS D 302 -13.94 67.34 19.25
N ARG D 303 -14.00 66.17 19.89
CA ARG D 303 -14.84 65.96 21.08
C ARG D 303 -13.97 65.42 22.19
N VAL D 304 -14.28 65.81 23.43
CA VAL D 304 -13.47 65.41 24.58
C VAL D 304 -14.33 65.05 25.76
N LYS D 305 -13.83 64.17 26.61
CA LYS D 305 -14.48 63.81 27.87
C LYS D 305 -13.48 63.91 29.01
N ALA D 306 -13.98 63.87 30.24
CA ALA D 306 -13.11 63.70 31.43
C ALA D 306 -12.15 62.48 31.26
N PRO D 307 -10.93 62.60 31.80
CA PRO D 307 -9.97 61.49 31.59
C PRO D 307 -10.52 60.16 32.09
N ASP D 308 -10.57 59.13 31.24
CA ASP D 308 -11.06 57.81 31.69
C ASP D 308 -10.15 57.14 32.80
N ALA D 309 -8.86 57.50 32.84
CA ALA D 309 -7.90 56.96 33.80
C ALA D 309 -7.03 58.08 34.37
N ILE D 310 -6.91 58.14 35.70
CA ILE D 310 -5.95 59.07 36.34
C ILE D 310 -4.69 58.26 36.69
N PRO D 311 -3.58 58.47 35.96
CA PRO D 311 -2.33 57.71 36.23
C PRO D 311 -1.64 58.05 37.58
N VAL D 312 -1.18 57.05 38.33
CA VAL D 312 -0.38 57.37 39.56
C VAL D 312 0.89 58.18 39.21
N ILE D 313 1.53 57.87 38.10
CA ILE D 313 2.65 58.70 37.59
C ILE D 313 2.46 58.96 36.13
N SER D 314 2.91 60.13 35.71
CA SER D 314 2.87 60.50 34.34
C SER D 314 4.31 60.73 33.94
N PRO D 315 4.81 60.00 32.91
CA PRO D 315 6.22 60.26 32.56
C PRO D 315 6.48 61.77 32.31
N SER D 316 5.78 62.31 31.29
CA SER D 316 5.98 63.67 30.79
C SER D 316 4.66 64.41 30.94
N TRP D 317 4.73 65.73 30.96
CA TRP D 317 3.51 66.55 30.91
C TRP D 317 2.84 66.41 29.51
N SER D 318 1.51 66.40 29.53
CA SER D 318 0.66 66.48 28.33
C SER D 318 -0.62 67.29 28.64
N PRO D 319 -1.13 68.05 27.66
CA PRO D 319 -2.54 68.54 27.82
C PRO D 319 -3.59 67.42 28.06
N GLU D 320 -3.34 66.22 27.53
CA GLU D 320 -4.25 65.07 27.74
C GLU D 320 -4.27 64.57 29.16
N TRP D 321 -3.50 65.21 30.07
CA TRP D 321 -3.75 65.06 31.54
C TRP D 321 -5.19 65.41 31.88
N TYR D 322 -5.73 66.38 31.15
CA TYR D 322 -7.05 66.94 31.49
C TYR D 322 -8.25 66.48 30.59
N TYR D 323 -8.02 65.64 29.58
CA TYR D 323 -9.11 65.14 28.72
C TYR D 323 -8.64 63.99 27.88
N ASP D 324 -9.61 63.21 27.38
CA ASP D 324 -9.35 62.17 26.38
C ASP D 324 -10.25 62.45 25.18
N PRO D 325 -9.86 61.97 24.02
CA PRO D 325 -10.78 62.01 22.91
C PRO D 325 -12.06 61.28 23.24
N TYR D 326 -13.17 61.70 22.64
CA TYR D 326 -14.47 61.01 22.75
C TYR D 326 -15.06 60.85 21.33
N LEU D 327 -15.62 59.66 21.06
CA LEU D 327 -16.29 59.36 19.77
C LEU D 327 -17.76 59.20 20.07
N MET D 328 -18.58 59.98 19.38
CA MET D 328 -20.02 60.00 19.53
C MET D 328 -20.60 58.90 18.66
N PRO D 329 -21.47 58.03 19.21
CA PRO D 329 -22.22 57.06 18.37
C PRO D 329 -23.16 57.68 17.34
N GLY D 330 -23.26 57.08 16.15
CA GLY D 330 -24.03 57.64 15.05
C GLY D 330 -23.37 58.82 14.30
N HIS D 331 -22.10 59.07 14.60
CA HIS D 331 -21.39 60.16 13.96
C HIS D 331 -21.23 59.89 12.46
N ARG D 332 -21.00 60.95 11.71
CA ARG D 332 -20.56 60.85 10.32
C ARG D 332 -19.04 60.70 10.34
N MET D 333 -18.50 59.95 9.38
CA MET D 333 -17.15 59.47 9.51
C MET D 333 -16.46 59.38 8.16
N ASN D 334 -15.25 59.94 8.08
CA ASN D 334 -14.35 59.70 6.99
C ASN D 334 -13.54 58.50 7.44
N VAL D 335 -13.91 57.30 6.99
CA VAL D 335 -13.31 56.06 7.46
C VAL D 335 -11.82 55.98 7.04
N ASP D 336 -11.47 56.50 5.86
CA ASP D 336 -10.03 56.49 5.43
C ASP D 336 -9.14 57.13 6.44
N LYS D 337 -9.61 58.25 6.99
CA LYS D 337 -8.90 58.99 8.02
C LYS D 337 -9.24 58.62 9.45
N GLY D 338 -10.36 57.96 9.72
CA GLY D 338 -10.80 57.90 11.13
C GLY D 338 -11.10 59.29 11.72
N TRP D 339 -11.64 60.20 10.92
CA TRP D 339 -12.07 61.55 11.34
C TRP D 339 -13.59 61.77 11.19
N GLU D 340 -14.17 62.23 12.27
CA GLU D 340 -15.54 62.65 12.24
C GLU D 340 -15.73 63.78 11.26
N ILE D 341 -16.92 63.82 10.68
CA ILE D 341 -17.39 64.88 9.85
C ILE D 341 -18.53 65.61 10.57
N TYR D 342 -18.39 66.94 10.65
CA TYR D 342 -19.41 67.78 11.37
C TYR D 342 -19.29 69.22 10.90
N PRO D 343 -19.85 69.51 9.72
CA PRO D 343 -19.62 70.82 9.14
C PRO D 343 -20.14 72.03 9.93
N GLU D 344 -21.06 71.78 10.86
CA GLU D 344 -21.66 72.81 11.72
C GLU D 344 -20.59 73.49 12.55
N ALA D 345 -19.48 72.81 12.87
CA ALA D 345 -18.36 73.45 13.56
C ALA D 345 -17.82 74.71 12.88
N VAL D 346 -17.96 74.81 11.56
CA VAL D 346 -17.54 76.01 10.82
C VAL D 346 -18.33 77.25 11.25
N TYR D 347 -19.62 77.03 11.53
CA TYR D 347 -20.47 78.06 12.07
C TYR D 347 -20.03 78.48 13.46
N ASP D 348 -19.79 77.50 14.34
CA ASP D 348 -19.28 77.82 15.71
C ASP D 348 -17.95 78.55 15.67
N ILE D 349 -17.09 78.21 14.72
CA ILE D 349 -15.84 78.98 14.48
C ILE D 349 -16.14 80.43 14.17
N ALA D 350 -17.02 80.63 13.20
CA ALA D 350 -17.45 81.95 12.75
C ALA D 350 -17.95 82.85 13.89
N ILE D 351 -18.81 82.28 14.71
CA ILE D 351 -19.35 82.92 15.85
C ILE D 351 -18.30 83.21 16.90
N LYS D 352 -17.38 82.27 17.15
CA LYS D 352 -16.30 82.50 18.08
C LYS D 352 -15.38 83.65 17.65
N MET D 353 -15.10 83.80 16.36
CA MET D 353 -14.40 84.98 15.91
C MET D 353 -15.18 86.30 16.15
N ARG D 354 -16.48 86.27 15.89
CA ARG D 354 -17.30 87.45 15.99
C ARG D 354 -17.38 87.93 17.44
N ASP D 355 -17.58 87.03 18.37
CA ASP D 355 -17.82 87.39 19.77
C ASP D 355 -16.57 87.46 20.65
N HIS D 356 -15.49 86.76 20.30
CA HIS D 356 -14.34 86.74 21.19
C HIS D 356 -13.02 87.17 20.59
N TYR D 357 -12.91 87.42 19.30
CA TYR D 357 -11.65 87.84 18.69
C TYR D 357 -11.88 89.12 17.89
N ASP D 358 -12.79 89.95 18.44
CA ASP D 358 -13.02 91.34 17.99
C ASP D 358 -13.52 91.33 16.58
N ASN D 359 -14.02 90.19 16.10
CA ASN D 359 -14.37 90.08 14.72
C ASN D 359 -13.36 90.62 13.73
N ILE D 360 -12.05 90.42 13.96
CA ILE D 360 -11.04 90.89 12.98
C ILE D 360 -11.17 90.07 11.67
N PRO D 361 -10.50 90.50 10.59
CA PRO D 361 -10.73 89.70 9.42
C PRO D 361 -10.05 88.28 9.52
N TRP D 362 -10.78 87.28 9.04
CA TRP D 362 -10.30 85.89 8.92
C TRP D 362 -10.79 85.22 7.65
N PHE D 363 -10.07 84.22 7.20
CA PHE D 363 -10.57 83.34 6.14
C PHE D 363 -10.43 81.85 6.53
N LEU D 364 -11.29 81.00 5.96
CA LEU D 364 -11.23 79.54 6.25
C LEU D 364 -10.12 79.04 5.36
N SER D 365 -8.94 78.87 5.95
CA SER D 365 -7.70 78.80 5.11
C SER D 365 -7.30 77.36 4.70
N GLU D 366 -8.00 76.36 5.24
CA GLU D 366 -7.80 74.94 4.91
C GLU D 366 -9.09 74.15 5.20
N ASN D 367 -9.75 73.65 4.16
CA ASN D 367 -10.91 72.81 4.38
C ASN D 367 -10.94 71.82 3.23
N GLY D 368 -10.97 70.55 3.55
CA GLY D 368 -11.06 69.54 2.47
C GLY D 368 -11.19 68.17 3.10
N VAL D 369 -11.28 67.13 2.26
CA VAL D 369 -11.54 65.76 2.74
C VAL D 369 -10.67 64.78 1.91
N GLY D 370 -10.05 63.85 2.63
CA GLY D 370 -8.99 62.96 2.10
C GLY D 370 -9.56 61.56 1.97
N ILE D 371 -9.52 61.04 0.73
CA ILE D 371 -10.16 59.77 0.37
C ILE D 371 -9.13 58.87 -0.41
N SER D 372 -9.10 57.58 -0.11
CA SER D 372 -8.21 56.62 -0.80
C SER D 372 -8.98 55.94 -1.93
N GLY D 373 -8.28 55.34 -2.88
CA GLY D 373 -8.93 54.45 -3.89
C GLY D 373 -9.85 55.19 -4.82
N GLU D 374 -9.50 56.43 -5.15
CA GLU D 374 -10.35 57.29 -5.95
C GLU D 374 -10.55 56.83 -7.40
N ASP D 375 -9.64 55.96 -7.83
CA ASP D 375 -9.73 55.23 -9.11
C ASP D 375 -11.07 54.51 -9.22
N ARG D 376 -11.55 53.97 -8.10
CA ARG D 376 -12.90 53.39 -8.06
C ARG D 376 -14.01 54.31 -8.53
N TYR D 377 -13.81 55.64 -8.49
CA TYR D 377 -14.91 56.55 -8.82
C TYR D 377 -14.74 57.22 -10.15
N ARG D 378 -13.83 56.76 -11.02
CA ARG D 378 -13.84 57.30 -12.39
C ARG D 378 -15.03 56.83 -13.20
N ASP D 379 -15.49 57.72 -14.09
CA ASP D 379 -16.45 57.44 -15.13
C ASP D 379 -15.69 57.02 -16.44
N GLU D 380 -16.44 56.70 -17.51
CA GLU D 380 -15.84 56.27 -18.79
C GLU D 380 -14.95 57.36 -19.43
N THR D 381 -15.20 58.62 -19.06
CA THR D 381 -14.36 59.72 -19.51
C THR D 381 -12.89 59.68 -18.94
N GLY D 382 -12.59 58.87 -17.93
CA GLY D 382 -11.32 59.00 -17.21
C GLY D 382 -11.27 59.98 -16.02
N GLN D 383 -12.33 60.75 -15.80
CA GLN D 383 -12.46 61.72 -14.72
C GLN D 383 -13.00 61.10 -13.38
N ILE D 384 -12.35 61.43 -12.27
CA ILE D 384 -12.84 61.01 -10.95
C ILE D 384 -14.12 61.79 -10.62
N GLN D 385 -15.19 61.06 -10.31
CA GLN D 385 -16.47 61.69 -10.01
C GLN D 385 -16.56 61.71 -8.51
N ASP D 386 -15.89 62.69 -7.91
CA ASP D 386 -15.79 62.80 -6.48
C ASP D 386 -16.97 63.62 -5.91
N ASP D 387 -18.16 63.03 -6.03
CA ASP D 387 -19.41 63.70 -5.58
C ASP D 387 -19.43 63.82 -4.11
N TYR D 388 -18.86 62.84 -3.44
CA TYR D 388 -18.57 62.92 -2.00
C TYR D 388 -17.76 64.19 -1.59
N ARG D 389 -16.87 64.65 -2.45
CA ARG D 389 -16.02 65.77 -2.12
C ARG D 389 -16.81 67.03 -2.38
N ILE D 390 -17.55 67.06 -3.50
CA ILE D 390 -18.48 68.16 -3.77
C ILE D 390 -19.37 68.37 -2.54
N GLN D 391 -19.99 67.30 -2.09
CA GLN D 391 -20.94 67.35 -1.00
C GLN D 391 -20.32 67.96 0.31
N PHE D 392 -19.16 67.40 0.69
CA PHE D 392 -18.42 67.78 1.87
C PHE D 392 -18.12 69.26 1.81
N LEU D 393 -17.50 69.71 0.75
CA LEU D 393 -17.12 71.12 0.66
C LEU D 393 -18.34 72.04 0.66
N LYS D 394 -19.38 71.62 -0.03
CA LYS D 394 -20.66 72.33 -0.05
C LYS D 394 -21.30 72.52 1.32
N GLU D 395 -21.35 71.47 2.11
CA GLU D 395 -21.92 71.59 3.44
C GLU D 395 -21.12 72.52 4.31
N HIS D 396 -19.79 72.44 4.22
CA HIS D 396 -18.91 73.29 5.07
C HIS D 396 -19.11 74.76 4.71
N LEU D 397 -19.28 74.99 3.41
CA LEU D 397 -19.39 76.32 2.83
C LEU D 397 -20.76 76.92 3.10
N THR D 398 -21.77 76.06 3.19
CA THR D 398 -23.12 76.45 3.67
C THR D 398 -23.07 76.96 5.08
N TYR D 399 -22.38 76.27 5.97
CA TYR D 399 -22.23 76.73 7.34
C TYR D 399 -21.36 77.95 7.49
N LEU D 400 -20.34 78.09 6.65
CA LEU D 400 -19.59 79.31 6.61
C LEU D 400 -20.44 80.52 6.16
N HIS D 401 -21.34 80.30 5.21
CA HIS D 401 -22.27 81.33 4.74
C HIS D 401 -23.18 81.77 5.87
N LYS D 402 -23.73 80.81 6.60
CA LYS D 402 -24.51 81.06 7.82
C LYS D 402 -23.73 81.94 8.86
N GLY D 403 -22.43 81.72 8.96
CA GLY D 403 -21.55 82.53 9.82
C GLY D 403 -21.38 83.94 9.30
N ILE D 404 -21.20 84.07 8.01
CA ILE D 404 -21.09 85.39 7.41
C ILE D 404 -22.40 86.18 7.60
N GLU D 405 -23.52 85.47 7.43
CA GLU D 405 -24.85 86.04 7.50
C GLU D 405 -25.09 86.51 8.93
N ALA D 406 -24.62 85.76 9.90
CA ALA D 406 -24.70 86.17 11.28
C ALA D 406 -23.68 87.24 11.74
N GLY D 407 -22.93 87.86 10.83
CA GLY D 407 -21.99 88.95 11.17
C GLY D 407 -20.47 88.63 11.27
N SER D 408 -20.08 87.36 11.10
CA SER D 408 -18.63 87.02 11.21
C SER D 408 -17.87 87.59 10.03
N ASN D 409 -16.75 88.28 10.31
CA ASN D 409 -15.94 88.93 9.26
C ASN D 409 -15.02 88.00 8.40
N CYS D 410 -15.62 87.06 7.68
CA CYS D 410 -14.86 86.12 6.87
C CYS D 410 -14.69 86.59 5.47
N PHE D 411 -13.47 86.62 4.95
CA PHE D 411 -13.22 87.14 3.59
C PHE D 411 -12.78 86.09 2.59
N GLY D 412 -12.86 84.82 2.92
CA GLY D 412 -12.52 83.81 1.93
C GLY D 412 -12.56 82.35 2.37
N TYR D 413 -12.28 81.49 1.40
CA TYR D 413 -12.38 80.02 1.57
C TYR D 413 -11.40 79.35 0.68
N HIS D 414 -10.47 78.61 1.29
CA HIS D 414 -9.47 77.82 0.56
C HIS D 414 -9.65 76.29 0.81
N VAL D 415 -9.76 75.58 -0.29
CA VAL D 415 -9.93 74.15 -0.31
C VAL D 415 -8.52 73.53 -0.13
N TRP D 416 -8.42 72.59 0.80
CA TRP D 416 -7.26 71.73 0.89
C TRP D 416 -7.49 70.48 0.02
N THR D 417 -7.26 70.63 -1.26
CA THR D 417 -5.97 71.06 -1.85
C THR D 417 -6.24 71.14 -3.34
N PRO D 418 -5.67 72.12 -4.07
CA PRO D 418 -5.96 72.14 -5.49
C PRO D 418 -5.60 70.88 -6.30
N ILE D 419 -4.40 70.35 -6.08
CA ILE D 419 -3.87 69.17 -6.77
C ILE D 419 -3.35 68.21 -5.72
N ASP D 420 -3.69 66.92 -5.85
CA ASP D 420 -3.28 65.95 -4.88
C ASP D 420 -1.80 66.18 -4.55
N GLY D 421 -1.48 66.19 -3.28
CA GLY D 421 -0.11 66.37 -2.82
C GLY D 421 0.29 65.38 -1.74
N TRP D 422 1.53 65.49 -1.28
CA TRP D 422 2.13 64.48 -0.35
C TRP D 422 1.67 64.73 1.05
N SER D 423 0.81 63.86 1.60
CA SER D 423 0.23 64.02 2.95
C SER D 423 1.11 63.41 4.06
N TRP D 424 2.37 63.82 4.09
CA TRP D 424 3.26 63.52 5.19
C TRP D 424 3.42 61.99 5.31
N LEU D 425 3.24 61.42 6.48
CA LEU D 425 3.46 59.96 6.64
C LEU D 425 2.39 59.19 5.83
N ASN D 426 1.21 59.77 5.60
CA ASN D 426 0.24 59.11 4.72
C ASN D 426 0.52 59.25 3.22
N ALA D 427 1.52 60.05 2.87
CA ALA D 427 1.95 60.25 1.48
C ALA D 427 0.71 60.39 0.62
N TYR D 428 0.49 59.54 -0.39
CA TYR D 428 -0.61 59.65 -1.33
C TYR D 428 -1.72 58.57 -1.12
N LYS D 429 -1.77 58.02 0.07
CA LYS D 429 -2.82 57.08 0.45
C LYS D 429 -4.19 57.70 0.31
N ASN D 430 -4.33 58.91 0.87
CA ASN D 430 -5.59 59.66 0.86
C ASN D 430 -5.34 60.91 0.06
N ARG D 431 -6.17 61.09 -0.94
CA ARG D 431 -6.14 62.21 -1.88
C ARG D 431 -7.17 63.31 -1.46
N TYR D 432 -6.71 64.57 -1.46
CA TYR D 432 -7.56 65.72 -1.15
C TYR D 432 -7.80 66.65 -2.31
N GLY D 433 -7.19 66.40 -3.46
CA GLY D 433 -7.30 67.33 -4.55
C GLY D 433 -8.68 67.56 -5.18
N LEU D 434 -8.87 68.80 -5.63
CA LEU D 434 -9.86 69.10 -6.65
C LEU D 434 -9.43 68.47 -7.99
N VAL D 435 -8.11 68.27 -8.15
CA VAL D 435 -7.49 67.89 -9.39
C VAL D 435 -6.60 66.70 -9.05
N GLU D 436 -6.87 65.63 -9.73
CA GLU D 436 -6.09 64.42 -9.54
C GLU D 436 -4.66 64.69 -10.00
N ASN D 437 -3.71 64.14 -9.26
CA ASN D 437 -2.35 63.94 -9.73
C ASN D 437 -1.99 62.46 -9.83
N ASN D 438 -1.41 62.10 -10.96
CA ASN D 438 -0.86 60.75 -11.10
C ASN D 438 0.53 60.78 -10.54
N ILE D 439 0.81 60.01 -9.50
CA ILE D 439 2.11 60.17 -8.87
C ILE D 439 3.23 59.53 -9.70
N HIS D 440 2.94 58.81 -10.79
CA HIS D 440 4.00 58.24 -11.61
C HIS D 440 4.35 59.20 -12.70
N THR D 441 3.33 59.73 -13.38
CA THR D 441 3.58 60.51 -14.55
C THR D 441 3.50 62.02 -14.28
N GLN D 442 2.93 62.41 -13.14
CA GLN D 442 2.67 63.82 -12.75
C GLN D 442 1.73 64.57 -13.67
N VAL D 443 0.89 63.80 -14.35
CA VAL D 443 -0.18 64.35 -15.16
C VAL D 443 -1.36 64.72 -14.22
N ARG D 444 -1.84 65.95 -14.31
CA ARG D 444 -3.03 66.39 -13.58
C ARG D 444 -4.27 66.02 -14.39
N ARG D 445 -5.34 65.61 -13.70
CA ARG D 445 -6.66 65.52 -14.31
C ARG D 445 -7.76 66.05 -13.36
N PRO D 446 -8.38 67.19 -13.70
CA PRO D 446 -9.42 67.77 -12.86
C PRO D 446 -10.49 66.72 -12.53
N LYS D 447 -10.91 66.71 -11.28
CA LYS D 447 -11.98 65.82 -10.81
C LYS D 447 -13.30 66.56 -10.96
N ALA D 448 -14.43 65.89 -10.71
CA ALA D 448 -15.76 66.64 -10.80
C ALA D 448 -15.80 67.81 -9.81
N SER D 449 -15.22 67.64 -8.60
CA SER D 449 -15.14 68.72 -7.63
C SER D 449 -14.53 70.03 -8.16
N ALA D 450 -13.54 69.93 -9.02
CA ALA D 450 -12.93 71.10 -9.64
C ALA D 450 -13.92 71.95 -10.41
N TYR D 451 -14.86 71.30 -11.10
CA TYR D 451 -15.78 72.04 -11.96
C TYR D 451 -16.96 72.54 -11.19
N TRP D 452 -17.35 71.81 -10.16
CA TRP D 452 -18.33 72.34 -9.22
C TRP D 452 -17.77 73.62 -8.51
N PHE D 453 -16.54 73.54 -7.96
CA PHE D 453 -15.96 74.67 -7.23
C PHE D 453 -15.74 75.80 -8.21
N LYS D 454 -15.46 75.49 -9.47
CA LYS D 454 -15.33 76.53 -10.49
C LYS D 454 -16.59 77.42 -10.61
N LYS D 455 -17.76 76.79 -10.58
CA LYS D 455 -19.04 77.51 -10.74
C LYS D 455 -19.28 78.34 -9.52
N VAL D 456 -18.99 77.75 -8.36
CA VAL D 456 -19.14 78.45 -7.09
C VAL D 456 -18.35 79.75 -7.05
N ALA D 457 -17.06 79.63 -7.37
CA ALA D 457 -16.14 80.74 -7.40
C ALA D 457 -16.48 81.75 -8.47
N THR D 458 -16.77 81.31 -9.68
CA THR D 458 -17.12 82.22 -10.78
C THR D 458 -18.38 83.11 -10.58
N HIS D 459 -19.40 82.55 -9.94
CA HIS D 459 -20.68 83.23 -9.69
C HIS D 459 -20.77 83.76 -8.26
N ASN D 460 -19.76 83.46 -7.46
CA ASN D 460 -19.71 83.86 -6.08
C ASN D 460 -20.91 83.47 -5.24
N ARG D 461 -21.39 82.23 -5.42
CA ARG D 461 -22.55 81.68 -4.67
C ARG D 461 -22.68 80.13 -4.73
N LEU D 462 -23.48 79.57 -3.81
CA LEU D 462 -23.94 78.18 -3.82
C LEU D 462 -25.47 78.10 -4.05
N ILE D 463 -25.96 76.91 -4.39
CA ILE D 463 -27.42 76.60 -4.28
C ILE D 463 -27.89 76.32 -2.83
N MET E 1 50.98 58.17 -25.56
CA MET E 1 51.40 56.73 -25.53
C MET E 1 50.49 55.83 -26.41
N LEU E 2 49.21 55.70 -26.08
CA LEU E 2 48.28 54.85 -26.87
C LEU E 2 47.20 55.70 -27.59
N ALA E 3 47.38 55.90 -28.90
CA ALA E 3 46.51 56.78 -29.63
C ALA E 3 45.40 55.94 -30.27
N PHE E 4 44.18 56.48 -30.32
CA PHE E 4 43.03 55.76 -30.88
C PHE E 4 42.77 56.12 -32.32
N PRO E 5 41.95 55.34 -33.06
CA PRO E 5 41.71 55.78 -34.43
C PRO E 5 41.00 57.13 -34.53
N LYS E 6 41.12 57.72 -35.71
CA LYS E 6 40.60 59.05 -35.95
C LYS E 6 39.11 58.91 -35.92
N GLU E 7 38.44 59.93 -35.39
CA GLU E 7 37.00 59.98 -35.28
C GLU E 7 36.35 58.86 -34.41
N PHE E 8 37.11 58.34 -33.46
CA PHE E 8 36.64 57.29 -32.56
C PHE E 8 35.46 57.83 -31.75
N TRP E 9 34.38 57.08 -31.61
CA TRP E 9 33.29 57.50 -30.66
C TRP E 9 33.80 57.48 -29.23
N TRP E 10 33.59 58.59 -28.53
CA TRP E 10 33.87 58.72 -27.13
C TRP E 10 32.55 59.22 -26.47
N GLY E 11 32.11 58.52 -25.44
CA GLY E 11 30.93 58.93 -24.74
C GLY E 11 30.45 57.90 -23.75
N GLY E 12 29.13 57.97 -23.50
CA GLY E 12 28.46 57.12 -22.56
C GLY E 12 27.14 56.64 -23.08
N ALA E 13 26.65 55.56 -22.41
CA ALA E 13 25.41 54.89 -22.70
C ALA E 13 24.48 54.91 -21.49
N THR E 14 23.22 55.13 -21.80
CA THR E 14 22.15 55.01 -20.86
C THR E 14 20.98 54.34 -21.56
N SER E 15 19.83 54.36 -20.89
CA SER E 15 18.58 53.96 -21.52
C SER E 15 17.46 54.87 -21.09
N GLY E 16 16.38 54.87 -21.85
CA GLY E 16 15.22 55.69 -21.48
C GLY E 16 14.66 55.32 -20.10
N PRO E 17 14.36 54.03 -19.86
CA PRO E 17 13.80 53.58 -18.60
C PRO E 17 14.63 53.92 -17.38
N GLN E 18 15.96 53.84 -17.49
CA GLN E 18 16.89 54.11 -16.40
C GLN E 18 17.20 55.58 -16.17
N SER E 19 16.93 56.43 -17.16
CA SER E 19 17.34 57.88 -17.05
C SER E 19 16.17 58.88 -16.96
N GLU E 20 15.04 58.61 -17.62
CA GLU E 20 14.07 59.67 -17.90
C GLU E 20 13.16 59.95 -16.72
N GLY E 21 12.65 58.89 -16.08
CA GLY E 21 11.52 59.04 -15.13
C GLY E 21 10.28 58.83 -15.95
N ARG E 22 9.18 58.60 -15.26
CA ARG E 22 7.91 58.29 -15.90
C ARG E 22 7.08 59.55 -16.19
N PHE E 23 7.65 60.73 -15.89
CA PHE E 23 7.03 62.00 -16.19
C PHE E 23 6.39 61.97 -17.57
N ALA E 24 5.09 62.26 -17.61
CA ALA E 24 4.33 62.32 -18.91
C ALA E 24 4.34 61.11 -19.76
N LYS E 25 4.73 59.96 -19.18
CA LYS E 25 4.78 58.72 -19.95
C LYS E 25 3.42 57.97 -19.95
N GLN E 26 2.81 57.81 -21.12
CA GLN E 26 1.47 57.28 -21.21
C GLN E 26 1.35 55.88 -20.65
N HIS E 27 2.26 55.01 -21.03
CA HIS E 27 2.12 53.60 -20.68
C HIS E 27 3.17 53.13 -19.70
N ARG E 28 2.91 51.94 -19.17
CA ARG E 28 3.82 51.27 -18.31
C ARG E 28 4.60 50.20 -19.02
N ASN E 29 5.89 50.16 -18.75
CA ASN E 29 6.71 49.05 -19.17
C ASN E 29 6.78 48.02 -18.07
N LEU E 30 7.45 46.89 -18.38
CA LEU E 30 7.50 45.72 -17.46
C LEU E 30 8.08 46.11 -16.12
N PHE E 31 9.14 46.91 -16.12
CA PHE E 31 9.70 47.39 -14.86
C PHE E 31 8.82 48.35 -14.02
N ASP E 32 8.22 49.32 -14.69
CA ASP E 32 7.28 50.24 -14.09
C ASP E 32 6.14 49.49 -13.38
N TYR E 33 5.60 48.46 -14.05
CA TYR E 33 4.59 47.58 -13.52
C TYR E 33 5.11 46.84 -12.34
N TRP E 34 6.26 46.26 -12.51
CA TRP E 34 6.87 45.48 -11.47
C TRP E 34 7.05 46.26 -10.18
N TYR E 35 7.51 47.49 -10.32
CA TYR E 35 7.69 48.36 -9.20
C TYR E 35 6.38 48.78 -8.52
N GLU E 36 5.37 49.07 -9.32
CA GLU E 36 4.02 49.31 -8.82
C GLU E 36 3.51 48.14 -7.98
N GLU E 37 3.82 46.91 -8.39
CA GLU E 37 3.37 45.72 -7.67
C GLU E 37 4.26 45.32 -6.53
N GLU E 38 5.59 45.43 -6.65
CA GLU E 38 6.43 44.84 -5.63
C GLU E 38 7.58 45.77 -5.31
N PRO E 39 7.25 46.97 -4.82
CA PRO E 39 8.29 47.98 -4.54
C PRO E 39 9.42 47.50 -3.63
N ASP E 40 9.11 46.54 -2.76
CA ASP E 40 10.12 46.05 -1.82
C ASP E 40 11.22 45.19 -2.52
N LEU E 41 11.03 44.81 -3.78
CA LEU E 41 12.13 44.22 -4.54
C LEU E 41 13.25 45.19 -4.97
N PHE E 42 13.01 46.50 -4.86
CA PHE E 42 13.90 47.53 -5.46
C PHE E 42 14.67 48.19 -4.32
N TYR E 43 15.94 48.38 -4.49
CA TYR E 43 16.75 48.85 -3.40
C TYR E 43 16.31 50.22 -2.88
N ASP E 44 16.22 50.33 -1.52
CA ASP E 44 15.67 51.51 -0.82
C ASP E 44 14.28 51.96 -1.31
N TYR E 45 13.51 51.04 -1.92
CA TYR E 45 12.20 51.32 -2.46
C TYR E 45 12.19 52.37 -3.59
N VAL E 46 13.33 52.56 -4.26
CA VAL E 46 13.43 53.52 -5.36
C VAL E 46 13.10 52.86 -6.70
N GLY E 47 12.00 53.26 -7.27
CA GLY E 47 11.54 52.77 -8.57
C GLY E 47 11.94 53.73 -9.71
N PRO E 48 11.32 53.56 -10.86
CA PRO E 48 11.64 54.34 -12.04
C PRO E 48 10.81 55.62 -12.23
N ASP E 49 9.99 56.00 -11.24
CA ASP E 49 9.08 57.13 -11.43
C ASP E 49 9.83 58.45 -11.74
N THR E 50 10.87 58.75 -11.00
CA THR E 50 11.71 59.92 -11.27
C THR E 50 13.07 59.54 -11.89
N ALA E 51 13.63 58.38 -11.50
CA ALA E 51 14.90 57.92 -11.99
C ALA E 51 15.91 59.06 -11.93
N SER E 52 16.61 59.37 -13.00
CA SER E 52 17.54 60.46 -12.92
C SER E 52 17.04 61.72 -13.66
N ASP E 53 15.71 61.82 -13.87
CA ASP E 53 15.05 63.09 -14.22
C ASP E 53 15.60 63.66 -15.54
N ALA E 54 15.97 62.79 -16.48
CA ALA E 54 16.37 63.25 -17.81
C ALA E 54 15.22 63.76 -18.64
N TYR E 55 13.98 63.48 -18.24
CA TYR E 55 12.82 64.08 -18.85
C TYR E 55 12.94 65.61 -18.79
N HIS E 56 13.32 66.13 -17.64
CA HIS E 56 13.54 67.55 -17.45
C HIS E 56 14.95 68.01 -17.78
N GLN E 57 15.99 67.20 -17.56
CA GLN E 57 17.38 67.70 -17.58
C GLN E 57 18.15 67.29 -18.78
N ILE E 58 17.57 66.61 -19.77
CA ILE E 58 18.36 66.13 -20.91
C ILE E 58 19.24 67.20 -21.59
N GLU E 59 18.68 68.39 -21.79
CA GLU E 59 19.41 69.52 -22.43
C GLU E 59 20.67 69.91 -21.69
N SER E 60 20.48 70.16 -20.39
CA SER E 60 21.62 70.55 -19.56
C SER E 60 22.61 69.43 -19.32
N ASP E 61 22.12 68.16 -19.26
CA ASP E 61 22.99 66.97 -19.15
C ASP E 61 23.92 66.93 -20.37
N LEU E 62 23.32 67.05 -21.57
CA LEU E 62 24.10 66.93 -22.77
C LEU E 62 25.12 68.13 -22.93
N THR E 63 24.76 69.28 -22.37
CA THR E 63 25.67 70.42 -22.33
C THR E 63 26.85 70.12 -21.40
N LEU E 64 26.57 69.53 -20.26
CA LEU E 64 27.61 69.06 -19.35
C LEU E 64 28.48 67.99 -20.02
N LEU E 65 27.86 67.01 -20.64
CA LEU E 65 28.64 65.98 -21.30
C LEU E 65 29.54 66.50 -22.42
N ALA E 66 29.01 67.37 -23.30
CA ALA E 66 29.88 68.07 -24.28
C ALA E 66 31.04 68.82 -23.64
N SER E 67 30.84 69.53 -22.55
CA SER E 67 31.94 70.21 -21.89
C SER E 67 32.94 69.27 -21.26
N LEU E 68 32.50 68.01 -21.01
CA LEU E 68 33.36 66.89 -20.55
C LEU E 68 33.94 66.01 -21.65
N GLY E 69 33.87 66.48 -22.89
CA GLY E 69 34.62 65.89 -23.98
C GLY E 69 33.84 64.87 -24.76
N HIS E 70 32.56 64.63 -24.47
CA HIS E 70 31.90 63.50 -25.15
C HIS E 70 31.51 63.93 -26.55
N ASN E 71 31.67 63.06 -27.54
CA ASN E 71 31.24 63.34 -28.92
C ASN E 71 30.09 62.48 -29.39
N SER E 72 29.58 61.63 -28.52
CA SER E 72 28.55 60.62 -28.91
C SER E 72 27.73 60.32 -27.63
N TYR E 73 26.50 59.85 -27.77
CA TYR E 73 25.62 59.58 -26.58
C TYR E 73 24.64 58.58 -27.01
N ARG E 74 24.61 57.46 -26.25
CA ARG E 74 23.60 56.42 -26.56
C ARG E 74 22.48 56.37 -25.52
N THR E 75 21.23 56.39 -25.99
CA THR E 75 20.10 56.19 -25.11
C THR E 75 19.11 55.39 -25.88
N SER E 76 17.92 55.22 -25.32
CA SER E 76 16.89 54.49 -26.03
C SER E 76 15.60 55.29 -26.03
N ILE E 77 14.76 54.98 -27.00
CA ILE E 77 13.44 55.53 -27.12
C ILE E 77 12.46 54.48 -26.54
N GLN E 78 11.61 54.91 -25.61
CA GLN E 78 10.63 54.02 -25.00
C GLN E 78 9.36 53.91 -25.85
N TRP E 79 9.10 52.69 -26.29
CA TRP E 79 7.89 52.29 -26.96
C TRP E 79 6.69 52.81 -26.12
N THR E 80 6.81 52.67 -24.78
CA THR E 80 5.75 53.08 -23.85
C THR E 80 5.54 54.58 -23.75
N ARG E 81 6.50 55.37 -24.25
CA ARG E 81 6.41 56.83 -24.26
C ARG E 81 5.93 57.35 -25.60
N LEU E 82 6.49 56.81 -26.69
CA LEU E 82 6.24 57.35 -28.02
C LEU E 82 4.87 57.03 -28.59
N ILE E 83 4.36 55.86 -28.29
CA ILE E 83 3.22 55.34 -28.92
C ILE E 83 1.98 55.41 -28.03
N ASP E 84 0.90 55.88 -28.66
CA ASP E 84 -0.40 56.02 -28.05
C ASP E 84 -1.12 54.69 -28.15
N ASP E 85 -1.58 54.33 -29.34
CA ASP E 85 -2.23 53.02 -29.60
C ASP E 85 -1.20 52.02 -30.21
N PHE E 86 -0.88 50.97 -29.46
CA PHE E 86 0.06 49.97 -29.84
C PHE E 86 -0.37 49.20 -31.08
N GLU E 87 -1.66 48.93 -31.24
CA GLU E 87 -2.12 48.12 -32.40
C GLU E 87 -1.99 48.93 -33.70
N GLN E 88 -2.08 50.25 -33.62
CA GLN E 88 -2.00 51.09 -34.78
C GLN E 88 -0.73 51.86 -34.85
N ALA E 89 0.11 51.84 -33.81
CA ALA E 89 1.33 52.67 -33.77
C ALA E 89 1.07 54.15 -33.96
N THR E 90 -0.04 54.65 -33.42
CA THR E 90 -0.23 56.10 -33.45
C THR E 90 0.74 56.75 -32.43
N ILE E 91 0.90 58.06 -32.53
CA ILE E 91 1.92 58.77 -31.82
C ILE E 91 1.37 59.56 -30.62
N ASN E 92 2.00 59.42 -29.45
CA ASN E 92 1.78 60.33 -28.37
C ASN E 92 2.57 61.62 -28.64
N PRO E 93 1.88 62.74 -28.85
CA PRO E 93 2.56 63.98 -29.15
C PRO E 93 3.54 64.49 -28.09
N ASP E 94 3.28 64.35 -26.78
CA ASP E 94 4.33 64.74 -25.81
C ASP E 94 5.57 63.87 -25.96
N GLY E 95 5.37 62.59 -26.20
CA GLY E 95 6.48 61.65 -26.42
C GLY E 95 7.34 62.04 -27.60
N LEU E 96 6.66 62.36 -28.71
CA LEU E 96 7.28 62.89 -29.92
C LEU E 96 8.10 64.13 -29.63
N ALA E 97 7.48 65.09 -29.00
CA ALA E 97 8.23 66.28 -28.69
C ALA E 97 9.41 65.97 -27.73
N TYR E 98 9.22 65.05 -26.75
CA TYR E 98 10.34 64.66 -25.85
C TYR E 98 11.58 64.16 -26.64
N TYR E 99 11.40 63.20 -27.54
CA TYR E 99 12.48 62.61 -28.26
C TYR E 99 13.12 63.60 -29.24
N ASN E 100 12.30 64.47 -29.87
CA ASN E 100 12.88 65.62 -30.59
C ASN E 100 13.71 66.53 -29.73
N ARG E 101 13.30 66.77 -28.48
CA ARG E 101 14.20 67.55 -27.57
C ARG E 101 15.57 66.86 -27.34
N VAL E 102 15.55 65.53 -27.18
CA VAL E 102 16.74 64.72 -26.87
C VAL E 102 17.66 64.82 -28.06
N ILE E 103 17.12 64.48 -29.21
CA ILE E 103 17.85 64.54 -30.46
C ILE E 103 18.42 65.95 -30.81
N ASP E 104 17.57 66.99 -30.71
CA ASP E 104 17.99 68.34 -31.08
C ASP E 104 19.05 68.78 -30.09
N ALA E 105 18.92 68.39 -28.83
CA ALA E 105 19.95 68.75 -27.82
C ALA E 105 21.32 68.05 -28.05
N CYS E 106 21.29 66.82 -28.57
CA CYS E 106 22.51 66.15 -29.04
C CYS E 106 23.22 66.97 -30.16
N LEU E 107 22.51 67.21 -31.27
CA LEU E 107 23.07 67.98 -32.41
C LEU E 107 23.54 69.37 -31.97
N ALA E 108 22.71 70.00 -31.17
CA ALA E 108 23.06 71.24 -30.56
C ALA E 108 24.38 71.25 -29.84
N ASN E 109 24.84 70.16 -29.26
CA ASN E 109 26.05 70.19 -28.47
C ASN E 109 27.19 69.50 -29.20
N GLY E 110 27.00 69.17 -30.45
CA GLY E 110 28.03 68.47 -31.20
C GLY E 110 28.12 66.99 -30.87
N ILE E 111 27.04 66.40 -30.37
CA ILE E 111 27.06 65.02 -29.90
C ILE E 111 26.27 64.17 -30.85
N ARG E 112 26.86 63.10 -31.35
CA ARG E 112 26.17 62.16 -32.21
C ARG E 112 25.12 61.37 -31.36
N PRO E 113 23.86 61.45 -31.76
CA PRO E 113 22.81 60.68 -31.08
C PRO E 113 22.84 59.28 -31.60
N VAL E 114 22.98 58.35 -30.66
CA VAL E 114 22.97 56.93 -30.96
C VAL E 114 21.75 56.34 -30.24
N ILE E 115 20.83 55.76 -30.98
CA ILE E 115 19.53 55.44 -30.43
C ILE E 115 19.19 53.96 -30.52
N ASN E 116 18.86 53.40 -29.37
CA ASN E 116 18.44 52.02 -29.25
C ASN E 116 16.88 52.06 -29.15
N LEU E 117 16.19 51.03 -29.62
CA LEU E 117 14.70 51.01 -29.63
C LEU E 117 14.04 50.13 -28.53
N HIS E 118 14.82 49.30 -27.83
CA HIS E 118 14.30 48.36 -26.83
C HIS E 118 15.38 48.09 -25.76
N HIS E 119 15.12 48.55 -24.54
CA HIS E 119 16.00 48.28 -23.40
C HIS E 119 15.19 47.73 -22.23
N PHE E 120 14.88 46.43 -22.33
CA PHE E 120 14.21 45.68 -21.29
C PHE E 120 12.85 46.23 -20.92
N ASP E 121 12.17 46.88 -21.88
CA ASP E 121 11.02 47.76 -21.62
C ASP E 121 9.81 47.56 -22.49
N LEU E 122 9.49 46.30 -22.75
CA LEU E 122 8.22 45.97 -23.41
C LEU E 122 7.02 46.57 -22.65
N PRO E 123 5.98 47.04 -23.35
CA PRO E 123 4.77 47.51 -22.65
C PRO E 123 4.09 46.39 -21.90
N ILE E 124 3.72 46.64 -20.62
CA ILE E 124 3.09 45.61 -19.79
C ILE E 124 1.81 45.11 -20.46
N ALA E 125 1.10 46.05 -21.09
CA ALA E 125 -0.08 45.74 -21.82
C ALA E 125 0.11 44.66 -22.91
N LEU E 126 1.27 44.62 -23.56
CA LEU E 126 1.47 43.64 -24.64
C LEU E 126 1.85 42.28 -24.07
N TYR E 127 2.53 42.27 -22.92
CA TYR E 127 2.70 41.01 -22.16
C TYR E 127 1.32 40.46 -21.69
N GLN E 128 0.45 41.31 -21.17
CA GLN E 128 -0.87 40.92 -20.67
C GLN E 128 -1.77 40.45 -21.80
N ALA E 129 -1.87 41.22 -22.87
CA ALA E 129 -2.73 40.79 -23.93
C ALA E 129 -2.20 39.54 -24.70
N TYR E 130 -0.89 39.43 -24.94
CA TYR E 130 -0.37 38.43 -25.85
C TYR E 130 0.76 37.54 -25.40
N GLY E 131 1.33 37.75 -24.21
CA GLY E 131 2.55 37.05 -23.80
C GLY E 131 3.81 37.76 -24.27
N GLY E 132 3.65 38.97 -24.80
CA GLY E 132 4.73 39.88 -25.11
C GLY E 132 5.58 39.39 -26.27
N TRP E 133 6.88 39.26 -26.02
CA TRP E 133 7.82 38.75 -27.02
C TRP E 133 7.59 37.27 -27.36
N GLU E 134 6.74 36.56 -26.58
CA GLU E 134 6.27 35.23 -26.97
C GLU E 134 5.44 35.33 -28.25
N SER E 135 4.85 36.49 -28.54
CA SER E 135 3.95 36.68 -29.68
C SER E 135 4.55 37.33 -30.91
N LYS E 136 4.35 36.69 -32.05
CA LYS E 136 4.78 37.26 -33.32
C LYS E 136 3.97 38.50 -33.75
N HIS E 137 2.75 38.67 -33.23
CA HIS E 137 1.99 39.88 -33.43
C HIS E 137 2.64 41.06 -32.70
N VAL E 138 3.17 40.77 -31.51
CA VAL E 138 3.88 41.80 -30.74
C VAL E 138 5.11 42.24 -31.52
N VAL E 139 5.76 41.28 -32.15
CA VAL E 139 6.90 41.58 -33.03
C VAL E 139 6.49 42.59 -34.10
N ASP E 140 5.35 42.38 -34.78
CA ASP E 140 4.87 43.37 -35.81
C ASP E 140 4.59 44.74 -35.23
N LEU E 141 3.99 44.78 -34.04
CA LEU E 141 3.69 46.10 -33.41
C LEU E 141 4.99 46.79 -33.13
N PHE E 142 6.01 46.00 -32.76
CA PHE E 142 7.38 46.54 -32.58
C PHE E 142 7.94 47.13 -33.86
N VAL E 143 7.82 46.38 -34.94
CA VAL E 143 8.21 46.95 -36.25
C VAL E 143 7.48 48.23 -36.60
N ALA E 144 6.18 48.26 -36.34
CA ALA E 144 5.44 49.50 -36.59
C ALA E 144 5.99 50.64 -35.74
N PHE E 145 6.26 50.34 -34.47
CA PHE E 145 6.88 51.36 -33.59
C PHE E 145 8.18 51.86 -34.23
N SER E 146 9.02 50.91 -34.68
CA SER E 146 10.34 51.30 -35.29
C SER E 146 10.20 52.24 -36.51
N LYS E 147 9.21 51.95 -37.37
CA LYS E 147 8.89 52.81 -38.53
C LYS E 147 8.57 54.20 -38.11
N VAL E 148 7.80 54.35 -37.03
CA VAL E 148 7.55 55.68 -36.55
C VAL E 148 8.84 56.40 -36.11
N CYS E 149 9.68 55.73 -35.32
CA CYS E 149 11.01 56.28 -35.03
C CYS E 149 11.82 56.73 -36.29
N PHE E 150 11.90 55.87 -37.30
CA PHE E 150 12.69 56.24 -38.51
C PHE E 150 12.08 57.44 -39.25
N GLU E 151 10.75 57.46 -39.33
CA GLU E 151 10.00 58.53 -40.08
C GLU E 151 10.18 59.84 -39.39
N GLN E 152 10.01 59.84 -38.07
CA GLN E 152 10.13 61.07 -37.31
C GLN E 152 11.57 61.45 -37.01
N PHE E 153 12.48 60.50 -36.88
CA PHE E 153 13.83 60.89 -36.38
C PHE E 153 14.98 60.62 -37.34
N GLY E 154 14.72 59.86 -38.41
CA GLY E 154 15.75 59.47 -39.41
C GLY E 154 16.49 60.59 -40.15
N ASP E 155 15.99 61.82 -40.09
CA ASP E 155 16.61 62.94 -40.78
C ASP E 155 17.80 63.40 -40.00
N ARG E 156 17.75 63.19 -38.69
CA ARG E 156 18.80 63.67 -37.78
C ARG E 156 19.57 62.51 -37.08
N VAL E 157 18.91 61.38 -36.79
CA VAL E 157 19.57 60.22 -36.25
C VAL E 157 19.95 59.34 -37.43
N LYS E 158 21.24 59.05 -37.48
CA LYS E 158 21.80 58.20 -38.51
C LYS E 158 22.43 56.89 -37.96
N ASP E 159 22.29 56.65 -36.65
CA ASP E 159 22.88 55.47 -35.94
C ASP E 159 21.81 54.82 -35.07
N TRP E 160 21.34 53.66 -35.49
CA TRP E 160 20.20 52.98 -34.91
C TRP E 160 20.60 51.58 -34.47
N PHE E 161 20.07 51.17 -33.34
CA PHE E 161 20.18 49.83 -32.82
C PHE E 161 18.80 49.37 -32.41
N VAL E 162 18.49 48.13 -32.77
CA VAL E 162 17.22 47.54 -32.51
C VAL E 162 17.00 47.18 -31.01
N HIS E 163 17.88 46.35 -30.44
CA HIS E 163 17.78 45.91 -29.04
C HIS E 163 19.07 46.13 -28.32
N ASN E 164 18.95 46.29 -27.00
CA ASN E 164 20.08 46.09 -26.11
C ASN E 164 19.97 44.67 -25.56
N GLU E 165 20.94 43.80 -25.90
CA GLU E 165 21.11 42.43 -25.33
C GLU E 165 19.84 41.61 -25.18
N PRO E 166 19.27 41.23 -26.32
CA PRO E 166 18.07 40.44 -26.27
C PRO E 166 18.18 39.14 -25.49
N MET E 167 19.35 38.54 -25.41
CA MET E 167 19.53 37.35 -24.58
C MET E 167 19.29 37.67 -23.13
N VAL E 168 19.57 38.91 -22.68
CA VAL E 168 19.29 39.28 -21.26
C VAL E 168 17.79 39.32 -21.01
N VAL E 169 17.01 39.73 -22.03
CA VAL E 169 15.56 39.66 -21.95
C VAL E 169 15.06 38.21 -21.87
N VAL E 170 15.58 37.35 -22.72
CA VAL E 170 15.26 35.90 -22.69
C VAL E 170 15.47 35.35 -21.29
N GLU E 171 16.67 35.55 -20.77
CA GLU E 171 17.08 35.04 -19.49
C GLU E 171 16.26 35.60 -18.36
N GLY E 172 16.14 36.93 -18.36
CA GLY E 172 15.54 37.62 -17.28
C GLY E 172 14.08 37.26 -17.07
N SER E 173 13.33 37.28 -18.17
CA SER E 173 11.92 37.12 -18.16
C SER E 173 11.53 35.62 -18.08
N TYR E 174 12.34 34.72 -18.66
CA TYR E 174 11.93 33.37 -18.88
C TYR E 174 12.83 32.31 -18.30
N LEU E 175 13.90 32.65 -17.58
CA LEU E 175 14.81 31.63 -17.03
C LEU E 175 15.38 31.90 -15.68
N MET E 176 15.85 33.12 -15.42
CA MET E 176 16.59 33.33 -14.21
C MET E 176 15.94 34.29 -13.27
N GLN E 177 14.70 34.70 -13.56
CA GLN E 177 13.88 35.47 -12.62
C GLN E 177 14.33 36.88 -12.21
N PHE E 178 14.98 37.66 -13.10
CA PHE E 178 15.39 39.03 -12.76
C PHE E 178 14.76 40.15 -13.66
N HIS E 179 13.96 39.76 -14.67
CA HIS E 179 12.97 40.66 -15.29
C HIS E 179 11.57 40.12 -15.08
N TYR E 180 10.59 40.99 -15.12
CA TYR E 180 9.22 40.56 -15.05
C TYR E 180 8.73 39.88 -16.34
N PRO E 181 8.24 38.62 -16.19
CA PRO E 181 7.17 38.12 -15.31
C PRO E 181 7.91 37.21 -14.32
N ALA E 182 9.24 37.12 -14.46
CA ALA E 182 10.12 36.31 -13.65
C ALA E 182 9.66 34.83 -13.61
N ILE E 183 9.31 34.28 -14.77
CA ILE E 183 8.99 32.86 -14.87
C ILE E 183 10.18 32.00 -15.29
N VAL E 184 10.00 30.68 -15.11
CA VAL E 184 11.00 29.66 -15.48
C VAL E 184 10.30 28.75 -16.46
N ASP E 185 10.54 28.97 -17.75
CA ASP E 185 9.96 28.18 -18.83
C ASP E 185 10.86 28.20 -20.07
N GLY E 186 11.61 27.12 -20.27
CA GLY E 186 12.63 27.00 -21.31
C GLY E 186 12.09 27.09 -22.71
N LYS E 187 10.94 26.44 -22.95
CA LYS E 187 10.33 26.47 -24.28
C LYS E 187 9.93 27.88 -24.63
N LYS E 188 9.35 28.62 -23.69
CA LYS E 188 9.03 30.06 -23.99
C LYS E 188 10.29 30.90 -24.28
N ALA E 189 11.31 30.69 -23.45
CA ALA E 189 12.59 31.35 -23.57
C ALA E 189 13.17 31.23 -25.00
N VAL E 190 13.16 30.02 -25.56
CA VAL E 190 13.69 29.70 -26.90
C VAL E 190 12.90 30.40 -27.97
N GLN E 191 11.57 30.36 -27.83
CA GLN E 191 10.71 31.03 -28.79
C GLN E 191 10.92 32.52 -28.72
N VAL E 192 11.05 33.05 -27.50
CA VAL E 192 11.31 34.50 -27.33
C VAL E 192 12.64 34.90 -28.01
N ALA E 193 13.68 34.05 -27.82
CA ALA E 193 14.97 34.26 -28.45
C ALA E 193 14.83 34.35 -29.97
N TYR E 194 14.20 33.35 -30.56
CA TYR E 194 13.86 33.42 -31.99
C TYR E 194 13.14 34.67 -32.37
N ASN E 195 12.08 34.98 -31.63
CA ASN E 195 11.26 36.14 -32.01
C ASN E 195 12.00 37.46 -31.95
N LEU E 196 12.94 37.59 -30.99
CA LEU E 196 13.70 38.83 -30.89
C LEU E 196 14.70 38.94 -32.06
N ALA E 197 15.24 37.79 -32.49
CA ALA E 197 16.19 37.78 -33.63
C ALA E 197 15.45 38.14 -34.91
N LEU E 198 14.26 37.56 -35.04
CA LEU E 198 13.33 37.89 -36.10
C LEU E 198 12.95 39.36 -36.09
N ALA E 199 12.59 39.90 -34.93
CA ALA E 199 12.30 41.32 -34.83
C ALA E 199 13.45 42.20 -35.31
N THR E 200 14.69 41.79 -35.01
CA THR E 200 15.85 42.60 -35.40
C THR E 200 15.85 42.79 -36.93
N ALA E 201 15.74 41.67 -37.62
CA ALA E 201 15.74 41.60 -39.11
C ALA E 201 14.53 42.32 -39.71
N LYS E 202 13.35 42.20 -39.08
CA LYS E 202 12.18 42.93 -39.61
C LYS E 202 12.35 44.46 -39.46
N VAL E 203 12.94 44.90 -38.35
CA VAL E 203 13.21 46.34 -38.15
C VAL E 203 14.30 46.87 -39.12
N ILE E 204 15.32 46.04 -39.31
CA ILE E 204 16.35 46.36 -40.29
C ILE E 204 15.68 46.46 -41.67
N GLN E 205 14.83 45.49 -42.02
CA GLN E 205 14.15 45.56 -43.32
C GLN E 205 13.41 46.89 -43.42
N ALA E 206 12.56 47.17 -42.42
CA ALA E 206 11.77 48.41 -42.40
C ALA E 206 12.64 49.66 -42.49
N TYR E 207 13.78 49.70 -41.79
CA TYR E 207 14.71 50.84 -41.89
C TYR E 207 15.09 51.11 -43.35
N ARG E 208 15.44 50.01 -44.03
CA ARG E 208 15.99 50.07 -45.39
C ARG E 208 14.95 50.30 -46.51
N ARG E 209 13.67 50.20 -46.21
CA ARG E 209 12.59 50.56 -47.12
C ARG E 209 12.11 51.98 -46.89
N GLY E 210 12.79 52.72 -46.01
CA GLY E 210 12.44 54.08 -45.71
C GLY E 210 12.62 54.95 -46.92
N PRO E 211 12.12 56.19 -46.85
CA PRO E 211 12.58 57.18 -47.84
C PRO E 211 14.09 57.26 -47.81
N ALA E 212 14.69 57.36 -48.98
CA ALA E 212 16.15 57.43 -49.11
C ALA E 212 16.82 58.39 -48.13
N GLU E 213 16.25 59.58 -47.99
CA GLU E 213 16.83 60.58 -47.06
C GLU E 213 16.70 60.23 -45.50
N LEU E 214 15.95 59.16 -45.14
CA LEU E 214 15.80 58.70 -43.74
C LEU E 214 16.37 57.30 -43.51
N SER E 215 16.83 56.67 -44.59
CA SER E 215 17.35 55.33 -44.55
C SER E 215 18.82 55.29 -45.00
N ASP E 216 19.53 56.39 -44.90
CA ASP E 216 20.90 56.45 -45.38
C ASP E 216 21.98 56.37 -44.27
N GLY E 217 21.60 56.03 -43.04
CA GLY E 217 22.56 55.93 -41.95
C GLY E 217 22.83 54.47 -41.77
N ARG E 218 23.08 54.06 -40.53
CA ARG E 218 23.39 52.64 -40.26
C ARG E 218 22.52 52.07 -39.16
N ILE E 219 22.17 50.78 -39.31
CA ILE E 219 21.37 50.12 -38.34
C ILE E 219 22.07 48.83 -37.93
N GLY E 220 22.14 48.65 -36.60
CA GLY E 220 22.55 47.40 -35.99
C GLY E 220 21.76 46.90 -34.77
N THR E 221 22.44 46.13 -33.95
CA THR E 221 21.90 45.69 -32.66
C THR E 221 23.05 45.65 -31.68
N ILE E 222 22.72 45.61 -30.38
CA ILE E 222 23.70 45.62 -29.34
C ILE E 222 23.73 44.24 -28.70
N LEU E 223 24.85 43.51 -28.90
CA LEU E 223 24.93 42.13 -28.40
C LEU E 223 26.05 41.96 -27.40
N ASN E 224 26.26 40.70 -27.05
CA ASN E 224 27.36 40.29 -26.21
C ASN E 224 28.23 39.20 -26.83
N LEU E 225 29.53 39.40 -26.75
CA LEU E 225 30.51 38.45 -27.21
C LEU E 225 31.42 37.97 -26.08
N THR E 226 31.08 38.28 -24.85
CA THR E 226 31.82 37.79 -23.66
C THR E 226 32.17 36.31 -23.80
N PRO E 227 33.45 35.94 -23.85
CA PRO E 227 33.70 34.49 -23.87
C PRO E 227 33.27 33.77 -22.58
N ALA E 228 32.96 32.51 -22.72
CA ALA E 228 32.67 31.62 -21.60
C ALA E 228 33.93 30.79 -21.42
N TYR E 229 34.80 31.21 -20.53
CA TYR E 229 36.11 30.58 -20.37
C TYR E 229 35.94 29.23 -19.61
N PRO E 230 36.50 28.15 -20.16
CA PRO E 230 36.36 26.85 -19.54
C PRO E 230 37.21 26.81 -18.31
N ALA E 231 36.68 26.20 -17.26
CA ALA E 231 37.47 26.00 -16.04
C ALA E 231 38.85 25.31 -16.28
N SER E 232 38.94 24.38 -17.23
CA SER E 232 40.20 23.69 -17.55
C SER E 232 40.10 23.24 -18.98
N GLN E 233 41.22 22.68 -19.46
CA GLN E 233 41.30 22.15 -20.82
C GLN E 233 40.77 20.76 -20.97
N SER E 234 40.15 20.20 -19.91
CA SER E 234 39.54 18.87 -20.03
C SER E 234 38.51 18.93 -21.12
N GLU E 235 38.15 17.78 -21.61
CA GLU E 235 37.15 17.62 -22.66
C GLU E 235 35.75 18.04 -22.20
N ALA E 236 35.41 17.67 -20.96
CA ALA E 236 34.09 17.94 -20.41
C ALA E 236 33.85 19.47 -20.27
N ASP E 237 34.87 20.13 -19.75
CA ASP E 237 34.89 21.57 -19.57
C ASP E 237 34.85 22.34 -20.90
N MET E 238 35.52 21.81 -21.91
CA MET E 238 35.54 22.46 -23.19
C MET E 238 34.21 22.36 -23.86
N ALA E 239 33.53 21.24 -23.70
CA ALA E 239 32.22 21.07 -24.32
C ALA E 239 31.23 22.01 -23.66
N ALA E 240 31.40 22.19 -22.35
CA ALA E 240 30.53 23.05 -21.57
C ALA E 240 30.66 24.51 -22.07
N ALA E 241 31.90 24.97 -22.18
CA ALA E 241 32.23 26.29 -22.70
C ALA E 241 31.72 26.49 -24.09
N HIS E 242 31.97 25.50 -24.93
CA HIS E 242 31.52 25.55 -26.31
C HIS E 242 30.00 25.69 -26.39
N PHE E 243 29.25 24.95 -25.60
CA PHE E 243 27.81 25.10 -25.67
C PHE E 243 27.36 26.46 -25.06
N ALA E 244 27.94 26.84 -23.92
CA ALA E 244 27.72 28.18 -23.34
C ALA E 244 27.86 29.30 -24.41
N GLU E 245 28.84 29.19 -25.26
CA GLU E 245 28.96 30.16 -26.35
C GLU E 245 27.87 30.05 -27.37
N LEU E 246 27.55 28.83 -27.83
CA LEU E 246 26.54 28.64 -28.86
C LEU E 246 25.26 29.38 -28.54
N TRP E 247 24.83 29.20 -27.30
CA TRP E 247 23.63 29.81 -26.75
C TRP E 247 23.83 31.30 -26.45
N ASN E 248 24.77 31.61 -25.56
CA ASN E 248 24.85 32.97 -24.98
C ASN E 248 25.37 34.00 -25.96
N ASN E 249 26.21 33.58 -26.93
CA ASN E 249 26.81 34.44 -27.93
C ASN E 249 26.31 34.21 -29.37
N ASP E 250 26.40 32.96 -29.84
CA ASP E 250 26.26 32.68 -31.28
C ASP E 250 24.83 32.76 -31.81
N LEU E 251 23.82 32.37 -31.02
CA LEU E 251 22.43 32.48 -31.49
C LEU E 251 22.21 33.88 -32.08
N PHE E 252 22.42 34.96 -31.31
CA PHE E 252 22.13 36.31 -31.86
C PHE E 252 23.22 36.85 -32.78
N MET E 253 24.48 36.53 -32.52
CA MET E 253 25.56 37.09 -33.36
C MET E 253 25.47 36.54 -34.79
N GLU E 254 25.19 35.25 -34.93
CA GLU E 254 25.20 34.65 -36.25
C GLU E 254 23.99 35.10 -37.06
N ALA E 255 22.84 35.19 -36.41
CA ALA E 255 21.64 35.81 -37.03
C ALA E 255 21.89 37.27 -37.48
N ALA E 256 22.38 38.09 -36.59
CA ALA E 256 22.66 39.47 -36.92
C ALA E 256 23.70 39.67 -38.09
N VAL E 257 24.79 38.90 -38.08
CA VAL E 257 25.97 39.20 -38.93
C VAL E 257 25.91 38.33 -40.15
N HIS E 258 25.63 37.05 -39.93
CA HIS E 258 25.53 36.12 -41.02
C HIS E 258 24.13 35.78 -41.51
N GLY E 259 23.06 36.18 -40.85
CA GLY E 259 21.74 35.89 -41.42
C GLY E 259 21.25 34.46 -41.26
N LYS E 260 21.86 33.69 -40.36
CA LYS E 260 21.51 32.28 -40.12
C LYS E 260 21.67 31.98 -38.63
N PHE E 261 20.89 31.05 -38.08
CA PHE E 261 21.14 30.59 -36.72
C PHE E 261 22.23 29.57 -36.77
N PRO E 262 22.98 29.34 -35.69
CA PRO E 262 24.05 28.29 -35.69
C PRO E 262 23.48 26.84 -35.78
N GLU E 263 23.90 26.07 -36.77
CA GLU E 263 23.27 24.76 -37.04
C GLU E 263 23.40 23.81 -35.86
N GLU E 264 24.53 23.87 -35.19
CA GLU E 264 24.75 23.02 -34.02
C GLU E 264 23.80 23.31 -32.82
N LEU E 265 23.44 24.58 -32.65
CA LEU E 265 22.49 24.95 -31.61
C LEU E 265 21.08 24.45 -31.97
N VAL E 266 20.65 24.67 -33.21
CA VAL E 266 19.34 24.18 -33.64
C VAL E 266 19.24 22.66 -33.34
N ALA E 267 20.31 21.91 -33.63
CA ALA E 267 20.32 20.46 -33.33
C ALA E 267 20.15 20.18 -31.83
N VAL E 268 20.87 20.89 -30.97
CA VAL E 268 20.73 20.57 -29.57
C VAL E 268 19.30 20.84 -29.13
N LEU E 269 18.75 21.95 -29.63
CA LEU E 269 17.39 22.40 -29.28
C LEU E 269 16.35 21.43 -29.79
N LYS E 270 16.55 20.95 -31.01
CA LYS E 270 15.65 19.94 -31.60
C LYS E 270 15.68 18.64 -30.78
N LYS E 271 16.87 18.13 -30.49
CA LYS E 271 17.04 16.96 -29.62
C LYS E 271 16.31 17.13 -28.28
N ASP E 272 16.36 18.32 -27.68
CA ASP E 272 15.75 18.53 -26.36
C ASP E 272 14.27 18.87 -26.46
N GLY E 273 13.73 18.92 -27.68
CA GLY E 273 12.29 19.12 -27.93
C GLY E 273 11.77 20.55 -27.78
N VAL E 274 12.66 21.53 -27.73
CA VAL E 274 12.28 22.92 -27.48
C VAL E 274 12.58 23.84 -28.65
N LEU E 275 12.77 23.30 -29.83
CA LEU E 275 13.15 24.18 -30.91
C LEU E 275 12.06 25.19 -31.11
N TRP E 276 12.42 26.42 -31.48
CA TRP E 276 11.41 27.42 -31.87
C TRP E 276 10.53 27.05 -33.06
N GLN E 277 9.33 27.65 -33.11
CA GLN E 277 8.52 27.73 -34.35
C GLN E 277 9.04 28.83 -35.26
N SER E 278 9.41 28.41 -36.47
CA SER E 278 9.81 29.28 -37.56
C SER E 278 9.08 28.94 -38.86
N THR E 279 9.35 29.79 -39.83
CA THR E 279 8.76 29.75 -41.16
C THR E 279 9.89 29.91 -42.14
N PRO E 280 9.74 29.34 -43.34
CA PRO E 280 10.75 29.61 -44.36
C PRO E 280 10.86 31.08 -44.76
N GLU E 281 9.72 31.76 -44.84
CA GLU E 281 9.70 33.21 -45.10
C GLU E 281 10.47 34.02 -44.04
N GLU E 282 10.28 33.67 -42.77
CA GLU E 282 10.94 34.34 -41.65
C GLU E 282 12.45 34.10 -41.69
N LEU E 283 12.84 32.85 -41.94
CA LEU E 283 14.27 32.56 -42.15
C LEU E 283 14.90 33.30 -43.33
N ALA E 284 14.14 33.47 -44.41
CA ALA E 284 14.63 34.26 -45.57
C ALA E 284 14.80 35.71 -45.23
N LEU E 285 13.87 36.22 -44.42
CA LEU E 285 13.93 37.60 -43.91
C LEU E 285 15.17 37.84 -43.03
N ILE E 286 15.48 36.89 -42.16
CA ILE E 286 16.67 37.03 -41.32
C ILE E 286 17.92 36.93 -42.17
N ALA E 287 17.93 35.98 -43.12
CA ALA E 287 19.06 35.83 -44.05
C ALA E 287 19.24 37.09 -44.89
N GLU E 288 18.15 37.78 -45.20
CA GLU E 288 18.24 38.94 -46.05
C GLU E 288 18.55 40.25 -45.35
N ASN E 289 18.46 40.33 -44.02
CA ASN E 289 18.51 41.65 -43.31
C ASN E 289 19.47 41.62 -42.10
N ARG E 290 20.73 41.81 -42.45
CA ARG E 290 21.81 41.64 -41.58
C ARG E 290 22.24 43.02 -41.15
N VAL E 291 22.88 43.10 -40.01
CA VAL E 291 23.34 44.42 -39.52
C VAL E 291 24.42 45.18 -40.36
N ASP E 292 24.36 46.51 -40.38
CA ASP E 292 25.54 47.30 -40.77
C ASP E 292 26.69 47.20 -39.81
N TYR E 293 26.41 47.10 -38.53
CA TYR E 293 27.43 47.19 -37.52
C TYR E 293 26.92 46.69 -36.16
N LEU E 294 27.77 46.67 -35.12
CA LEU E 294 27.29 46.20 -33.80
C LEU E 294 27.80 47.01 -32.70
N GLY E 295 26.99 47.12 -31.64
CA GLY E 295 27.47 47.41 -30.30
C GLY E 295 27.69 46.07 -29.59
N LEU E 296 28.83 45.93 -28.92
CA LEU E 296 29.15 44.76 -28.08
C LEU E 296 29.32 45.31 -26.65
N ASN E 297 28.56 44.75 -25.73
CA ASN E 297 28.58 45.14 -24.30
C ASN E 297 29.57 44.29 -23.55
N PHE E 298 30.37 44.91 -22.70
CA PHE E 298 31.24 44.12 -21.83
C PHE E 298 31.43 44.76 -20.46
N TYR E 299 31.00 44.02 -19.45
CA TYR E 299 30.98 44.55 -18.08
C TYR E 299 31.30 43.49 -16.98
N HIS E 300 31.11 42.20 -17.27
CA HIS E 300 31.94 41.16 -16.65
C HIS E 300 32.14 39.82 -17.41
N PRO E 301 33.31 39.20 -17.24
CA PRO E 301 33.61 37.92 -17.88
C PRO E 301 32.79 36.78 -17.29
N LYS E 302 32.79 35.65 -17.98
CA LYS E 302 32.01 34.48 -17.63
C LYS E 302 32.93 33.29 -17.75
N ARG E 303 32.79 32.39 -16.78
CA ARG E 303 33.52 31.13 -16.78
C ARG E 303 32.55 30.04 -16.45
N VAL E 304 32.70 28.90 -17.12
CA VAL E 304 31.83 27.77 -16.91
C VAL E 304 32.68 26.48 -16.76
N LYS E 305 32.06 25.45 -16.17
CA LYS E 305 32.62 24.09 -16.09
C LYS E 305 31.57 23.09 -16.54
N ALA E 306 32.00 21.83 -16.67
CA ALA E 306 31.07 20.72 -17.00
C ALA E 306 30.06 20.62 -15.86
N PRO E 307 28.79 20.31 -16.15
CA PRO E 307 27.74 20.38 -15.12
C PRO E 307 27.85 19.34 -14.01
N ASP E 308 27.75 19.76 -12.74
CA ASP E 308 27.70 18.83 -11.59
C ASP E 308 26.63 17.74 -11.74
N ALA E 309 25.44 18.13 -12.13
CA ALA E 309 24.38 17.23 -12.46
C ALA E 309 23.91 17.42 -13.89
N ILE E 310 23.72 16.32 -14.59
CA ILE E 310 23.12 16.32 -15.91
C ILE E 310 21.64 15.98 -15.67
N PRO E 311 20.75 16.99 -15.80
CA PRO E 311 19.33 16.70 -15.57
C PRO E 311 18.79 15.89 -16.75
N VAL E 312 18.30 14.69 -16.45
CA VAL E 312 17.79 13.76 -17.45
C VAL E 312 16.25 13.86 -17.43
N ILE E 313 15.68 14.33 -16.33
CA ILE E 313 14.27 14.59 -16.27
C ILE E 313 14.21 15.86 -15.48
N SER E 314 13.57 16.85 -16.09
CA SER E 314 13.54 18.19 -15.60
C SER E 314 12.24 18.85 -16.06
N PRO E 315 11.66 19.67 -15.18
CA PRO E 315 10.47 20.39 -15.61
C PRO E 315 10.71 21.53 -16.61
N SER E 316 11.90 22.15 -16.68
CA SER E 316 12.12 23.24 -17.65
C SER E 316 13.41 23.09 -18.38
N TRP E 317 13.44 23.34 -19.69
CA TRP E 317 14.75 23.42 -20.40
C TRP E 317 15.56 24.70 -19.96
N SER E 318 16.86 24.52 -19.81
CA SER E 318 17.77 25.63 -19.57
C SER E 318 19.06 25.32 -20.28
N PRO E 319 19.74 26.35 -20.81
CA PRO E 319 21.08 26.10 -21.34
C PRO E 319 22.03 25.60 -20.23
N GLU E 320 21.70 25.83 -18.96
CA GLU E 320 22.49 25.34 -17.87
C GLU E 320 22.33 23.82 -17.58
N TRP E 321 21.58 23.13 -18.43
CA TRP E 321 21.71 21.67 -18.53
C TRP E 321 23.12 21.29 -18.96
N TYR E 322 23.82 22.13 -19.75
CA TYR E 322 25.11 21.75 -20.30
C TYR E 322 26.33 22.43 -19.68
N TYR E 323 26.14 23.29 -18.68
CA TYR E 323 27.25 23.95 -17.96
C TYR E 323 26.76 24.51 -16.63
N ASP E 324 27.67 24.59 -15.70
CA ASP E 324 27.51 25.33 -14.48
C ASP E 324 28.47 26.53 -14.52
N PRO E 325 28.04 27.67 -13.92
CA PRO E 325 28.96 28.76 -13.60
C PRO E 325 30.13 28.30 -12.80
N TYR E 326 31.31 28.83 -13.06
CA TYR E 326 32.52 28.44 -12.37
C TYR E 326 33.23 29.69 -11.85
N LEU E 327 33.79 29.62 -10.65
CA LEU E 327 34.53 30.72 -10.07
C LEU E 327 35.96 30.30 -10.12
N MET E 328 36.81 31.18 -10.62
CA MET E 328 38.22 30.89 -10.71
C MET E 328 38.90 31.39 -9.46
N PRO E 329 39.56 30.48 -8.68
CA PRO E 329 40.23 31.00 -7.49
C PRO E 329 41.27 31.98 -7.83
N GLY E 330 41.37 33.05 -7.05
CA GLY E 330 42.30 34.14 -7.30
C GLY E 330 41.73 35.27 -8.17
N HIS E 331 40.51 35.15 -8.64
CA HIS E 331 39.97 36.16 -9.58
C HIS E 331 39.78 37.53 -8.91
N ARG E 332 39.94 38.60 -9.69
CA ARG E 332 39.66 39.95 -9.18
C ARG E 332 38.12 40.13 -9.23
N MET E 333 37.59 40.86 -8.24
CA MET E 333 36.18 40.84 -7.86
C MET E 333 35.74 42.29 -7.55
N ASN E 334 34.58 42.64 -8.07
CA ASN E 334 33.86 43.85 -7.67
C ASN E 334 32.85 43.30 -6.61
N VAL E 335 33.17 43.51 -5.34
CA VAL E 335 32.35 42.90 -4.26
C VAL E 335 30.90 43.44 -4.21
N ASP E 336 30.72 44.73 -4.42
CA ASP E 336 29.35 45.30 -4.59
C ASP E 336 28.52 44.49 -5.53
N LYS E 337 29.10 43.99 -6.60
CA LYS E 337 28.28 43.23 -7.52
C LYS E 337 28.44 41.76 -7.49
N GLY E 338 29.47 41.27 -6.83
CA GLY E 338 29.81 39.84 -7.02
C GLY E 338 30.22 39.51 -8.45
N TRP E 339 30.97 40.42 -9.08
CA TRP E 339 31.29 40.27 -10.52
C TRP E 339 32.79 40.25 -10.62
N GLU E 340 33.29 39.28 -11.34
CA GLU E 340 34.75 39.25 -11.66
C GLU E 340 35.11 40.46 -12.52
N ILE E 341 36.33 40.95 -12.37
CA ILE E 341 36.92 41.96 -13.23
C ILE E 341 38.05 41.28 -13.97
N TYR E 342 37.92 41.24 -15.31
CA TYR E 342 38.90 40.64 -16.19
C TYR E 342 39.00 41.40 -17.55
N PRO E 343 39.69 42.53 -17.57
CA PRO E 343 39.68 43.36 -18.77
C PRO E 343 40.31 42.72 -20.03
N GLU E 344 41.11 41.66 -19.88
CA GLU E 344 41.70 40.92 -21.04
C GLU E 344 40.64 40.38 -21.97
N ALA E 345 39.48 40.06 -21.44
CA ALA E 345 38.37 39.61 -22.28
C ALA E 345 38.02 40.60 -23.40
N VAL E 346 38.30 41.90 -23.22
CA VAL E 346 38.03 42.92 -24.26
C VAL E 346 38.85 42.56 -25.49
N TYR E 347 40.10 42.17 -25.25
CA TYR E 347 40.97 41.75 -26.31
C TYR E 347 40.43 40.50 -26.98
N ASP E 348 39.96 39.51 -26.22
CA ASP E 348 39.46 38.31 -26.86
C ASP E 348 38.26 38.60 -27.71
N ILE E 349 37.46 39.59 -27.28
CA ILE E 349 36.27 40.02 -28.02
C ILE E 349 36.70 40.64 -29.34
N ALA E 350 37.69 41.54 -29.27
CA ALA E 350 38.18 42.16 -30.48
C ALA E 350 38.67 41.14 -31.49
N ILE E 351 39.30 40.07 -31.02
CA ILE E 351 39.89 39.02 -31.88
C ILE E 351 38.82 38.17 -32.45
N LYS E 352 37.78 37.93 -31.67
CA LYS E 352 36.66 37.16 -32.15
C LYS E 352 35.91 37.89 -33.28
N MET E 353 35.70 39.19 -33.11
CA MET E 353 35.09 40.00 -34.20
C MET E 353 35.94 39.93 -35.49
N ARG E 354 37.23 40.16 -35.32
CA ARG E 354 38.21 40.11 -36.42
C ARG E 354 38.17 38.82 -37.23
N ASP E 355 38.20 37.67 -36.56
CA ASP E 355 38.37 36.36 -37.19
C ASP E 355 37.15 35.54 -37.31
N HIS E 356 36.02 35.88 -36.68
CA HIS E 356 34.78 35.05 -36.94
C HIS E 356 33.59 35.83 -37.37
N TYR E 357 33.65 37.16 -37.35
CA TYR E 357 32.49 37.94 -37.78
C TYR E 357 32.90 38.97 -38.83
N ASP E 358 33.76 38.53 -39.78
CA ASP E 358 34.14 39.29 -40.98
C ASP E 358 34.83 40.60 -40.64
N ASN E 359 35.32 40.74 -39.42
CA ASN E 359 35.77 42.05 -38.96
C ASN E 359 34.83 43.23 -39.38
N ILE E 360 33.50 43.04 -39.32
CA ILE E 360 32.55 44.17 -39.56
C ILE E 360 32.66 45.21 -38.45
N PRO E 361 32.20 46.45 -38.73
CA PRO E 361 32.51 47.49 -37.76
C PRO E 361 31.80 47.24 -36.39
N TRP E 362 32.46 47.56 -35.26
CA TRP E 362 31.81 47.39 -33.97
C TRP E 362 32.30 48.44 -33.03
N PHE E 363 31.54 48.68 -31.97
CA PHE E 363 32.07 49.49 -30.86
C PHE E 363 31.74 48.89 -29.50
N LEU E 364 32.54 49.24 -28.53
CA LEU E 364 32.30 48.75 -27.18
C LEU E 364 31.27 49.67 -26.59
N SER E 365 30.03 49.16 -26.58
CA SER E 365 28.84 49.96 -26.35
C SER E 365 28.42 50.13 -24.90
N GLU E 366 29.06 49.39 -23.99
CA GLU E 366 28.68 49.46 -22.57
C GLU E 366 29.82 48.86 -21.77
N ASN E 367 30.46 49.69 -20.96
CA ASN E 367 31.59 49.25 -20.17
C ASN E 367 31.67 50.18 -19.02
N GLY E 368 31.67 49.60 -17.83
CA GLY E 368 31.78 50.35 -16.65
C GLY E 368 31.62 49.52 -15.40
N VAL E 369 31.67 50.18 -14.26
CA VAL E 369 31.84 49.53 -12.97
C VAL E 369 30.97 50.22 -11.97
N GLY E 370 30.17 49.43 -11.27
CA GLY E 370 29.23 49.96 -10.25
C GLY E 370 29.65 49.71 -8.82
N ILE E 371 29.62 50.77 -8.02
CA ILE E 371 30.15 50.80 -6.67
C ILE E 371 29.16 51.54 -5.74
N SER E 372 28.99 51.05 -4.52
CA SER E 372 28.09 51.69 -3.55
C SER E 372 28.90 52.58 -2.62
N GLY E 373 28.22 53.35 -1.78
CA GLY E 373 28.89 54.20 -0.76
C GLY E 373 29.91 55.19 -1.32
N GLU E 374 29.62 55.82 -2.46
CA GLU E 374 30.60 56.69 -3.09
C GLU E 374 30.84 57.99 -2.29
N ASP E 375 29.95 58.31 -1.37
CA ASP E 375 30.15 59.44 -0.42
C ASP E 375 31.54 59.36 0.32
N ARG E 376 31.98 58.14 0.62
CA ARG E 376 33.27 57.87 1.27
C ARG E 376 34.45 58.41 0.52
N TYR E 377 34.38 58.52 -0.81
CA TYR E 377 35.50 58.96 -1.59
C TYR E 377 35.50 60.45 -1.97
N ARG E 378 34.64 61.27 -1.36
CA ARG E 378 34.62 62.73 -1.62
C ARG E 378 35.89 63.31 -1.08
N ASP E 379 36.49 64.24 -1.79
CA ASP E 379 37.58 65.00 -1.18
C ASP E 379 36.97 66.23 -0.49
N GLU E 380 37.82 67.02 0.14
CA GLU E 380 37.39 68.29 0.77
C GLU E 380 36.53 69.19 -0.18
N THR E 381 36.74 69.13 -1.49
CA THR E 381 35.90 69.95 -2.41
C THR E 381 34.47 69.42 -2.70
N GLY E 382 34.07 68.25 -2.15
CA GLY E 382 32.77 67.60 -2.46
C GLY E 382 32.75 66.62 -3.65
N GLN E 383 33.80 66.62 -4.47
CA GLN E 383 33.87 65.80 -5.69
C GLN E 383 34.29 64.37 -5.33
N ILE E 384 33.58 63.38 -5.87
CA ILE E 384 33.96 62.00 -5.66
C ILE E 384 35.25 61.64 -6.41
N GLN E 385 36.22 61.13 -5.67
CA GLN E 385 37.51 60.70 -6.21
C GLN E 385 37.41 59.23 -6.55
N ASP E 386 36.74 58.93 -7.68
CA ASP E 386 36.52 57.51 -8.07
C ASP E 386 37.72 56.94 -8.89
N ASP E 387 38.88 56.92 -8.23
CA ASP E 387 40.15 56.38 -8.78
C ASP E 387 40.02 54.98 -9.25
N TYR E 388 39.26 54.19 -8.49
CA TYR E 388 38.87 52.84 -8.86
C TYR E 388 38.15 52.80 -10.23
N ARG E 389 37.30 53.76 -10.53
CA ARG E 389 36.65 53.77 -11.85
C ARG E 389 37.63 54.12 -12.97
N ILE E 390 38.49 55.12 -12.73
CA ILE E 390 39.56 55.52 -13.67
C ILE E 390 40.41 54.31 -14.02
N GLN E 391 40.80 53.59 -12.98
CA GLN E 391 41.62 52.39 -13.17
C GLN E 391 40.92 51.32 -13.98
N PHE E 392 39.66 51.05 -13.65
CA PHE E 392 38.90 50.01 -14.34
C PHE E 392 38.70 50.43 -15.82
N LEU E 393 38.25 51.66 -16.07
CA LEU E 393 38.07 52.07 -17.46
C LEU E 393 39.41 52.09 -18.21
N LYS E 394 40.47 52.57 -17.57
CA LYS E 394 41.81 52.57 -18.23
C LYS E 394 42.24 51.19 -18.70
N GLU E 395 42.11 50.21 -17.79
CA GLU E 395 42.52 48.81 -18.14
C GLU E 395 41.73 48.26 -19.28
N HIS E 396 40.40 48.50 -19.28
CA HIS E 396 39.59 47.94 -20.38
C HIS E 396 39.95 48.59 -21.72
N LEU E 397 40.22 49.89 -21.66
CA LEU E 397 40.63 50.66 -22.84
C LEU E 397 42.00 50.23 -23.39
N THR E 398 42.93 49.93 -22.50
CA THR E 398 44.21 49.31 -22.87
C THR E 398 44.06 48.06 -23.69
N TYR E 399 43.16 47.15 -23.26
CA TYR E 399 42.96 45.94 -24.00
C TYR E 399 42.23 46.18 -25.31
N LEU E 400 41.26 47.09 -25.30
CA LEU E 400 40.60 47.50 -26.55
C LEU E 400 41.60 48.07 -27.61
N HIS E 401 42.51 48.91 -27.15
CA HIS E 401 43.63 49.47 -27.97
C HIS E 401 44.43 48.33 -28.54
N LYS E 402 44.75 47.35 -27.69
CA LYS E 402 45.49 46.18 -28.14
C LYS E 402 44.72 45.43 -29.24
N GLY E 403 43.42 45.34 -29.11
CA GLY E 403 42.63 44.69 -30.16
C GLY E 403 42.56 45.49 -31.47
N ILE E 404 42.49 46.81 -31.35
CA ILE E 404 42.54 47.71 -32.50
C ILE E 404 43.92 47.58 -33.17
N GLU E 405 44.99 47.66 -32.39
CA GLU E 405 46.37 47.32 -32.85
C GLU E 405 46.48 45.99 -33.57
N ALA E 406 45.71 44.98 -33.22
CA ALA E 406 45.81 43.70 -33.94
C ALA E 406 44.93 43.58 -35.16
N GLY E 407 44.30 44.66 -35.59
CA GLY E 407 43.45 44.62 -36.77
C GLY E 407 41.97 44.62 -36.47
N SER E 408 41.53 44.68 -35.19
CA SER E 408 40.07 44.62 -34.97
C SER E 408 39.41 45.94 -35.39
N ASN E 409 38.27 45.83 -36.07
CA ASN E 409 37.55 47.01 -36.63
C ASN E 409 36.57 47.70 -35.65
N CYS E 410 37.14 48.24 -34.57
CA CYS E 410 36.38 48.88 -33.50
C CYS E 410 36.42 50.40 -33.68
N PHE E 411 35.26 51.05 -33.60
CA PHE E 411 35.15 52.51 -33.92
C PHE E 411 34.76 53.35 -32.72
N GLY E 412 34.60 52.71 -31.55
CA GLY E 412 34.30 53.50 -30.37
C GLY E 412 34.23 52.80 -29.04
N TYR E 413 34.07 53.66 -28.05
CA TYR E 413 33.96 53.26 -26.69
C TYR E 413 32.95 54.09 -25.96
N HIS E 414 31.94 53.41 -25.37
CA HIS E 414 31.00 54.08 -24.43
C HIS E 414 30.99 53.57 -22.99
N VAL E 415 31.16 54.50 -22.06
CA VAL E 415 31.14 54.22 -20.69
C VAL E 415 29.70 54.04 -20.17
N TRP E 416 29.49 52.98 -19.38
CA TRP E 416 28.26 52.84 -18.62
C TRP E 416 28.47 53.41 -17.25
N THR E 417 28.31 54.71 -17.19
CA THR E 417 27.11 55.49 -17.57
C THR E 417 27.49 56.96 -17.39
N PRO E 418 27.01 57.85 -18.26
CA PRO E 418 27.41 59.22 -18.06
C PRO E 418 27.06 59.78 -16.69
N ILE E 419 25.80 59.61 -16.30
CA ILE E 419 25.29 60.16 -15.04
C ILE E 419 24.67 59.01 -14.28
N ASP E 420 24.87 58.94 -12.95
CA ASP E 420 24.34 57.84 -12.17
C ASP E 420 22.85 57.66 -12.55
N GLY E 421 22.44 56.45 -12.94
CA GLY E 421 21.05 56.15 -13.23
C GLY E 421 20.44 54.96 -12.48
N TRP E 422 19.20 54.64 -12.82
CA TRP E 422 18.41 53.65 -12.05
C TRP E 422 18.77 52.26 -12.57
N SER E 423 19.40 51.48 -11.70
CA SER E 423 19.93 50.19 -12.10
C SER E 423 18.94 49.06 -11.78
N TRP E 424 17.70 49.22 -12.27
CA TRP E 424 16.71 48.17 -12.23
C TRP E 424 16.46 47.73 -10.77
N LEU E 425 16.42 46.43 -10.43
CA LEU E 425 16.16 46.00 -9.02
C LEU E 425 17.11 46.59 -8.00
N ASN E 426 18.32 46.92 -8.44
CA ASN E 426 19.34 47.47 -7.63
C ASN E 426 19.24 49.00 -7.53
N ALA E 427 18.35 49.64 -8.32
CA ALA E 427 18.13 51.06 -8.26
C ALA E 427 19.46 51.80 -8.12
N TYR E 428 19.68 52.61 -7.06
CA TYR E 428 20.87 53.44 -6.93
C TYR E 428 21.80 52.93 -5.82
N LYS E 429 21.68 51.66 -5.51
CA LYS E 429 22.63 51.01 -4.62
C LYS E 429 24.08 51.11 -5.09
N ASN E 430 24.28 50.68 -6.33
CA ASN E 430 25.57 50.75 -7.01
C ASN E 430 25.52 51.90 -8.09
N ARG E 431 26.44 52.84 -7.99
CA ARG E 431 26.59 53.96 -8.94
C ARG E 431 27.63 53.59 -10.02
N TYR E 432 27.30 53.89 -11.28
CA TYR E 432 28.14 53.66 -12.45
C TYR E 432 28.61 54.99 -13.14
N GLY E 433 28.13 56.15 -12.66
CA GLY E 433 28.33 57.41 -13.37
C GLY E 433 29.76 57.90 -13.37
N LEU E 434 30.15 58.48 -14.51
CA LEU E 434 31.22 59.50 -14.53
C LEU E 434 30.82 60.76 -13.79
N VAL E 435 29.50 60.98 -13.74
CA VAL E 435 28.93 62.14 -13.05
C VAL E 435 27.93 61.61 -11.98
N GLU E 436 28.09 62.09 -10.77
CA GLU E 436 27.19 61.85 -9.65
C GLU E 436 25.81 62.46 -9.88
N ASN E 437 24.79 61.74 -9.46
CA ASN E 437 23.47 62.31 -9.30
C ASN E 437 23.04 62.13 -7.90
N ASN E 438 22.60 63.22 -7.33
CA ASN E 438 21.96 63.21 -6.03
C ASN E 438 20.55 62.83 -6.31
N ILE E 439 20.10 61.72 -5.74
CA ILE E 439 18.75 61.25 -6.10
C ILE E 439 17.62 61.98 -5.40
N HIS E 440 17.93 62.81 -4.42
CA HIS E 440 16.91 63.64 -3.83
C HIS E 440 16.70 64.94 -4.62
N THR E 441 17.79 65.61 -4.95
CA THR E 441 17.76 66.93 -5.51
C THR E 441 17.92 66.94 -7.02
N GLN E 442 18.30 65.79 -7.59
CA GLN E 442 18.71 65.65 -9.02
C GLN E 442 19.82 66.62 -9.48
N VAL E 443 20.65 67.06 -8.56
CA VAL E 443 21.80 67.86 -8.91
C VAL E 443 22.96 66.91 -9.31
N ARG E 444 23.57 67.23 -10.44
CA ARG E 444 24.69 66.52 -10.98
C ARG E 444 25.99 67.09 -10.40
N ARG E 445 26.97 66.22 -10.17
CA ARG E 445 28.34 66.64 -9.84
C ARG E 445 29.38 65.70 -10.45
N PRO E 446 30.17 66.20 -11.43
CA PRO E 446 31.22 65.36 -12.01
C PRO E 446 32.09 64.76 -10.96
N LYS E 447 32.41 63.48 -11.13
CA LYS E 447 33.39 62.77 -10.32
C LYS E 447 34.79 62.91 -10.99
N ALA E 448 35.87 62.52 -10.28
CA ALA E 448 37.21 62.59 -10.91
C ALA E 448 37.26 61.85 -12.24
N SER E 449 36.51 60.75 -12.39
CA SER E 449 36.56 60.00 -13.65
C SER E 449 36.03 60.79 -14.84
N ALA E 450 35.09 61.70 -14.59
CA ALA E 450 34.61 62.53 -15.66
C ALA E 450 35.75 63.31 -16.30
N TYR E 451 36.59 63.90 -15.48
CA TYR E 451 37.70 64.75 -15.90
C TYR E 451 38.82 63.92 -16.47
N TRP E 452 39.09 62.74 -15.91
CA TRP E 452 40.00 61.79 -16.60
C TRP E 452 39.50 61.43 -18.01
N PHE E 453 38.22 61.06 -18.15
CA PHE E 453 37.74 60.61 -19.44
C PHE E 453 37.66 61.81 -20.41
N LYS E 454 37.40 63.01 -19.89
CA LYS E 454 37.52 64.22 -20.71
C LYS E 454 38.91 64.30 -21.41
N LYS E 455 39.99 64.17 -20.64
CA LYS E 455 41.36 64.17 -21.20
C LYS E 455 41.53 63.10 -22.28
N VAL E 456 41.08 61.88 -22.01
CA VAL E 456 41.20 60.79 -23.01
C VAL E 456 40.46 61.08 -24.31
N ALA E 457 39.22 61.51 -24.18
CA ALA E 457 38.41 61.73 -25.34
C ALA E 457 38.91 63.00 -26.07
N THR E 458 39.20 64.05 -25.31
CA THR E 458 39.78 65.30 -25.90
C THR E 458 41.10 65.09 -26.67
N HIS E 459 42.05 64.36 -26.10
CA HIS E 459 43.33 64.06 -26.77
C HIS E 459 43.30 62.82 -27.66
N ASN E 460 42.22 62.05 -27.65
CA ASN E 460 42.11 60.82 -28.39
C ASN E 460 43.18 59.76 -28.05
N ARG E 461 43.58 59.73 -26.80
CA ARG E 461 44.56 58.80 -26.33
C ARG E 461 44.54 58.57 -24.82
N LEU E 462 45.20 57.49 -24.45
CA LEU E 462 45.51 57.09 -23.08
C LEU E 462 46.98 57.21 -22.82
N ILE E 463 47.31 57.38 -21.55
CA ILE E 463 48.62 56.94 -21.00
C ILE E 463 48.52 55.54 -20.33
N MET F 1 5.87 -116.01 -4.23
CA MET F 1 6.28 -116.19 -2.81
C MET F 1 5.00 -116.26 -1.95
N LEU F 2 4.32 -115.13 -1.66
CA LEU F 2 3.25 -115.12 -0.62
C LEU F 2 1.91 -114.47 -0.97
N ALA F 3 0.84 -115.27 -1.06
CA ALA F 3 -0.47 -114.76 -1.49
C ALA F 3 -1.36 -114.51 -0.27
N PHE F 4 -2.22 -113.51 -0.38
CA PHE F 4 -2.99 -113.03 0.77
C PHE F 4 -4.44 -113.41 0.62
N PRO F 5 -5.23 -113.41 1.71
CA PRO F 5 -6.64 -113.75 1.59
C PRO F 5 -7.32 -112.89 0.55
N LYS F 6 -8.37 -113.39 -0.10
CA LYS F 6 -9.06 -112.51 -1.06
C LYS F 6 -9.97 -111.54 -0.31
N GLU F 7 -10.31 -110.42 -0.97
CA GLU F 7 -11.01 -109.31 -0.31
C GLU F 7 -10.12 -108.54 0.74
N PHE F 8 -8.80 -108.72 0.70
CA PHE F 8 -7.87 -108.21 1.75
C PHE F 8 -7.76 -106.70 1.54
N TRP F 9 -7.85 -105.93 2.64
CA TRP F 9 -7.77 -104.47 2.53
C TRP F 9 -6.33 -104.17 2.29
N TRP F 10 -6.07 -103.53 1.17
CA TRP F 10 -4.81 -102.84 0.93
C TRP F 10 -5.02 -101.32 0.83
N GLY F 11 -4.19 -100.56 1.55
CA GLY F 11 -4.28 -99.09 1.55
C GLY F 11 -3.40 -98.41 2.61
N GLY F 12 -3.80 -97.19 2.98
CA GLY F 12 -3.02 -96.40 3.89
C GLY F 12 -3.91 -95.81 4.96
N ALA F 13 -3.30 -95.47 6.11
CA ALA F 13 -4.06 -94.77 7.13
C ALA F 13 -3.57 -93.32 7.24
N THR F 14 -4.49 -92.45 7.62
CA THR F 14 -4.17 -91.13 8.06
C THR F 14 -5.17 -90.67 9.12
N SER F 15 -5.09 -89.39 9.47
CA SER F 15 -6.09 -88.80 10.34
C SER F 15 -6.52 -87.42 9.84
N GLY F 16 -7.67 -86.99 10.33
CA GLY F 16 -8.17 -85.66 10.01
C GLY F 16 -7.10 -84.61 10.36
N PRO F 17 -6.68 -84.60 11.64
CA PRO F 17 -5.76 -83.58 12.17
C PRO F 17 -4.43 -83.55 11.46
N GLN F 18 -3.96 -84.68 10.94
CA GLN F 18 -2.61 -84.76 10.37
C GLN F 18 -2.55 -84.49 8.91
N SER F 19 -3.71 -84.52 8.26
CA SER F 19 -3.78 -84.43 6.80
C SER F 19 -4.50 -83.19 6.29
N GLU F 20 -5.55 -82.72 7.00
CA GLU F 20 -6.50 -81.75 6.43
C GLU F 20 -5.99 -80.27 6.30
N GLY F 21 -5.36 -79.76 7.38
CA GLY F 21 -5.16 -78.32 7.58
C GLY F 21 -6.36 -77.79 8.33
N ARG F 22 -6.23 -76.60 8.93
CA ARG F 22 -7.31 -76.04 9.66
C ARG F 22 -8.26 -75.21 8.78
N PHE F 23 -8.07 -75.27 7.48
CA PHE F 23 -8.89 -74.48 6.53
C PHE F 23 -10.34 -74.69 6.85
N ALA F 24 -11.10 -73.59 6.99
CA ALA F 24 -12.54 -73.63 7.20
C ALA F 24 -13.04 -74.40 8.47
N LYS F 25 -12.17 -74.71 9.44
CA LYS F 25 -12.59 -75.54 10.60
C LYS F 25 -12.98 -74.70 11.76
N GLN F 26 -14.20 -74.94 12.25
CA GLN F 26 -14.78 -74.07 13.24
C GLN F 26 -14.04 -74.03 14.57
N HIS F 27 -13.63 -75.18 15.08
CA HIS F 27 -13.10 -75.24 16.44
C HIS F 27 -11.66 -75.75 16.44
N ARG F 28 -10.98 -75.48 17.54
CA ARG F 28 -9.68 -76.05 17.79
C ARG F 28 -9.74 -77.41 18.52
N ASN F 29 -9.06 -78.41 17.95
CA ASN F 29 -8.71 -79.60 18.72
C ASN F 29 -7.52 -79.28 19.69
N LEU F 30 -7.15 -80.27 20.48
CA LEU F 30 -6.16 -80.05 21.52
C LEU F 30 -4.79 -79.69 20.92
N PHE F 31 -4.43 -80.31 19.80
CA PHE F 31 -3.18 -80.04 19.14
C PHE F 31 -3.18 -78.65 18.47
N ASP F 32 -4.30 -78.25 17.86
CA ASP F 32 -4.42 -76.92 17.26
C ASP F 32 -4.13 -75.90 18.34
N TYR F 33 -4.77 -76.10 19.46
CA TYR F 33 -4.59 -75.24 20.62
C TYR F 33 -3.14 -75.20 21.13
N TRP F 34 -2.51 -76.36 21.22
CA TRP F 34 -1.18 -76.47 21.75
C TRP F 34 -0.20 -75.75 20.88
N TYR F 35 -0.37 -75.88 19.58
CA TYR F 35 0.45 -75.19 18.64
C TYR F 35 0.27 -73.63 18.70
N GLU F 36 -0.96 -73.15 18.92
CA GLU F 36 -1.20 -71.73 19.06
C GLU F 36 -0.45 -71.22 20.30
N GLU F 37 -0.38 -72.04 21.35
CA GLU F 37 0.28 -71.62 22.59
C GLU F 37 1.79 -71.79 22.60
N GLU F 38 2.32 -72.86 22.02
CA GLU F 38 3.72 -73.18 22.17
C GLU F 38 4.22 -73.74 20.86
N PRO F 39 4.33 -72.87 19.85
CA PRO F 39 4.76 -73.32 18.54
C PRO F 39 6.17 -73.88 18.54
N ASP F 40 7.00 -73.51 19.53
CA ASP F 40 8.38 -73.95 19.52
C ASP F 40 8.54 -75.40 19.98
N LEU F 41 7.47 -76.02 20.50
CA LEU F 41 7.45 -77.48 20.73
C LEU F 41 7.35 -78.33 19.46
N PHE F 42 7.11 -77.68 18.31
CA PHE F 42 6.87 -78.34 17.09
C PHE F 42 8.00 -78.14 16.14
N TYR F 43 8.35 -79.20 15.41
CA TYR F 43 9.60 -79.20 14.66
C TYR F 43 9.53 -78.22 13.51
N ASP F 44 10.57 -77.37 13.47
CA ASP F 44 10.64 -76.25 12.53
C ASP F 44 9.46 -75.28 12.61
N TYR F 45 8.77 -75.24 13.76
CA TYR F 45 7.62 -74.41 13.98
C TYR F 45 6.39 -74.67 13.09
N VAL F 46 6.28 -75.85 12.47
CA VAL F 46 5.17 -76.23 11.61
C VAL F 46 4.05 -76.88 12.43
N GLY F 47 2.88 -76.25 12.39
CA GLY F 47 1.71 -76.70 13.15
C GLY F 47 0.75 -77.35 12.18
N PRO F 48 -0.50 -77.53 12.60
CA PRO F 48 -1.48 -78.25 11.78
C PRO F 48 -2.33 -77.34 10.88
N ASP F 49 -2.00 -76.03 10.78
CA ASP F 49 -2.87 -75.05 10.10
C ASP F 49 -3.08 -75.43 8.67
N THR F 50 -2.01 -75.81 7.98
CA THR F 50 -2.08 -76.28 6.59
C THR F 50 -1.86 -77.81 6.46
N ALA F 51 -1.03 -78.38 7.32
CA ALA F 51 -0.74 -79.83 7.31
C ALA F 51 -0.36 -80.30 5.90
N SER F 52 -1.01 -81.33 5.38
CA SER F 52 -0.83 -81.71 4.01
C SER F 52 -1.97 -81.34 3.03
N ASP F 53 -2.78 -80.35 3.44
CA ASP F 53 -3.76 -79.67 2.54
C ASP F 53 -4.81 -80.65 1.95
N ALA F 54 -5.13 -81.71 2.68
CA ALA F 54 -6.16 -82.64 2.22
C ALA F 54 -7.56 -82.00 2.22
N TYR F 55 -7.73 -80.87 2.89
CA TYR F 55 -8.99 -80.10 2.74
C TYR F 55 -9.29 -79.77 1.27
N HIS F 56 -8.23 -79.40 0.54
CA HIS F 56 -8.35 -79.05 -0.85
C HIS F 56 -8.05 -80.19 -1.76
N GLN F 57 -7.08 -81.05 -1.44
CA GLN F 57 -6.60 -82.04 -2.43
C GLN F 57 -7.14 -83.52 -2.23
N ILE F 58 -8.07 -83.74 -1.32
CA ILE F 58 -8.57 -85.12 -1.06
C ILE F 58 -9.07 -85.85 -2.30
N GLU F 59 -9.83 -85.17 -3.17
CA GLU F 59 -10.30 -85.82 -4.43
C GLU F 59 -9.13 -86.22 -5.30
N SER F 60 -8.19 -85.31 -5.53
CA SER F 60 -7.06 -85.66 -6.40
C SER F 60 -6.14 -86.68 -5.68
N ASP F 61 -6.15 -86.70 -4.34
CA ASP F 61 -5.27 -87.64 -3.63
C ASP F 61 -5.82 -89.07 -3.81
N LEU F 62 -7.13 -89.24 -3.60
CA LEU F 62 -7.81 -90.54 -3.76
C LEU F 62 -7.69 -91.10 -5.15
N THR F 63 -7.78 -90.27 -6.17
CA THR F 63 -7.54 -90.73 -7.54
C THR F 63 -6.14 -91.19 -7.63
N LEU F 64 -5.21 -90.47 -7.00
CA LEU F 64 -3.79 -90.91 -7.05
C LEU F 64 -3.57 -92.28 -6.34
N LEU F 65 -4.20 -92.43 -5.17
CA LEU F 65 -4.07 -93.67 -4.40
C LEU F 65 -4.80 -94.86 -5.18
N ALA F 66 -6.03 -94.63 -5.69
CA ALA F 66 -6.71 -95.64 -6.57
C ALA F 66 -5.76 -96.02 -7.69
N SER F 67 -5.13 -95.04 -8.37
CA SER F 67 -4.14 -95.35 -9.43
C SER F 67 -2.89 -96.07 -8.96
N LEU F 68 -2.55 -95.99 -7.66
CA LEU F 68 -1.46 -96.75 -7.04
C LEU F 68 -1.96 -98.02 -6.26
N GLY F 69 -3.13 -98.54 -6.64
CA GLY F 69 -3.59 -99.88 -6.21
C GLY F 69 -4.38 -99.98 -4.91
N HIS F 70 -4.65 -98.88 -4.23
CA HIS F 70 -5.26 -98.98 -2.90
C HIS F 70 -6.74 -99.22 -3.11
N ASN F 71 -7.33 -100.01 -2.25
CA ASN F 71 -8.75 -100.35 -2.35
C ASN F 71 -9.47 -99.93 -1.11
N SER F 72 -8.74 -99.33 -0.16
CA SER F 72 -9.37 -98.84 1.09
C SER F 72 -8.52 -97.62 1.59
N TYR F 73 -9.11 -96.77 2.46
CA TYR F 73 -8.42 -95.59 2.94
C TYR F 73 -9.00 -95.32 4.26
N ARG F 74 -8.14 -95.26 5.27
CA ARG F 74 -8.57 -94.88 6.56
C ARG F 74 -8.13 -93.43 6.90
N THR F 75 -9.09 -92.67 7.44
CA THR F 75 -8.88 -91.33 7.98
C THR F 75 -9.87 -91.12 9.09
N SER F 76 -9.89 -89.91 9.63
CA SER F 76 -10.80 -89.62 10.71
C SER F 76 -11.68 -88.40 10.43
N ILE F 77 -12.83 -88.37 11.11
CA ILE F 77 -13.69 -87.23 11.13
C ILE F 77 -13.40 -86.48 12.40
N GLN F 78 -13.12 -85.20 12.25
CA GLN F 78 -12.88 -84.34 13.38
C GLN F 78 -14.17 -83.80 13.96
N TRP F 79 -14.34 -84.11 15.23
CA TRP F 79 -15.36 -83.54 16.03
C TRP F 79 -15.36 -81.97 15.95
N THR F 80 -14.17 -81.40 15.86
CA THR F 80 -14.01 -79.97 15.82
C THR F 80 -14.31 -79.34 14.45
N ARG F 81 -14.37 -80.15 13.40
CA ARG F 81 -14.89 -79.74 12.07
C ARG F 81 -16.43 -79.94 11.84
N LEU F 82 -16.96 -81.10 12.24
CA LEU F 82 -18.32 -81.47 11.89
C LEU F 82 -19.37 -80.76 12.69
N ILE F 83 -19.11 -80.54 13.98
CA ILE F 83 -20.10 -80.00 14.93
C ILE F 83 -19.92 -78.54 15.24
N ASP F 84 -21.06 -77.84 15.22
CA ASP F 84 -21.13 -76.43 15.52
C ASP F 84 -21.28 -76.25 17.04
N ASP F 85 -22.50 -76.45 17.57
CA ASP F 85 -22.77 -76.41 19.00
C ASP F 85 -22.47 -77.81 19.57
N PHE F 86 -21.45 -77.90 20.45
CA PHE F 86 -21.08 -79.20 21.07
C PHE F 86 -22.17 -79.80 22.00
N GLU F 87 -22.76 -78.97 22.86
CA GLU F 87 -23.79 -79.45 23.78
C GLU F 87 -24.96 -80.11 23.03
N GLN F 88 -25.37 -79.50 21.91
CA GLN F 88 -26.52 -79.96 21.09
C GLN F 88 -26.14 -80.87 19.91
N ALA F 89 -24.85 -81.07 19.68
CA ALA F 89 -24.40 -81.76 18.48
C ALA F 89 -25.06 -81.28 17.18
N THR F 90 -25.21 -79.95 17.05
CA THR F 90 -25.66 -79.34 15.77
C THR F 90 -24.54 -79.30 14.75
N ILE F 91 -24.91 -79.38 13.49
CA ILE F 91 -23.99 -79.62 12.37
C ILE F 91 -23.47 -78.29 11.76
N ASN F 92 -22.18 -78.32 11.43
CA ASN F 92 -21.50 -77.32 10.62
C ASN F 92 -21.64 -77.73 9.14
N PRO F 93 -22.41 -76.96 8.33
CA PRO F 93 -22.70 -77.40 6.94
C PRO F 93 -21.46 -77.57 6.08
N ASP F 94 -20.46 -76.76 6.35
CA ASP F 94 -19.18 -76.80 5.58
C ASP F 94 -18.37 -78.05 5.97
N GLY F 95 -18.29 -78.34 7.26
CA GLY F 95 -17.74 -79.62 7.74
C GLY F 95 -18.50 -80.85 7.19
N LEU F 96 -19.83 -80.79 7.19
CA LEU F 96 -20.68 -81.86 6.62
C LEU F 96 -20.35 -82.07 5.14
N ALA F 97 -20.41 -80.98 4.41
CA ALA F 97 -20.05 -80.95 3.01
C ALA F 97 -18.61 -81.45 2.76
N TYR F 98 -17.65 -81.07 3.62
CA TYR F 98 -16.28 -81.64 3.48
C TYR F 98 -16.26 -83.16 3.63
N TYR F 99 -16.82 -83.68 4.70
CA TYR F 99 -16.77 -85.17 4.88
C TYR F 99 -17.60 -85.95 3.79
N ASN F 100 -18.69 -85.36 3.28
CA ASN F 100 -19.28 -85.92 2.01
C ASN F 100 -18.38 -85.93 0.76
N ARG F 101 -17.58 -84.90 0.49
CA ARG F 101 -16.63 -85.03 -0.63
C ARG F 101 -15.62 -86.18 -0.40
N VAL F 102 -15.20 -86.34 0.87
CA VAL F 102 -14.14 -87.31 1.19
C VAL F 102 -14.68 -88.73 0.82
N ILE F 103 -15.79 -89.04 1.45
CA ILE F 103 -16.52 -90.34 1.31
C ILE F 103 -16.93 -90.60 -0.16
N ASP F 104 -17.56 -89.61 -0.84
CA ASP F 104 -17.99 -89.85 -2.24
C ASP F 104 -16.79 -89.96 -3.16
N ALA F 105 -15.69 -89.33 -2.80
CA ALA F 105 -14.50 -89.46 -3.65
C ALA F 105 -13.84 -90.82 -3.38
N CYS F 106 -14.03 -91.37 -2.18
CA CYS F 106 -13.60 -92.76 -1.98
C CYS F 106 -14.44 -93.71 -2.88
N LEU F 107 -15.76 -93.75 -2.67
CA LEU F 107 -16.66 -94.66 -3.46
C LEU F 107 -16.42 -94.42 -4.95
N ALA F 108 -16.34 -93.16 -5.40
CA ALA F 108 -16.16 -92.91 -6.84
C ALA F 108 -14.83 -93.37 -7.39
N ASN F 109 -13.83 -93.61 -6.55
CA ASN F 109 -12.54 -94.15 -7.03
C ASN F 109 -12.43 -95.62 -6.75
N GLY F 110 -13.50 -96.22 -6.21
CA GLY F 110 -13.50 -97.65 -5.84
C GLY F 110 -12.66 -97.94 -4.60
N ILE F 111 -12.74 -97.07 -3.60
CA ILE F 111 -11.97 -97.23 -2.37
C ILE F 111 -12.94 -97.28 -1.23
N ARG F 112 -12.84 -98.30 -0.40
CA ARG F 112 -13.74 -98.38 0.75
C ARG F 112 -13.36 -97.27 1.72
N PRO F 113 -14.33 -96.44 2.10
CA PRO F 113 -14.10 -95.45 3.18
C PRO F 113 -14.07 -96.10 4.57
N VAL F 114 -12.96 -95.95 5.29
CA VAL F 114 -12.84 -96.43 6.66
C VAL F 114 -12.71 -95.23 7.61
N ILE F 115 -13.62 -95.05 8.54
CA ILE F 115 -13.68 -93.84 9.26
C ILE F 115 -13.51 -94.09 10.76
N ASN F 116 -12.56 -93.32 11.33
CA ASN F 116 -12.33 -93.29 12.74
C ASN F 116 -12.92 -92.00 13.21
N LEU F 117 -13.50 -91.98 14.38
CA LEU F 117 -14.13 -90.82 14.97
C LEU F 117 -13.27 -89.95 15.93
N HIS F 118 -12.10 -90.42 16.36
CA HIS F 118 -11.31 -89.73 17.37
C HIS F 118 -9.86 -90.12 17.18
N HIS F 119 -9.03 -89.16 16.79
CA HIS F 119 -7.63 -89.41 16.66
C HIS F 119 -6.85 -88.27 17.34
N PHE F 120 -6.82 -88.37 18.67
CA PHE F 120 -6.05 -87.45 19.54
C PHE F 120 -6.58 -86.00 19.43
N ASP F 121 -7.87 -85.85 19.11
CA ASP F 121 -8.43 -84.53 18.77
C ASP F 121 -9.71 -84.09 19.51
N LEU F 122 -9.78 -84.36 20.80
CA LEU F 122 -10.83 -83.75 21.62
C LEU F 122 -10.89 -82.21 21.35
N PRO F 123 -12.09 -81.58 21.46
CA PRO F 123 -12.12 -80.10 21.38
C PRO F 123 -11.57 -79.42 22.60
N ILE F 124 -10.75 -78.39 22.38
CA ILE F 124 -10.17 -77.70 23.51
C ILE F 124 -11.30 -77.13 24.36
N ALA F 125 -12.41 -76.69 23.77
CA ALA F 125 -13.53 -76.09 24.60
C ALA F 125 -14.09 -77.13 25.61
N LEU F 126 -14.10 -78.40 25.23
CA LEU F 126 -14.63 -79.41 26.14
C LEU F 126 -13.65 -79.75 27.27
N TYR F 127 -12.33 -79.64 26.96
CA TYR F 127 -11.31 -79.76 27.98
C TYR F 127 -11.40 -78.60 28.96
N GLN F 128 -11.57 -77.37 28.48
CA GLN F 128 -11.58 -76.21 29.40
C GLN F 128 -12.80 -76.17 30.30
N ALA F 129 -13.92 -76.58 29.75
CA ALA F 129 -15.19 -76.47 30.45
C ALA F 129 -15.40 -77.66 31.38
N TYR F 130 -15.03 -78.86 30.95
CA TYR F 130 -15.36 -80.07 31.69
C TYR F 130 -14.20 -80.97 32.19
N GLY F 131 -12.97 -80.65 31.78
CA GLY F 131 -11.86 -81.56 32.03
C GLY F 131 -11.82 -82.64 30.97
N GLY F 132 -12.56 -82.46 29.85
CA GLY F 132 -12.28 -83.21 28.64
C GLY F 132 -12.76 -84.61 28.85
N TRP F 133 -11.96 -85.62 28.47
CA TRP F 133 -12.36 -87.02 28.70
C TRP F 133 -12.45 -87.46 30.19
N GLU F 134 -12.04 -86.60 31.13
CA GLU F 134 -12.33 -86.81 32.54
C GLU F 134 -13.85 -86.82 32.89
N SER F 135 -14.67 -86.21 32.04
CA SER F 135 -16.10 -85.98 32.29
C SER F 135 -16.98 -86.96 31.44
N LYS F 136 -17.89 -87.62 32.14
CA LYS F 136 -18.84 -88.52 31.50
C LYS F 136 -19.90 -87.74 30.67
N HIS F 137 -20.11 -86.47 31.02
CA HIS F 137 -20.86 -85.57 30.14
C HIS F 137 -20.17 -85.44 28.76
N VAL F 138 -18.85 -85.18 28.76
CA VAL F 138 -18.13 -85.12 27.49
C VAL F 138 -18.30 -86.40 26.71
N VAL F 139 -18.29 -87.54 27.39
CA VAL F 139 -18.56 -88.82 26.71
C VAL F 139 -19.93 -88.83 26.01
N ASP F 140 -20.95 -88.30 26.72
CA ASP F 140 -22.30 -88.16 26.15
C ASP F 140 -22.25 -87.28 24.89
N LEU F 141 -21.62 -86.10 25.01
CA LEU F 141 -21.40 -85.24 23.80
C LEU F 141 -20.72 -85.99 22.68
N PHE F 142 -19.79 -86.88 23.01
CA PHE F 142 -19.05 -87.62 21.97
C PHE F 142 -19.98 -88.58 21.26
N VAL F 143 -20.88 -89.19 22.03
CA VAL F 143 -21.86 -90.16 21.51
C VAL F 143 -22.78 -89.41 20.56
N ALA F 144 -23.30 -88.28 21.04
CA ALA F 144 -24.17 -87.47 20.13
C ALA F 144 -23.43 -87.09 18.82
N PHE F 145 -22.14 -86.70 18.90
CA PHE F 145 -21.33 -86.52 17.66
C PHE F 145 -21.28 -87.80 16.76
N SER F 146 -20.97 -88.96 17.35
CA SER F 146 -20.94 -90.22 16.55
C SER F 146 -22.32 -90.52 15.87
N LYS F 147 -23.38 -90.16 16.58
CA LYS F 147 -24.75 -90.35 16.06
C LYS F 147 -24.90 -89.52 14.78
N VAL F 148 -24.58 -88.21 14.89
CA VAL F 148 -24.54 -87.34 13.70
C VAL F 148 -23.77 -87.98 12.54
N CYS F 149 -22.55 -88.49 12.79
CA CYS F 149 -21.78 -89.21 11.74
C CYS F 149 -22.51 -90.43 11.11
N PHE F 150 -23.15 -91.26 11.96
CA PHE F 150 -23.86 -92.42 11.44
C PHE F 150 -25.06 -91.99 10.55
N GLU F 151 -25.89 -91.09 11.08
CA GLU F 151 -27.02 -90.50 10.34
C GLU F 151 -26.60 -89.94 8.96
N GLN F 152 -25.55 -89.11 8.92
CA GLN F 152 -25.16 -88.44 7.67
C GLN F 152 -24.38 -89.29 6.73
N PHE F 153 -23.64 -90.28 7.26
CA PHE F 153 -22.68 -91.03 6.42
C PHE F 153 -22.85 -92.52 6.41
N GLY F 154 -23.69 -93.06 7.31
CA GLY F 154 -23.89 -94.50 7.48
C GLY F 154 -24.45 -95.23 6.24
N ASP F 155 -25.07 -94.47 5.33
CA ASP F 155 -25.49 -94.97 4.01
C ASP F 155 -24.37 -95.37 3.11
N ARG F 156 -23.21 -94.73 3.22
CA ARG F 156 -22.04 -95.07 2.37
C ARG F 156 -20.81 -95.59 3.15
N VAL F 157 -20.68 -95.17 4.40
CA VAL F 157 -19.71 -95.78 5.32
C VAL F 157 -20.30 -96.99 6.11
N LYS F 158 -19.66 -98.12 5.87
CA LYS F 158 -19.98 -99.36 6.58
C LYS F 158 -18.83 -99.90 7.48
N ASP F 159 -17.83 -99.06 7.75
CA ASP F 159 -16.59 -99.47 8.47
C ASP F 159 -16.17 -98.31 9.32
N TRP F 160 -16.53 -98.43 10.59
CA TRP F 160 -16.42 -97.40 11.61
C TRP F 160 -15.48 -97.87 12.73
N PHE F 161 -14.70 -96.94 13.28
CA PHE F 161 -13.86 -97.19 14.46
C PHE F 161 -14.06 -96.07 15.44
N VAL F 162 -14.22 -96.34 16.72
CA VAL F 162 -14.56 -95.29 17.66
C VAL F 162 -13.31 -94.41 18.03
N HIS F 163 -12.16 -95.02 18.27
CA HIS F 163 -10.96 -94.29 18.71
C HIS F 163 -9.80 -94.87 17.99
N ASN F 164 -8.76 -94.08 17.74
CA ASN F 164 -7.41 -94.59 17.49
C ASN F 164 -6.61 -94.54 18.79
N GLU F 165 -6.17 -95.72 19.24
CA GLU F 165 -5.29 -95.93 20.37
C GLU F 165 -5.60 -95.12 21.58
N PRO F 166 -6.73 -95.44 22.20
CA PRO F 166 -7.08 -94.59 23.35
C PRO F 166 -6.08 -94.63 24.53
N MET F 167 -5.21 -95.63 24.58
CA MET F 167 -4.24 -95.63 25.68
C MET F 167 -3.18 -94.54 25.43
N VAL F 168 -2.84 -94.30 24.16
CA VAL F 168 -1.97 -93.19 23.76
C VAL F 168 -2.55 -91.83 24.26
N VAL F 169 -3.87 -91.64 24.16
CA VAL F 169 -4.50 -90.45 24.71
C VAL F 169 -4.35 -90.32 26.21
N VAL F 170 -4.62 -91.46 26.88
CA VAL F 170 -4.46 -91.60 28.31
C VAL F 170 -3.05 -91.22 28.68
N GLU F 171 -2.07 -91.82 28.03
CA GLU F 171 -0.68 -91.61 28.42
C GLU F 171 -0.19 -90.20 28.04
N GLY F 172 -0.43 -89.80 26.79
CA GLY F 172 -0.14 -88.46 26.22
C GLY F 172 -0.63 -87.35 27.11
N SER F 173 -1.92 -87.38 27.45
CA SER F 173 -2.57 -86.30 28.16
C SER F 173 -2.33 -86.32 29.67
N TYR F 174 -2.18 -87.51 30.30
CA TYR F 174 -2.17 -87.59 31.77
C TYR F 174 -0.99 -88.30 32.48
N LEU F 175 -0.04 -88.83 31.71
CA LEU F 175 1.11 -89.55 32.26
C LEU F 175 2.49 -89.12 31.71
N MET F 176 2.68 -89.12 30.39
CA MET F 176 4.00 -88.98 29.79
C MET F 176 4.22 -87.66 29.01
N GLN F 177 3.27 -86.76 29.13
CA GLN F 177 3.45 -85.37 28.69
C GLN F 177 3.74 -85.20 27.22
N PHE F 178 3.04 -85.92 26.34
CA PHE F 178 3.21 -85.74 24.89
C PHE F 178 1.95 -85.35 24.11
N HIS F 179 0.84 -85.20 24.83
CA HIS F 179 -0.35 -84.56 24.31
C HIS F 179 -0.80 -83.49 25.30
N TYR F 180 -1.46 -82.47 24.77
CA TYR F 180 -2.03 -81.43 25.61
C TYR F 180 -3.19 -81.93 26.48
N PRO F 181 -3.05 -81.79 27.81
CA PRO F 181 -2.67 -80.64 28.61
C PRO F 181 -1.31 -81.07 29.25
N ALA F 182 -0.83 -82.29 29.00
CA ALA F 182 0.51 -82.74 29.41
C ALA F 182 0.72 -82.63 30.90
N ILE F 183 -0.26 -83.08 31.65
CA ILE F 183 -0.17 -83.07 33.12
C ILE F 183 0.17 -84.53 33.52
N VAL F 184 0.54 -84.67 34.80
CA VAL F 184 0.93 -85.97 35.38
C VAL F 184 -0.02 -86.23 36.52
N ASP F 185 -1.02 -87.04 36.25
CA ASP F 185 -2.04 -87.33 37.22
C ASP F 185 -2.67 -88.68 36.92
N GLY F 186 -2.27 -89.64 37.75
CA GLY F 186 -2.60 -91.04 37.51
C GLY F 186 -4.06 -91.37 37.77
N LYS F 187 -4.61 -90.80 38.85
CA LYS F 187 -6.01 -90.97 39.14
C LYS F 187 -6.86 -90.52 37.95
N LYS F 188 -6.53 -89.33 37.42
CA LYS F 188 -7.18 -88.83 36.19
C LYS F 188 -6.94 -89.79 35.04
N ALA F 189 -5.70 -90.23 34.86
CA ALA F 189 -5.40 -91.11 33.73
C ALA F 189 -6.30 -92.35 33.76
N VAL F 190 -6.45 -92.92 34.96
CA VAL F 190 -7.26 -94.13 35.13
C VAL F 190 -8.75 -93.86 34.90
N GLN F 191 -9.28 -92.76 35.44
CA GLN F 191 -10.69 -92.41 35.12
C GLN F 191 -10.88 -92.27 33.60
N VAL F 192 -9.93 -91.56 32.97
CA VAL F 192 -9.99 -91.30 31.53
C VAL F 192 -10.00 -92.59 30.75
N ALA F 193 -9.19 -93.57 31.16
CA ALA F 193 -9.15 -94.88 30.50
C ALA F 193 -10.56 -95.54 30.51
N TYR F 194 -11.18 -95.50 31.68
CA TYR F 194 -12.54 -96.05 31.86
C TYR F 194 -13.51 -95.34 30.89
N ASN F 195 -13.52 -94.01 31.00
CA ASN F 195 -14.46 -93.18 30.20
C ASN F 195 -14.27 -93.43 28.70
N LEU F 196 -13.05 -93.64 28.23
CA LEU F 196 -12.86 -93.99 26.80
C LEU F 196 -13.37 -95.39 26.42
N ALA F 197 -13.21 -96.31 27.35
CA ALA F 197 -13.70 -97.67 27.15
C ALA F 197 -15.24 -97.62 27.13
N LEU F 198 -15.82 -96.91 28.10
CA LEU F 198 -17.25 -96.68 28.15
C LEU F 198 -17.78 -96.03 26.89
N ALA F 199 -17.17 -94.91 26.51
CA ALA F 199 -17.55 -94.21 25.31
C ALA F 199 -17.48 -95.14 24.08
N THR F 200 -16.47 -96.00 23.96
CA THR F 200 -16.46 -96.97 22.87
C THR F 200 -17.77 -97.80 22.86
N ALA F 201 -18.22 -98.16 24.04
CA ALA F 201 -19.40 -99.01 24.18
C ALA F 201 -20.66 -98.27 23.81
N LYS F 202 -20.87 -97.09 24.41
CA LYS F 202 -22.05 -96.26 24.15
C LYS F 202 -22.14 -95.88 22.69
N VAL F 203 -20.99 -95.63 22.05
CA VAL F 203 -20.99 -95.42 20.59
C VAL F 203 -21.40 -96.70 19.83
N ILE F 204 -20.91 -97.86 20.21
CA ILE F 204 -21.32 -99.09 19.51
C ILE F 204 -22.88 -99.35 19.59
N GLN F 205 -23.44 -99.12 20.78
CA GLN F 205 -24.90 -99.09 21.05
C GLN F 205 -25.59 -98.05 20.21
N ALA F 206 -25.01 -96.84 20.13
CA ALA F 206 -25.65 -95.79 19.31
C ALA F 206 -25.73 -96.25 17.85
N TYR F 207 -24.65 -96.86 17.37
CA TYR F 207 -24.62 -97.36 16.02
C TYR F 207 -25.60 -98.46 15.77
N ARG F 208 -25.57 -99.51 16.61
CA ARG F 208 -26.57 -100.62 16.55
C ARG F 208 -28.04 -100.25 16.76
N ARG F 209 -28.35 -99.17 17.45
CA ARG F 209 -29.73 -98.64 17.46
C ARG F 209 -30.17 -97.90 16.20
N GLY F 210 -29.31 -97.77 15.19
CA GLY F 210 -29.65 -96.99 14.01
C GLY F 210 -30.68 -97.71 13.16
N PRO F 211 -31.29 -96.98 12.20
CA PRO F 211 -32.10 -97.61 11.17
C PRO F 211 -31.32 -98.70 10.45
N ALA F 212 -31.97 -99.85 10.19
CA ALA F 212 -31.38 -100.95 9.41
C ALA F 212 -30.49 -100.58 8.18
N GLU F 213 -30.80 -99.49 7.49
CA GLU F 213 -29.98 -99.08 6.30
C GLU F 213 -28.66 -98.27 6.65
N LEU F 214 -28.58 -97.71 7.86
CA LEU F 214 -27.33 -97.02 8.39
C LEU F 214 -26.45 -97.87 9.34
N SER F 215 -27.12 -98.78 10.07
CA SER F 215 -26.51 -99.68 11.06
C SER F 215 -26.26 -101.10 10.54
N ASP F 216 -26.13 -101.24 9.22
CA ASP F 216 -25.86 -102.57 8.63
C ASP F 216 -24.37 -102.85 8.45
N GLY F 217 -23.49 -101.97 8.90
CA GLY F 217 -22.04 -102.15 8.66
C GLY F 217 -21.39 -102.84 9.84
N ARG F 218 -20.08 -102.61 9.99
CA ARG F 218 -19.24 -103.11 11.10
C ARG F 218 -18.62 -101.95 11.91
N ILE F 219 -18.70 -102.02 13.25
CA ILE F 219 -18.06 -101.03 14.12
C ILE F 219 -17.04 -101.65 15.09
N GLY F 220 -15.89 -100.98 15.23
CA GLY F 220 -14.78 -101.45 16.08
C GLY F 220 -14.08 -100.35 16.84
N THR F 221 -12.83 -100.65 17.25
CA THR F 221 -11.89 -99.66 17.78
C THR F 221 -10.50 -100.05 17.32
N ILE F 222 -9.58 -99.08 17.39
CA ILE F 222 -8.23 -99.29 16.89
C ILE F 222 -7.30 -99.28 18.09
N LEU F 223 -6.61 -100.42 18.28
CA LEU F 223 -5.92 -100.70 19.53
C LEU F 223 -4.50 -101.18 19.22
N ASN F 224 -3.79 -101.53 20.29
CA ASN F 224 -2.47 -102.12 20.18
C ASN F 224 -2.36 -103.45 20.94
N LEU F 225 -1.62 -104.35 20.36
CA LEU F 225 -1.29 -105.56 21.06
C LEU F 225 0.21 -105.78 20.99
N THR F 226 1.00 -104.71 20.83
CA THR F 226 2.45 -104.82 20.86
C THR F 226 2.81 -105.50 22.16
N PRO F 227 3.55 -106.62 22.11
CA PRO F 227 4.00 -107.22 23.35
C PRO F 227 5.00 -106.32 24.11
N ALA F 228 4.90 -106.35 25.44
CA ALA F 228 6.00 -105.97 26.37
C ALA F 228 6.98 -107.13 26.64
N TYR F 229 8.05 -107.20 25.86
CA TYR F 229 9.01 -108.30 25.93
C TYR F 229 9.92 -108.09 27.17
N PRO F 230 10.06 -109.11 28.04
CA PRO F 230 10.95 -108.92 29.20
C PRO F 230 12.39 -108.79 28.81
N ALA F 231 13.14 -108.06 29.65
CA ALA F 231 14.60 -107.90 29.42
C ALA F 231 15.38 -109.26 29.56
N SER F 232 14.95 -110.07 30.51
CA SER F 232 15.60 -111.33 30.81
C SER F 232 14.47 -112.23 31.19
N GLN F 233 14.83 -113.42 31.65
CA GLN F 233 13.87 -114.44 32.00
C GLN F 233 13.53 -114.53 33.48
N SER F 234 14.08 -113.62 34.30
CA SER F 234 13.83 -113.62 35.75
C SER F 234 12.37 -113.52 36.04
N GLU F 235 11.95 -113.95 37.23
CA GLU F 235 10.56 -113.77 37.60
C GLU F 235 10.25 -112.28 37.78
N ALA F 236 11.28 -111.50 38.10
CA ALA F 236 11.14 -110.04 38.26
C ALA F 236 10.70 -109.34 36.94
N ASP F 237 11.53 -109.54 35.90
CA ASP F 237 11.33 -109.04 34.53
C ASP F 237 10.09 -109.57 33.84
N MET F 238 9.76 -110.82 34.15
CA MET F 238 8.50 -111.46 33.75
C MET F 238 7.29 -110.81 34.41
N ALA F 239 7.34 -110.58 35.72
CA ALA F 239 6.21 -109.90 36.39
C ALA F 239 5.99 -108.47 35.84
N ALA F 240 7.09 -107.78 35.55
CA ALA F 240 7.06 -106.44 34.98
C ALA F 240 6.41 -106.45 33.58
N ALA F 241 6.80 -107.43 32.76
CA ALA F 241 6.27 -107.56 31.39
C ALA F 241 4.77 -107.82 31.43
N HIS F 242 4.36 -108.56 32.44
CA HIS F 242 3.00 -109.01 32.59
C HIS F 242 2.11 -107.82 32.96
N PHE F 243 2.51 -107.06 33.97
CA PHE F 243 1.75 -105.87 34.29
C PHE F 243 1.74 -104.82 33.17
N ALA F 244 2.86 -104.70 32.46
CA ALA F 244 2.95 -103.88 31.27
C ALA F 244 1.86 -104.24 30.27
N GLU F 245 1.68 -105.52 29.98
CA GLU F 245 0.62 -105.90 29.00
C GLU F 245 -0.74 -105.72 29.62
N LEU F 246 -0.86 -106.07 30.88
CA LEU F 246 -2.13 -105.94 31.58
C LEU F 246 -2.72 -104.53 31.44
N TRP F 247 -1.90 -103.50 31.71
CA TRP F 247 -2.29 -102.08 31.56
C TRP F 247 -2.35 -101.63 30.12
N ASN F 248 -1.25 -101.82 29.37
CA ASN F 248 -1.08 -101.26 28.02
C ASN F 248 -1.87 -101.94 26.96
N ASN F 249 -2.09 -103.24 27.08
CA ASN F 249 -2.84 -104.02 26.07
C ASN F 249 -4.19 -104.53 26.59
N ASP F 250 -4.23 -105.07 27.80
CA ASP F 250 -5.42 -105.83 28.23
C ASP F 250 -6.61 -104.97 28.56
N LEU F 251 -6.38 -103.82 29.19
CA LEU F 251 -7.47 -102.91 29.57
C LEU F 251 -8.49 -102.64 28.44
N PHE F 252 -8.01 -102.15 27.28
CA PHE F 252 -8.92 -101.81 26.20
C PHE F 252 -9.34 -103.03 25.37
N MET F 253 -8.46 -104.02 25.18
CA MET F 253 -8.78 -105.25 24.40
C MET F 253 -9.90 -106.07 25.08
N GLU F 254 -9.73 -106.35 26.36
CA GLU F 254 -10.69 -107.14 27.10
C GLU F 254 -12.05 -106.46 27.17
N ALA F 255 -12.10 -105.13 27.36
CA ALA F 255 -13.36 -104.38 27.39
C ALA F 255 -14.06 -104.30 25.99
N ALA F 256 -13.25 -104.29 24.95
CA ALA F 256 -13.70 -104.23 23.59
C ALA F 256 -14.20 -105.59 23.10
N VAL F 257 -13.39 -106.63 23.32
CA VAL F 257 -13.66 -107.94 22.76
C VAL F 257 -14.51 -108.80 23.69
N HIS F 258 -14.24 -108.77 25.00
CA HIS F 258 -14.99 -109.61 25.94
C HIS F 258 -15.97 -108.89 26.81
N GLY F 259 -16.20 -107.60 26.55
CA GLY F 259 -17.15 -106.84 27.35
C GLY F 259 -16.81 -106.62 28.82
N LYS F 260 -15.56 -106.80 29.19
CA LYS F 260 -15.20 -106.69 30.60
C LYS F 260 -13.77 -106.21 30.86
N PHE F 261 -13.57 -105.51 31.97
CA PHE F 261 -12.21 -105.09 32.35
C PHE F 261 -11.47 -106.26 33.06
N PRO F 262 -10.13 -106.47 32.76
CA PRO F 262 -9.36 -107.56 33.43
C PRO F 262 -9.36 -107.41 34.96
N GLU F 263 -9.79 -108.49 35.63
CA GLU F 263 -9.99 -108.48 37.08
C GLU F 263 -8.64 -108.25 37.78
N GLU F 264 -7.56 -108.79 37.21
CA GLU F 264 -6.24 -108.65 37.81
C GLU F 264 -5.83 -107.15 37.85
N LEU F 265 -6.00 -106.48 36.70
CA LEU F 265 -5.82 -105.01 36.62
C LEU F 265 -6.71 -104.27 37.63
N VAL F 266 -7.99 -104.63 37.71
CA VAL F 266 -8.94 -103.95 38.63
C VAL F 266 -8.44 -104.03 40.09
N ALA F 267 -7.89 -105.19 40.45
CA ALA F 267 -7.48 -105.47 41.81
C ALA F 267 -6.27 -104.59 42.14
N VAL F 268 -5.35 -104.48 41.18
CA VAL F 268 -4.18 -103.61 41.34
C VAL F 268 -4.53 -102.14 41.51
N LEU F 269 -5.50 -101.66 40.73
CA LEU F 269 -5.92 -100.28 40.78
C LEU F 269 -6.62 -100.02 42.11
N LYS F 270 -7.44 -100.99 42.56
CA LYS F 270 -8.20 -100.82 43.82
C LYS F 270 -7.20 -100.77 44.97
N LYS F 271 -6.15 -101.60 44.94
CA LYS F 271 -5.14 -101.58 46.00
C LYS F 271 -4.30 -100.30 46.00
N ASP F 272 -3.99 -99.76 44.82
CA ASP F 272 -3.23 -98.55 44.72
C ASP F 272 -4.08 -97.32 44.87
N GLY F 273 -5.38 -97.47 45.16
CA GLY F 273 -6.27 -96.34 45.51
C GLY F 273 -6.68 -95.47 44.32
N VAL F 274 -6.59 -96.06 43.14
CA VAL F 274 -6.66 -95.31 41.91
C VAL F 274 -7.75 -95.83 40.96
N LEU F 275 -8.65 -96.68 41.46
CA LEU F 275 -9.64 -97.33 40.62
C LEU F 275 -10.68 -96.33 40.10
N TRP F 276 -11.10 -96.50 38.85
CA TRP F 276 -12.16 -95.64 38.24
C TRP F 276 -13.51 -95.69 38.94
N GLN F 277 -14.27 -94.61 38.82
CA GLN F 277 -15.61 -94.55 39.30
C GLN F 277 -16.50 -95.13 38.20
N SER F 278 -17.23 -96.22 38.50
CA SER F 278 -18.08 -96.93 37.53
C SER F 278 -19.54 -97.05 38.01
N THR F 279 -20.33 -97.80 37.28
CA THR F 279 -21.75 -97.88 37.58
C THR F 279 -22.12 -99.25 37.09
N PRO F 280 -23.03 -99.94 37.82
CA PRO F 280 -23.61 -101.21 37.29
C PRO F 280 -24.11 -101.11 35.83
N GLU F 281 -24.96 -100.11 35.57
CA GLU F 281 -25.55 -99.85 34.22
C GLU F 281 -24.48 -99.64 33.14
N GLU F 282 -23.42 -98.91 33.49
CA GLU F 282 -22.35 -98.58 32.53
C GLU F 282 -21.66 -99.88 32.29
N LEU F 283 -21.38 -100.62 33.38
CA LEU F 283 -20.66 -101.92 33.26
C LEU F 283 -21.43 -102.94 32.40
N ALA F 284 -22.74 -103.02 32.66
CA ALA F 284 -23.71 -103.79 31.84
C ALA F 284 -23.60 -103.42 30.36
N LEU F 285 -23.71 -102.12 30.11
CA LEU F 285 -23.59 -101.55 28.76
C LEU F 285 -22.27 -101.97 28.04
N ILE F 286 -21.15 -101.87 28.74
CA ILE F 286 -19.88 -102.37 28.17
C ILE F 286 -19.94 -103.89 27.82
N ALA F 287 -20.58 -104.64 28.73
CA ALA F 287 -20.85 -106.06 28.55
C ALA F 287 -21.71 -106.35 27.32
N GLU F 288 -22.75 -105.54 27.17
CA GLU F 288 -23.69 -105.65 26.03
C GLU F 288 -23.15 -105.18 24.67
N ASN F 289 -22.10 -104.35 24.65
CA ASN F 289 -21.67 -103.66 23.44
C ASN F 289 -20.18 -103.81 23.07
N ARG F 290 -19.89 -104.94 22.40
CA ARG F 290 -18.53 -105.37 22.04
C ARG F 290 -18.36 -105.19 20.55
N VAL F 291 -17.10 -105.16 20.13
CA VAL F 291 -16.77 -104.78 18.76
C VAL F 291 -17.08 -105.88 17.79
N ASP F 292 -17.32 -105.55 16.53
CA ASP F 292 -17.37 -106.53 15.44
C ASP F 292 -16.01 -106.91 14.99
N TYR F 293 -15.03 -106.05 15.20
CA TYR F 293 -13.71 -106.29 14.61
C TYR F 293 -12.79 -105.22 15.14
N LEU F 294 -11.52 -105.29 14.77
CA LEU F 294 -10.46 -104.48 15.40
C LEU F 294 -9.42 -104.06 14.36
N GLY F 295 -9.00 -102.78 14.49
CA GLY F 295 -7.70 -102.37 13.96
C GLY F 295 -6.64 -102.54 15.07
N LEU F 296 -5.52 -103.16 14.68
CA LEU F 296 -4.31 -103.18 15.51
C LEU F 296 -3.15 -102.45 14.85
N ASN F 297 -2.60 -101.49 15.59
CA ASN F 297 -1.44 -100.74 15.11
C ASN F 297 -0.16 -101.39 15.59
N PHE F 298 0.84 -101.37 14.71
CA PHE F 298 2.14 -101.74 15.08
C PHE F 298 3.23 -100.96 14.36
N TYR F 299 4.02 -100.22 15.13
CA TYR F 299 5.02 -99.33 14.55
C TYR F 299 6.35 -99.37 15.32
N HIS F 300 6.30 -99.70 16.62
CA HIS F 300 7.54 -100.19 17.28
C HIS F 300 7.34 -101.10 18.49
N PRO F 301 8.26 -102.07 18.67
CA PRO F 301 8.25 -103.05 19.78
C PRO F 301 8.62 -102.42 21.11
N LYS F 302 8.10 -102.93 22.21
CA LYS F 302 8.42 -102.43 23.55
C LYS F 302 9.19 -103.55 24.31
N ARG F 303 10.15 -103.11 25.13
CA ARG F 303 10.85 -103.97 26.13
C ARG F 303 10.83 -103.35 27.56
N VAL F 304 10.61 -104.17 28.57
CA VAL F 304 10.56 -103.67 29.94
C VAL F 304 11.39 -104.53 30.88
N LYS F 305 11.77 -103.96 32.03
CA LYS F 305 12.44 -104.69 33.09
C LYS F 305 11.75 -104.35 34.37
N ALA F 306 12.09 -105.09 35.43
CA ALA F 306 11.61 -104.75 36.77
C ALA F 306 12.11 -103.35 37.20
N PRO F 307 11.37 -102.70 38.08
CA PRO F 307 11.87 -101.39 38.45
C PRO F 307 13.28 -101.40 39.08
N ASP F 308 14.20 -100.62 38.51
CA ASP F 308 15.50 -100.30 39.13
C ASP F 308 15.40 -99.80 40.59
N ALA F 309 14.32 -99.11 40.95
CA ALA F 309 14.20 -98.52 42.27
C ALA F 309 12.80 -98.57 42.74
N ILE F 310 12.64 -98.75 44.03
CA ILE F 310 11.36 -98.78 44.65
C ILE F 310 11.23 -97.55 45.55
N PRO F 311 10.51 -96.51 45.07
CA PRO F 311 10.52 -95.24 45.80
C PRO F 311 9.72 -95.38 47.08
N VAL F 312 10.15 -94.72 48.14
CA VAL F 312 9.38 -94.71 49.39
C VAL F 312 8.03 -93.96 49.21
N ILE F 313 7.96 -93.00 48.31
CA ILE F 313 6.64 -92.41 47.92
C ILE F 313 6.71 -92.01 46.47
N SER F 314 5.58 -92.01 45.80
CA SER F 314 5.52 -91.47 44.42
C SER F 314 4.68 -90.18 44.28
N PRO F 315 5.13 -89.25 43.41
CA PRO F 315 4.32 -88.06 43.14
C PRO F 315 2.90 -88.38 42.62
N SER F 316 2.73 -89.46 41.86
CA SER F 316 1.46 -89.73 41.21
C SER F 316 1.40 -91.21 40.90
N TRP F 317 0.22 -91.80 40.71
CA TRP F 317 0.14 -93.21 40.24
C TRP F 317 0.61 -93.30 38.79
N SER F 318 1.33 -94.37 38.42
CA SER F 318 1.65 -94.69 37.03
C SER F 318 1.73 -96.22 36.88
N PRO F 319 1.47 -96.72 35.66
CA PRO F 319 1.79 -98.11 35.40
C PRO F 319 3.26 -98.42 35.62
N GLU F 320 4.13 -97.41 35.49
CA GLU F 320 5.61 -97.60 35.61
C GLU F 320 6.17 -97.77 37.01
N TRP F 321 5.26 -97.68 38.02
CA TRP F 321 5.45 -98.27 39.35
C TRP F 321 5.91 -99.70 39.21
N TYR F 322 5.40 -100.42 38.21
CA TYR F 322 5.65 -101.84 38.07
C TYR F 322 6.60 -102.24 36.96
N TYR F 323 7.10 -101.28 36.19
CA TYR F 323 8.10 -101.61 35.22
C TYR F 323 8.83 -100.35 34.82
N ASP F 324 10.02 -100.56 34.25
CA ASP F 324 10.83 -99.55 33.65
C ASP F 324 11.04 -100.00 32.22
N PRO F 325 11.17 -99.06 31.28
CA PRO F 325 11.60 -99.43 29.91
C PRO F 325 13.00 -100.02 29.84
N TYR F 326 13.30 -100.72 28.74
CA TYR F 326 14.57 -101.42 28.56
C TYR F 326 15.01 -101.41 27.10
N LEU F 327 16.31 -101.23 26.84
CA LEU F 327 16.87 -101.24 25.46
C LEU F 327 17.75 -102.46 25.34
N MET F 328 17.51 -103.27 24.32
CA MET F 328 18.18 -104.55 24.23
C MET F 328 19.45 -104.32 23.43
N PRO F 329 20.65 -104.70 24.00
CA PRO F 329 21.88 -104.55 23.21
C PRO F 329 21.82 -105.30 21.86
N GLY F 330 22.35 -104.69 20.81
CA GLY F 330 22.27 -105.25 19.46
C GLY F 330 21.02 -104.90 18.62
N HIS F 331 19.95 -104.36 19.21
CA HIS F 331 18.74 -104.03 18.45
C HIS F 331 19.00 -103.34 17.10
N ARG F 332 18.11 -103.59 16.15
CA ARG F 332 18.01 -102.75 14.98
C ARG F 332 17.26 -101.46 15.40
N MET F 333 17.59 -100.34 14.78
CA MET F 333 17.20 -99.02 15.29
C MET F 333 16.86 -98.07 14.16
N ASN F 334 15.68 -97.47 14.21
CA ASN F 334 15.40 -96.30 13.37
C ASN F 334 16.03 -95.10 14.10
N VAL F 335 17.18 -94.64 13.64
CA VAL F 335 17.93 -93.67 14.41
C VAL F 335 17.13 -92.35 14.49
N ASP F 336 16.43 -91.94 13.42
CA ASP F 336 15.61 -90.68 13.37
C ASP F 336 14.58 -90.63 14.45
N LYS F 337 14.05 -91.78 14.82
CA LYS F 337 13.00 -91.86 15.80
C LYS F 337 13.48 -92.30 17.19
N GLY F 338 14.67 -92.89 17.32
CA GLY F 338 15.00 -93.60 18.59
C GLY F 338 14.12 -94.82 18.83
N TRP F 339 13.68 -95.49 17.76
CA TRP F 339 12.71 -96.60 17.84
C TRP F 339 13.35 -97.86 17.31
N GLU F 340 13.29 -98.93 18.10
CA GLU F 340 13.76 -100.24 17.64
C GLU F 340 12.89 -100.77 16.45
N ILE F 341 13.57 -101.42 15.50
CA ILE F 341 12.90 -102.20 14.42
C ILE F 341 12.87 -103.68 14.85
N TYR F 342 11.66 -104.27 14.93
CA TYR F 342 11.50 -105.72 15.25
C TYR F 342 10.22 -106.31 14.61
N PRO F 343 10.31 -106.65 13.33
CA PRO F 343 9.10 -107.11 12.55
C PRO F 343 8.40 -108.38 13.09
N GLU F 344 9.19 -109.26 13.70
CA GLU F 344 8.69 -110.53 14.28
C GLU F 344 7.53 -110.30 15.19
N ALA F 345 7.45 -109.12 15.80
CA ALA F 345 6.36 -108.82 16.72
C ALA F 345 4.98 -108.84 16.03
N VAL F 346 4.94 -108.63 14.70
CA VAL F 346 3.66 -108.69 13.98
C VAL F 346 3.12 -110.12 14.06
N TYR F 347 4.01 -111.08 13.90
CA TYR F 347 3.68 -112.50 14.14
C TYR F 347 3.13 -112.69 15.57
N ASP F 348 3.83 -112.20 16.61
CA ASP F 348 3.31 -112.38 17.97
C ASP F 348 1.93 -111.74 18.12
N ILE F 349 1.64 -110.65 17.39
CA ILE F 349 0.35 -109.98 17.54
C ILE F 349 -0.78 -110.86 16.96
N ALA F 350 -0.47 -111.44 15.79
CA ALA F 350 -1.40 -112.34 15.05
C ALA F 350 -1.76 -113.55 15.92
N ILE F 351 -0.75 -114.18 16.48
CA ILE F 351 -0.93 -115.35 17.35
C ILE F 351 -1.74 -114.98 18.56
N LYS F 352 -1.53 -113.77 19.07
CA LYS F 352 -2.20 -113.37 20.25
C LYS F 352 -3.70 -113.18 19.98
N MET F 353 -4.07 -112.64 18.80
CA MET F 353 -5.51 -112.53 18.38
C MET F 353 -6.19 -113.90 18.28
N ARG F 354 -5.45 -114.79 17.64
CA ARG F 354 -5.82 -116.22 17.43
C ARG F 354 -6.13 -116.98 18.73
N ASP F 355 -5.27 -116.89 19.73
CA ASP F 355 -5.41 -117.67 20.97
C ASP F 355 -6.09 -116.97 22.10
N HIS F 356 -6.15 -115.64 22.10
CA HIS F 356 -6.62 -114.96 23.31
C HIS F 356 -7.84 -114.06 23.17
N TYR F 357 -8.22 -113.77 21.91
CA TYR F 357 -9.36 -112.87 21.63
C TYR F 357 -10.36 -113.46 20.61
N ASP F 358 -10.58 -114.79 20.68
CA ASP F 358 -11.60 -115.55 19.89
C ASP F 358 -11.36 -115.60 18.41
N ASN F 359 -10.10 -115.50 18.03
CA ASN F 359 -9.74 -115.16 16.69
C ASN F 359 -10.69 -114.19 15.89
N ILE F 360 -11.25 -113.18 16.56
CA ILE F 360 -12.17 -112.26 15.88
C ILE F 360 -11.44 -111.50 14.76
N PRO F 361 -12.20 -110.95 13.80
CA PRO F 361 -11.47 -110.40 12.66
C PRO F 361 -10.73 -109.06 12.99
N TRP F 362 -9.53 -108.88 12.45
CA TRP F 362 -8.74 -107.69 12.72
C TRP F 362 -7.90 -107.36 11.52
N PHE F 363 -7.53 -106.07 11.37
CA PHE F 363 -6.52 -105.70 10.36
C PHE F 363 -5.34 -104.93 10.98
N LEU F 364 -4.18 -105.03 10.33
CA LEU F 364 -3.04 -104.24 10.72
C LEU F 364 -3.26 -102.82 10.17
N SER F 365 -3.78 -101.96 11.04
CA SER F 365 -4.36 -100.66 10.69
C SER F 365 -3.32 -99.47 10.61
N GLU F 366 -2.08 -99.75 10.98
CA GLU F 366 -1.06 -98.71 10.97
C GLU F 366 0.24 -99.40 11.06
N ASN F 367 1.04 -99.31 10.00
CA ASN F 367 2.37 -99.84 10.03
C ASN F 367 3.18 -99.02 9.11
N GLY F 368 4.24 -98.41 9.62
CA GLY F 368 5.21 -97.75 8.71
C GLY F 368 6.48 -97.26 9.35
N VAL F 369 7.33 -96.66 8.55
CA VAL F 369 8.59 -96.14 9.05
C VAL F 369 8.86 -94.64 8.68
N GLY F 370 9.27 -93.85 9.70
CA GLY F 370 9.52 -92.38 9.58
C GLY F 370 10.99 -92.07 9.50
N ILE F 371 11.41 -91.43 8.42
CA ILE F 371 12.79 -91.14 8.09
C ILE F 371 12.95 -89.64 7.69
N SER F 372 14.04 -88.99 8.11
CA SER F 372 14.25 -87.58 7.78
C SER F 372 15.22 -87.49 6.62
N GLY F 373 15.35 -86.31 6.04
CA GLY F 373 16.41 -86.06 5.08
C GLY F 373 16.18 -86.86 3.82
N GLU F 374 14.92 -87.16 3.49
CA GLU F 374 14.63 -88.06 2.37
C GLU F 374 15.09 -87.46 1.04
N ASP F 375 15.34 -86.15 1.04
CA ASP F 375 16.02 -85.46 -0.07
C ASP F 375 17.27 -86.18 -0.60
N ARG F 376 18.05 -86.74 0.31
CA ARG F 376 19.34 -87.41 -0.02
C ARG F 376 19.15 -88.58 -0.95
N TYR F 377 17.99 -89.26 -0.86
CA TYR F 377 17.72 -90.52 -1.55
C TYR F 377 16.88 -90.35 -2.84
N ARG F 378 16.72 -89.10 -3.29
CA ARG F 378 16.10 -88.84 -4.58
C ARG F 378 17.19 -89.00 -5.66
N ASP F 379 16.79 -89.51 -6.81
CA ASP F 379 17.70 -89.88 -7.88
C ASP F 379 17.55 -88.91 -9.04
N GLU F 380 18.22 -89.20 -10.16
CA GLU F 380 18.12 -88.44 -11.42
C GLU F 380 16.72 -87.99 -11.79
N THR F 381 15.71 -88.83 -11.57
CA THR F 381 14.30 -88.52 -11.90
C THR F 381 13.55 -87.52 -10.93
N GLY F 382 14.12 -87.25 -9.75
CA GLY F 382 13.43 -86.46 -8.75
C GLY F 382 12.58 -87.31 -7.81
N GLN F 383 12.39 -88.59 -8.12
CA GLN F 383 11.65 -89.52 -7.25
C GLN F 383 12.55 -90.00 -6.11
N ILE F 384 11.97 -90.11 -4.91
CA ILE F 384 12.68 -90.59 -3.74
C ILE F 384 12.73 -92.12 -3.78
N GLN F 385 13.95 -92.66 -3.74
CA GLN F 385 14.20 -94.11 -3.73
C GLN F 385 14.20 -94.58 -2.32
N ASP F 386 13.04 -94.66 -1.72
CA ASP F 386 12.95 -95.05 -0.33
C ASP F 386 12.96 -96.60 -0.16
N ASP F 387 14.10 -97.21 -0.46
CA ASP F 387 14.24 -98.72 -0.41
C ASP F 387 14.14 -99.28 0.96
N TYR F 388 14.71 -98.55 1.89
CA TYR F 388 14.55 -98.76 3.33
C TYR F 388 13.08 -98.86 3.70
N ARG F 389 12.21 -98.11 3.01
CA ARG F 389 10.77 -98.20 3.32
C ARG F 389 10.15 -99.46 2.70
N ILE F 390 10.53 -99.76 1.45
CA ILE F 390 10.11 -101.02 0.80
C ILE F 390 10.53 -102.20 1.68
N GLN F 391 11.83 -102.27 1.98
CA GLN F 391 12.35 -103.34 2.84
C GLN F 391 11.54 -103.45 4.15
N PHE F 392 11.42 -102.33 4.84
CA PHE F 392 10.71 -102.30 6.12
C PHE F 392 9.29 -102.84 6.00
N LEU F 393 8.54 -102.34 5.01
CA LEU F 393 7.14 -102.75 4.84
C LEU F 393 7.04 -104.25 4.46
N LYS F 394 7.85 -104.67 3.50
CA LYS F 394 7.98 -106.08 3.13
C LYS F 394 8.12 -106.98 4.40
N GLU F 395 9.12 -106.68 5.22
CA GLU F 395 9.44 -107.53 6.35
C GLU F 395 8.28 -107.70 7.26
N HIS F 396 7.62 -106.59 7.60
CA HIS F 396 6.50 -106.61 8.56
C HIS F 396 5.30 -107.43 8.00
N LEU F 397 5.20 -107.38 6.68
CA LEU F 397 4.07 -107.94 5.95
C LEU F 397 4.29 -109.43 5.78
N THR F 398 5.56 -109.85 5.73
CA THR F 398 5.95 -111.23 5.69
C THR F 398 5.58 -111.89 7.00
N TYR F 399 5.84 -111.21 8.12
CA TYR F 399 5.42 -111.80 9.39
C TYR F 399 3.94 -111.76 9.53
N LEU F 400 3.28 -110.76 8.94
CA LEU F 400 1.81 -110.77 8.94
C LEU F 400 1.25 -112.00 8.12
N HIS F 401 1.96 -112.32 7.04
CA HIS F 401 1.61 -113.46 6.21
C HIS F 401 1.74 -114.77 7.00
N LYS F 402 2.86 -114.91 7.73
CA LYS F 402 3.10 -116.07 8.61
C LYS F 402 2.04 -116.17 9.71
N GLY F 403 1.51 -115.04 10.14
CA GLY F 403 0.39 -114.99 11.10
C GLY F 403 -0.95 -115.45 10.53
N ILE F 404 -1.21 -115.07 9.28
CA ILE F 404 -2.44 -115.47 8.60
C ILE F 404 -2.37 -116.98 8.26
N GLU F 405 -1.27 -117.43 7.66
CA GLU F 405 -1.09 -118.81 7.33
C GLU F 405 -1.11 -119.67 8.61
N ALA F 406 -0.58 -119.18 9.74
CA ALA F 406 -0.79 -119.84 11.04
C ALA F 406 -2.21 -119.75 11.58
N GLY F 407 -3.17 -119.24 10.81
CA GLY F 407 -4.57 -119.15 11.24
C GLY F 407 -5.11 -117.88 11.83
N SER F 408 -4.32 -116.79 11.90
CA SER F 408 -4.87 -115.59 12.56
C SER F 408 -5.86 -114.93 11.60
N ASN F 409 -7.01 -114.53 12.11
CA ASN F 409 -8.08 -113.94 11.30
C ASN F 409 -7.88 -112.41 10.95
N CYS F 410 -6.85 -112.15 10.13
CA CYS F 410 -6.46 -110.81 9.72
C CYS F 410 -6.96 -110.52 8.29
N PHE F 411 -7.79 -109.49 8.13
CA PHE F 411 -8.39 -109.12 6.81
C PHE F 411 -7.78 -107.92 6.06
N GLY F 412 -6.63 -107.42 6.52
CA GLY F 412 -6.01 -106.24 5.90
C GLY F 412 -4.72 -105.66 6.48
N TYR F 413 -4.20 -104.74 5.69
CA TYR F 413 -2.93 -104.09 5.95
C TYR F 413 -2.96 -102.64 5.45
N HIS F 414 -2.78 -101.70 6.40
CA HIS F 414 -2.73 -100.21 6.11
C HIS F 414 -1.38 -99.62 6.46
N VAL F 415 -0.71 -99.13 5.42
CA VAL F 415 0.56 -98.42 5.50
C VAL F 415 0.31 -97.07 6.19
N TRP F 416 1.10 -96.80 7.22
CA TRP F 416 1.16 -95.44 7.77
C TRP F 416 2.27 -94.69 7.08
N THR F 417 1.90 -94.20 5.92
CA THR F 417 0.89 -93.19 5.62
C THR F 417 0.91 -93.04 4.07
N PRO F 418 -0.24 -92.84 3.44
CA PRO F 418 -0.14 -92.74 1.95
C PRO F 418 0.71 -91.57 1.41
N ILE F 419 0.45 -90.40 2.00
CA ILE F 419 1.08 -89.11 1.63
C ILE F 419 1.68 -88.50 2.91
N ASP F 420 2.94 -88.06 2.85
CA ASP F 420 3.59 -87.40 4.03
C ASP F 420 2.57 -86.45 4.70
N GLY F 421 2.37 -86.65 5.98
CA GLY F 421 1.52 -85.85 6.81
C GLY F 421 2.23 -85.29 8.06
N TRP F 422 1.48 -84.54 8.83
CA TRP F 422 1.99 -83.81 9.95
C TRP F 422 2.05 -84.74 11.16
N SER F 423 3.26 -85.05 11.62
CA SER F 423 3.45 -85.97 12.73
C SER F 423 3.52 -85.30 14.11
N TRP F 424 2.43 -84.65 14.49
CA TRP F 424 2.27 -84.06 15.83
C TRP F 424 3.50 -83.16 16.14
N LEU F 425 4.14 -83.34 17.31
CA LEU F 425 5.25 -82.48 17.77
C LEU F 425 6.42 -82.60 16.83
N ASN F 426 6.56 -83.73 16.16
CA ASN F 426 7.61 -83.91 15.19
C ASN F 426 7.30 -83.30 13.83
N ALA F 427 6.04 -82.93 13.60
CA ALA F 427 5.66 -82.31 12.36
C ALA F 427 6.23 -83.03 11.16
N TYR F 428 6.96 -82.36 10.27
CA TYR F 428 7.51 -83.00 9.08
C TYR F 428 8.97 -83.38 9.21
N LYS F 429 9.52 -83.45 10.42
CA LYS F 429 10.93 -83.84 10.53
C LYS F 429 11.16 -85.23 9.89
N ASN F 430 10.30 -86.19 10.27
CA ASN F 430 10.36 -87.60 9.82
C ASN F 430 9.14 -87.88 8.90
N ARG F 431 9.43 -88.35 7.70
CA ARG F 431 8.43 -88.57 6.66
C ARG F 431 8.06 -90.08 6.60
N TYR F 432 6.77 -90.37 6.52
CA TYR F 432 6.28 -91.75 6.52
C TYR F 432 5.61 -92.18 5.22
N GLY F 433 5.53 -91.26 4.25
CA GLY F 433 4.70 -91.50 3.09
C GLY F 433 5.18 -92.52 2.08
N LEU F 434 4.20 -93.18 1.45
CA LEU F 434 4.46 -93.82 0.15
C LEU F 434 4.66 -92.72 -0.95
N VAL F 435 3.94 -91.59 -0.76
CA VAL F 435 3.97 -90.44 -1.66
C VAL F 435 4.55 -89.18 -0.93
N GLU F 436 5.58 -88.57 -1.54
CA GLU F 436 6.21 -87.38 -0.98
C GLU F 436 5.16 -86.25 -0.97
N ASN F 437 5.11 -85.48 0.11
CA ASN F 437 4.47 -84.20 0.07
C ASN F 437 5.51 -83.11 0.25
N ASN F 438 5.51 -82.17 -0.68
CA ASN F 438 6.34 -80.97 -0.52
C ASN F 438 5.58 -79.99 0.42
N ILE F 439 6.11 -79.73 1.63
CA ILE F 439 5.37 -78.88 2.58
C ILE F 439 5.21 -77.38 2.23
N HIS F 440 5.98 -76.89 1.22
CA HIS F 440 5.81 -75.52 0.68
C HIS F 440 4.77 -75.45 -0.43
N THR F 441 4.90 -76.34 -1.40
CA THR F 441 4.02 -76.30 -2.56
C THR F 441 2.79 -77.18 -2.49
N GLN F 442 2.82 -78.16 -1.59
CA GLN F 442 1.78 -79.17 -1.45
C GLN F 442 1.63 -80.08 -2.67
N VAL F 443 2.68 -80.12 -3.48
CA VAL F 443 2.75 -81.03 -4.61
C VAL F 443 3.18 -82.45 -4.13
N ARG F 444 2.41 -83.47 -4.54
CA ARG F 444 2.67 -84.87 -4.20
C ARG F 444 3.56 -85.44 -5.29
N ARG F 445 4.50 -86.28 -4.89
CA ARG F 445 5.29 -87.00 -5.85
C ARG F 445 5.46 -88.40 -5.31
N PRO F 446 4.93 -89.40 -6.03
CA PRO F 446 5.07 -90.74 -5.45
C PRO F 446 6.56 -91.15 -5.31
N LYS F 447 6.87 -91.91 -4.24
CA LYS F 447 8.20 -92.45 -3.97
C LYS F 447 8.26 -93.90 -4.52
N ALA F 448 9.45 -94.50 -4.54
CA ALA F 448 9.64 -95.90 -4.98
C ALA F 448 8.67 -96.83 -4.26
N SER F 449 8.56 -96.64 -2.94
CA SER F 449 7.63 -97.44 -2.15
C SER F 449 6.19 -97.47 -2.66
N ALA F 450 5.72 -96.36 -3.27
CA ALA F 450 4.36 -96.31 -3.79
C ALA F 450 4.07 -97.35 -4.92
N TYR F 451 5.05 -97.50 -5.81
CA TYR F 451 4.99 -98.44 -6.95
C TYR F 451 5.17 -99.89 -6.51
N TRP F 452 6.12 -100.12 -5.61
CA TRP F 452 6.29 -101.43 -4.98
C TRP F 452 4.96 -101.85 -4.32
N PHE F 453 4.37 -100.96 -3.50
CA PHE F 453 3.16 -101.32 -2.79
C PHE F 453 1.98 -101.56 -3.76
N LYS F 454 1.95 -100.80 -4.85
CA LYS F 454 0.92 -100.97 -5.90
C LYS F 454 0.96 -102.40 -6.53
N LYS F 455 2.15 -102.86 -6.89
CA LYS F 455 2.33 -104.27 -7.30
C LYS F 455 1.78 -105.29 -6.23
N VAL F 456 2.13 -105.12 -4.97
CA VAL F 456 1.58 -105.98 -3.90
C VAL F 456 0.04 -105.95 -3.78
N ALA F 457 -0.57 -104.78 -3.87
CA ALA F 457 -2.01 -104.71 -3.73
C ALA F 457 -2.68 -105.24 -5.02
N THR F 458 -2.07 -104.92 -6.16
CA THR F 458 -2.58 -105.34 -7.47
C THR F 458 -2.65 -106.88 -7.61
N HIS F 459 -1.53 -107.58 -7.34
CA HIS F 459 -1.44 -109.05 -7.42
C HIS F 459 -1.83 -109.80 -6.08
N ASN F 460 -2.18 -109.06 -5.02
CA ASN F 460 -2.55 -109.60 -3.71
C ASN F 460 -1.47 -110.55 -3.17
N ARG F 461 -0.20 -110.16 -3.33
CA ARG F 461 0.93 -111.00 -2.93
C ARG F 461 2.32 -110.30 -2.90
N LEU F 462 3.23 -110.75 -2.02
CA LEU F 462 4.67 -110.34 -2.11
C LEU F 462 5.52 -111.38 -2.76
#